data_9N4X
#
_entry.id   9N4X
#
_cell.length_a   1.00
_cell.length_b   1.00
_cell.length_c   1.00
_cell.angle_alpha   90.00
_cell.angle_beta   90.00
_cell.angle_gamma   90.00
#
_symmetry.space_group_name_H-M   'P 1'
#
_entity_poly.entity_id   1
_entity_poly.type   'polypeptide(L)'
_entity_poly.pdbx_seq_one_letter_code
;MSKSLQLIKEHDVKWIDLRFTDTKGKQQHVTMPARDVDDDFFEYGKMFDGSSIAGWKGIEASDMILMPDDSTAVLDPFTE
EPTLIIVCDIIEPSTMQGYDRDPRAIARRAEEYLKSTGIGDTAFFGPEPEFFIFDEVKYKSDISGSMFKIFSEQAAWNTD
ADFEGGNKGHRPGVKGGYFPVPPVDHDHEIRTAMCNALEEMGLKVEVHHHEVATAGQNEIGVSFNTLVAKADEVQTLKYC
VHNVADAYGKTVTFMPKPLYGDNGSGMHVHMSIAKDGKNTFAGEGYAGLSDTALYFIGGIIKHGKALNGFTNPSTNSYKR
LVPGFEAPVMLAYSARNRSASIRIPYVNSPKARRIEARFPDPSANPYLAFAALLMAGLDGIQNKIHPGDAADKNLYDLPP
EEAKEIPQVCGSLKEALEELDKGRAFLTKGGVFSDDFIDAYLELKSEEEIKVRTFVHPLEYDLYYSV
;
_entity_poly.pdbx_strand_id   A,B,C,D,F,E,G,H,I,J,L,K
#
# COMPACT_ATOMS: atom_id res chain seq x y z
N SER A 2 17.35 -62.02 -11.48
CA SER A 2 17.34 -60.56 -11.59
C SER A 2 16.41 -59.93 -10.56
N LYS A 3 16.98 -59.13 -9.67
CA LYS A 3 16.18 -58.46 -8.66
C LYS A 3 15.24 -57.44 -9.28
N SER A 4 15.69 -56.76 -10.34
CA SER A 4 14.88 -55.72 -10.96
C SER A 4 13.60 -56.29 -11.56
N LEU A 5 13.70 -57.43 -12.25
CA LEU A 5 12.50 -58.02 -12.84
C LEU A 5 11.53 -58.49 -11.76
N GLN A 6 12.04 -59.06 -10.67
CA GLN A 6 11.18 -59.46 -9.56
C GLN A 6 10.46 -58.26 -8.98
N LEU A 7 11.18 -57.15 -8.77
CA LEU A 7 10.55 -55.94 -8.22
C LEU A 7 9.52 -55.37 -9.18
N ILE A 8 9.82 -55.38 -10.48
CA ILE A 8 8.89 -54.87 -11.47
C ILE A 8 7.61 -55.70 -11.47
N LYS A 9 7.73 -57.02 -11.43
CA LYS A 9 6.55 -57.88 -11.39
C LYS A 9 5.77 -57.67 -10.10
N GLU A 10 6.47 -57.50 -8.97
CA GLU A 10 5.79 -57.38 -7.69
C GLU A 10 5.02 -56.07 -7.57
N HIS A 11 5.65 -54.96 -7.92
CA HIS A 11 5.08 -53.64 -7.68
C HIS A 11 4.48 -52.99 -8.92
N ASP A 12 4.27 -53.78 -9.98
CA ASP A 12 3.82 -53.28 -11.29
C ASP A 12 4.50 -51.96 -11.65
N VAL A 13 5.83 -51.98 -11.58
CA VAL A 13 6.63 -50.79 -11.82
C VAL A 13 6.42 -50.31 -13.25
N LYS A 14 6.30 -48.98 -13.41
CA LYS A 14 6.06 -48.38 -14.72
C LYS A 14 7.26 -47.61 -15.27
N TRP A 15 8.26 -47.28 -14.45
CA TRP A 15 9.39 -46.50 -14.89
C TRP A 15 10.66 -47.01 -14.23
N ILE A 16 11.78 -46.81 -14.92
CA ILE A 16 13.11 -47.18 -14.43
C ILE A 16 13.96 -45.92 -14.40
N ASP A 17 14.58 -45.65 -13.26
CA ASP A 17 15.46 -44.51 -13.07
C ASP A 17 16.89 -45.03 -13.05
N LEU A 18 17.59 -44.89 -14.17
CA LEU A 18 19.01 -45.23 -14.23
C LEU A 18 19.78 -44.07 -13.61
N ARG A 19 20.48 -44.35 -12.51
CA ARG A 19 21.19 -43.32 -11.77
C ARG A 19 22.69 -43.61 -11.75
N PHE A 20 23.47 -42.55 -11.88
CA PHE A 20 24.92 -42.63 -11.74
C PHE A 20 25.36 -41.42 -10.92
N THR A 21 26.67 -41.23 -10.82
CA THR A 21 27.22 -40.12 -10.03
C THR A 21 28.36 -39.47 -10.81
N ASP A 22 28.28 -38.17 -11.02
CA ASP A 22 29.33 -37.45 -11.71
C ASP A 22 30.50 -37.20 -10.76
N THR A 23 31.53 -36.52 -11.27
CA THR A 23 32.72 -36.28 -10.46
C THR A 23 32.42 -35.38 -9.27
N LYS A 24 31.42 -34.52 -9.38
CA LYS A 24 31.05 -33.60 -8.31
C LYS A 24 30.18 -34.23 -7.25
N GLY A 25 29.77 -35.49 -7.43
CA GLY A 25 28.99 -36.18 -6.44
C GLY A 25 27.50 -35.95 -6.52
N LYS A 26 27.04 -35.07 -7.40
CA LYS A 26 25.61 -34.84 -7.55
C LYS A 26 25.00 -35.99 -8.33
N GLN A 27 24.10 -36.74 -7.70
CA GLN A 27 23.51 -37.90 -8.33
C GLN A 27 22.77 -37.50 -9.59
N GLN A 28 22.93 -38.29 -10.66
CA GLN A 28 22.31 -38.04 -11.94
C GLN A 28 21.37 -39.18 -12.29
N HIS A 29 20.28 -38.87 -12.98
CA HIS A 29 19.29 -39.89 -13.27
C HIS A 29 18.63 -39.63 -14.62
N VAL A 30 18.34 -40.73 -15.32
CA VAL A 30 17.62 -40.71 -16.58
C VAL A 30 16.53 -41.77 -16.53
N THR A 31 15.32 -41.41 -16.93
CA THR A 31 14.16 -42.29 -16.79
C THR A 31 13.79 -42.92 -18.12
N MET A 32 13.41 -44.20 -18.07
CA MET A 32 12.97 -44.95 -19.23
C MET A 32 11.76 -45.77 -18.83
N PRO A 33 10.96 -46.23 -19.79
CA PRO A 33 9.82 -47.06 -19.45
C PRO A 33 10.25 -48.43 -18.95
N ALA A 34 9.44 -48.99 -18.05
CA ALA A 34 9.78 -50.28 -17.45
C ALA A 34 9.60 -51.44 -18.40
N ARG A 35 8.79 -51.28 -19.46
CA ARG A 35 8.56 -52.37 -20.40
C ARG A 35 9.78 -52.70 -21.24
N ASP A 36 10.80 -51.83 -21.23
CA ASP A 36 12.02 -52.08 -22.00
C ASP A 36 13.06 -52.86 -21.22
N VAL A 37 12.76 -53.28 -20.01
CA VAL A 37 13.70 -54.03 -19.20
C VAL A 37 13.65 -55.50 -19.64
N ASP A 38 14.69 -55.94 -20.33
CA ASP A 38 14.87 -57.33 -20.71
C ASP A 38 16.29 -57.76 -20.32
N ASP A 39 16.63 -59.00 -20.62
CA ASP A 39 18.00 -59.45 -20.36
C ASP A 39 18.99 -58.68 -21.22
N ASP A 40 18.57 -58.24 -22.40
CA ASP A 40 19.44 -57.43 -23.25
C ASP A 40 19.74 -56.09 -22.61
N PHE A 41 18.79 -55.53 -21.86
CA PHE A 41 19.02 -54.25 -21.20
C PHE A 41 20.16 -54.36 -20.18
N PHE A 42 20.19 -55.43 -19.40
CA PHE A 42 21.29 -55.66 -18.48
C PHE A 42 22.56 -56.11 -19.19
N GLU A 43 22.43 -56.75 -20.35
CA GLU A 43 23.60 -57.25 -21.05
C GLU A 43 24.38 -56.12 -21.73
N TYR A 44 23.68 -55.17 -22.35
CA TYR A 44 24.32 -54.15 -23.15
C TYR A 44 24.19 -52.74 -22.60
N GLY A 45 23.37 -52.53 -21.57
CA GLY A 45 23.23 -51.19 -21.01
C GLY A 45 22.44 -50.28 -21.94
N LYS A 46 22.50 -48.99 -21.61
CA LYS A 46 21.78 -47.97 -22.36
C LYS A 46 22.73 -46.82 -22.69
N MET A 47 22.79 -46.45 -23.95
CA MET A 47 23.69 -45.38 -24.37
C MET A 47 23.21 -44.02 -23.87
N PHE A 48 24.15 -43.17 -23.48
CA PHE A 48 23.82 -41.80 -23.09
C PHE A 48 25.01 -40.91 -23.45
N ASP A 49 24.73 -39.61 -23.57
CA ASP A 49 25.74 -38.63 -23.95
C ASP A 49 26.37 -38.04 -22.70
N GLY A 50 27.68 -38.23 -22.56
CA GLY A 50 28.41 -37.73 -21.41
C GLY A 50 29.37 -36.60 -21.69
N SER A 51 29.39 -36.04 -22.90
CA SER A 51 30.30 -34.95 -23.21
C SER A 51 29.89 -33.64 -22.55
N SER A 52 28.71 -33.58 -21.94
CA SER A 52 28.22 -32.36 -21.32
C SER A 52 28.46 -32.32 -19.82
N ILE A 53 28.46 -33.47 -19.15
CA ILE A 53 28.70 -33.50 -17.71
C ILE A 53 30.16 -33.16 -17.44
N ALA A 54 30.38 -32.24 -16.50
CA ALA A 54 31.73 -31.77 -16.20
C ALA A 54 32.61 -32.89 -15.68
N GLY A 55 33.62 -33.27 -16.47
CA GLY A 55 34.50 -34.35 -16.12
C GLY A 55 34.45 -35.49 -17.11
N MET A 64 28.80 -42.47 -23.33
CA MET A 64 29.13 -43.77 -22.77
C MET A 64 27.87 -44.60 -22.55
N ILE A 65 27.99 -45.68 -21.79
CA ILE A 65 26.89 -46.62 -21.58
C ILE A 65 26.60 -46.71 -20.09
N LEU A 66 25.32 -46.59 -19.74
CA LEU A 66 24.84 -46.84 -18.40
C LEU A 66 24.57 -48.33 -18.28
N MET A 67 25.39 -49.02 -17.48
CA MET A 67 25.20 -50.44 -17.22
C MET A 67 24.58 -50.60 -15.86
N PRO A 68 23.31 -50.96 -15.75
CA PRO A 68 22.65 -51.02 -14.45
C PRO A 68 23.29 -52.05 -13.53
N ASP A 69 23.37 -51.70 -12.24
CA ASP A 69 23.78 -52.64 -11.21
C ASP A 69 22.53 -53.32 -10.69
N ASP A 70 22.32 -54.57 -11.10
CA ASP A 70 21.04 -55.23 -10.82
C ASP A 70 20.77 -55.38 -9.34
N SER A 71 21.82 -55.51 -8.52
CA SER A 71 21.63 -55.75 -7.10
C SER A 71 21.14 -54.51 -6.35
N THR A 72 21.12 -53.35 -6.97
CA THR A 72 20.74 -52.11 -6.31
C THR A 72 19.43 -51.53 -6.84
N ALA A 73 18.49 -52.41 -7.17
CA ALA A 73 17.19 -51.98 -7.67
C ALA A 73 16.25 -51.78 -6.49
N VAL A 74 15.86 -50.54 -6.23
CA VAL A 74 15.01 -50.20 -5.09
C VAL A 74 13.83 -49.35 -5.56
N LEU A 75 12.68 -49.55 -4.93
CA LEU A 75 11.50 -48.78 -5.29
C LEU A 75 11.68 -47.32 -4.88
N ASP A 76 11.10 -46.42 -5.66
CA ASP A 76 11.17 -44.99 -5.37
C ASP A 76 9.92 -44.56 -4.66
N PRO A 77 10.00 -44.02 -3.44
CA PRO A 77 8.80 -43.66 -2.67
C PRO A 77 8.23 -42.28 -2.95
N PHE A 78 8.86 -41.49 -3.83
CA PHE A 78 8.41 -40.13 -4.09
C PHE A 78 7.64 -39.99 -5.39
N THR A 79 7.88 -40.87 -6.35
CA THR A 79 7.18 -40.79 -7.62
C THR A 79 5.70 -41.07 -7.42
N GLU A 80 4.85 -40.31 -8.12
CA GLU A 80 3.42 -40.54 -8.06
C GLU A 80 3.01 -41.84 -8.74
N GLU A 81 3.91 -42.42 -9.55
CA GLU A 81 3.70 -43.71 -10.19
C GLU A 81 4.72 -44.71 -9.67
N PRO A 82 4.41 -46.00 -9.68
CA PRO A 82 5.39 -47.00 -9.23
C PRO A 82 6.63 -46.96 -10.11
N THR A 83 7.77 -46.65 -9.50
CA THR A 83 9.01 -46.43 -10.21
C THR A 83 10.13 -47.18 -9.50
N LEU A 84 11.02 -47.79 -10.28
CA LEU A 84 12.21 -48.44 -9.77
C LEU A 84 13.41 -47.53 -9.97
N ILE A 85 14.44 -47.75 -9.17
CA ILE A 85 15.70 -47.01 -9.26
C ILE A 85 16.83 -48.02 -9.32
N ILE A 86 17.68 -47.91 -10.34
CA ILE A 86 18.84 -48.77 -10.49
C ILE A 86 20.07 -47.89 -10.62
N VAL A 87 21.03 -48.08 -9.71
CA VAL A 87 22.30 -47.37 -9.81
C VAL A 87 23.13 -48.04 -10.89
N CYS A 88 23.73 -47.24 -11.76
CA CYS A 88 24.39 -47.74 -12.96
C CYS A 88 25.86 -47.34 -12.97
N ASP A 89 26.69 -48.23 -13.49
CA ASP A 89 28.08 -47.92 -13.76
C ASP A 89 28.21 -47.29 -15.15
N ILE A 90 29.26 -46.52 -15.34
CA ILE A 90 29.55 -45.90 -16.62
C ILE A 90 30.61 -46.74 -17.33
N ILE A 91 30.31 -47.14 -18.56
CA ILE A 91 31.19 -48.01 -19.33
C ILE A 91 31.51 -47.34 -20.65
N GLU A 92 32.78 -47.30 -21.00
CA GLU A 92 33.20 -46.70 -22.26
C GLU A 92 32.91 -47.65 -23.41
N PRO A 93 32.17 -47.21 -24.44
CA PRO A 93 31.88 -48.10 -25.57
C PRO A 93 33.13 -48.55 -26.31
N SER A 94 34.20 -47.74 -26.29
CA SER A 94 35.41 -48.11 -27.02
C SER A 94 36.04 -49.37 -26.45
N THR A 95 36.07 -49.50 -25.12
CA THR A 95 36.71 -50.63 -24.49
C THR A 95 35.78 -51.56 -23.73
N MET A 96 34.49 -51.22 -23.63
CA MET A 96 33.49 -52.01 -22.88
C MET A 96 33.89 -52.18 -21.42
N GLN A 97 34.76 -51.32 -20.90
CA GLN A 97 35.20 -51.37 -19.52
C GLN A 97 34.71 -50.12 -18.79
N GLY A 98 34.87 -50.13 -17.47
CA GLY A 98 34.40 -49.01 -16.67
C GLY A 98 35.12 -47.73 -17.06
N TYR A 99 34.37 -46.63 -17.03
CA TYR A 99 34.95 -45.32 -17.35
C TYR A 99 35.95 -44.93 -16.29
N ASP A 100 37.12 -44.43 -16.75
CA ASP A 100 38.20 -44.08 -15.84
C ASP A 100 37.82 -42.95 -14.89
N ARG A 101 36.87 -42.11 -15.26
CA ARG A 101 36.48 -40.96 -14.44
C ARG A 101 35.12 -41.15 -13.77
N ASP A 102 34.74 -42.40 -13.51
CA ASP A 102 33.48 -42.68 -12.84
C ASP A 102 33.74 -42.91 -11.37
N PRO A 103 33.15 -42.11 -10.47
CA PRO A 103 33.38 -42.33 -9.04
C PRO A 103 32.97 -43.72 -8.57
N ARG A 104 31.88 -44.27 -9.11
CA ARG A 104 31.50 -45.63 -8.74
C ARG A 104 32.54 -46.63 -9.21
N ALA A 105 33.06 -46.44 -10.43
CA ALA A 105 34.11 -47.33 -10.92
C ALA A 105 35.37 -47.20 -10.07
N ILE A 106 35.71 -45.98 -9.66
CA ILE A 106 36.90 -45.78 -8.84
C ILE A 106 36.72 -46.45 -7.48
N ALA A 107 35.53 -46.34 -6.89
CA ALA A 107 35.27 -47.00 -5.61
C ALA A 107 35.32 -48.52 -5.75
N ARG A 108 34.78 -49.04 -6.85
CA ARG A 108 34.85 -50.48 -7.09
C ARG A 108 36.30 -50.93 -7.24
N ARG A 109 37.11 -50.15 -7.94
CA ARG A 109 38.53 -50.46 -8.06
C ARG A 109 39.22 -50.39 -6.70
N ALA A 110 38.78 -49.48 -5.83
CA ALA A 110 39.34 -49.41 -4.49
C ALA A 110 39.06 -50.68 -3.71
N GLU A 111 37.81 -51.17 -3.77
CA GLU A 111 37.53 -52.45 -3.11
C GLU A 111 38.29 -53.60 -3.75
N GLU A 112 38.43 -53.59 -5.08
CA GLU A 112 39.22 -54.63 -5.72
C GLU A 112 40.66 -54.62 -5.22
N TYR A 113 41.25 -53.44 -5.09
CA TYR A 113 42.61 -53.33 -4.58
C TYR A 113 42.70 -53.79 -3.14
N LEU A 114 41.71 -53.42 -2.32
CA LEU A 114 41.72 -53.85 -0.92
C LEU A 114 41.66 -55.36 -0.82
N LYS A 115 40.83 -56.00 -1.64
CA LYS A 115 40.77 -57.46 -1.65
C LYS A 115 42.07 -58.05 -2.18
N SER A 116 42.69 -57.40 -3.16
CA SER A 116 43.89 -57.95 -3.78
C SER A 116 45.07 -57.92 -2.84
N THR A 117 45.25 -56.81 -2.10
CA THR A 117 46.43 -56.67 -1.26
C THR A 117 46.45 -57.65 -0.10
N GLY A 118 45.33 -58.30 0.21
CA GLY A 118 45.29 -59.32 1.24
C GLY A 118 45.17 -58.80 2.65
N ILE A 119 45.15 -57.47 2.84
CA ILE A 119 44.98 -56.93 4.18
C ILE A 119 43.61 -57.30 4.74
N GLY A 120 42.57 -57.22 3.91
CA GLY A 120 41.24 -57.59 4.35
C GLY A 120 40.27 -57.49 3.20
N ASP A 121 39.03 -57.88 3.48
CA ASP A 121 37.95 -57.79 2.51
C ASP A 121 36.77 -57.06 3.13
N THR A 122 35.95 -56.46 2.27
CA THR A 122 34.72 -55.79 2.67
C THR A 122 34.97 -54.75 3.77
N ALA A 123 35.71 -53.72 3.39
CA ALA A 123 35.88 -52.57 4.27
C ALA A 123 34.53 -51.99 4.63
N PHE A 124 34.30 -51.77 5.92
CA PHE A 124 33.02 -51.29 6.42
C PHE A 124 33.11 -49.79 6.65
N PHE A 125 32.27 -49.03 5.95
CA PHE A 125 32.19 -47.59 6.09
C PHE A 125 30.79 -47.24 6.59
N GLY A 126 30.72 -46.45 7.65
CA GLY A 126 29.48 -45.84 8.07
C GLY A 126 29.66 -44.35 8.27
N PRO A 127 29.06 -43.56 7.41
CA PRO A 127 29.15 -42.11 7.57
C PRO A 127 27.94 -41.53 8.30
N GLU A 128 28.19 -40.53 9.13
CA GLU A 128 27.14 -39.74 9.75
C GLU A 128 27.21 -38.34 9.18
N PRO A 129 26.40 -38.01 8.18
CA PRO A 129 26.34 -36.63 7.69
C PRO A 129 25.20 -35.84 8.31
N GLU A 130 25.45 -34.59 8.65
CA GLU A 130 24.42 -33.70 9.16
C GLU A 130 23.94 -32.79 8.05
N PHE A 131 22.67 -32.40 8.12
CA PHE A 131 22.06 -31.55 7.12
C PHE A 131 21.31 -30.43 7.80
N PHE A 132 20.94 -29.42 7.02
CA PHE A 132 20.19 -28.28 7.54
C PHE A 132 18.83 -28.23 6.86
N ILE A 133 17.79 -27.94 7.64
CA ILE A 133 16.45 -27.78 7.10
C ILE A 133 16.07 -26.31 7.23
N PHE A 134 15.97 -25.64 6.08
CA PHE A 134 15.64 -24.23 6.00
C PHE A 134 14.28 -24.04 5.35
N ASP A 135 13.47 -23.16 5.92
CA ASP A 135 12.18 -22.84 5.30
C ASP A 135 12.38 -22.19 3.94
N GLU A 136 13.35 -21.30 3.83
CA GLU A 136 13.58 -20.56 2.59
C GLU A 136 15.04 -20.15 2.53
N VAL A 137 15.57 -20.00 1.33
CA VAL A 137 16.95 -19.56 1.14
C VAL A 137 17.03 -18.73 -0.12
N LYS A 138 17.63 -17.54 -0.01
CA LYS A 138 17.79 -16.67 -1.15
C LYS A 138 19.26 -16.30 -1.28
N TYR A 139 19.76 -16.26 -2.51
CA TYR A 139 21.14 -15.87 -2.74
C TYR A 139 21.30 -15.44 -4.19
N LYS A 140 22.36 -14.67 -4.43
CA LYS A 140 22.71 -14.24 -5.78
C LYS A 140 24.10 -13.63 -5.71
N SER A 141 24.78 -13.63 -6.86
CA SER A 141 26.14 -13.07 -6.90
C SER A 141 26.37 -12.51 -8.30
N ASP A 142 26.19 -11.21 -8.44
CA ASP A 142 26.48 -10.52 -9.70
C ASP A 142 27.27 -9.26 -9.39
N ILE A 143 27.62 -8.54 -10.46
CA ILE A 143 28.40 -7.31 -10.30
C ILE A 143 27.67 -6.33 -9.39
N SER A 144 26.33 -6.36 -9.39
CA SER A 144 25.57 -5.48 -8.51
C SER A 144 25.87 -5.78 -7.04
N GLY A 145 25.93 -7.05 -6.68
CA GLY A 145 26.16 -7.40 -5.29
C GLY A 145 26.17 -8.90 -5.11
N SER A 146 26.57 -9.30 -3.91
CA SER A 146 26.65 -10.71 -3.52
C SER A 146 25.79 -10.85 -2.26
N MET A 147 24.57 -11.36 -2.44
CA MET A 147 23.59 -11.42 -1.37
C MET A 147 23.33 -12.86 -0.99
N PHE A 148 23.12 -13.09 0.30
CA PHE A 148 22.78 -14.39 0.86
C PHE A 148 21.96 -14.22 2.12
N LYS A 149 20.87 -14.99 2.22
CA LYS A 149 19.94 -14.87 3.34
C LYS A 149 19.22 -16.20 3.54
N ILE A 150 18.98 -16.54 4.80
CA ILE A 150 18.34 -17.78 5.20
C ILE A 150 17.11 -17.44 6.03
N PHE A 151 15.98 -18.05 5.70
CA PHE A 151 14.74 -17.88 6.44
C PHE A 151 14.38 -19.21 7.08
N SER A 152 14.18 -19.20 8.40
CA SER A 152 13.81 -20.41 9.11
C SER A 152 13.00 -20.00 10.34
N GLU A 153 11.87 -20.67 10.55
CA GLU A 153 11.03 -20.35 11.69
C GLU A 153 11.73 -20.64 13.00
N GLN A 154 12.46 -21.75 13.08
CA GLN A 154 13.16 -22.14 14.30
C GLN A 154 14.51 -21.45 14.44
N ALA A 155 14.88 -20.60 13.48
CA ALA A 155 16.16 -19.91 13.56
C ALA A 155 16.24 -19.07 14.82
N ALA A 156 17.40 -19.11 15.47
CA ALA A 156 17.58 -18.39 16.72
C ALA A 156 17.48 -16.87 16.53
N TRP A 157 17.62 -16.38 15.32
CA TRP A 157 17.55 -14.95 15.05
C TRP A 157 16.14 -14.47 14.73
N ASN A 158 15.15 -15.36 14.77
CA ASN A 158 13.76 -15.00 14.50
C ASN A 158 12.95 -14.82 15.79
N THR A 159 13.63 -14.53 16.90
CA THR A 159 12.95 -14.48 18.19
C THR A 159 11.91 -13.36 18.26
N ASP A 160 12.03 -12.34 17.42
CA ASP A 160 11.05 -11.25 17.40
C ASP A 160 10.40 -11.09 16.03
N ALA A 161 10.56 -12.07 15.14
CA ALA A 161 10.05 -11.95 13.78
C ALA A 161 8.53 -12.09 13.78
N ASP A 162 7.96 -11.97 12.59
CA ASP A 162 6.53 -12.13 12.38
C ASP A 162 6.27 -13.36 11.52
N PHE A 163 5.22 -14.09 11.85
CA PHE A 163 4.84 -15.28 11.10
C PHE A 163 3.33 -15.31 10.95
N GLU A 164 2.88 -16.01 9.90
CA GLU A 164 1.45 -16.20 9.72
C GLU A 164 0.92 -17.19 10.74
N GLY A 165 -0.17 -16.83 11.41
CA GLY A 165 -0.74 -17.67 12.44
C GLY A 165 -0.11 -17.54 13.81
N GLY A 166 0.92 -16.71 13.96
CA GLY A 166 1.52 -16.50 15.26
C GLY A 166 2.99 -16.85 15.32
N ASN A 167 3.68 -16.33 16.32
CA ASN A 167 5.10 -16.60 16.55
C ASN A 167 5.25 -17.19 17.94
N LYS A 168 5.24 -18.52 18.02
CA LYS A 168 5.52 -19.19 19.27
C LYS A 168 6.98 -18.97 19.65
N GLY A 169 7.23 -18.79 20.94
CA GLY A 169 8.56 -18.40 21.37
C GLY A 169 9.56 -19.52 21.53
N HIS A 170 9.19 -20.75 21.23
CA HIS A 170 10.07 -21.89 21.44
C HIS A 170 10.87 -22.16 20.17
N ARG A 171 12.18 -21.96 20.25
CA ARG A 171 13.08 -22.25 19.14
C ARG A 171 14.48 -22.36 19.73
N PRO A 172 15.32 -23.26 19.23
CA PRO A 172 16.64 -23.43 19.83
C PRO A 172 17.52 -22.21 19.62
N GLY A 173 18.37 -21.95 20.61
CA GLY A 173 19.31 -20.85 20.52
C GLY A 173 20.53 -21.22 19.72
N VAL A 174 21.44 -20.26 19.60
CA VAL A 174 22.67 -20.47 18.84
C VAL A 174 23.52 -21.51 19.56
N LYS A 175 23.94 -22.53 18.82
CA LYS A 175 24.72 -23.65 19.35
C LYS A 175 24.01 -24.36 20.50
N GLY A 176 22.69 -24.26 20.55
CA GLY A 176 21.93 -24.86 21.64
C GLY A 176 20.79 -25.71 21.16
N GLY A 177 20.98 -26.40 20.03
CA GLY A 177 19.97 -27.26 19.47
C GLY A 177 20.16 -28.74 19.69
N TYR A 178 21.08 -29.15 20.56
CA TYR A 178 21.32 -30.57 20.79
C TYR A 178 20.24 -31.12 21.70
N PHE A 179 19.22 -31.74 21.09
CA PHE A 179 18.08 -32.36 21.74
C PHE A 179 17.31 -31.45 22.68
N PRO A 180 16.69 -30.37 22.22
CA PRO A 180 15.47 -29.90 22.86
C PRO A 180 14.34 -30.90 22.63
N VAL A 181 13.27 -30.74 23.40
CA VAL A 181 12.06 -31.54 23.19
C VAL A 181 11.29 -30.97 22.01
N PRO A 182 10.35 -31.73 21.42
CA PRO A 182 9.66 -31.27 20.22
C PRO A 182 8.95 -29.94 20.38
N PRO A 183 8.61 -29.49 21.59
CA PRO A 183 8.19 -28.09 21.74
C PRO A 183 9.19 -27.11 21.16
N VAL A 184 10.49 -27.37 21.32
CA VAL A 184 11.54 -26.53 20.78
C VAL A 184 12.13 -27.18 19.55
N ASP A 185 12.14 -28.51 19.52
CA ASP A 185 12.60 -29.26 18.35
C ASP A 185 11.52 -29.15 17.28
N HIS A 186 11.68 -28.17 16.40
CA HIS A 186 10.67 -27.91 15.37
C HIS A 186 10.58 -29.02 14.34
N ASP A 187 11.56 -29.91 14.26
CA ASP A 187 11.62 -30.85 13.15
C ASP A 187 11.59 -32.31 13.60
N HIS A 188 10.68 -32.65 14.50
CA HIS A 188 10.53 -34.05 14.88
C HIS A 188 9.72 -34.82 13.84
N GLU A 189 8.57 -34.26 13.44
CA GLU A 189 7.74 -34.93 12.45
C GLU A 189 8.46 -35.02 11.11
N ILE A 190 9.16 -33.95 10.72
CA ILE A 190 9.89 -33.97 9.46
C ILE A 190 11.01 -35.00 9.50
N ARG A 191 11.71 -35.09 10.63
CA ARG A 191 12.77 -36.09 10.76
C ARG A 191 12.20 -37.50 10.68
N THR A 192 11.05 -37.75 11.31
CA THR A 192 10.43 -39.06 11.21
C THR A 192 9.99 -39.37 9.79
N ALA A 193 9.52 -38.34 9.06
CA ALA A 193 9.16 -38.55 7.66
C ALA A 193 10.39 -38.92 6.83
N MET A 194 11.51 -38.25 7.05
CA MET A 194 12.74 -38.62 6.34
C MET A 194 13.17 -40.03 6.70
N CYS A 195 13.03 -40.41 7.97
CA CYS A 195 13.38 -41.77 8.38
C CYS A 195 12.47 -42.78 7.71
N ASN A 196 11.17 -42.47 7.59
CA ASN A 196 10.26 -43.35 6.88
C ASN A 196 10.66 -43.50 5.42
N ALA A 197 11.04 -42.40 4.78
CA ALA A 197 11.46 -42.47 3.38
C ALA A 197 12.72 -43.32 3.24
N LEU A 198 13.67 -43.16 4.16
CA LEU A 198 14.85 -44.02 4.16
C LEU A 198 14.45 -45.49 4.31
N GLU A 199 13.55 -45.78 5.24
CA GLU A 199 13.15 -47.15 5.48
C GLU A 199 12.34 -47.73 4.34
N GLU A 200 11.77 -46.89 3.48
CA GLU A 200 11.00 -47.39 2.35
C GLU A 200 11.86 -47.77 1.15
N MET A 201 13.18 -47.56 1.25
CA MET A 201 14.14 -48.05 0.26
C MET A 201 15.24 -48.85 0.93
N GLY A 202 14.88 -49.59 1.96
CA GLY A 202 15.81 -50.52 2.59
C GLY A 202 17.03 -49.89 3.22
N LEU A 203 16.86 -48.76 3.91
CA LEU A 203 17.93 -48.13 4.66
C LEU A 203 17.68 -48.37 6.14
N LYS A 204 18.61 -49.05 6.80
CA LYS A 204 18.47 -49.39 8.21
C LYS A 204 18.85 -48.17 9.04
N VAL A 205 17.86 -47.34 9.35
CA VAL A 205 18.11 -46.14 10.13
C VAL A 205 18.48 -46.53 11.56
N GLU A 206 19.57 -45.96 12.05
CA GLU A 206 20.03 -46.27 13.41
C GLU A 206 19.52 -45.25 14.42
N VAL A 207 19.70 -43.95 14.15
CA VAL A 207 19.33 -42.90 15.08
C VAL A 207 18.98 -41.65 14.26
N HIS A 208 18.06 -40.85 14.78
CA HIS A 208 17.81 -39.54 14.18
C HIS A 208 17.54 -38.53 15.28
N HIS A 209 18.13 -37.34 15.15
CA HIS A 209 18.01 -36.34 16.19
C HIS A 209 18.35 -34.97 15.62
N HIS A 210 18.02 -33.94 16.40
CA HIS A 210 18.47 -32.59 16.12
C HIS A 210 19.95 -32.48 16.45
N GLU A 211 20.63 -31.59 15.72
CA GLU A 211 22.05 -31.38 15.94
C GLU A 211 22.30 -30.02 16.58
N VAL A 212 23.57 -29.67 16.71
CA VAL A 212 23.96 -28.56 17.58
C VAL A 212 23.42 -27.23 17.04
N ALA A 213 23.61 -26.97 15.75
CA ALA A 213 23.35 -25.65 15.22
C ALA A 213 21.87 -25.30 15.25
N THR A 214 21.58 -24.00 15.29
CA THR A 214 20.21 -23.52 15.22
C THR A 214 19.75 -23.56 13.76
N ALA A 215 18.58 -23.01 13.49
CA ALA A 215 18.01 -22.93 12.15
C ALA A 215 17.83 -24.29 11.51
N GLY A 216 17.73 -25.35 12.33
CA GLY A 216 17.35 -26.64 11.81
C GLY A 216 18.45 -27.52 11.27
N GLN A 217 19.45 -27.84 12.08
CA GLN A 217 20.44 -28.84 11.71
C GLN A 217 20.09 -30.16 12.36
N ASN A 218 19.98 -31.20 11.56
CA ASN A 218 19.57 -32.52 12.01
C ASN A 218 20.50 -33.58 11.46
N GLU A 219 20.64 -34.67 12.21
CA GLU A 219 21.45 -35.80 11.78
C GLU A 219 20.61 -37.08 11.84
N ILE A 220 20.65 -37.85 10.75
CA ILE A 220 20.01 -39.15 10.68
C ILE A 220 21.10 -40.15 10.34
N GLY A 221 21.59 -40.86 11.34
CA GLY A 221 22.63 -41.86 11.15
C GLY A 221 22.02 -43.21 10.83
N VAL A 222 22.50 -43.81 9.74
CA VAL A 222 22.01 -45.09 9.24
C VAL A 222 23.08 -46.16 9.43
N SER A 223 22.76 -47.39 9.05
CA SER A 223 23.62 -48.53 9.33
C SER A 223 24.87 -48.49 8.46
N PHE A 224 25.71 -49.52 8.61
CA PHE A 224 26.96 -49.66 7.88
C PHE A 224 26.77 -50.54 6.66
N ASN A 225 27.78 -50.55 5.80
CA ASN A 225 27.78 -51.37 4.59
C ASN A 225 29.18 -51.34 4.01
N THR A 226 29.40 -52.15 2.97
CA THR A 226 30.65 -52.06 2.23
C THR A 226 30.72 -50.71 1.51
N LEU A 227 31.92 -50.39 1.03
CA LEU A 227 32.22 -49.02 0.63
C LEU A 227 31.33 -48.55 -0.53
N VAL A 228 31.22 -49.36 -1.60
CA VAL A 228 30.37 -48.97 -2.72
C VAL A 228 28.91 -48.96 -2.30
N ALA A 229 28.48 -49.99 -1.57
CA ALA A 229 27.10 -50.03 -1.09
C ALA A 229 26.82 -48.84 -0.18
N LYS A 230 27.79 -48.47 0.66
CA LYS A 230 27.57 -47.34 1.55
C LYS A 230 27.53 -46.02 0.79
N ALA A 231 28.33 -45.88 -0.26
CA ALA A 231 28.25 -44.66 -1.08
C ALA A 231 26.89 -44.58 -1.76
N ASP A 232 26.41 -45.70 -2.28
CA ASP A 232 25.06 -45.72 -2.85
C ASP A 232 24.03 -45.33 -1.81
N GLU A 233 24.19 -45.80 -0.57
CA GLU A 233 23.26 -45.47 0.49
C GLU A 233 23.36 -44.00 0.90
N VAL A 234 24.55 -43.41 0.83
CA VAL A 234 24.69 -41.98 1.10
C VAL A 234 23.95 -41.17 0.06
N GLN A 235 24.10 -41.52 -1.21
CA GLN A 235 23.36 -40.81 -2.25
C GLN A 235 21.86 -41.02 -2.07
N THR A 236 21.46 -42.22 -1.67
CA THR A 236 20.03 -42.47 -1.40
C THR A 236 19.54 -41.60 -0.25
N LEU A 237 20.33 -41.49 0.81
CA LEU A 237 19.93 -40.65 1.93
C LEU A 237 19.82 -39.19 1.54
N LYS A 238 20.77 -38.70 0.75
CA LYS A 238 20.67 -37.32 0.26
C LYS A 238 19.40 -37.12 -0.55
N TYR A 239 19.13 -38.04 -1.48
CA TYR A 239 17.95 -37.95 -2.31
C TYR A 239 16.68 -37.93 -1.46
N CYS A 240 16.58 -38.87 -0.52
CA CYS A 240 15.37 -38.99 0.29
C CYS A 240 15.18 -37.77 1.18
N VAL A 241 16.25 -37.29 1.81
CA VAL A 241 16.12 -36.16 2.71
C VAL A 241 15.74 -34.90 1.94
N HIS A 242 16.39 -34.66 0.80
CA HIS A 242 16.04 -33.51 -0.03
C HIS A 242 14.58 -33.58 -0.46
N ASN A 243 14.14 -34.75 -0.91
CA ASN A 243 12.79 -34.85 -1.45
C ASN A 243 11.74 -34.83 -0.36
N VAL A 244 12.06 -35.30 0.85
CA VAL A 244 11.11 -35.19 1.95
C VAL A 244 10.98 -33.75 2.39
N ALA A 245 12.10 -33.02 2.47
CA ALA A 245 12.02 -31.60 2.79
C ALA A 245 11.21 -30.85 1.73
N ASP A 246 11.41 -31.19 0.46
CA ASP A 246 10.60 -30.58 -0.60
C ASP A 246 9.13 -30.92 -0.40
N ALA A 247 8.82 -32.18 -0.08
CA ALA A 247 7.44 -32.59 0.10
C ALA A 247 6.79 -31.91 1.29
N TYR A 248 7.57 -31.60 2.32
CA TYR A 248 7.05 -30.89 3.48
C TYR A 248 7.04 -29.39 3.29
N GLY A 249 7.54 -28.89 2.16
CA GLY A 249 7.59 -27.47 1.92
C GLY A 249 8.82 -26.77 2.43
N LYS A 250 9.88 -27.51 2.71
CA LYS A 250 11.13 -26.94 3.22
C LYS A 250 12.27 -27.33 2.28
N THR A 251 13.49 -27.01 2.70
CA THR A 251 14.69 -27.33 1.93
C THR A 251 15.73 -27.95 2.84
N VAL A 252 16.59 -28.78 2.26
CA VAL A 252 17.69 -29.39 2.99
C VAL A 252 18.99 -29.01 2.30
N THR A 253 19.94 -28.53 3.09
CA THR A 253 21.27 -28.17 2.64
C THR A 253 22.27 -29.16 3.22
N PHE A 254 23.08 -29.75 2.36
CA PHE A 254 24.16 -30.63 2.80
C PHE A 254 25.51 -29.91 2.76
N MET A 255 25.49 -28.58 2.80
CA MET A 255 26.73 -27.83 2.79
C MET A 255 27.43 -27.95 4.14
N PRO A 256 28.76 -27.98 4.14
CA PRO A 256 29.51 -28.10 5.39
C PRO A 256 29.25 -26.97 6.38
N LYS A 257 29.08 -25.74 5.92
CA LYS A 257 28.90 -24.60 6.81
C LYS A 257 28.00 -23.58 6.14
N PRO A 258 26.69 -23.67 6.34
CA PRO A 258 25.76 -22.70 5.76
C PRO A 258 25.48 -21.49 6.64
N LEU A 259 26.10 -21.38 7.81
CA LEU A 259 25.84 -20.29 8.75
C LEU A 259 27.17 -19.72 9.23
N TYR A 260 27.07 -18.66 10.03
CA TYR A 260 28.22 -18.13 10.75
C TYR A 260 27.82 -17.92 12.21
N GLY A 261 28.78 -18.13 13.10
CA GLY A 261 28.52 -18.06 14.52
C GLY A 261 27.86 -19.30 15.08
N ASP A 262 27.65 -20.33 14.26
CA ASP A 262 27.02 -21.57 14.70
C ASP A 262 27.85 -22.74 14.20
N ASN A 263 27.40 -23.95 14.51
CA ASN A 263 28.11 -25.15 14.12
C ASN A 263 27.92 -25.45 12.65
N GLY A 264 28.77 -26.33 12.13
CA GLY A 264 28.70 -26.79 10.77
C GLY A 264 28.12 -28.19 10.65
N SER A 265 28.23 -28.74 9.45
CA SER A 265 27.78 -30.09 9.16
C SER A 265 28.95 -30.88 8.60
N GLY A 266 29.21 -32.04 9.17
CA GLY A 266 30.32 -32.86 8.74
C GLY A 266 29.93 -34.32 8.67
N MET A 267 30.55 -35.01 7.72
CA MET A 267 30.32 -36.45 7.52
C MET A 267 31.38 -37.20 8.32
N HIS A 268 31.04 -37.56 9.55
CA HIS A 268 31.93 -38.36 10.38
C HIS A 268 31.95 -39.79 9.86
N VAL A 269 33.08 -40.24 9.35
CA VAL A 269 33.19 -41.54 8.68
C VAL A 269 33.80 -42.53 9.66
N HIS A 270 33.01 -43.50 10.11
CA HIS A 270 33.54 -44.65 10.83
C HIS A 270 33.99 -45.70 9.82
N MET A 271 35.22 -46.18 9.97
CA MET A 271 35.80 -47.12 9.04
C MET A 271 36.40 -48.30 9.79
N SER A 272 36.30 -49.48 9.18
CA SER A 272 36.86 -50.71 9.72
C SER A 272 37.17 -51.64 8.55
N ILE A 273 37.92 -52.69 8.85
CA ILE A 273 38.34 -53.67 7.84
C ILE A 273 38.01 -55.06 8.36
N ALA A 274 37.35 -55.86 7.52
CA ALA A 274 37.04 -57.25 7.85
C ALA A 274 37.99 -58.19 7.13
N LYS A 275 38.09 -59.41 7.67
CA LYS A 275 38.95 -60.43 7.09
C LYS A 275 38.35 -61.79 7.44
N ASP A 276 37.65 -62.38 6.48
CA ASP A 276 37.03 -63.70 6.65
C ASP A 276 36.07 -63.70 7.84
N GLY A 277 35.37 -62.59 8.04
CA GLY A 277 34.42 -62.46 9.12
C GLY A 277 34.97 -61.95 10.43
N LYS A 278 36.28 -61.79 10.55
CA LYS A 278 36.91 -61.30 11.75
C LYS A 278 37.39 -59.88 11.54
N ASN A 279 37.09 -59.00 12.50
CA ASN A 279 37.46 -57.60 12.39
C ASN A 279 38.97 -57.46 12.53
N THR A 280 39.62 -56.94 11.49
CA THR A 280 41.07 -56.80 11.52
C THR A 280 41.51 -55.63 12.40
N PHE A 281 40.69 -54.59 12.49
CA PHE A 281 41.04 -53.44 13.32
C PHE A 281 41.11 -53.83 14.78
N ALA A 282 40.18 -54.68 15.24
CA ALA A 282 40.10 -55.04 16.64
C ALA A 282 41.38 -55.71 17.10
N GLY A 283 41.84 -55.33 18.29
CA GLY A 283 43.08 -55.85 18.81
C GLY A 283 43.21 -55.54 20.27
N GLU A 284 44.45 -55.65 20.76
CA GLU A 284 44.75 -55.41 22.17
C GLU A 284 45.63 -54.18 22.39
N GLY A 285 45.86 -53.38 21.35
CA GLY A 285 46.67 -52.19 21.46
C GLY A 285 45.94 -51.05 22.14
N TYR A 286 46.28 -49.82 21.76
CA TYR A 286 45.62 -48.66 22.34
C TYR A 286 44.15 -48.66 21.99
N ALA A 287 43.31 -48.48 23.02
CA ALA A 287 41.86 -48.51 22.87
C ALA A 287 41.40 -49.80 22.20
N GLY A 288 42.17 -50.86 22.35
CA GLY A 288 41.86 -52.14 21.74
C GLY A 288 41.96 -52.14 20.22
N LEU A 289 42.92 -51.41 19.66
CA LEU A 289 43.14 -51.37 18.22
C LEU A 289 44.37 -52.20 17.89
N SER A 290 44.24 -53.06 16.87
CA SER A 290 45.36 -53.87 16.43
C SER A 290 46.47 -53.00 15.86
N ASP A 291 47.59 -53.64 15.52
CA ASP A 291 48.64 -52.94 14.82
C ASP A 291 48.18 -52.49 13.44
N THR A 292 47.31 -53.28 12.80
CA THR A 292 46.76 -52.90 11.50
C THR A 292 45.94 -51.63 11.61
N ALA A 293 45.12 -51.50 12.65
CA ALA A 293 44.35 -50.28 12.84
C ALA A 293 45.26 -49.08 13.09
N LEU A 294 46.33 -49.28 13.86
CA LEU A 294 47.28 -48.21 14.10
C LEU A 294 47.95 -47.77 12.82
N TYR A 295 48.32 -48.72 11.96
CA TYR A 295 48.92 -48.37 10.68
C TYR A 295 47.92 -47.67 9.76
N PHE A 296 46.65 -48.08 9.81
CA PHE A 296 45.59 -47.39 9.09
C PHE A 296 45.51 -45.93 9.52
N ILE A 297 45.47 -45.69 10.83
CA ILE A 297 45.38 -44.34 11.34
C ILE A 297 46.62 -43.53 10.95
N GLY A 298 47.80 -44.15 11.04
CA GLY A 298 49.02 -43.46 10.67
C GLY A 298 49.03 -43.06 9.21
N GLY A 299 48.56 -43.94 8.33
CA GLY A 299 48.48 -43.60 6.93
C GLY A 299 47.48 -42.49 6.64
N ILE A 300 46.35 -42.50 7.36
CA ILE A 300 45.39 -41.42 7.19
C ILE A 300 45.98 -40.09 7.65
N ILE A 301 46.69 -40.12 8.78
CA ILE A 301 47.33 -38.91 9.29
C ILE A 301 48.38 -38.40 8.31
N LYS A 302 49.18 -39.32 7.75
CA LYS A 302 50.25 -38.91 6.84
C LYS A 302 49.71 -38.24 5.59
N HIS A 303 48.62 -38.77 5.04
CA HIS A 303 48.05 -38.26 3.79
C HIS A 303 46.84 -37.37 4.02
N GLY A 304 46.67 -36.84 5.23
CA GLY A 304 45.45 -36.11 5.55
C GLY A 304 45.24 -34.88 4.69
N LYS A 305 46.31 -34.11 4.47
CA LYS A 305 46.20 -32.92 3.62
C LYS A 305 45.82 -33.29 2.20
N ALA A 306 46.43 -34.36 1.66
CA ALA A 306 46.05 -34.83 0.35
C ALA A 306 44.61 -35.35 0.34
N LEU A 307 44.22 -36.04 1.41
CA LEU A 307 42.85 -36.55 1.49
C LEU A 307 41.83 -35.43 1.49
N ASN A 308 42.19 -34.26 2.05
CA ASN A 308 41.24 -33.16 2.13
C ASN A 308 40.71 -32.72 0.78
N GLY A 309 41.44 -33.00 -0.30
CA GLY A 309 40.93 -32.68 -1.62
C GLY A 309 39.70 -33.47 -1.98
N PHE A 310 39.60 -34.71 -1.50
CA PHE A 310 38.47 -35.58 -1.77
C PHE A 310 37.42 -35.55 -0.67
N THR A 311 37.85 -35.58 0.59
CA THR A 311 36.90 -35.59 1.70
C THR A 311 36.29 -34.22 1.96
N ASN A 312 36.98 -33.15 1.59
CA ASN A 312 36.48 -31.78 1.76
C ASN A 312 36.67 -31.01 0.46
N PRO A 313 35.96 -31.39 -0.60
CA PRO A 313 36.21 -30.76 -1.91
C PRO A 313 35.64 -29.37 -2.04
N SER A 314 34.72 -28.97 -1.16
CA SER A 314 34.06 -27.68 -1.27
C SER A 314 34.91 -26.60 -0.63
N THR A 315 34.87 -25.40 -1.21
CA THR A 315 35.48 -24.25 -0.54
C THR A 315 34.80 -23.99 0.79
N ASN A 316 33.50 -24.29 0.87
CA ASN A 316 32.76 -24.07 2.10
C ASN A 316 33.28 -24.94 3.23
N SER A 317 33.90 -26.07 2.90
CA SER A 317 34.36 -27.00 3.94
C SER A 317 35.36 -26.34 4.86
N TYR A 318 36.24 -25.51 4.30
CA TYR A 318 37.27 -24.85 5.08
C TYR A 318 36.75 -23.60 5.78
N LYS A 319 35.45 -23.31 5.65
CA LYS A 319 34.79 -22.44 6.61
C LYS A 319 34.34 -23.21 7.83
N ARG A 320 34.05 -24.51 7.66
CA ARG A 320 33.67 -25.37 8.77
C ARG A 320 34.87 -25.78 9.60
N LEU A 321 36.02 -25.98 8.95
CA LEU A 321 37.23 -26.38 9.66
C LEU A 321 37.86 -25.19 10.39
N PRO A 328 37.66 -29.62 14.71
CA PRO A 328 38.16 -30.94 14.31
C PRO A 328 39.22 -30.85 13.22
N VAL A 329 40.37 -30.25 13.55
CA VAL A 329 41.42 -30.04 12.57
C VAL A 329 42.68 -30.85 12.90
N MET A 330 43.00 -31.00 14.19
CA MET A 330 44.20 -31.71 14.60
C MET A 330 44.17 -33.16 14.15
N LEU A 331 45.07 -33.55 13.25
CA LEU A 331 45.08 -34.90 12.69
C LEU A 331 45.89 -35.81 13.61
N ALA A 332 45.23 -36.27 14.67
CA ALA A 332 45.82 -37.23 15.60
C ALA A 332 44.71 -38.08 16.18
N TYR A 333 45.06 -39.27 16.65
CA TYR A 333 44.06 -40.20 17.15
C TYR A 333 43.94 -40.07 18.66
N SER A 334 42.72 -40.30 19.16
CA SER A 334 42.45 -40.30 20.58
C SER A 334 41.03 -40.83 20.79
N ALA A 335 40.88 -41.72 21.76
CA ALA A 335 39.55 -42.18 22.14
C ALA A 335 38.88 -41.27 23.14
N ARG A 336 39.59 -40.29 23.68
CA ARG A 336 39.09 -39.40 24.72
C ARG A 336 39.09 -37.94 24.33
N ASN A 337 40.15 -37.47 23.69
CA ASN A 337 40.28 -36.05 23.39
C ASN A 337 39.28 -35.68 22.30
N ARG A 338 38.74 -34.46 22.40
CA ARG A 338 37.75 -33.98 21.47
C ARG A 338 38.36 -33.21 20.30
N SER A 339 39.50 -32.56 20.51
CA SER A 339 40.17 -31.86 19.43
C SER A 339 40.80 -32.81 18.42
N ALA A 340 40.93 -34.09 18.78
CA ALA A 340 41.48 -35.06 17.83
C ALA A 340 40.49 -35.33 16.72
N SER A 341 40.97 -35.29 15.48
CA SER A 341 40.11 -35.46 14.31
C SER A 341 39.96 -36.90 13.88
N ILE A 342 40.61 -37.84 14.57
CA ILE A 342 40.41 -39.28 14.34
C ILE A 342 40.11 -39.88 15.70
N ARG A 343 38.83 -39.95 16.06
CA ARG A 343 38.45 -40.51 17.35
C ARG A 343 38.19 -42.01 17.21
N ILE A 344 38.31 -42.71 18.32
CA ILE A 344 37.98 -44.14 18.38
C ILE A 344 36.68 -44.26 19.16
N PRO A 345 35.54 -44.39 18.49
CA PRO A 345 34.27 -44.47 19.22
C PRO A 345 34.22 -45.72 20.09
N TYR A 346 33.63 -45.57 21.27
CA TYR A 346 33.50 -46.70 22.18
C TYR A 346 32.54 -47.72 21.59
N VAL A 347 32.77 -48.99 21.93
CA VAL A 347 31.92 -50.06 21.45
C VAL A 347 31.89 -51.17 22.50
N ASN A 348 30.69 -51.70 22.75
CA ASN A 348 30.55 -52.73 23.77
C ASN A 348 31.28 -54.01 23.40
N SER A 349 31.21 -54.41 22.14
CA SER A 349 31.81 -55.68 21.75
C SER A 349 32.98 -55.45 20.81
N PRO A 350 34.05 -56.25 20.94
CA PRO A 350 35.23 -56.04 20.10
C PRO A 350 34.99 -56.30 18.62
N LYS A 351 33.92 -57.00 18.25
CA LYS A 351 33.69 -57.30 16.84
C LYS A 351 33.28 -56.07 16.04
N ALA A 352 32.98 -54.96 16.69
CA ALA A 352 32.55 -53.73 16.02
C ALA A 352 33.52 -52.58 16.31
N ARG A 353 34.82 -52.86 16.24
CA ARG A 353 35.84 -51.85 16.48
C ARG A 353 36.10 -51.07 15.20
N ARG A 354 36.05 -49.76 15.28
CA ARG A 354 36.17 -48.91 14.11
C ARG A 354 36.80 -47.58 14.52
N ILE A 355 37.32 -46.85 13.53
CA ILE A 355 37.96 -45.56 13.75
C ILE A 355 37.15 -44.49 13.01
N GLU A 356 36.88 -43.38 13.68
CA GLU A 356 35.99 -42.35 13.17
C GLU A 356 36.79 -41.11 12.81
N ALA A 357 36.84 -40.80 11.52
CA ALA A 357 37.47 -39.59 11.02
C ALA A 357 36.41 -38.51 10.85
N ARG A 358 36.66 -37.33 11.43
CA ARG A 358 35.65 -36.28 11.51
C ARG A 358 35.84 -35.16 10.51
N PHE A 359 36.96 -35.11 9.81
CA PHE A 359 37.16 -34.01 8.88
C PHE A 359 36.29 -34.09 7.61
N PRO A 360 35.93 -35.28 7.08
CA PRO A 360 35.08 -35.30 5.88
C PRO A 360 33.75 -34.62 6.11
N ASP A 361 33.22 -34.01 5.05
CA ASP A 361 32.01 -33.22 5.09
C ASP A 361 30.99 -33.75 4.10
N PRO A 362 29.70 -33.38 4.24
CA PRO A 362 28.66 -33.95 3.38
C PRO A 362 28.76 -33.52 1.92
N SER A 363 29.60 -32.55 1.60
CA SER A 363 29.76 -32.08 0.23
C SER A 363 30.81 -32.87 -0.53
N ALA A 364 31.29 -33.97 0.05
CA ALA A 364 32.27 -34.82 -0.59
C ALA A 364 31.56 -35.90 -1.40
N ASN A 365 32.15 -36.26 -2.54
CA ASN A 365 31.64 -37.39 -3.30
C ASN A 365 31.81 -38.64 -2.46
N PRO A 366 30.73 -39.34 -2.12
CA PRO A 366 30.85 -40.49 -1.24
C PRO A 366 31.80 -41.55 -1.78
N TYR A 367 31.68 -41.85 -3.06
CA TYR A 367 32.60 -42.80 -3.68
C TYR A 367 34.03 -42.29 -3.61
N LEU A 368 34.26 -41.05 -4.02
CA LEU A 368 35.61 -40.50 -4.04
C LEU A 368 36.18 -40.41 -2.62
N ALA A 369 35.39 -39.90 -1.68
CA ALA A 369 35.89 -39.73 -0.33
C ALA A 369 36.20 -41.08 0.32
N PHE A 370 35.31 -42.04 0.17
CA PHE A 370 35.54 -43.35 0.78
C PHE A 370 36.72 -44.05 0.13
N ALA A 371 36.85 -43.97 -1.19
CA ALA A 371 37.98 -44.57 -1.87
C ALA A 371 39.28 -43.93 -1.43
N ALA A 372 39.30 -42.59 -1.30
CA ALA A 372 40.51 -41.91 -0.87
C ALA A 372 40.89 -42.31 0.55
N LEU A 373 39.91 -42.33 1.46
CA LEU A 373 40.21 -42.73 2.84
C LEU A 373 40.72 -44.16 2.90
N LEU A 374 40.08 -45.07 2.17
CA LEU A 374 40.51 -46.46 2.18
C LEU A 374 41.90 -46.62 1.59
N MET A 375 42.19 -45.91 0.50
CA MET A 375 43.52 -46.03 -0.10
C MET A 375 44.58 -45.46 0.81
N ALA A 376 44.31 -44.34 1.49
CA ALA A 376 45.26 -43.80 2.44
C ALA A 376 45.49 -44.77 3.61
N GLY A 377 44.41 -45.36 4.12
CA GLY A 377 44.56 -46.31 5.21
C GLY A 377 45.34 -47.55 4.79
N LEU A 378 45.08 -48.07 3.59
CA LEU A 378 45.82 -49.23 3.12
C LEU A 378 47.28 -48.89 2.85
N ASP A 379 47.55 -47.67 2.38
CA ASP A 379 48.94 -47.23 2.23
C ASP A 379 49.64 -47.18 3.58
N GLY A 380 48.94 -46.71 4.61
CA GLY A 380 49.51 -46.72 5.94
C GLY A 380 49.73 -48.13 6.47
N ILE A 381 48.82 -49.04 6.13
CA ILE A 381 48.97 -50.43 6.54
C ILE A 381 50.19 -51.06 5.89
N GLN A 382 50.36 -50.83 4.59
CA GLN A 382 51.49 -51.43 3.88
C GLN A 382 52.82 -50.80 4.27
N ASN A 383 52.81 -49.50 4.56
CA ASN A 383 54.03 -48.81 4.96
C ASN A 383 54.30 -48.89 6.46
N LYS A 384 53.38 -49.48 7.23
CA LYS A 384 53.55 -49.68 8.67
C LYS A 384 53.84 -48.37 9.40
N ILE A 385 53.14 -47.32 9.00
CA ILE A 385 53.30 -46.02 9.64
C ILE A 385 52.60 -46.05 10.99
N HIS A 386 53.30 -45.62 12.04
CA HIS A 386 52.78 -45.65 13.39
C HIS A 386 52.92 -44.27 14.02
N PRO A 387 51.83 -43.67 14.51
CA PRO A 387 51.86 -42.40 15.24
C PRO A 387 52.02 -42.59 16.74
N PRO A 407 50.28 -31.55 13.05
CA PRO A 407 49.75 -31.89 11.73
C PRO A 407 48.24 -31.69 11.64
N GLN A 408 47.81 -30.68 10.90
CA GLN A 408 46.40 -30.33 10.78
C GLN A 408 45.93 -30.54 9.36
N VAL A 409 44.64 -30.30 9.15
CA VAL A 409 44.04 -30.38 7.82
C VAL A 409 44.25 -29.06 7.09
N CYS A 410 44.06 -29.07 5.78
CA CYS A 410 44.29 -27.86 4.99
C CYS A 410 43.29 -26.78 5.37
N GLY A 411 43.75 -25.53 5.31
CA GLY A 411 42.93 -24.39 5.67
C GLY A 411 42.23 -23.72 4.51
N SER A 412 42.43 -24.19 3.28
CA SER A 412 41.78 -23.60 2.12
C SER A 412 41.71 -24.64 1.03
N LEU A 413 40.77 -24.42 0.09
CA LEU A 413 40.60 -25.37 -1.00
C LEU A 413 41.82 -25.37 -1.92
N LYS A 414 42.40 -24.21 -2.17
CA LYS A 414 43.61 -24.15 -3.00
C LYS A 414 44.75 -24.93 -2.34
N GLU A 415 44.92 -24.75 -1.03
CA GLU A 415 45.93 -25.51 -0.31
C GLU A 415 45.66 -27.00 -0.40
N ALA A 416 44.40 -27.40 -0.25
CA ALA A 416 44.05 -28.81 -0.31
C ALA A 416 44.36 -29.40 -1.69
N LEU A 417 44.05 -28.67 -2.76
CA LEU A 417 44.34 -29.15 -4.10
C LEU A 417 45.85 -29.23 -4.34
N GLU A 418 46.60 -28.27 -3.81
CA GLU A 418 48.06 -28.33 -3.93
C GLU A 418 48.62 -29.56 -3.24
N GLU A 419 48.14 -29.85 -2.02
CA GLU A 419 48.59 -31.04 -1.32
C GLU A 419 48.17 -32.31 -2.05
N LEU A 420 46.97 -32.29 -2.63
CA LEU A 420 46.49 -33.46 -3.38
C LEU A 420 47.36 -33.73 -4.59
N ASP A 421 47.74 -32.68 -5.32
CA ASP A 421 48.65 -32.87 -6.45
C ASP A 421 50.02 -33.35 -5.97
N LYS A 422 50.51 -32.81 -4.85
CA LYS A 422 51.81 -33.22 -4.34
C LYS A 422 51.81 -34.68 -3.91
N GLY A 423 50.74 -35.13 -3.27
CA GLY A 423 50.70 -36.45 -2.67
C GLY A 423 49.74 -37.42 -3.33
N ARG A 424 49.69 -37.44 -4.65
CA ARG A 424 48.77 -38.31 -5.37
C ARG A 424 49.29 -39.74 -5.50
N ALA A 425 50.51 -40.03 -5.08
CA ALA A 425 51.11 -41.33 -5.35
C ALA A 425 50.32 -42.47 -4.73
N PHE A 426 49.89 -42.31 -3.48
CA PHE A 426 49.16 -43.38 -2.82
C PHE A 426 47.82 -43.63 -3.48
N LEU A 427 47.20 -42.61 -4.07
CA LEU A 427 45.96 -42.81 -4.79
C LEU A 427 46.17 -43.59 -6.07
N THR A 428 47.21 -43.26 -6.82
CA THR A 428 47.51 -43.99 -8.06
C THR A 428 48.10 -45.36 -7.81
N LYS A 429 48.53 -45.66 -6.59
CA LYS A 429 49.00 -46.99 -6.27
C LYS A 429 47.88 -48.01 -6.50
N GLY A 430 48.20 -49.09 -7.20
CA GLY A 430 47.22 -50.10 -7.52
C GLY A 430 46.33 -49.78 -8.70
N GLY A 431 46.50 -48.62 -9.33
CA GLY A 431 45.68 -48.26 -10.47
C GLY A 431 44.28 -47.83 -10.14
N VAL A 432 44.00 -47.51 -8.88
CA VAL A 432 42.65 -47.12 -8.49
C VAL A 432 42.33 -45.72 -9.00
N PHE A 433 43.10 -44.73 -8.56
CA PHE A 433 42.92 -43.35 -8.99
C PHE A 433 43.92 -43.08 -10.12
N SER A 434 43.44 -43.09 -11.35
CA SER A 434 44.32 -42.82 -12.48
C SER A 434 44.79 -41.38 -12.45
N ASP A 435 45.98 -41.16 -13.02
CA ASP A 435 46.54 -39.81 -13.05
C ASP A 435 45.67 -38.87 -13.86
N ASP A 436 45.11 -39.35 -14.96
CA ASP A 436 44.24 -38.51 -15.80
C ASP A 436 43.01 -38.07 -15.03
N PHE A 437 42.38 -38.98 -14.28
CA PHE A 437 41.20 -38.60 -13.51
C PHE A 437 41.55 -37.58 -12.45
N ILE A 438 42.67 -37.76 -11.76
CA ILE A 438 43.06 -36.81 -10.72
C ILE A 438 43.34 -35.45 -11.35
N ASP A 439 43.96 -35.44 -12.53
CA ASP A 439 44.18 -34.17 -13.22
C ASP A 439 42.86 -33.49 -13.55
N ALA A 440 41.87 -34.24 -14.06
CA ALA A 440 40.59 -33.63 -14.39
C ALA A 440 39.88 -33.11 -13.15
N TYR A 441 39.91 -33.89 -12.07
CA TYR A 441 39.29 -33.47 -10.82
C TYR A 441 39.96 -32.23 -10.26
N LEU A 442 41.29 -32.18 -10.33
CA LEU A 442 42.02 -30.99 -9.89
C LEU A 442 41.63 -29.77 -10.73
N GLU A 443 41.52 -29.94 -12.04
CA GLU A 443 41.16 -28.83 -12.90
C GLU A 443 39.77 -28.31 -12.56
N LEU A 444 38.81 -29.22 -12.36
CA LEU A 444 37.44 -28.81 -12.06
C LEU A 444 37.37 -28.10 -10.72
N LYS A 445 37.97 -28.70 -9.68
CA LYS A 445 37.93 -28.09 -8.37
C LYS A 445 38.70 -26.77 -8.33
N SER A 446 39.78 -26.66 -9.12
CA SER A 446 40.51 -25.40 -9.18
C SER A 446 39.66 -24.31 -9.84
N GLU A 447 38.93 -24.66 -10.90
CA GLU A 447 38.04 -23.68 -11.51
C GLU A 447 37.00 -23.22 -10.50
N GLU A 448 36.42 -24.15 -9.76
CA GLU A 448 35.43 -23.81 -8.73
C GLU A 448 36.04 -22.91 -7.66
N GLU A 449 37.22 -23.26 -7.15
CA GLU A 449 37.84 -22.50 -6.07
C GLU A 449 38.24 -21.11 -6.54
N ILE A 450 38.77 -20.99 -7.76
CA ILE A 450 39.12 -19.69 -8.29
C ILE A 450 37.86 -18.84 -8.46
N LYS A 451 36.77 -19.45 -8.94
CA LYS A 451 35.53 -18.70 -9.10
C LYS A 451 35.06 -18.14 -7.76
N VAL A 452 35.12 -18.94 -6.70
CA VAL A 452 34.67 -18.46 -5.39
C VAL A 452 35.70 -17.58 -4.69
N ARG A 453 36.94 -17.58 -5.15
CA ARG A 453 38.01 -16.87 -4.46
C ARG A 453 38.25 -15.45 -4.96
N THR A 454 37.70 -15.08 -6.12
CA THR A 454 37.91 -13.77 -6.69
C THR A 454 36.70 -12.85 -6.51
N PHE A 455 35.73 -13.24 -5.70
CA PHE A 455 34.54 -12.42 -5.46
C PHE A 455 34.69 -11.67 -4.15
N VAL A 456 34.02 -10.52 -4.07
CA VAL A 456 34.17 -9.62 -2.94
C VAL A 456 33.24 -10.08 -1.81
N HIS A 457 33.82 -10.65 -0.76
CA HIS A 457 33.04 -11.02 0.42
C HIS A 457 32.43 -9.77 1.05
N PRO A 458 31.19 -9.83 1.51
CA PRO A 458 30.59 -8.66 2.16
C PRO A 458 31.35 -8.19 3.40
N LEU A 459 32.03 -9.09 4.11
CA LEU A 459 32.86 -8.66 5.22
C LEU A 459 33.98 -7.75 4.76
N GLU A 460 34.42 -7.91 3.51
CA GLU A 460 35.44 -7.03 2.97
C GLU A 460 34.93 -5.59 2.89
N TYR A 461 33.65 -5.42 2.55
CA TYR A 461 33.02 -4.12 2.73
C TYR A 461 32.94 -3.72 4.19
N ASP A 462 32.58 -4.67 5.06
CA ASP A 462 32.41 -4.33 6.47
C ASP A 462 33.68 -3.74 7.06
N LEU A 463 34.85 -4.19 6.61
CA LEU A 463 36.11 -3.66 7.11
C LEU A 463 36.65 -2.52 6.26
N TYR A 464 36.92 -2.76 4.98
CA TYR A 464 37.75 -1.88 4.18
C TYR A 464 36.98 -0.84 3.39
N TYR A 465 35.68 -0.67 3.64
CA TYR A 465 34.93 0.32 2.87
C TYR A 465 35.45 1.73 3.12
N SER A 466 35.62 2.09 4.39
CA SER A 466 36.06 3.44 4.74
C SER A 466 37.57 3.56 4.86
N VAL A 467 38.30 2.49 4.61
CA VAL A 467 39.76 2.56 4.66
C VAL A 467 40.32 2.60 3.25
N SER B 2 9.74 -56.69 29.04
CA SER B 2 9.27 -56.04 30.26
C SER B 2 8.11 -55.11 29.96
N LYS B 3 8.08 -53.96 30.64
CA LYS B 3 7.01 -53.00 30.41
C LYS B 3 7.09 -52.42 29.00
N SER B 4 8.27 -51.93 28.62
CA SER B 4 8.41 -51.27 27.32
C SER B 4 8.13 -52.24 26.17
N LEU B 5 8.62 -53.47 26.28
CA LEU B 5 8.34 -54.47 25.24
C LEU B 5 6.85 -54.78 25.17
N GLN B 6 6.19 -54.85 26.33
CA GLN B 6 4.75 -55.11 26.34
C GLN B 6 3.98 -53.98 25.67
N LEU B 7 4.33 -52.73 25.96
CA LEU B 7 3.66 -51.61 25.30
C LEU B 7 3.94 -51.60 23.80
N ILE B 8 5.18 -51.92 23.41
CA ILE B 8 5.52 -51.98 21.98
C ILE B 8 4.67 -53.02 21.28
N LYS B 9 4.53 -54.21 21.89
CA LYS B 9 3.70 -55.24 21.29
C LYS B 9 2.23 -54.83 21.26
N GLU B 10 1.75 -54.17 22.31
CA GLU B 10 0.34 -53.81 22.38
C GLU B 10 -0.03 -52.79 21.31
N HIS B 11 0.76 -51.72 21.19
CA HIS B 11 0.39 -50.60 20.34
C HIS B 11 1.13 -50.56 19.02
N ASP B 12 1.91 -51.59 18.70
CA ASP B 12 2.72 -51.63 17.49
C ASP B 12 3.59 -50.38 17.37
N VAL B 13 4.32 -50.10 18.44
CA VAL B 13 5.13 -48.89 18.50
C VAL B 13 6.25 -48.96 17.46
N LYS B 14 6.45 -47.86 16.74
CA LYS B 14 7.43 -47.81 15.67
C LYS B 14 8.71 -47.09 16.05
N TRP B 15 8.66 -46.12 16.95
CA TRP B 15 9.83 -45.37 17.36
C TRP B 15 9.95 -45.37 18.88
N ILE B 16 11.18 -45.35 19.37
CA ILE B 16 11.48 -45.22 20.78
C ILE B 16 12.20 -43.91 20.99
N ASP B 17 11.68 -43.09 21.90
CA ASP B 17 12.21 -41.76 22.16
C ASP B 17 12.87 -41.79 23.53
N LEU B 18 14.20 -41.79 23.55
CA LEU B 18 14.96 -41.79 24.80
C LEU B 18 15.11 -40.36 25.28
N ARG B 19 14.65 -40.09 26.50
CA ARG B 19 14.64 -38.75 27.05
C ARG B 19 15.42 -38.71 28.37
N PHE B 20 16.20 -37.66 28.53
CA PHE B 20 16.91 -37.40 29.79
C PHE B 20 16.78 -35.92 30.10
N THR B 21 17.49 -35.47 31.12
CA THR B 21 17.42 -34.07 31.55
C THR B 21 18.84 -33.55 31.75
N ASP B 22 19.10 -32.35 31.24
CA ASP B 22 20.38 -31.71 31.43
C ASP B 22 20.39 -30.96 32.77
N THR B 23 21.47 -30.23 33.05
CA THR B 23 21.54 -29.49 34.29
C THR B 23 20.49 -28.39 34.35
N LYS B 24 20.24 -27.72 33.23
CA LYS B 24 19.30 -26.60 33.21
C LYS B 24 17.86 -27.03 33.42
N GLY B 25 17.56 -28.32 33.31
CA GLY B 25 16.20 -28.80 33.48
C GLY B 25 15.41 -28.97 32.21
N LYS B 26 16.00 -28.69 31.05
CA LYS B 26 15.31 -28.81 29.77
C LYS B 26 15.45 -30.24 29.26
N GLN B 27 14.33 -30.94 29.11
CA GLN B 27 14.36 -32.34 28.72
C GLN B 27 14.93 -32.48 27.31
N GLN B 28 15.74 -33.53 27.13
CA GLN B 28 16.40 -33.81 25.87
C GLN B 28 15.95 -35.17 25.36
N HIS B 29 15.80 -35.30 24.04
CA HIS B 29 15.27 -36.53 23.48
C HIS B 29 16.03 -36.91 22.22
N VAL B 30 16.29 -38.20 22.07
CA VAL B 30 16.89 -38.77 20.86
C VAL B 30 16.05 -39.97 20.45
N THR B 31 15.70 -40.05 19.17
CA THR B 31 14.79 -41.08 18.69
C THR B 31 15.57 -42.22 18.06
N MET B 32 14.94 -43.39 18.01
CA MET B 32 15.58 -44.60 17.51
C MET B 32 14.49 -45.56 17.05
N PRO B 33 14.78 -46.43 16.09
CA PRO B 33 13.76 -47.38 15.64
C PRO B 33 13.40 -48.37 16.73
N ALA B 34 12.12 -48.77 16.73
CA ALA B 34 11.65 -49.72 17.74
C ALA B 34 12.20 -51.11 17.53
N ARG B 35 12.61 -51.45 16.30
CA ARG B 35 13.09 -52.78 16.01
C ARG B 35 14.41 -53.11 16.68
N ASP B 36 15.13 -52.10 17.18
CA ASP B 36 16.42 -52.32 17.83
C ASP B 36 16.29 -52.64 19.30
N VAL B 37 15.09 -52.63 19.86
CA VAL B 37 14.89 -52.91 21.28
C VAL B 37 15.05 -54.41 21.51
N ASP B 38 15.97 -54.77 22.40
CA ASP B 38 16.26 -56.17 22.70
C ASP B 38 16.90 -56.22 24.09
N ASP B 39 17.46 -57.38 24.44
CA ASP B 39 18.14 -57.51 25.73
C ASP B 39 19.37 -56.61 25.79
N ASP B 40 20.14 -56.55 24.70
CA ASP B 40 21.38 -55.77 24.71
C ASP B 40 21.09 -54.28 24.76
N PHE B 41 19.95 -53.84 24.24
CA PHE B 41 19.59 -52.44 24.35
C PHE B 41 19.37 -52.03 25.81
N PHE B 42 18.78 -52.93 26.60
CA PHE B 42 18.53 -52.63 28.01
C PHE B 42 19.71 -52.95 28.91
N GLU B 43 20.67 -53.76 28.45
CA GLU B 43 21.85 -54.05 29.25
C GLU B 43 23.03 -53.14 28.92
N TYR B 44 23.06 -52.56 27.72
CA TYR B 44 24.12 -51.67 27.30
C TYR B 44 23.65 -50.23 27.12
N GLY B 45 22.43 -50.02 26.63
CA GLY B 45 21.94 -48.70 26.35
C GLY B 45 22.56 -48.14 25.07
N LYS B 46 22.14 -46.92 24.74
CA LYS B 46 22.73 -46.22 23.62
C LYS B 46 23.92 -45.40 24.10
N MET B 47 24.58 -44.71 23.18
CA MET B 47 25.69 -43.84 23.52
C MET B 47 25.52 -42.51 22.81
N PHE B 48 26.03 -41.44 23.44
CA PHE B 48 25.94 -40.13 22.82
C PHE B 48 27.02 -39.24 23.40
N ASP B 49 27.35 -38.18 22.65
CA ASP B 49 28.37 -37.23 23.07
C ASP B 49 27.72 -36.15 23.92
N GLY B 50 27.97 -36.19 25.22
CA GLY B 50 27.46 -35.20 26.14
C GLY B 50 28.29 -33.95 26.25
N SER B 51 29.34 -33.81 25.44
CA SER B 51 30.20 -32.63 25.52
C SER B 51 29.42 -31.37 25.17
N SER B 52 28.60 -31.42 24.13
CA SER B 52 27.84 -30.25 23.73
C SER B 52 26.62 -30.02 24.60
N ILE B 53 26.30 -30.95 25.50
CA ILE B 53 25.25 -30.70 26.49
C ILE B 53 25.79 -29.74 27.54
N ALA B 54 24.98 -28.74 27.89
CA ALA B 54 25.40 -27.70 28.81
C ALA B 54 25.62 -28.31 30.20
N GLY B 55 26.88 -28.41 30.60
CA GLY B 55 27.22 -28.97 31.90
C GLY B 55 27.76 -30.39 31.81
N SER B 62 33.44 -37.09 27.71
CA SER B 62 32.74 -36.80 26.47
C SER B 62 31.61 -37.79 26.23
N ASP B 63 31.95 -38.97 25.70
CA ASP B 63 30.95 -39.98 25.42
C ASP B 63 30.32 -40.49 26.72
N MET B 64 29.01 -40.73 26.68
CA MET B 64 28.26 -41.14 27.85
C MET B 64 27.11 -42.04 27.40
N ILE B 65 26.76 -43.00 28.25
CA ILE B 65 25.81 -44.05 27.88
C ILE B 65 24.41 -43.64 28.35
N LEU B 66 23.46 -43.67 27.42
CA LEU B 66 22.05 -43.49 27.74
C LEU B 66 21.49 -44.86 28.11
N MET B 67 21.28 -45.08 29.40
CA MET B 67 20.76 -46.36 29.88
C MET B 67 19.25 -46.23 30.08
N PRO B 68 18.43 -46.91 29.30
CA PRO B 68 16.98 -46.74 29.42
C PRO B 68 16.45 -47.27 30.74
N ASP B 69 15.36 -46.67 31.19
CA ASP B 69 14.62 -47.11 32.36
C ASP B 69 13.26 -47.63 31.89
N ASP B 70 13.09 -48.95 31.89
CA ASP B 70 11.87 -49.54 31.35
C ASP B 70 10.66 -49.31 32.24
N SER B 71 10.85 -48.85 33.48
CA SER B 71 9.71 -48.64 34.38
C SER B 71 8.94 -47.37 34.07
N THR B 72 9.42 -46.53 33.16
CA THR B 72 8.75 -45.27 32.83
C THR B 72 8.41 -45.19 31.35
N ALA B 73 8.26 -46.32 30.68
CA ALA B 73 7.86 -46.32 29.29
C ALA B 73 6.41 -45.90 29.17
N VAL B 74 6.15 -44.91 28.32
CA VAL B 74 4.81 -44.34 28.19
C VAL B 74 4.65 -43.82 26.76
N LEU B 75 3.45 -44.00 26.22
CA LEU B 75 3.17 -43.59 24.85
C LEU B 75 3.16 -42.07 24.71
N ASP B 76 3.44 -41.60 23.50
CA ASP B 76 3.42 -40.19 23.18
C ASP B 76 2.12 -39.86 22.47
N PRO B 77 1.26 -39.01 23.04
CA PRO B 77 -0.06 -38.76 22.45
C PRO B 77 -0.11 -37.63 21.42
N PHE B 78 1.04 -37.14 20.96
CA PHE B 78 1.09 -36.07 19.97
C PHE B 78 1.54 -36.54 18.60
N THR B 79 2.60 -37.34 18.54
CA THR B 79 3.04 -37.89 17.26
C THR B 79 2.00 -38.86 16.72
N GLU B 80 1.67 -38.73 15.44
CA GLU B 80 0.76 -39.68 14.82
C GLU B 80 1.38 -41.07 14.77
N GLU B 81 2.65 -41.16 14.41
CA GLU B 81 3.36 -42.42 14.49
C GLU B 81 3.46 -42.84 15.96
N PRO B 82 3.12 -44.09 16.29
CA PRO B 82 3.15 -44.48 17.71
C PRO B 82 4.57 -44.59 18.23
N THR B 83 4.98 -43.62 19.05
CA THR B 83 6.31 -43.59 19.62
C THR B 83 6.22 -43.78 21.14
N LEU B 84 7.10 -44.61 21.67
CA LEU B 84 7.15 -44.92 23.09
C LEU B 84 8.26 -44.11 23.74
N ILE B 85 7.93 -43.36 24.77
CA ILE B 85 8.87 -42.49 25.45
C ILE B 85 9.48 -43.25 26.61
N ILE B 86 10.81 -43.30 26.66
CA ILE B 86 11.54 -43.95 27.74
C ILE B 86 12.50 -42.93 28.34
N VAL B 87 12.36 -42.69 29.64
CA VAL B 87 13.26 -41.77 30.33
C VAL B 87 14.50 -42.54 30.75
N CYS B 88 15.67 -42.03 30.38
CA CYS B 88 16.91 -42.77 30.53
C CYS B 88 17.84 -42.07 31.51
N ASP B 89 18.68 -42.87 32.16
CA ASP B 89 19.74 -42.38 33.00
C ASP B 89 21.02 -42.20 32.20
N ILE B 90 21.97 -41.47 32.76
CA ILE B 90 23.25 -41.22 32.14
C ILE B 90 24.32 -41.99 32.91
N ILE B 91 25.12 -42.77 32.19
CA ILE B 91 26.11 -43.65 32.78
C ILE B 91 27.48 -43.26 32.24
N GLU B 92 28.45 -43.13 33.13
CA GLU B 92 29.82 -42.87 32.73
C GLU B 92 30.47 -44.17 32.25
N PRO B 93 30.98 -44.22 31.02
CA PRO B 93 31.55 -45.49 30.52
C PRO B 93 32.73 -45.97 31.33
N SER B 94 33.51 -45.06 31.92
CA SER B 94 34.69 -45.48 32.67
C SER B 94 34.30 -46.27 33.91
N THR B 95 33.28 -45.83 34.63
CA THR B 95 32.93 -46.43 35.91
C THR B 95 31.65 -47.27 35.87
N MET B 96 30.86 -47.18 34.81
CA MET B 96 29.58 -47.89 34.66
C MET B 96 28.58 -47.53 35.75
N GLN B 97 28.86 -46.52 36.55
CA GLN B 97 27.92 -46.04 37.56
C GLN B 97 27.20 -44.80 37.04
N GLY B 98 26.18 -44.38 37.79
CA GLY B 98 25.42 -43.22 37.38
C GLY B 98 26.31 -41.99 37.27
N TYR B 99 26.00 -41.14 36.30
CA TYR B 99 26.83 -39.96 36.06
C TYR B 99 26.79 -39.02 37.25
N ASP B 100 27.93 -38.37 37.51
CA ASP B 100 28.04 -37.50 38.66
C ASP B 100 27.09 -36.32 38.56
N ARG B 101 26.92 -35.76 37.36
CA ARG B 101 26.16 -34.54 37.16
C ARG B 101 24.75 -34.79 36.62
N ASP B 102 24.34 -36.04 36.48
CA ASP B 102 23.02 -36.33 35.95
C ASP B 102 21.97 -36.00 37.00
N PRO B 103 21.02 -35.10 36.73
CA PRO B 103 20.01 -34.78 37.74
C PRO B 103 19.17 -35.97 38.17
N ARG B 104 18.86 -36.88 37.25
CA ARG B 104 18.12 -38.08 37.64
C ARG B 104 18.94 -38.95 38.58
N ALA B 105 20.24 -39.09 38.30
CA ALA B 105 21.11 -39.83 39.21
C ALA B 105 21.16 -39.16 40.58
N ILE B 106 21.19 -37.83 40.61
CA ILE B 106 21.21 -37.11 41.87
C ILE B 106 19.92 -37.34 42.64
N ALA B 107 18.78 -37.34 41.94
CA ALA B 107 17.50 -37.60 42.59
C ALA B 107 17.46 -39.02 43.16
N ARG B 108 17.96 -39.99 42.40
CA ARG B 108 18.03 -41.36 42.90
C ARG B 108 18.92 -41.45 44.12
N ARG B 109 20.07 -40.76 44.09
CA ARG B 109 20.95 -40.76 45.26
C ARG B 109 20.27 -40.14 46.46
N ALA B 110 19.49 -39.08 46.24
CA ALA B 110 18.77 -38.46 47.36
C ALA B 110 17.74 -39.40 47.96
N GLU B 111 16.98 -40.10 47.12
CA GLU B 111 15.98 -41.01 47.66
C GLU B 111 16.64 -42.19 48.36
N GLU B 112 17.77 -42.68 47.84
CA GLU B 112 18.49 -43.75 48.51
C GLU B 112 19.06 -43.28 49.84
N TYR B 113 19.53 -42.03 49.90
CA TYR B 113 19.99 -41.48 51.17
C TYR B 113 18.85 -41.40 52.18
N LEU B 114 17.67 -40.99 51.71
CA LEU B 114 16.51 -40.96 52.60
C LEU B 114 16.19 -42.35 53.15
N LYS B 115 16.23 -43.36 52.29
CA LYS B 115 15.91 -44.70 52.76
C LYS B 115 17.06 -45.35 53.54
N SER B 116 18.26 -44.77 53.46
CA SER B 116 19.40 -45.31 54.20
C SER B 116 19.56 -44.68 55.58
N THR B 117 19.25 -43.40 55.75
CA THR B 117 19.40 -42.78 57.06
C THR B 117 18.35 -43.28 58.05
N GLY B 118 17.35 -44.04 57.61
CA GLY B 118 16.34 -44.54 58.50
C GLY B 118 15.24 -43.57 58.84
N ILE B 119 15.27 -42.36 58.29
CA ILE B 119 14.19 -41.40 58.54
C ILE B 119 12.90 -41.90 57.90
N GLY B 120 13.01 -42.56 56.76
CA GLY B 120 11.83 -43.09 56.10
C GLY B 120 12.21 -43.68 54.75
N ASP B 121 11.21 -43.79 53.88
CA ASP B 121 11.44 -44.20 52.50
C ASP B 121 10.34 -43.61 51.64
N THR B 122 10.62 -43.52 50.35
CA THR B 122 9.66 -43.04 49.36
C THR B 122 9.09 -41.68 49.76
N ALA B 123 9.96 -40.68 49.80
CA ALA B 123 9.51 -39.31 50.04
C ALA B 123 8.53 -38.89 48.95
N PHE B 124 7.40 -38.34 49.36
CA PHE B 124 6.32 -37.98 48.45
C PHE B 124 6.40 -36.50 48.14
N PHE B 125 6.46 -36.17 46.86
CA PHE B 125 6.47 -34.79 46.37
C PHE B 125 5.29 -34.60 45.44
N GLY B 126 4.40 -33.68 45.79
CA GLY B 126 3.37 -33.24 44.88
C GLY B 126 3.54 -31.78 44.52
N PRO B 127 4.01 -31.50 43.32
CA PRO B 127 4.16 -30.12 42.88
C PRO B 127 2.99 -29.64 42.05
N GLU B 128 2.59 -28.39 42.29
CA GLU B 128 1.62 -27.71 41.46
C GLU B 128 2.33 -26.57 40.74
N PRO B 129 2.74 -26.75 39.49
CA PRO B 129 3.30 -25.64 38.72
C PRO B 129 2.25 -24.94 37.87
N GLU B 130 2.30 -23.62 37.82
CA GLU B 130 1.38 -22.83 37.01
C GLU B 130 2.10 -22.32 35.77
N PHE B 131 1.35 -22.15 34.70
CA PHE B 131 1.93 -21.73 33.43
C PHE B 131 1.06 -20.65 32.81
N PHE B 132 1.58 -20.04 31.75
CA PHE B 132 0.90 -18.97 31.04
C PHE B 132 0.56 -19.42 29.63
N ILE B 133 -0.59 -18.99 29.12
CA ILE B 133 -1.00 -19.28 27.76
C ILE B 133 -1.06 -17.97 26.99
N PHE B 134 -0.26 -17.86 25.94
CA PHE B 134 -0.17 -16.67 25.13
C PHE B 134 -0.46 -17.01 23.67
N ASP B 135 -1.15 -16.10 22.97
CA ASP B 135 -1.35 -16.30 21.53
C ASP B 135 -0.01 -16.32 20.80
N GLU B 136 0.79 -15.28 21.01
CA GLU B 136 2.13 -15.17 20.44
C GLU B 136 3.04 -14.53 21.46
N VAL B 137 4.33 -14.53 21.17
CA VAL B 137 5.28 -13.78 21.98
C VAL B 137 6.47 -13.41 21.10
N LYS B 138 7.02 -12.23 21.34
CA LYS B 138 8.17 -11.73 20.63
C LYS B 138 9.16 -11.17 21.63
N TYR B 139 10.45 -11.33 21.34
CA TYR B 139 11.48 -10.80 22.22
C TYR B 139 12.79 -10.75 21.45
N LYS B 140 13.56 -9.69 21.67
CA LYS B 140 14.90 -9.60 21.13
C LYS B 140 15.73 -8.73 22.06
N SER B 141 17.04 -8.92 22.01
CA SER B 141 17.95 -8.14 22.84
C SER B 141 19.31 -8.11 22.14
N ASP B 142 19.60 -7.00 21.47
CA ASP B 142 20.88 -6.79 20.84
C ASP B 142 21.33 -5.37 21.14
N ILE B 143 22.49 -4.99 20.59
CA ILE B 143 23.04 -3.66 20.82
C ILE B 143 22.05 -2.59 20.42
N SER B 144 21.25 -2.85 19.38
CA SER B 144 20.25 -1.88 18.94
C SER B 144 19.21 -1.63 20.01
N GLY B 145 18.74 -2.67 20.67
CA GLY B 145 17.65 -2.51 21.63
C GLY B 145 17.10 -3.85 22.05
N SER B 146 16.04 -3.79 22.84
CA SER B 146 15.46 -4.99 23.41
C SER B 146 13.97 -4.81 23.63
N MET B 147 13.25 -5.93 23.67
CA MET B 147 11.81 -5.94 23.85
C MET B 147 11.34 -7.36 24.12
N PHE B 148 10.23 -7.47 24.84
CA PHE B 148 9.58 -8.78 25.05
C PHE B 148 8.07 -8.65 24.85
N LYS B 149 7.66 -8.03 23.75
CA LYS B 149 6.24 -7.83 23.48
C LYS B 149 5.50 -9.15 23.53
N ILE B 150 4.31 -9.11 24.13
CA ILE B 150 3.51 -10.30 24.42
C ILE B 150 2.12 -10.12 23.83
N PHE B 151 1.63 -11.15 23.15
CA PHE B 151 0.32 -11.12 22.50
C PHE B 151 -0.58 -12.16 23.13
N SER B 152 -1.79 -11.74 23.49
CA SER B 152 -2.76 -12.64 24.11
C SER B 152 -4.15 -12.07 23.88
N GLU B 153 -5.03 -12.85 23.25
CA GLU B 153 -6.38 -12.39 23.00
C GLU B 153 -7.16 -12.17 24.30
N GLN B 154 -6.87 -12.95 25.33
CA GLN B 154 -7.58 -12.89 26.60
C GLN B 154 -6.90 -11.94 27.58
N ALA B 155 -5.89 -11.21 27.15
CA ALA B 155 -5.17 -10.31 28.04
C ALA B 155 -6.03 -9.11 28.41
N ALA B 156 -5.80 -8.59 29.61
CA ALA B 156 -6.59 -7.46 30.10
C ALA B 156 -6.25 -6.16 29.38
N TRP B 157 -5.11 -6.09 28.71
CA TRP B 157 -4.72 -4.87 28.00
C TRP B 157 -5.24 -4.84 26.57
N ASN B 158 -5.89 -5.90 26.10
CA ASN B 158 -6.42 -5.97 24.75
C ASN B 158 -7.91 -5.64 24.68
N THR B 159 -8.39 -4.80 25.60
CA THR B 159 -9.82 -4.50 25.63
C THR B 159 -10.27 -3.68 24.43
N ASP B 160 -9.34 -3.10 23.67
CA ASP B 160 -9.71 -2.35 22.48
C ASP B 160 -8.94 -2.81 21.24
N ALA B 161 -8.28 -3.96 21.30
CA ALA B 161 -7.49 -4.42 20.17
C ALA B 161 -8.40 -4.94 19.06
N ASP B 162 -7.80 -5.14 17.89
CA ASP B 162 -8.49 -5.70 16.73
C ASP B 162 -8.04 -7.14 16.55
N PHE B 163 -9.00 -8.06 16.48
CA PHE B 163 -8.71 -9.47 16.36
C PHE B 163 -9.33 -10.03 15.09
N GLU B 164 -8.66 -11.03 14.51
CA GLU B 164 -9.19 -11.76 13.37
C GLU B 164 -10.35 -12.61 13.88
N GLY B 165 -11.57 -12.13 13.70
CA GLY B 165 -12.74 -12.80 14.23
C GLY B 165 -13.58 -11.87 15.06
N GLY B 166 -12.93 -10.96 15.77
CA GLY B 166 -13.64 -9.98 16.56
C GLY B 166 -13.09 -9.83 17.98
N ASN B 167 -13.36 -8.68 18.59
CA ASN B 167 -12.97 -8.41 19.96
C ASN B 167 -14.19 -8.66 20.84
N LYS B 168 -14.38 -9.91 21.24
CA LYS B 168 -15.38 -10.24 22.24
C LYS B 168 -14.91 -9.68 23.57
N GLY B 169 -15.50 -8.57 23.99
CA GLY B 169 -14.97 -7.80 25.11
C GLY B 169 -15.02 -8.48 26.47
N HIS B 170 -15.37 -9.76 26.49
CA HIS B 170 -15.33 -10.53 27.73
C HIS B 170 -13.92 -11.06 27.93
N ARG B 171 -13.23 -10.56 28.96
CA ARG B 171 -11.87 -10.98 29.25
C ARG B 171 -11.60 -10.69 30.72
N PRO B 172 -10.68 -11.43 31.35
CA PRO B 172 -10.41 -11.21 32.77
C PRO B 172 -9.55 -9.98 33.00
N GLY B 173 -9.92 -9.22 34.03
CA GLY B 173 -9.12 -8.08 34.43
C GLY B 173 -7.83 -8.51 35.11
N VAL B 174 -6.96 -7.53 35.34
CA VAL B 174 -5.67 -7.82 35.96
C VAL B 174 -5.89 -8.32 37.38
N LYS B 175 -5.21 -9.41 37.72
CA LYS B 175 -5.35 -10.06 39.02
C LYS B 175 -6.80 -10.44 39.30
N GLY B 176 -7.55 -10.74 38.25
CA GLY B 176 -8.95 -11.10 38.41
C GLY B 176 -9.36 -12.24 37.50
N GLY B 177 -8.38 -13.01 37.04
CA GLY B 177 -8.65 -14.14 36.17
C GLY B 177 -8.82 -15.44 36.94
N TYR B 178 -9.06 -15.33 38.24
CA TYR B 178 -9.20 -16.50 39.10
C TYR B 178 -10.63 -17.00 39.04
N PHE B 179 -10.82 -18.18 38.45
CA PHE B 179 -12.10 -18.88 38.35
C PHE B 179 -13.17 -18.04 37.63
N PRO B 180 -12.99 -17.69 36.37
CA PRO B 180 -14.12 -17.16 35.62
C PRO B 180 -14.79 -18.24 34.78
N VAL B 181 -16.04 -18.02 34.39
CA VAL B 181 -16.76 -18.98 33.55
C VAL B 181 -16.20 -18.93 32.13
N PRO B 182 -16.46 -19.93 31.29
CA PRO B 182 -15.84 -20.00 29.96
C PRO B 182 -16.09 -18.77 29.09
N PRO B 183 -17.21 -18.04 29.24
CA PRO B 183 -17.32 -16.79 28.46
C PRO B 183 -16.21 -15.81 28.75
N VAL B 184 -15.70 -15.77 29.97
CA VAL B 184 -14.65 -14.82 30.33
C VAL B 184 -13.26 -15.43 30.15
N ASP B 185 -13.06 -16.67 30.57
CA ASP B 185 -11.77 -17.32 30.36
C ASP B 185 -11.80 -18.13 29.06
N HIS B 186 -10.88 -17.82 28.16
CA HIS B 186 -10.84 -18.42 26.83
C HIS B 186 -10.02 -19.69 26.78
N ASP B 187 -9.85 -20.38 27.91
CA ASP B 187 -8.88 -21.47 28.00
C ASP B 187 -9.48 -22.77 28.50
N HIS B 188 -10.80 -22.88 28.60
CA HIS B 188 -11.38 -24.10 29.14
C HIS B 188 -11.11 -25.29 28.22
N GLU B 189 -11.37 -25.15 26.93
CA GLU B 189 -11.20 -26.26 26.02
C GLU B 189 -9.73 -26.65 25.89
N ILE B 190 -8.84 -25.67 25.85
CA ILE B 190 -7.42 -25.99 25.72
C ILE B 190 -6.91 -26.65 27.01
N ARG B 191 -7.42 -26.21 28.16
CA ARG B 191 -7.04 -26.88 29.41
C ARG B 191 -7.55 -28.31 29.44
N THR B 192 -8.76 -28.54 28.93
CA THR B 192 -9.28 -29.90 28.84
C THR B 192 -8.41 -30.75 27.91
N ALA B 193 -7.95 -30.17 26.79
CA ALA B 193 -7.05 -30.89 25.91
C ALA B 193 -5.74 -31.23 26.59
N MET B 194 -5.19 -30.29 27.36
CA MET B 194 -3.98 -30.58 28.12
C MET B 194 -4.21 -31.71 29.11
N CYS B 195 -5.34 -31.69 29.80
CA CYS B 195 -5.63 -32.75 30.76
C CYS B 195 -5.78 -34.09 30.06
N ASN B 196 -6.42 -34.11 28.90
CA ASN B 196 -6.54 -35.35 28.13
C ASN B 196 -5.16 -35.88 27.75
N ALA B 197 -4.29 -35.00 27.27
CA ALA B 197 -2.95 -35.43 26.89
C ALA B 197 -2.18 -35.96 28.09
N LEU B 198 -2.31 -35.29 29.23
CA LEU B 198 -1.65 -35.76 30.45
C LEU B 198 -2.14 -37.14 30.83
N GLU B 199 -3.46 -37.37 30.75
CA GLU B 199 -4.00 -38.68 31.07
C GLU B 199 -3.48 -39.74 30.10
N GLU B 200 -3.42 -39.40 28.82
CA GLU B 200 -2.86 -40.34 27.84
C GLU B 200 -1.40 -40.64 28.15
N MET B 201 -0.68 -39.70 28.75
CA MET B 201 0.68 -39.94 29.18
C MET B 201 0.76 -40.55 30.58
N GLY B 202 -0.35 -41.06 31.09
CA GLY B 202 -0.37 -41.77 32.36
C GLY B 202 -0.47 -40.90 33.58
N LEU B 203 -0.50 -39.58 33.44
CA LEU B 203 -0.59 -38.69 34.59
C LEU B 203 -2.00 -38.70 35.15
N LYS B 204 -2.12 -38.91 36.45
CA LYS B 204 -3.41 -38.93 37.12
C LYS B 204 -3.74 -37.51 37.56
N VAL B 205 -4.28 -36.72 36.62
CA VAL B 205 -4.61 -35.34 36.92
C VAL B 205 -5.75 -35.29 37.92
N GLU B 206 -5.80 -34.20 38.69
CA GLU B 206 -6.81 -34.06 39.73
C GLU B 206 -7.58 -32.76 39.69
N VAL B 207 -7.04 -31.70 39.10
CA VAL B 207 -7.79 -30.45 38.97
C VAL B 207 -7.14 -29.62 37.88
N HIS B 208 -7.91 -28.73 37.27
CA HIS B 208 -7.36 -27.78 36.32
C HIS B 208 -8.26 -26.56 36.30
N HIS B 209 -7.64 -25.38 36.29
CA HIS B 209 -8.42 -24.15 36.35
C HIS B 209 -7.56 -22.98 35.88
N HIS B 210 -8.21 -21.83 35.78
CA HIS B 210 -7.56 -20.57 35.44
C HIS B 210 -6.94 -19.97 36.70
N GLU B 211 -5.69 -19.55 36.60
CA GLU B 211 -4.99 -19.03 37.77
C GLU B 211 -5.28 -17.54 37.94
N VAL B 212 -4.56 -16.90 38.86
CA VAL B 212 -4.89 -15.54 39.25
C VAL B 212 -4.64 -14.56 38.13
N ALA B 213 -3.57 -14.78 37.35
CA ALA B 213 -3.14 -13.76 36.41
C ALA B 213 -4.09 -13.63 35.24
N THR B 214 -4.05 -12.46 34.61
CA THR B 214 -4.69 -12.26 33.32
C THR B 214 -3.77 -12.82 32.24
N ALA B 215 -4.06 -12.50 30.98
CA ALA B 215 -3.25 -12.92 29.84
C ALA B 215 -3.10 -14.43 29.75
N GLY B 216 -3.98 -15.18 30.40
CA GLY B 216 -4.01 -16.62 30.24
C GLY B 216 -3.10 -17.43 31.13
N GLN B 217 -3.24 -17.30 32.44
CA GLN B 217 -2.51 -18.14 33.39
C GLN B 217 -3.40 -19.29 33.82
N ASN B 218 -2.87 -20.51 33.73
CA ASN B 218 -3.59 -21.71 34.07
C ASN B 218 -2.77 -22.57 35.03
N GLU B 219 -3.47 -23.45 35.73
CA GLU B 219 -2.83 -24.45 36.56
C GLU B 219 -3.53 -25.78 36.33
N ILE B 220 -2.74 -26.85 36.30
CA ILE B 220 -3.26 -28.21 36.21
C ILE B 220 -2.55 -29.01 37.30
N GLY B 221 -3.26 -29.26 38.40
CA GLY B 221 -2.70 -30.03 39.49
C GLY B 221 -2.94 -31.52 39.27
N VAL B 222 -1.87 -32.29 39.37
CA VAL B 222 -1.90 -33.74 39.15
C VAL B 222 -1.45 -34.43 40.44
N SER B 223 -1.61 -35.74 40.46
CA SER B 223 -1.41 -36.52 41.68
C SER B 223 0.08 -36.60 42.04
N PHE B 224 0.33 -37.04 43.28
CA PHE B 224 1.66 -37.09 43.85
C PHE B 224 2.39 -38.36 43.41
N ASN B 225 3.67 -38.44 43.79
CA ASN B 225 4.50 -39.62 43.54
C ASN B 225 5.81 -39.47 44.31
N THR B 226 6.71 -40.41 44.13
CA THR B 226 8.02 -40.39 44.77
C THR B 226 8.93 -39.39 44.05
N LEU B 227 10.16 -39.25 44.53
CA LEU B 227 11.10 -38.23 44.04
C LEU B 227 11.34 -38.32 42.53
N VAL B 228 11.97 -39.40 42.09
CA VAL B 228 12.33 -39.53 40.68
C VAL B 228 11.08 -39.69 39.82
N ALA B 229 10.10 -40.45 40.31
CA ALA B 229 8.86 -40.60 39.57
C ALA B 229 8.17 -39.26 39.37
N LYS B 230 8.13 -38.42 40.40
CA LYS B 230 7.49 -37.13 40.26
C LYS B 230 8.33 -36.18 39.40
N ALA B 231 9.65 -36.29 39.44
CA ALA B 231 10.45 -35.46 38.53
C ALA B 231 10.14 -35.80 37.08
N ASP B 232 10.09 -37.09 36.76
CA ASP B 232 9.69 -37.51 35.42
C ASP B 232 8.28 -37.05 35.09
N GLU B 233 7.38 -37.10 36.08
CA GLU B 233 6.01 -36.69 35.87
C GLU B 233 5.91 -35.19 35.57
N VAL B 234 6.72 -34.38 36.24
CA VAL B 234 6.71 -32.94 35.99
C VAL B 234 7.28 -32.63 34.61
N GLN B 235 8.35 -33.32 34.22
CA GLN B 235 8.87 -33.14 32.87
C GLN B 235 7.82 -33.53 31.83
N THR B 236 7.11 -34.63 32.09
CA THR B 236 6.03 -35.05 31.20
C THR B 236 4.92 -34.01 31.14
N LEU B 237 4.58 -33.40 32.28
CA LEU B 237 3.55 -32.38 32.30
C LEU B 237 3.97 -31.17 31.47
N LYS B 238 5.21 -30.73 31.63
CA LYS B 238 5.70 -29.62 30.81
C LYS B 238 5.62 -29.96 29.34
N TYR B 239 6.08 -31.16 28.97
CA TYR B 239 6.04 -31.59 27.58
C TYR B 239 4.60 -31.57 27.06
N CYS B 240 3.66 -32.11 27.84
CA CYS B 240 2.28 -32.23 27.39
C CYS B 240 1.64 -30.87 27.20
N VAL B 241 1.81 -29.96 28.16
CA VAL B 241 1.18 -28.66 28.02
C VAL B 241 1.80 -27.88 26.87
N HIS B 242 3.12 -27.93 26.73
CA HIS B 242 3.77 -27.27 25.62
C HIS B 242 3.22 -27.76 24.29
N ASN B 243 3.14 -29.08 24.11
CA ASN B 243 2.74 -29.61 22.82
C ASN B 243 1.24 -29.46 22.57
N VAL B 244 0.42 -29.47 23.61
CA VAL B 244 -1.00 -29.21 23.42
C VAL B 244 -1.21 -27.77 22.94
N ALA B 245 -0.53 -26.82 23.56
CA ALA B 245 -0.63 -25.44 23.08
C ALA B 245 -0.08 -25.32 21.66
N ASP B 246 0.98 -26.07 21.35
CA ASP B 246 1.50 -26.07 19.98
C ASP B 246 0.45 -26.56 19.00
N ALA B 247 -0.28 -27.61 19.37
CA ALA B 247 -1.32 -28.15 18.50
C ALA B 247 -2.49 -27.19 18.36
N TYR B 248 -2.71 -26.32 19.33
CA TYR B 248 -3.79 -25.34 19.28
C TYR B 248 -3.33 -23.98 18.79
N GLY B 249 -2.08 -23.87 18.34
CA GLY B 249 -1.56 -22.58 17.91
C GLY B 249 -1.43 -21.58 19.03
N LYS B 250 -0.93 -22.01 20.19
CA LYS B 250 -0.69 -21.13 21.33
C LYS B 250 0.64 -21.50 21.96
N THR B 251 1.05 -20.73 22.97
CA THR B 251 2.32 -20.94 23.65
C THR B 251 2.09 -21.08 25.14
N VAL B 252 2.62 -22.16 25.73
CA VAL B 252 2.72 -22.29 27.18
C VAL B 252 4.08 -21.76 27.61
N THR B 253 4.07 -20.96 28.67
CA THR B 253 5.26 -20.30 29.18
C THR B 253 5.40 -20.64 30.66
N PHE B 254 6.57 -21.11 31.05
CA PHE B 254 6.80 -21.57 32.41
C PHE B 254 7.77 -20.69 33.20
N MET B 255 8.30 -19.64 32.60
CA MET B 255 9.18 -18.76 33.35
C MET B 255 8.39 -18.09 34.47
N PRO B 256 8.97 -17.97 35.67
CA PRO B 256 8.16 -17.61 36.84
C PRO B 256 7.40 -16.31 36.72
N LYS B 257 8.01 -15.28 36.15
CA LYS B 257 7.38 -13.96 36.06
C LYS B 257 7.55 -13.41 34.66
N PRO B 258 6.65 -13.77 33.73
CA PRO B 258 6.74 -13.22 32.38
C PRO B 258 6.09 -11.86 32.23
N LEU B 259 5.26 -11.44 33.18
CA LEU B 259 4.58 -10.16 33.13
C LEU B 259 5.07 -9.28 34.27
N TYR B 260 4.73 -8.00 34.21
CA TYR B 260 4.89 -7.11 35.36
C TYR B 260 3.54 -6.55 35.76
N GLY B 261 3.39 -6.30 37.05
CA GLY B 261 2.15 -5.75 37.55
C GLY B 261 1.04 -6.75 37.67
N ASP B 262 1.34 -8.04 37.54
CA ASP B 262 0.32 -9.07 37.69
C ASP B 262 1.00 -10.33 38.21
N ASN B 263 0.21 -11.39 38.36
CA ASN B 263 0.68 -12.58 39.04
C ASN B 263 1.84 -13.25 38.30
N GLY B 264 2.67 -13.95 39.06
CA GLY B 264 3.76 -14.71 38.49
C GLY B 264 3.57 -16.19 38.74
N SER B 265 3.96 -17.00 37.76
CA SER B 265 3.76 -18.43 37.86
C SER B 265 4.72 -19.04 38.87
N GLY B 266 4.19 -19.86 39.76
CA GLY B 266 5.00 -20.50 40.79
C GLY B 266 4.65 -21.97 40.92
N MET B 267 5.64 -22.75 41.32
CA MET B 267 5.50 -24.19 41.49
C MET B 267 5.52 -24.51 42.97
N HIS B 268 4.34 -24.63 43.57
CA HIS B 268 4.27 -25.08 44.96
C HIS B 268 4.68 -26.53 45.03
N VAL B 269 5.27 -26.94 46.16
CA VAL B 269 5.74 -28.30 46.35
C VAL B 269 5.27 -28.80 47.70
N HIS B 270 4.30 -29.70 47.70
CA HIS B 270 3.95 -30.45 48.90
C HIS B 270 4.94 -31.60 49.07
N MET B 271 5.36 -31.82 50.31
CA MET B 271 6.29 -32.89 50.62
C MET B 271 5.83 -33.63 51.86
N SER B 272 6.16 -34.92 51.90
CA SER B 272 5.90 -35.76 53.06
C SER B 272 6.85 -36.94 53.02
N ILE B 273 6.95 -37.64 54.15
CA ILE B 273 7.83 -38.80 54.27
C ILE B 273 7.02 -39.94 54.88
N ALA B 274 7.13 -41.12 54.28
CA ALA B 274 6.44 -42.31 54.76
C ALA B 274 7.47 -43.32 55.27
N LYS B 275 7.11 -44.02 56.34
CA LYS B 275 7.96 -45.06 56.91
C LYS B 275 7.12 -46.31 57.09
N ASP B 276 7.25 -47.24 56.13
CA ASP B 276 6.53 -48.51 56.16
C ASP B 276 5.02 -48.29 56.24
N GLY B 277 4.52 -47.35 55.43
CA GLY B 277 3.09 -47.14 55.29
C GLY B 277 2.51 -46.07 56.19
N LYS B 278 3.19 -45.69 57.25
CA LYS B 278 2.71 -44.67 58.17
C LYS B 278 3.37 -43.34 57.86
N ASN B 279 2.57 -42.35 57.50
CA ASN B 279 3.09 -41.02 57.19
C ASN B 279 3.71 -40.42 58.45
N THR B 280 5.03 -40.23 58.44
CA THR B 280 5.72 -39.75 59.62
C THR B 280 5.34 -38.32 59.99
N PHE B 281 4.67 -37.58 59.11
CA PHE B 281 4.19 -36.25 59.42
C PHE B 281 2.76 -36.38 59.94
N ALA B 282 2.61 -36.43 61.26
CA ALA B 282 1.30 -36.59 61.87
C ALA B 282 1.32 -36.22 63.35
N TYR B 286 1.88 -29.39 65.85
CA TYR B 286 1.09 -28.21 65.47
C TYR B 286 0.31 -28.48 64.19
N ALA B 287 -0.98 -28.13 64.22
CA ALA B 287 -1.87 -28.32 63.08
C ALA B 287 -1.83 -29.75 62.56
N GLY B 288 -1.79 -30.70 63.49
CA GLY B 288 -1.70 -32.11 63.13
C GLY B 288 -0.40 -32.50 62.46
N LEU B 289 0.72 -31.96 62.91
CA LEU B 289 2.03 -32.30 62.38
C LEU B 289 2.85 -32.97 63.47
N SER B 290 3.47 -34.10 63.13
CA SER B 290 4.39 -34.73 64.06
C SER B 290 5.64 -33.87 64.21
N ASP B 291 6.44 -34.22 65.22
CA ASP B 291 7.69 -33.50 65.41
C ASP B 291 8.59 -33.61 64.19
N THR B 292 8.62 -34.78 63.54
CA THR B 292 9.46 -34.97 62.37
C THR B 292 9.15 -33.95 61.29
N ALA B 293 7.86 -33.63 61.11
CA ALA B 293 7.50 -32.57 60.18
C ALA B 293 8.07 -31.23 60.62
N LEU B 294 8.10 -30.98 61.93
CA LEU B 294 8.66 -29.73 62.43
C LEU B 294 10.16 -29.64 62.12
N TYR B 295 10.90 -30.75 62.29
CA TYR B 295 12.32 -30.66 61.96
C TYR B 295 12.53 -30.56 60.46
N PHE B 296 11.65 -31.17 59.65
CA PHE B 296 11.73 -30.98 58.21
C PHE B 296 11.54 -29.51 57.85
N ILE B 297 10.53 -28.87 58.45
CA ILE B 297 10.30 -27.45 58.21
C ILE B 297 11.50 -26.63 58.64
N GLY B 298 12.08 -26.95 59.80
CA GLY B 298 13.25 -26.23 60.26
C GLY B 298 14.43 -26.37 59.33
N GLY B 299 14.64 -27.58 58.80
CA GLY B 299 15.72 -27.78 57.85
C GLY B 299 15.51 -27.03 56.56
N ILE B 300 14.27 -26.95 56.10
CA ILE B 300 13.97 -26.14 54.92
C ILE B 300 14.24 -24.66 55.21
N ILE B 301 13.81 -24.18 56.37
CA ILE B 301 13.95 -22.77 56.70
C ILE B 301 15.42 -22.38 56.83
N LYS B 302 16.21 -23.23 57.49
CA LYS B 302 17.61 -22.89 57.74
C LYS B 302 18.41 -22.83 56.45
N HIS B 303 18.13 -23.73 55.50
CA HIS B 303 18.89 -23.83 54.27
C HIS B 303 18.15 -23.24 53.07
N GLY B 304 17.11 -22.44 53.30
CA GLY B 304 16.35 -21.90 52.19
C GLY B 304 17.18 -21.05 51.25
N LYS B 305 18.06 -20.22 51.81
CA LYS B 305 18.94 -19.41 50.98
C LYS B 305 19.77 -20.27 50.06
N ALA B 306 20.33 -21.36 50.57
CA ALA B 306 21.06 -22.30 49.73
C ALA B 306 20.13 -23.14 48.88
N LEU B 307 18.89 -23.36 49.34
CA LEU B 307 17.92 -24.07 48.52
C LEU B 307 17.64 -23.32 47.23
N ASN B 308 17.70 -22.00 47.29
CA ASN B 308 17.36 -21.15 46.14
C ASN B 308 18.19 -21.48 44.91
N GLY B 309 19.39 -22.02 45.08
CA GLY B 309 20.22 -22.32 43.93
C GLY B 309 19.58 -23.28 42.97
N PHE B 310 18.87 -24.29 43.49
CA PHE B 310 18.22 -25.27 42.65
C PHE B 310 16.70 -25.13 42.60
N THR B 311 16.08 -24.60 43.65
CA THR B 311 14.64 -24.46 43.64
C THR B 311 14.17 -23.22 42.89
N ASN B 312 15.01 -22.21 42.77
CA ASN B 312 14.72 -21.01 41.98
C ASN B 312 15.96 -20.64 41.17
N PRO B 313 16.31 -21.46 40.19
CA PRO B 313 17.58 -21.28 39.49
C PRO B 313 17.58 -20.19 38.43
N SER B 314 16.52 -19.41 38.32
CA SER B 314 16.38 -18.41 37.28
C SER B 314 16.39 -17.01 37.88
N THR B 315 17.00 -16.07 37.17
CA THR B 315 16.86 -14.68 37.54
C THR B 315 15.42 -14.22 37.47
N ASN B 316 14.58 -14.95 36.75
CA ASN B 316 13.16 -14.62 36.70
C ASN B 316 12.46 -14.98 38.00
N SER B 317 12.91 -16.03 38.67
CA SER B 317 12.29 -16.42 39.93
C SER B 317 12.27 -15.27 40.92
N TYR B 318 13.27 -14.41 40.86
CA TYR B 318 13.39 -13.29 41.79
C TYR B 318 12.75 -12.01 41.27
N LYS B 319 12.13 -12.06 40.09
CA LYS B 319 11.14 -11.06 39.73
C LYS B 319 9.77 -11.39 40.32
N ARG B 320 9.60 -12.62 40.80
CA ARG B 320 8.38 -13.07 41.46
C ARG B 320 8.45 -12.94 42.97
N LEU B 321 9.66 -12.95 43.53
CA LEU B 321 9.84 -12.91 44.97
C LEU B 321 10.20 -11.53 45.46
N PRO B 328 5.11 -14.81 49.34
CA PRO B 328 5.79 -16.10 49.30
C PRO B 328 7.29 -15.96 49.51
N VAL B 329 7.69 -15.01 50.35
CA VAL B 329 9.10 -14.71 50.58
C VAL B 329 9.52 -15.02 52.01
N MET B 330 8.67 -14.70 52.98
CA MET B 330 9.02 -14.93 54.38
C MET B 330 9.20 -16.41 54.66
N LEU B 331 10.43 -16.80 54.97
CA LEU B 331 10.77 -18.21 55.14
C LEU B 331 10.31 -18.73 56.50
N ALA B 332 9.03 -18.58 56.79
CA ALA B 332 8.41 -19.12 57.99
C ALA B 332 7.40 -20.18 57.60
N TYR B 333 6.70 -20.73 58.59
CA TYR B 333 5.72 -21.77 58.35
C TYR B 333 4.43 -21.45 59.10
N SER B 334 3.31 -21.84 58.50
CA SER B 334 1.99 -21.62 59.06
C SER B 334 1.00 -22.46 58.26
N ALA B 335 -0.26 -22.43 58.69
CA ALA B 335 -1.33 -23.09 57.97
C ALA B 335 -2.44 -22.14 57.52
N ARG B 336 -2.45 -20.91 58.02
CA ARG B 336 -3.42 -19.90 57.64
C ARG B 336 -2.75 -18.66 57.08
N ASN B 337 -1.65 -18.22 57.68
CA ASN B 337 -1.00 -16.98 57.28
C ASN B 337 -0.50 -17.10 55.85
N ARG B 338 -1.17 -16.42 54.92
CA ARG B 338 -0.83 -16.50 53.51
C ARG B 338 0.51 -15.86 53.18
N SER B 339 1.11 -15.14 54.12
CA SER B 339 2.38 -14.45 53.91
C SER B 339 3.59 -15.32 54.28
N ALA B 340 3.38 -16.56 54.69
CA ALA B 340 4.45 -17.45 55.07
C ALA B 340 4.75 -18.42 53.93
N SER B 341 6.02 -18.53 53.57
CA SER B 341 6.40 -19.35 52.41
C SER B 341 6.05 -20.80 52.63
N ILE B 342 6.48 -21.38 53.75
CA ILE B 342 6.17 -22.78 54.03
C ILE B 342 4.74 -22.89 54.52
N ARG B 343 3.98 -23.82 53.94
CA ARG B 343 2.57 -23.97 54.24
C ARG B 343 2.29 -25.39 54.69
N ILE B 344 1.33 -25.52 55.61
CA ILE B 344 0.85 -26.82 56.04
C ILE B 344 -0.61 -26.92 55.60
N PRO B 345 -0.88 -27.49 54.43
CA PRO B 345 -2.25 -27.48 53.91
C PRO B 345 -3.19 -28.26 54.81
N TYR B 346 -4.44 -27.80 54.87
CA TYR B 346 -5.46 -28.51 55.62
C TYR B 346 -5.86 -29.78 54.88
N VAL B 347 -5.74 -30.92 55.56
CA VAL B 347 -5.93 -32.22 54.95
C VAL B 347 -6.97 -32.99 55.77
N ASN B 348 -7.90 -33.64 55.06
CA ASN B 348 -9.05 -34.25 55.73
C ASN B 348 -8.64 -35.42 56.60
N SER B 349 -7.67 -36.22 56.17
CA SER B 349 -7.27 -37.40 56.92
C SER B 349 -5.83 -37.29 57.35
N PRO B 350 -5.51 -37.59 58.61
CA PRO B 350 -4.11 -37.46 59.07
C PRO B 350 -3.12 -38.31 58.31
N LYS B 351 -3.60 -39.31 57.55
CA LYS B 351 -2.67 -40.11 56.76
C LYS B 351 -2.05 -39.29 55.63
N ALA B 352 -2.79 -38.33 55.08
CA ALA B 352 -2.33 -37.55 53.95
C ALA B 352 -1.74 -36.20 54.35
N ARG B 353 -1.13 -36.11 55.53
CA ARG B 353 -0.54 -34.85 55.97
C ARG B 353 0.73 -34.54 55.18
N ARG B 354 0.95 -33.27 54.90
CA ARG B 354 2.09 -32.83 54.10
C ARG B 354 2.38 -31.38 54.42
N ILE B 355 3.59 -30.94 54.04
CA ILE B 355 3.99 -29.55 54.21
C ILE B 355 4.31 -28.96 52.83
N GLU B 356 3.82 -27.76 52.57
CA GLU B 356 3.90 -27.15 51.25
C GLU B 356 4.88 -25.99 51.27
N ALA B 357 5.84 -26.01 50.36
CA ALA B 357 6.76 -24.90 50.15
C ALA B 357 6.30 -24.13 48.91
N ARG B 358 6.09 -22.82 49.07
CA ARG B 358 5.50 -22.01 48.01
C ARG B 358 6.52 -21.21 47.21
N PHE B 359 7.74 -21.05 47.71
CA PHE B 359 8.77 -20.31 46.99
C PHE B 359 9.31 -20.99 45.73
N PRO B 360 9.32 -22.33 45.60
CA PRO B 360 9.81 -22.93 44.35
C PRO B 360 9.02 -22.45 43.14
N ASP B 361 9.71 -22.35 42.01
CA ASP B 361 9.14 -21.85 40.77
C ASP B 361 9.35 -22.87 39.66
N PRO B 362 8.45 -22.91 38.67
CA PRO B 362 8.52 -23.99 37.66
C PRO B 362 9.76 -23.97 36.80
N SER B 363 10.50 -22.85 36.75
CA SER B 363 11.73 -22.83 35.98
C SER B 363 12.87 -23.42 36.78
N ALA B 364 12.65 -24.62 37.32
CA ALA B 364 13.62 -25.30 38.17
C ALA B 364 13.76 -26.73 37.71
N ASN B 365 14.98 -27.25 37.74
CA ASN B 365 15.17 -28.66 37.47
C ASN B 365 14.42 -29.45 38.53
N PRO B 366 13.35 -30.17 38.15
CA PRO B 366 12.57 -30.87 39.17
C PRO B 366 13.39 -31.87 39.97
N TYR B 367 14.31 -32.56 39.32
CA TYR B 367 15.17 -33.50 40.02
C TYR B 367 16.02 -32.77 41.07
N LEU B 368 16.71 -31.72 40.66
CA LEU B 368 17.58 -31.01 41.58
C LEU B 368 16.78 -30.28 42.65
N ALA B 369 15.64 -29.68 42.29
CA ALA B 369 14.85 -28.97 43.28
C ALA B 369 14.31 -29.94 44.33
N PHE B 370 13.76 -31.07 43.89
CA PHE B 370 13.23 -32.04 44.83
C PHE B 370 14.34 -32.62 45.71
N ALA B 371 15.49 -32.93 45.11
CA ALA B 371 16.61 -33.47 45.89
C ALA B 371 17.11 -32.46 46.89
N ALA B 372 17.20 -31.19 46.51
CA ALA B 372 17.66 -30.16 47.44
C ALA B 372 16.68 -29.98 48.59
N LEU B 373 15.38 -29.93 48.29
CA LEU B 373 14.39 -29.80 49.36
C LEU B 373 14.43 -31.00 50.30
N LEU B 374 14.55 -32.21 49.73
CA LEU B 374 14.62 -33.40 50.57
C LEU B 374 15.86 -33.40 51.43
N MET B 375 17.01 -32.98 50.87
CA MET B 375 18.24 -32.93 51.65
C MET B 375 18.13 -31.90 52.77
N ALA B 376 17.55 -30.75 52.49
CA ALA B 376 17.40 -29.73 53.53
C ALA B 376 16.51 -30.23 54.66
N GLY B 377 15.36 -30.81 54.32
CA GLY B 377 14.49 -31.36 55.35
C GLY B 377 15.14 -32.50 56.11
N LEU B 378 15.89 -33.35 55.42
CA LEU B 378 16.56 -34.47 56.06
C LEU B 378 17.61 -33.98 57.03
N ASP B 379 18.36 -32.93 56.67
CA ASP B 379 19.35 -32.38 57.58
C ASP B 379 18.69 -31.69 58.77
N GLY B 380 17.54 -31.05 58.56
CA GLY B 380 16.79 -30.52 59.69
C GLY B 380 16.34 -31.61 60.65
N ILE B 381 15.98 -32.77 60.10
CA ILE B 381 15.62 -33.91 60.97
C ILE B 381 16.85 -34.46 61.67
N GLN B 382 17.96 -34.61 60.94
CA GLN B 382 19.16 -35.21 61.50
C GLN B 382 19.87 -34.30 62.48
N ASN B 383 19.55 -33.00 62.50
CA ASN B 383 20.07 -32.09 63.50
C ASN B 383 19.00 -31.59 64.46
N LYS B 384 17.76 -32.02 64.28
CA LYS B 384 16.65 -31.64 65.17
C LYS B 384 16.53 -30.13 65.30
N ILE B 385 16.41 -29.45 64.16
CA ILE B 385 16.31 -28.00 64.12
C ILE B 385 14.84 -27.58 64.26
N HIS B 386 14.42 -27.28 65.48
CA HIS B 386 13.06 -26.82 65.68
C HIS B 386 12.86 -25.48 65.00
N PRO B 387 11.80 -25.29 64.22
CA PRO B 387 11.61 -24.05 63.47
C PRO B 387 10.95 -22.92 64.25
N GLY B 388 10.81 -23.06 65.56
CA GLY B 388 10.28 -21.98 66.38
C GLY B 388 8.77 -22.09 66.54
N ASP B 389 8.05 -21.04 66.15
CA ASP B 389 6.61 -20.98 66.31
C ASP B 389 5.97 -20.49 65.03
N ALA B 390 4.71 -20.82 64.86
CA ALA B 390 3.96 -20.40 63.69
C ALA B 390 3.68 -18.90 63.71
N LYS B 404 10.81 -8.66 60.74
CA LYS B 404 11.91 -7.86 60.22
C LYS B 404 13.18 -8.72 60.09
N GLU B 405 13.44 -9.55 61.10
CA GLU B 405 14.56 -10.47 61.07
C GLU B 405 14.18 -11.86 60.60
N ILE B 406 12.92 -12.05 60.20
CA ILE B 406 12.50 -13.37 59.71
C ILE B 406 13.29 -13.70 58.45
N PRO B 407 13.84 -14.91 58.33
CA PRO B 407 14.59 -15.26 57.12
C PRO B 407 13.70 -15.13 55.89
N GLN B 408 14.29 -14.69 54.79
CA GLN B 408 13.57 -14.49 53.55
C GLN B 408 14.29 -15.18 52.41
N VAL B 409 13.52 -15.52 51.39
CA VAL B 409 14.09 -16.08 50.18
C VAL B 409 14.98 -15.03 49.52
N CYS B 410 16.01 -15.50 48.81
CA CYS B 410 17.00 -14.60 48.23
C CYS B 410 16.34 -13.60 47.28
N GLY B 411 16.83 -12.38 47.31
CA GLY B 411 16.32 -11.32 46.47
C GLY B 411 16.95 -11.22 45.09
N SER B 412 17.86 -12.14 44.75
CA SER B 412 18.50 -12.11 43.44
C SER B 412 19.16 -13.46 43.21
N LEU B 413 19.46 -13.74 41.94
CA LEU B 413 20.15 -14.98 41.63
C LEU B 413 21.60 -14.94 42.09
N LYS B 414 22.24 -13.77 42.04
CA LYS B 414 23.60 -13.66 42.55
C LYS B 414 23.65 -14.00 44.03
N GLU B 415 22.68 -13.51 44.80
CA GLU B 415 22.62 -13.84 46.22
C GLU B 415 22.41 -15.33 46.43
N ALA B 416 21.52 -15.94 45.65
CA ALA B 416 21.25 -17.37 45.79
C ALA B 416 22.49 -18.20 45.47
N LEU B 417 23.21 -17.84 44.40
CA LEU B 417 24.43 -18.56 44.08
C LEU B 417 25.50 -18.35 45.15
N GLU B 418 25.57 -17.15 45.72
CA GLU B 418 26.52 -16.93 46.81
C GLU B 418 26.20 -17.79 48.01
N GLU B 419 24.92 -17.86 48.40
CA GLU B 419 24.55 -18.70 49.53
C GLU B 419 24.73 -20.18 49.21
N LEU B 420 24.61 -20.57 47.94
CA LEU B 420 24.94 -21.93 47.55
C LEU B 420 26.43 -22.20 47.68
N ASP B 421 27.26 -21.19 47.39
CA ASP B 421 28.71 -21.35 47.55
C ASP B 421 29.07 -21.64 49.00
N LYS B 422 28.49 -20.90 49.92
CA LYS B 422 28.76 -21.05 51.36
C LYS B 422 27.51 -21.59 52.01
N GLY B 423 27.49 -22.91 52.24
CA GLY B 423 26.31 -23.56 52.75
C GLY B 423 25.90 -24.76 51.93
N ARG B 424 26.82 -25.28 51.13
CA ARG B 424 26.61 -26.49 50.35
C ARG B 424 26.88 -27.77 51.14
N ALA B 425 27.40 -27.65 52.36
CA ALA B 425 27.77 -28.84 53.12
C ALA B 425 26.56 -29.71 53.42
N PHE B 426 25.37 -29.13 53.48
CA PHE B 426 24.17 -29.93 53.71
C PHE B 426 23.76 -30.72 52.48
N LEU B 427 24.13 -30.26 51.29
CA LEU B 427 23.76 -30.96 50.06
C LEU B 427 24.57 -32.23 49.88
N THR B 428 25.87 -32.17 50.13
CA THR B 428 26.74 -33.33 49.95
C THR B 428 26.58 -34.31 51.11
N PHE B 433 24.59 -35.62 46.09
CA PHE B 433 25.23 -34.49 45.42
C PHE B 433 26.75 -34.65 45.43
N SER B 434 27.45 -33.64 44.90
CA SER B 434 28.90 -33.69 44.84
C SER B 434 29.43 -32.26 44.70
N ASP B 435 30.68 -32.08 45.13
CA ASP B 435 31.29 -30.76 45.03
C ASP B 435 31.54 -30.37 43.59
N ASP B 436 32.01 -31.32 42.76
CA ASP B 436 32.30 -31.02 41.37
C ASP B 436 31.03 -30.61 40.63
N PHE B 437 29.94 -31.35 40.83
CA PHE B 437 28.69 -31.02 40.16
C PHE B 437 28.17 -29.66 40.60
N ILE B 438 28.24 -29.37 41.90
CA ILE B 438 27.74 -28.09 42.39
C ILE B 438 28.58 -26.95 41.83
N ASP B 439 29.89 -27.14 41.75
CA ASP B 439 30.75 -26.11 41.15
C ASP B 439 30.40 -25.87 39.68
N ALA B 440 30.20 -26.96 38.92
CA ALA B 440 29.84 -26.79 37.51
C ALA B 440 28.49 -26.11 37.36
N TYR B 441 27.52 -26.50 38.20
CA TYR B 441 26.19 -25.89 38.13
C TYR B 441 26.24 -24.43 38.50
N LEU B 442 27.05 -24.08 39.51
CA LEU B 442 27.22 -22.68 39.88
C LEU B 442 27.88 -21.90 38.76
N GLU B 443 28.84 -22.51 38.06
CA GLU B 443 29.44 -21.85 36.91
C GLU B 443 28.39 -21.56 35.84
N LEU B 444 27.55 -22.54 35.55
CA LEU B 444 26.50 -22.37 34.55
C LEU B 444 25.55 -21.24 34.94
N LYS B 445 25.03 -21.29 36.17
CA LYS B 445 24.04 -20.30 36.59
C LYS B 445 24.66 -18.92 36.74
N SER B 446 25.94 -18.85 37.11
CA SER B 446 26.61 -17.56 37.19
C SER B 446 26.82 -16.96 35.81
N GLU B 447 27.14 -17.79 34.81
CA GLU B 447 27.22 -17.28 33.45
C GLU B 447 25.87 -16.72 33.01
N GLU B 448 24.79 -17.44 33.29
CA GLU B 448 23.46 -16.94 32.93
C GLU B 448 23.13 -15.64 33.66
N GLU B 449 23.45 -15.56 34.95
CA GLU B 449 23.14 -14.36 35.72
C GLU B 449 23.97 -13.17 35.24
N ILE B 450 25.25 -13.40 34.90
CA ILE B 450 26.07 -12.33 34.36
C ILE B 450 25.51 -11.86 33.03
N LYS B 451 25.03 -12.79 32.20
CA LYS B 451 24.43 -12.39 30.94
C LYS B 451 23.21 -11.52 31.15
N VAL B 452 22.35 -11.88 32.10
CA VAL B 452 21.15 -11.08 32.34
C VAL B 452 21.52 -9.72 32.93
N ARG B 453 22.42 -9.71 33.91
CA ARG B 453 22.59 -8.52 34.75
C ARG B 453 23.29 -7.39 34.02
N THR B 454 24.22 -7.69 33.10
CA THR B 454 25.00 -6.67 32.44
C THR B 454 24.36 -6.15 31.16
N PHE B 455 23.04 -6.25 31.04
CA PHE B 455 22.31 -5.75 29.88
C PHE B 455 21.40 -4.61 30.32
N VAL B 456 21.37 -3.54 29.51
CA VAL B 456 20.50 -2.41 29.81
C VAL B 456 19.05 -2.86 29.87
N HIS B 457 18.26 -2.14 30.66
CA HIS B 457 16.85 -2.39 30.85
C HIS B 457 16.03 -1.25 30.26
N PRO B 458 14.93 -1.53 29.56
CA PRO B 458 14.07 -0.44 29.08
C PRO B 458 13.59 0.49 30.18
N LEU B 459 13.33 -0.05 31.37
CA LEU B 459 12.94 0.80 32.48
C LEU B 459 14.08 1.74 32.87
N GLU B 460 15.32 1.37 32.59
CA GLU B 460 16.43 2.29 32.83
C GLU B 460 16.39 3.46 31.85
N TYR B 461 15.82 3.28 30.67
CA TYR B 461 15.49 4.44 29.84
C TYR B 461 14.32 5.21 30.43
N ASP B 462 13.29 4.51 30.92
CA ASP B 462 12.14 5.19 31.50
C ASP B 462 12.55 6.08 32.66
N LEU B 463 13.66 5.74 33.34
CA LEU B 463 14.10 6.48 34.51
C LEU B 463 15.26 7.42 34.24
N TYR B 464 16.36 6.92 33.67
CA TYR B 464 17.63 7.62 33.64
C TYR B 464 17.99 8.20 32.27
N TYR B 465 17.05 8.26 31.34
CA TYR B 465 17.37 8.84 30.03
C TYR B 465 17.64 10.34 30.14
N SER B 466 16.73 11.07 30.78
CA SER B 466 16.85 12.52 30.88
C SER B 466 17.53 12.92 32.18
N VAL B 467 18.72 12.36 32.39
CA VAL B 467 19.51 12.73 33.57
C VAL B 467 20.37 13.93 33.25
N SER C 2 -27.31 -38.31 44.67
CA SER C 2 -27.03 -39.37 43.72
C SER C 2 -27.43 -38.96 42.31
N LYS C 3 -28.01 -37.77 42.18
CA LYS C 3 -28.38 -37.28 40.85
C LYS C 3 -27.16 -37.11 39.97
N SER C 4 -26.08 -36.56 40.53
CA SER C 4 -24.84 -36.43 39.76
C SER C 4 -24.29 -37.78 39.35
N LEU C 5 -24.30 -38.74 40.28
CA LEU C 5 -23.75 -40.06 39.97
C LEU C 5 -24.55 -40.75 38.87
N GLN C 6 -25.88 -40.68 38.94
CA GLN C 6 -26.71 -41.32 37.93
C GLN C 6 -26.60 -40.60 36.59
N LEU C 7 -26.45 -39.27 36.60
CA LEU C 7 -26.21 -38.55 35.35
C LEU C 7 -24.88 -38.95 34.73
N ILE C 8 -23.84 -39.10 35.55
CA ILE C 8 -22.54 -39.54 35.05
C ILE C 8 -22.65 -40.92 34.45
N LYS C 9 -23.32 -41.84 35.15
CA LYS C 9 -23.46 -43.20 34.64
C LYS C 9 -24.27 -43.25 33.36
N GLU C 10 -25.18 -42.29 33.16
CA GLU C 10 -25.96 -42.28 31.94
C GLU C 10 -25.25 -41.64 30.76
N HIS C 11 -24.49 -40.56 30.98
CA HIS C 11 -23.89 -39.83 29.88
C HIS C 11 -22.38 -40.02 29.77
N ASP C 12 -21.79 -40.88 30.60
CA ASP C 12 -20.34 -41.11 30.58
C ASP C 12 -19.59 -39.79 30.75
N VAL C 13 -20.00 -39.02 31.74
CA VAL C 13 -19.42 -37.71 31.99
C VAL C 13 -17.96 -37.86 32.38
N LYS C 14 -17.09 -37.05 31.78
CA LYS C 14 -15.65 -37.14 32.04
C LYS C 14 -15.15 -36.05 32.98
N TRP C 15 -15.78 -34.88 33.01
CA TRP C 15 -15.32 -33.77 33.81
C TRP C 15 -16.47 -33.23 34.66
N ILE C 16 -16.13 -32.67 35.81
CA ILE C 16 -17.08 -32.08 36.73
C ILE C 16 -16.67 -30.63 36.96
N ASP C 17 -17.61 -29.71 36.76
CA ASP C 17 -17.38 -28.29 36.96
C ASP C 17 -18.09 -27.87 38.25
N LEU C 18 -17.31 -27.69 39.32
CA LEU C 18 -17.84 -27.11 40.55
C LEU C 18 -17.98 -25.61 40.35
N ARG C 19 -19.18 -25.07 40.59
CA ARG C 19 -19.45 -23.68 40.30
C ARG C 19 -20.05 -23.00 41.52
N PHE C 20 -19.72 -21.72 41.67
CA PHE C 20 -20.26 -20.90 42.74
C PHE C 20 -20.41 -19.47 42.22
N THR C 21 -20.90 -18.60 43.09
CA THR C 21 -21.08 -17.19 42.76
C THR C 21 -20.37 -16.33 43.79
N ASP C 22 -19.55 -15.39 43.32
CA ASP C 22 -18.79 -14.55 44.22
C ASP C 22 -19.62 -13.33 44.61
N THR C 23 -19.00 -12.37 45.30
CA THR C 23 -19.72 -11.17 45.70
C THR C 23 -20.14 -10.36 44.49
N LYS C 24 -19.28 -10.27 43.47
CA LYS C 24 -19.60 -9.50 42.28
C LYS C 24 -20.76 -10.09 41.49
N GLY C 25 -21.03 -11.38 41.66
CA GLY C 25 -22.13 -12.02 40.97
C GLY C 25 -21.76 -12.77 39.70
N LYS C 26 -20.48 -12.99 39.45
CA LYS C 26 -20.05 -13.69 38.25
C LYS C 26 -19.65 -15.12 38.60
N GLN C 27 -20.29 -16.08 37.95
CA GLN C 27 -20.09 -17.47 38.31
C GLN C 27 -18.63 -17.89 38.11
N GLN C 28 -18.16 -18.74 39.02
CA GLN C 28 -16.80 -19.23 39.05
C GLN C 28 -16.81 -20.74 39.00
N HIS C 29 -15.87 -21.33 38.25
CA HIS C 29 -15.88 -22.76 38.03
C HIS C 29 -14.49 -23.35 38.15
N VAL C 30 -14.43 -24.52 38.78
CA VAL C 30 -13.22 -25.34 38.88
C VAL C 30 -13.54 -26.71 38.33
N THR C 31 -12.70 -27.21 37.42
CA THR C 31 -12.96 -28.46 36.75
C THR C 31 -12.08 -29.57 37.30
N MET C 32 -12.62 -30.78 37.37
CA MET C 32 -11.90 -31.93 37.91
C MET C 32 -12.32 -33.17 37.15
N PRO C 33 -11.49 -34.21 37.12
CA PRO C 33 -11.91 -35.46 36.48
C PRO C 33 -13.08 -36.09 37.21
N ALA C 34 -13.96 -36.73 36.45
CA ALA C 34 -15.16 -37.30 37.03
C ALA C 34 -14.91 -38.58 37.83
N ARG C 35 -13.74 -39.19 37.67
CA ARG C 35 -13.44 -40.40 38.44
C ARG C 35 -13.36 -40.15 39.93
N ASP C 36 -13.19 -38.90 40.35
CA ASP C 36 -13.04 -38.56 41.75
C ASP C 36 -14.36 -38.26 42.43
N VAL C 37 -15.48 -38.44 41.74
CA VAL C 37 -16.79 -38.21 42.33
C VAL C 37 -17.26 -39.50 42.98
N ASP C 38 -17.45 -39.46 44.30
CA ASP C 38 -17.94 -40.60 45.06
C ASP C 38 -18.55 -40.05 46.34
N ASP C 39 -18.82 -40.95 47.30
CA ASP C 39 -19.48 -40.54 48.53
C ASP C 39 -18.63 -39.56 49.33
N ASP C 40 -17.33 -39.82 49.43
CA ASP C 40 -16.46 -38.91 50.16
C ASP C 40 -16.36 -37.55 49.48
N PHE C 41 -16.42 -37.53 48.14
CA PHE C 41 -16.41 -36.26 47.43
C PHE C 41 -17.63 -35.44 47.77
N PHE C 42 -18.79 -36.07 47.86
CA PHE C 42 -20.02 -35.38 48.23
C PHE C 42 -20.11 -35.11 49.72
N GLU C 43 -19.26 -35.73 50.53
CA GLU C 43 -19.26 -35.49 51.97
C GLU C 43 -18.30 -34.37 52.37
N TYR C 44 -17.13 -34.29 51.73
CA TYR C 44 -16.08 -33.38 52.16
C TYR C 44 -15.78 -32.27 51.17
N GLY C 45 -16.35 -32.30 49.97
CA GLY C 45 -16.10 -31.24 49.03
C GLY C 45 -14.68 -31.26 48.49
N LYS C 46 -14.24 -30.11 47.99
CA LYS C 46 -12.90 -29.97 47.44
C LYS C 46 -12.23 -28.73 48.00
N MET C 47 -10.93 -28.82 48.26
CA MET C 47 -10.19 -27.68 48.78
C MET C 47 -9.95 -26.65 47.69
N PHE C 48 -10.06 -25.37 48.04
CA PHE C 48 -9.72 -24.32 47.09
C PHE C 48 -9.36 -23.06 47.84
N ASP C 49 -8.42 -22.30 47.28
CA ASP C 49 -7.92 -21.08 47.91
C ASP C 49 -8.80 -19.91 47.50
N GLY C 50 -9.63 -19.45 48.43
CA GLY C 50 -10.55 -18.36 48.17
C GLY C 50 -10.01 -16.99 48.49
N SER C 51 -8.72 -16.86 48.77
CA SER C 51 -8.15 -15.57 49.14
C SER C 51 -8.11 -14.58 47.99
N SER C 52 -8.35 -15.03 46.75
CA SER C 52 -8.26 -14.20 45.57
C SER C 52 -9.62 -14.03 44.89
N ILE C 53 -10.67 -13.81 45.69
CA ILE C 53 -12.00 -13.60 45.15
C ILE C 53 -12.68 -12.41 45.83
N ASP C 63 -8.08 -20.88 52.53
CA ASP C 63 -8.52 -22.21 52.11
C ASP C 63 -9.95 -22.48 52.57
N MET C 64 -10.79 -22.91 51.64
CA MET C 64 -12.20 -23.15 51.91
C MET C 64 -12.66 -24.37 51.12
N ILE C 65 -13.76 -24.96 51.59
CA ILE C 65 -14.26 -26.21 51.07
C ILE C 65 -15.37 -25.93 50.06
N LEU C 66 -15.42 -26.71 48.99
CA LEU C 66 -16.51 -26.66 48.03
C LEU C 66 -17.39 -27.88 48.28
N MET C 67 -18.60 -27.63 48.83
CA MET C 67 -19.59 -28.68 48.99
C MET C 67 -20.46 -28.74 47.75
N PRO C 68 -20.39 -29.79 46.94
CA PRO C 68 -21.29 -29.89 45.79
C PRO C 68 -22.72 -30.09 46.24
N ASP C 69 -23.64 -29.54 45.47
CA ASP C 69 -25.08 -29.73 45.66
C ASP C 69 -25.57 -30.66 44.56
N ASP C 70 -26.06 -31.84 44.96
CA ASP C 70 -26.42 -32.85 43.98
C ASP C 70 -27.59 -32.41 43.10
N SER C 71 -28.54 -31.68 43.67
CA SER C 71 -29.77 -31.34 42.96
C SER C 71 -29.51 -30.42 41.77
N THR C 72 -28.35 -29.79 41.68
CA THR C 72 -28.05 -28.87 40.60
C THR C 72 -27.18 -29.48 39.51
N ALA C 73 -26.95 -30.79 39.55
CA ALA C 73 -26.14 -31.42 38.52
C ALA C 73 -26.87 -31.39 37.19
N VAL C 74 -26.19 -30.88 36.16
CA VAL C 74 -26.77 -30.80 34.83
C VAL C 74 -25.62 -30.74 33.83
N LEU C 75 -25.87 -31.23 32.63
CA LEU C 75 -24.80 -31.33 31.64
C LEU C 75 -24.57 -29.99 30.96
N ASP C 76 -23.42 -29.90 30.27
CA ASP C 76 -23.01 -28.69 29.58
C ASP C 76 -23.07 -28.92 28.08
N PRO C 77 -23.86 -28.13 27.33
CA PRO C 77 -23.92 -28.30 25.87
C PRO C 77 -22.84 -27.55 25.10
N PHE C 78 -21.96 -26.81 25.77
CA PHE C 78 -20.89 -26.09 25.10
C PHE C 78 -19.54 -26.78 25.19
N THR C 79 -19.29 -27.49 26.28
CA THR C 79 -18.05 -28.24 26.40
C THR C 79 -18.03 -29.40 25.40
N GLU C 80 -16.89 -29.57 24.73
CA GLU C 80 -16.76 -30.66 23.77
C GLU C 80 -16.93 -32.00 24.46
N GLU C 81 -16.02 -32.34 25.37
CA GLU C 81 -16.15 -33.55 26.15
C GLU C 81 -17.32 -33.41 27.12
N PRO C 82 -17.99 -34.51 27.44
CA PRO C 82 -19.17 -34.42 28.33
C PRO C 82 -18.78 -34.06 29.75
N THR C 83 -19.17 -32.87 30.19
CA THR C 83 -18.94 -32.41 31.55
C THR C 83 -20.26 -32.15 32.25
N LEU C 84 -20.25 -32.32 33.56
CA LEU C 84 -21.41 -32.15 34.41
C LEU C 84 -21.20 -30.94 35.31
N ILE C 85 -22.16 -30.02 35.29
CA ILE C 85 -22.06 -28.78 36.05
C ILE C 85 -22.75 -28.99 37.39
N ILE C 86 -22.01 -28.77 38.48
CA ILE C 86 -22.56 -28.89 39.83
C ILE C 86 -22.39 -27.55 40.52
N VAL C 87 -23.49 -26.93 40.89
CA VAL C 87 -23.44 -25.67 41.64
C VAL C 87 -23.13 -26.01 43.08
N CYS C 88 -22.07 -25.43 43.61
CA CYS C 88 -21.54 -25.81 44.91
C CYS C 88 -21.64 -24.65 45.88
N ASP C 89 -21.76 -24.99 47.16
CA ASP C 89 -21.76 -24.03 48.24
C ASP C 89 -20.36 -23.93 48.85
N ILE C 90 -20.07 -22.77 49.42
CA ILE C 90 -18.79 -22.51 50.06
C ILE C 90 -18.89 -22.86 51.54
N ILE C 91 -17.94 -23.65 52.02
CA ILE C 91 -17.92 -24.12 53.40
C ILE C 91 -16.68 -23.55 54.06
N GLU C 92 -16.86 -22.83 55.15
CA GLU C 92 -15.73 -22.37 55.94
C GLU C 92 -15.24 -23.51 56.82
N PRO C 93 -13.95 -23.83 56.79
CA PRO C 93 -13.45 -24.93 57.65
C PRO C 93 -13.59 -24.65 59.13
N SER C 94 -13.79 -23.39 59.53
CA SER C 94 -13.94 -23.07 60.95
C SER C 94 -15.19 -23.72 61.54
N THR C 95 -16.34 -23.51 60.92
CA THR C 95 -17.61 -23.99 61.44
C THR C 95 -18.28 -25.04 60.58
N MET C 96 -17.72 -25.37 59.42
CA MET C 96 -18.32 -26.30 58.47
C MET C 96 -19.75 -25.87 58.13
N GLN C 97 -19.93 -24.57 57.98
CA GLN C 97 -21.20 -23.98 57.57
C GLN C 97 -20.94 -23.03 56.41
N GLY C 98 -22.01 -22.69 55.70
CA GLY C 98 -21.88 -21.81 54.56
C GLY C 98 -21.30 -20.46 54.95
N TYR C 99 -20.37 -19.97 54.13
CA TYR C 99 -19.76 -18.67 54.35
C TYR C 99 -20.85 -17.61 54.46
N ASP C 100 -20.73 -16.75 55.48
CA ASP C 100 -21.66 -15.62 55.60
C ASP C 100 -21.58 -14.68 54.41
N ARG C 101 -20.45 -14.68 53.69
CA ARG C 101 -20.27 -13.85 52.51
C ARG C 101 -20.55 -14.60 51.21
N ASP C 102 -20.94 -15.86 51.27
CA ASP C 102 -21.29 -16.61 50.07
C ASP C 102 -22.73 -16.29 49.68
N PRO C 103 -22.97 -15.71 48.50
CA PRO C 103 -24.35 -15.34 48.13
C PRO C 103 -25.31 -16.52 48.10
N ARG C 104 -24.85 -17.71 47.71
CA ARG C 104 -25.73 -18.87 47.73
C ARG C 104 -26.14 -19.22 49.16
N ALA C 105 -25.19 -19.14 50.10
CA ALA C 105 -25.52 -19.36 51.50
C ALA C 105 -26.52 -18.33 51.98
N ILE C 106 -26.38 -17.08 51.52
CA ILE C 106 -27.33 -16.05 51.89
C ILE C 106 -28.71 -16.36 51.34
N ALA C 107 -28.78 -16.90 50.12
CA ALA C 107 -30.06 -17.30 49.57
C ALA C 107 -30.70 -18.43 50.37
N ARG C 108 -29.88 -19.42 50.77
CA ARG C 108 -30.40 -20.50 51.62
C ARG C 108 -30.94 -19.94 52.92
N ARG C 109 -30.21 -19.01 53.55
CA ARG C 109 -30.67 -18.43 54.80
C ARG C 109 -31.92 -17.60 54.60
N ALA C 110 -32.06 -16.92 53.46
CA ALA C 110 -33.28 -16.17 53.18
C ALA C 110 -34.47 -17.10 53.04
N GLU C 111 -34.29 -18.23 52.35
CA GLU C 111 -35.36 -19.20 52.23
C GLU C 111 -35.72 -19.78 53.60
N GLU C 112 -34.71 -20.07 54.43
CA GLU C 112 -34.96 -20.58 55.77
C GLU C 112 -35.73 -19.57 56.61
N TYR C 113 -35.35 -18.30 56.53
CA TYR C 113 -36.05 -17.27 57.29
C TYR C 113 -37.49 -17.12 56.81
N LEU C 114 -37.71 -17.21 55.49
CA LEU C 114 -39.06 -17.18 54.98
C LEU C 114 -39.89 -18.34 55.51
N LYS C 115 -39.30 -19.54 55.53
CA LYS C 115 -40.01 -20.70 56.05
C LYS C 115 -40.34 -20.53 57.54
N SER C 116 -39.39 -19.97 58.30
CA SER C 116 -39.55 -19.88 59.74
C SER C 116 -40.42 -18.71 60.19
N THR C 117 -40.57 -17.67 59.37
CA THR C 117 -41.34 -16.50 59.80
C THR C 117 -42.83 -16.78 59.90
N GLY C 118 -43.32 -17.84 59.26
CA GLY C 118 -44.73 -18.18 59.30
C GLY C 118 -45.59 -17.35 58.40
N ILE C 119 -45.03 -16.39 57.67
CA ILE C 119 -45.81 -15.56 56.76
C ILE C 119 -46.25 -16.38 55.54
N GLY C 120 -45.33 -17.14 54.98
CA GLY C 120 -45.63 -17.96 53.82
C GLY C 120 -44.62 -19.08 53.73
N ASP C 121 -44.35 -19.52 52.50
CA ASP C 121 -43.38 -20.56 52.26
C ASP C 121 -43.04 -20.60 50.78
N THR C 122 -41.81 -21.01 50.48
CA THR C 122 -41.38 -21.33 49.11
C THR C 122 -41.70 -20.19 48.14
N ALA C 123 -40.98 -19.08 48.35
CA ALA C 123 -41.16 -17.91 47.49
C ALA C 123 -40.91 -18.27 46.04
N PHE C 124 -41.79 -17.81 45.16
CA PHE C 124 -41.69 -18.04 43.74
C PHE C 124 -41.21 -16.75 43.07
N PHE C 125 -40.05 -16.83 42.41
CA PHE C 125 -39.42 -15.70 41.76
C PHE C 125 -39.30 -15.97 40.27
N GLY C 126 -39.70 -14.99 39.46
CA GLY C 126 -39.60 -15.10 38.03
C GLY C 126 -38.86 -13.93 37.43
N PRO C 127 -37.70 -14.18 36.83
CA PRO C 127 -36.89 -13.11 36.25
C PRO C 127 -37.16 -12.90 34.78
N GLU C 128 -37.09 -11.64 34.36
CA GLU C 128 -37.15 -11.26 32.95
C GLU C 128 -35.95 -10.36 32.71
N PRO C 129 -34.79 -10.95 32.42
CA PRO C 129 -33.62 -10.14 32.05
C PRO C 129 -33.49 -10.02 30.54
N GLU C 130 -32.96 -8.88 30.08
CA GLU C 130 -32.73 -8.64 28.66
C GLU C 130 -31.25 -8.42 28.43
N PHE C 131 -30.77 -8.85 27.26
CA PHE C 131 -29.36 -8.74 26.94
C PHE C 131 -29.20 -8.06 25.58
N PHE C 132 -27.95 -7.79 25.22
CA PHE C 132 -27.62 -7.20 23.93
C PHE C 132 -26.68 -8.13 23.18
N ILE C 133 -26.96 -8.37 21.91
CA ILE C 133 -26.09 -9.20 21.08
C ILE C 133 -25.31 -8.27 20.16
N PHE C 134 -24.03 -8.09 20.45
CA PHE C 134 -23.16 -7.23 19.69
C PHE C 134 -22.18 -8.06 18.90
N ASP C 135 -21.94 -7.68 17.64
CA ASP C 135 -20.94 -8.40 16.86
C ASP C 135 -19.53 -8.18 17.41
N GLU C 136 -19.30 -7.04 18.05
CA GLU C 136 -17.99 -6.74 18.62
C GLU C 136 -18.15 -5.56 19.58
N VAL C 137 -17.26 -5.50 20.57
CA VAL C 137 -17.22 -4.39 21.51
C VAL C 137 -15.76 -4.05 21.79
N LYS C 138 -15.44 -2.76 21.78
CA LYS C 138 -14.12 -2.28 22.12
C LYS C 138 -14.24 -1.20 23.19
N TYR C 139 -13.24 -1.12 24.05
CA TYR C 139 -13.23 -0.10 25.10
C TYR C 139 -11.85 -0.04 25.72
N LYS C 140 -11.49 1.14 26.20
CA LYS C 140 -10.24 1.35 26.92
C LYS C 140 -10.23 2.71 27.61
N SER C 141 -9.91 2.74 28.90
CA SER C 141 -9.89 3.96 29.67
C SER C 141 -8.57 4.08 30.40
N ASP C 142 -7.81 5.13 30.11
CA ASP C 142 -6.53 5.37 30.75
C ASP C 142 -6.28 6.86 30.78
N ILE C 143 -5.02 7.24 31.05
CA ILE C 143 -4.67 8.65 31.13
C ILE C 143 -4.88 9.35 29.80
N SER C 144 -4.52 8.68 28.70
CA SER C 144 -4.66 9.28 27.38
C SER C 144 -6.12 9.61 27.08
N GLY C 145 -7.03 8.70 27.40
CA GLY C 145 -8.44 8.96 27.20
C GLY C 145 -9.29 7.72 27.05
N SER C 146 -10.49 7.76 27.61
CA SER C 146 -11.41 6.63 27.54
C SER C 146 -12.03 6.52 26.15
N MET C 147 -12.65 5.37 25.90
CA MET C 147 -13.23 5.06 24.61
C MET C 147 -14.07 3.80 24.75
N PHE C 148 -15.21 3.76 24.05
CA PHE C 148 -15.95 2.52 23.89
C PHE C 148 -16.76 2.60 22.60
N LYS C 149 -16.82 1.47 21.89
CA LYS C 149 -17.40 1.38 20.56
C LYS C 149 -18.10 0.04 20.41
N ILE C 150 -19.26 0.07 19.77
CA ILE C 150 -20.09 -1.11 19.58
C ILE C 150 -20.17 -1.39 18.08
N PHE C 151 -19.70 -2.57 17.68
CA PHE C 151 -19.78 -3.01 16.29
C PHE C 151 -20.98 -3.93 16.19
N SER C 152 -22.06 -3.42 15.62
CA SER C 152 -23.29 -4.18 15.46
C SER C 152 -23.78 -4.02 14.03
N GLU C 153 -23.88 -5.14 13.30
CA GLU C 153 -24.33 -5.09 11.92
C GLU C 153 -25.76 -4.58 11.82
N GLN C 154 -26.61 -4.96 12.76
CA GLN C 154 -28.01 -4.57 12.75
C GLN C 154 -28.27 -3.24 13.43
N ALA C 155 -27.22 -2.56 13.87
CA ALA C 155 -27.39 -1.29 14.57
C ALA C 155 -27.95 -0.22 13.66
N ALA C 156 -28.79 0.64 14.23
CA ALA C 156 -29.42 1.71 13.47
C ALA C 156 -28.43 2.75 12.95
N TRP C 157 -27.20 2.75 13.45
CA TRP C 157 -26.18 3.68 12.98
C TRP C 157 -25.34 3.09 11.84
N ASN C 158 -25.56 1.84 11.47
CA ASN C 158 -24.80 1.17 10.43
C ASN C 158 -25.54 1.13 9.10
N THR C 159 -26.43 2.09 8.86
CA THR C 159 -27.24 2.08 7.65
C THR C 159 -26.39 2.23 6.39
N ASP C 160 -25.24 2.89 6.50
CA ASP C 160 -24.36 3.08 5.35
C ASP C 160 -22.97 2.49 5.59
N ALA C 161 -22.85 1.51 6.48
CA ALA C 161 -21.55 0.90 6.74
C ALA C 161 -21.25 -0.16 5.69
N ASP C 162 -19.96 -0.50 5.59
CA ASP C 162 -19.49 -1.52 4.65
C ASP C 162 -19.30 -2.82 5.40
N PHE C 163 -20.15 -3.80 5.10
CA PHE C 163 -20.06 -5.13 5.68
C PHE C 163 -19.70 -6.14 4.60
N GLU C 164 -18.82 -7.07 4.94
CA GLU C 164 -18.59 -8.20 4.04
C GLU C 164 -19.88 -9.00 3.92
N GLY C 165 -20.20 -9.40 2.70
CA GLY C 165 -21.49 -10.00 2.43
C GLY C 165 -22.60 -9.01 2.14
N GLY C 166 -22.30 -7.73 2.14
CA GLY C 166 -23.24 -6.71 1.74
C GLY C 166 -23.91 -6.04 2.92
N ASN C 167 -24.30 -4.78 2.71
CA ASN C 167 -25.05 -4.00 3.70
C ASN C 167 -26.51 -4.03 3.28
N LYS C 168 -27.19 -5.11 3.65
CA LYS C 168 -28.64 -5.14 3.47
C LYS C 168 -29.29 -4.07 4.33
N GLY C 169 -30.24 -3.35 3.78
CA GLY C 169 -30.76 -2.17 4.41
C GLY C 169 -31.80 -2.39 5.48
N HIS C 170 -32.02 -3.62 5.91
CA HIS C 170 -33.01 -3.93 6.93
C HIS C 170 -32.33 -3.96 8.29
N ARG C 171 -32.63 -2.97 9.12
CA ARG C 171 -32.09 -2.87 10.48
C ARG C 171 -33.04 -2.04 11.33
N PRO C 172 -33.35 -2.48 12.54
CA PRO C 172 -34.29 -1.72 13.37
C PRO C 172 -33.71 -0.37 13.77
N GLY C 173 -34.58 0.63 13.85
CA GLY C 173 -34.19 1.93 14.31
C GLY C 173 -34.15 2.01 15.82
N VAL C 174 -33.70 3.16 16.32
CA VAL C 174 -33.63 3.34 17.77
C VAL C 174 -35.03 3.34 18.35
N LYS C 175 -35.18 2.66 19.49
CA LYS C 175 -36.46 2.47 20.16
C LYS C 175 -37.50 1.82 19.27
N GLY C 176 -37.08 1.18 18.18
CA GLY C 176 -38.01 0.60 17.24
C GLY C 176 -37.63 -0.80 16.81
N GLY C 177 -36.95 -1.53 17.69
CA GLY C 177 -36.59 -2.91 17.42
C GLY C 177 -37.55 -3.88 18.03
N TYR C 178 -38.75 -3.41 18.37
CA TYR C 178 -39.75 -4.24 19.06
C TYR C 178 -40.50 -5.08 18.03
N PHE C 179 -40.23 -6.38 18.03
CA PHE C 179 -40.86 -7.38 17.18
C PHE C 179 -40.68 -7.12 15.69
N PRO C 180 -39.46 -7.10 15.15
CA PRO C 180 -39.31 -7.13 13.69
C PRO C 180 -39.50 -8.54 13.16
N VAL C 181 -39.25 -8.73 11.86
CA VAL C 181 -39.35 -10.02 11.21
C VAL C 181 -37.93 -10.40 10.79
N PRO C 182 -37.57 -11.68 10.69
CA PRO C 182 -36.18 -12.09 10.40
C PRO C 182 -35.51 -11.32 9.28
N PRO C 183 -36.25 -10.76 8.31
CA PRO C 183 -35.61 -9.77 7.43
C PRO C 183 -34.96 -8.63 8.20
N VAL C 184 -35.58 -8.14 9.27
CA VAL C 184 -35.02 -7.08 10.09
C VAL C 184 -34.47 -7.68 11.38
N ASP C 185 -35.12 -8.74 11.86
CA ASP C 185 -34.76 -9.40 13.11
C ASP C 185 -33.63 -10.38 12.84
N HIS C 186 -32.40 -9.89 12.89
CA HIS C 186 -31.25 -10.74 12.59
C HIS C 186 -31.06 -11.86 13.59
N ASP C 187 -31.61 -11.72 14.80
CA ASP C 187 -31.25 -12.58 15.92
C ASP C 187 -32.19 -13.76 16.10
N HIS C 188 -33.11 -14.01 15.17
CA HIS C 188 -34.06 -15.11 15.34
C HIS C 188 -33.35 -16.45 15.45
N GLU C 189 -32.40 -16.70 14.54
CA GLU C 189 -31.66 -17.96 14.59
C GLU C 189 -30.83 -18.06 15.86
N ILE C 190 -30.16 -16.98 16.24
CA ILE C 190 -29.31 -17.03 17.43
C ILE C 190 -30.17 -17.08 18.70
N ARG C 191 -31.33 -16.42 18.71
CA ARG C 191 -32.22 -16.56 19.86
C ARG C 191 -32.75 -17.98 19.99
N THR C 192 -33.06 -18.62 18.86
CA THR C 192 -33.46 -20.02 18.89
C THR C 192 -32.31 -20.91 19.38
N ALA C 193 -31.08 -20.60 18.98
CA ALA C 193 -29.93 -21.36 19.48
C ALA C 193 -29.78 -21.20 20.99
N MET C 194 -29.92 -19.98 21.50
CA MET C 194 -29.86 -19.77 22.94
C MET C 194 -30.98 -20.50 23.66
N CYS C 195 -32.17 -20.52 23.07
CA CYS C 195 -33.28 -21.25 23.67
C CYS C 195 -33.01 -22.74 23.70
N ASN C 196 -32.40 -23.28 22.63
CA ASN C 196 -32.02 -24.69 22.62
C ASN C 196 -30.99 -24.98 23.71
N ALA C 197 -30.02 -24.09 23.89
CA ALA C 197 -29.03 -24.26 24.95
C ALA C 197 -29.70 -24.22 26.32
N LEU C 198 -30.67 -23.31 26.51
CA LEU C 198 -31.40 -23.26 27.77
C LEU C 198 -32.16 -24.55 28.02
N GLU C 199 -32.84 -25.07 26.98
CA GLU C 199 -33.60 -26.30 27.15
C GLU C 199 -32.70 -27.50 27.37
N GLU C 200 -31.45 -27.43 26.89
CA GLU C 200 -30.53 -28.54 27.12
C GLU C 200 -30.17 -28.65 28.60
N MET C 201 -30.05 -27.54 29.31
CA MET C 201 -29.72 -27.55 30.73
C MET C 201 -30.96 -27.35 31.59
N GLY C 202 -32.09 -27.90 31.16
CA GLY C 202 -33.27 -27.97 31.99
C GLY C 202 -33.92 -26.64 32.34
N LEU C 203 -33.97 -25.71 31.40
CA LEU C 203 -34.69 -24.46 31.57
C LEU C 203 -35.97 -24.50 30.74
N LYS C 204 -37.11 -24.26 31.38
CA LYS C 204 -38.39 -24.26 30.69
C LYS C 204 -38.59 -22.89 30.06
N VAL C 205 -38.10 -22.74 28.83
CA VAL C 205 -38.30 -21.49 28.10
C VAL C 205 -39.78 -21.31 27.84
N GLU C 206 -40.22 -20.05 27.83
CA GLU C 206 -41.62 -19.75 27.53
C GLU C 206 -41.79 -18.66 26.48
N VAL C 207 -40.79 -17.82 26.22
CA VAL C 207 -40.88 -16.83 25.16
C VAL C 207 -39.48 -16.39 24.80
N HIS C 208 -39.30 -15.91 23.57
CA HIS C 208 -38.04 -15.30 23.18
C HIS C 208 -38.29 -14.37 22.00
N HIS C 209 -37.74 -13.16 22.08
CA HIS C 209 -38.03 -12.16 21.07
C HIS C 209 -36.96 -11.08 21.08
N HIS C 210 -37.09 -10.14 20.15
CA HIS C 210 -36.20 -9.00 20.04
C HIS C 210 -36.81 -7.82 20.79
N GLU C 211 -36.03 -7.23 21.69
CA GLU C 211 -36.56 -6.18 22.55
C GLU C 211 -36.46 -4.82 21.85
N VAL C 212 -36.84 -3.77 22.57
CA VAL C 212 -37.08 -2.47 21.96
C VAL C 212 -35.80 -1.91 21.34
N ALA C 213 -34.68 -2.02 22.05
CA ALA C 213 -33.47 -1.33 21.65
C ALA C 213 -32.95 -1.85 20.31
N THR C 214 -32.19 -0.99 19.63
CA THR C 214 -31.50 -1.39 18.41
C THR C 214 -30.22 -2.12 18.77
N ALA C 215 -29.37 -2.36 17.78
CA ALA C 215 -28.03 -2.94 17.91
C ALA C 215 -28.06 -4.39 18.38
N GLY C 216 -29.23 -4.97 18.63
CA GLY C 216 -29.30 -6.38 18.95
C GLY C 216 -29.77 -6.72 20.34
N GLN C 217 -30.62 -5.90 20.94
CA GLN C 217 -31.20 -6.26 22.22
C GLN C 217 -32.24 -7.35 22.05
N ASN C 218 -32.22 -8.32 22.98
CA ASN C 218 -33.11 -9.47 22.90
C ASN C 218 -33.50 -9.87 24.31
N GLU C 219 -34.57 -10.67 24.39
CA GLU C 219 -35.03 -11.22 25.66
C GLU C 219 -35.45 -12.66 25.45
N ILE C 220 -35.23 -13.48 26.49
CA ILE C 220 -35.68 -14.86 26.54
C ILE C 220 -36.36 -15.04 27.89
N GLY C 221 -37.69 -14.99 27.90
CA GLY C 221 -38.44 -15.14 29.13
C GLY C 221 -38.63 -16.60 29.48
N VAL C 222 -38.26 -16.96 30.71
CA VAL C 222 -38.27 -18.32 31.21
C VAL C 222 -39.11 -18.35 32.47
N SER C 223 -39.75 -19.49 32.73
CA SER C 223 -40.70 -19.65 33.82
C SER C 223 -40.06 -19.46 35.18
N PHE C 224 -40.87 -19.50 36.24
CA PHE C 224 -40.42 -19.17 37.58
C PHE C 224 -39.93 -20.41 38.32
N ASN C 225 -39.44 -20.20 39.54
CA ASN C 225 -38.92 -21.29 40.38
C ASN C 225 -38.74 -20.71 41.79
N THR C 226 -38.18 -21.54 42.68
CA THR C 226 -37.85 -21.08 44.02
C THR C 226 -36.59 -20.22 43.98
N LEU C 227 -36.39 -19.47 45.07
CA LEU C 227 -35.39 -18.39 45.06
C LEU C 227 -34.00 -18.91 44.72
N VAL C 228 -33.53 -19.94 45.43
CA VAL C 228 -32.20 -20.46 45.16
C VAL C 228 -32.14 -21.10 43.78
N ALA C 229 -33.14 -21.91 43.45
CA ALA C 229 -33.17 -22.53 42.13
C ALA C 229 -33.28 -21.48 41.04
N LYS C 230 -34.05 -20.43 41.27
CA LYS C 230 -34.19 -19.39 40.25
C LYS C 230 -32.90 -18.60 40.07
N ALA C 231 -32.17 -18.35 41.16
CA ALA C 231 -30.87 -17.69 41.01
C ALA C 231 -29.91 -18.57 40.24
N ASP C 232 -29.92 -19.87 40.52
CA ASP C 232 -29.09 -20.79 39.74
C ASP C 232 -29.49 -20.80 38.28
N GLU C 233 -30.78 -20.69 38.01
CA GLU C 233 -31.25 -20.66 36.62
C GLU C 233 -30.93 -19.33 35.95
N VAL C 234 -30.83 -18.24 36.71
CA VAL C 234 -30.42 -16.97 36.11
C VAL C 234 -28.95 -17.03 35.72
N GLN C 235 -28.11 -17.57 36.61
CA GLN C 235 -26.72 -17.84 36.22
C GLN C 235 -26.66 -18.77 35.03
N THR C 236 -27.53 -19.78 35.00
CA THR C 236 -27.62 -20.69 33.86
C THR C 236 -27.91 -19.94 32.58
N LEU C 237 -28.91 -19.07 32.61
CA LEU C 237 -29.32 -18.32 31.43
C LEU C 237 -28.20 -17.41 30.95
N LYS C 238 -27.54 -16.73 31.89
CA LYS C 238 -26.42 -15.87 31.52
C LYS C 238 -25.31 -16.68 30.86
N TYR C 239 -24.97 -17.83 31.44
CA TYR C 239 -23.92 -18.67 30.89
C TYR C 239 -24.29 -19.16 29.49
N CYS C 240 -25.55 -19.59 29.30
CA CYS C 240 -25.96 -20.13 28.02
C CYS C 240 -25.95 -19.05 26.94
N VAL C 241 -26.52 -17.87 27.22
CA VAL C 241 -26.54 -16.84 26.20
C VAL C 241 -25.12 -16.37 25.88
N HIS C 242 -24.28 -16.20 26.90
CA HIS C 242 -22.90 -15.80 26.64
C HIS C 242 -22.19 -16.79 25.75
N ASN C 243 -22.30 -18.09 26.08
CA ASN C 243 -21.55 -19.09 25.33
C ASN C 243 -22.12 -19.30 23.94
N VAL C 244 -23.44 -19.20 23.77
CA VAL C 244 -24.01 -19.34 22.45
C VAL C 244 -23.58 -18.19 21.56
N ALA C 245 -23.63 -16.96 22.07
CA ALA C 245 -23.15 -15.83 21.30
C ALA C 245 -21.68 -15.98 20.95
N ASP C 246 -20.88 -16.47 21.90
CA ASP C 246 -19.47 -16.69 21.61
C ASP C 246 -19.27 -17.77 20.55
N ALA C 247 -20.16 -18.75 20.50
CA ALA C 247 -20.05 -19.82 19.53
C ALA C 247 -20.51 -19.39 18.14
N TYR C 248 -21.26 -18.30 18.03
CA TYR C 248 -21.68 -17.76 16.75
C TYR C 248 -20.91 -16.50 16.38
N GLY C 249 -19.74 -16.30 16.98
CA GLY C 249 -18.91 -15.15 16.64
C GLY C 249 -19.42 -13.82 17.11
N LYS C 250 -20.22 -13.79 18.18
CA LYS C 250 -20.77 -12.56 18.71
C LYS C 250 -20.50 -12.49 20.21
N THR C 251 -21.03 -11.46 20.84
CA THR C 251 -20.92 -11.25 22.28
C THR C 251 -22.28 -10.91 22.85
N VAL C 252 -22.52 -11.33 24.09
CA VAL C 252 -23.73 -10.99 24.81
C VAL C 252 -23.36 -10.04 25.94
N THR C 253 -24.17 -9.01 26.10
CA THR C 253 -23.92 -7.89 27.01
C THR C 253 -25.08 -7.83 27.99
N PHE C 254 -24.75 -7.78 29.29
CA PHE C 254 -25.78 -7.76 30.31
C PHE C 254 -25.81 -6.47 31.13
N MET C 255 -24.87 -5.56 30.94
CA MET C 255 -24.94 -4.28 31.62
C MET C 255 -26.24 -3.59 31.22
N PRO C 256 -26.92 -2.95 32.17
CA PRO C 256 -28.26 -2.41 31.87
C PRO C 256 -28.30 -1.45 30.71
N LYS C 257 -27.31 -0.56 30.59
CA LYS C 257 -27.29 0.48 29.56
C LYS C 257 -25.96 0.43 28.83
N PRO C 258 -25.81 -0.45 27.84
CA PRO C 258 -24.56 -0.47 27.07
C PRO C 258 -24.44 0.65 26.06
N LEU C 259 -25.50 1.40 25.80
CA LEU C 259 -25.46 2.51 24.84
C LEU C 259 -26.51 3.54 25.22
N TYR C 260 -26.28 4.77 24.78
CA TYR C 260 -27.16 5.89 25.09
C TYR C 260 -28.09 6.17 23.92
N GLY C 261 -29.16 6.92 24.21
CA GLY C 261 -30.13 7.30 23.21
C GLY C 261 -31.12 6.22 22.86
N ASP C 262 -31.13 5.12 23.60
CA ASP C 262 -31.95 3.97 23.26
C ASP C 262 -32.26 3.19 24.52
N ASN C 263 -33.28 2.35 24.45
CA ASN C 263 -33.75 1.64 25.62
C ASN C 263 -32.65 0.71 26.16
N GLY C 264 -32.56 0.63 27.48
CA GLY C 264 -31.60 -0.23 28.14
C GLY C 264 -32.19 -1.59 28.46
N SER C 265 -31.42 -2.38 29.19
CA SER C 265 -31.82 -3.71 29.59
C SER C 265 -32.14 -3.72 31.08
N GLY C 266 -33.29 -4.27 31.44
CA GLY C 266 -33.70 -4.36 32.82
C GLY C 266 -34.24 -5.73 33.14
N MET C 267 -34.04 -6.14 34.39
CA MET C 267 -34.43 -7.46 34.86
C MET C 267 -35.65 -7.30 35.76
N HIS C 268 -36.83 -7.50 35.18
CA HIS C 268 -38.04 -7.49 35.99
C HIS C 268 -38.09 -8.75 36.85
N VAL C 269 -38.73 -8.64 38.02
CA VAL C 269 -38.85 -9.76 38.94
C VAL C 269 -40.29 -9.90 39.38
N HIS C 270 -40.85 -11.10 39.19
CA HIS C 270 -42.19 -11.44 39.65
C HIS C 270 -42.09 -12.25 40.93
N MET C 271 -42.78 -11.79 41.96
CA MET C 271 -42.75 -12.43 43.27
C MET C 271 -44.14 -12.97 43.59
N SER C 272 -44.17 -14.16 44.20
CA SER C 272 -45.42 -14.72 44.71
C SER C 272 -45.10 -15.72 45.81
N ILE C 273 -45.62 -15.47 47.01
CA ILE C 273 -45.37 -16.34 48.16
C ILE C 273 -46.62 -17.15 48.45
N ALA C 274 -46.44 -18.45 48.70
CA ALA C 274 -47.53 -19.38 48.90
C ALA C 274 -47.46 -20.01 50.29
N LYS C 275 -48.62 -20.12 50.94
CA LYS C 275 -48.73 -20.73 52.26
C LYS C 275 -49.48 -22.05 52.14
N ASP C 276 -48.83 -23.13 52.56
CA ASP C 276 -49.38 -24.48 52.49
C ASP C 276 -49.71 -24.88 51.05
N GLY C 277 -48.95 -24.37 50.08
CA GLY C 277 -49.16 -24.67 48.69
C GLY C 277 -50.19 -23.81 47.99
N LYS C 278 -50.87 -22.93 48.71
CA LYS C 278 -51.86 -22.03 48.14
C LYS C 278 -51.30 -20.61 48.13
N ASN C 279 -51.48 -19.92 47.01
CA ASN C 279 -50.91 -18.59 46.88
C ASN C 279 -51.53 -17.63 47.89
N THR C 280 -50.68 -16.77 48.47
CA THR C 280 -51.13 -15.78 49.43
C THR C 280 -51.31 -14.39 48.81
N PHE C 281 -50.67 -14.13 47.68
CA PHE C 281 -50.88 -12.85 47.00
C PHE C 281 -52.26 -12.77 46.36
N ALA C 282 -52.92 -13.90 46.15
CA ALA C 282 -54.25 -13.90 45.57
C ALA C 282 -55.28 -13.46 46.61
N GLY C 283 -56.13 -12.54 46.21
CA GLY C 283 -57.16 -12.05 47.11
C GLY C 283 -57.99 -10.98 46.43
N GLU C 284 -59.20 -10.79 46.96
CA GLU C 284 -60.11 -9.81 46.40
C GLU C 284 -59.60 -8.40 46.65
N GLY C 285 -59.71 -7.55 45.63
CA GLY C 285 -59.31 -6.16 45.74
C GLY C 285 -57.81 -5.96 45.69
N SER C 290 -55.14 -9.45 47.80
CA SER C 290 -54.98 -9.83 49.20
C SER C 290 -54.18 -8.78 49.95
N ASP C 291 -54.39 -8.69 51.27
CA ASP C 291 -53.70 -7.68 52.04
C ASP C 291 -52.22 -7.98 52.19
N THR C 292 -51.84 -9.26 52.22
CA THR C 292 -50.43 -9.61 52.37
C THR C 292 -49.61 -9.15 51.17
N ALA C 293 -50.15 -9.29 49.96
CA ALA C 293 -49.45 -8.78 48.79
C ALA C 293 -49.34 -7.26 48.82
N LEU C 294 -50.38 -6.59 49.32
CA LEU C 294 -50.30 -5.14 49.48
C LEU C 294 -49.21 -4.75 50.45
N TYR C 295 -49.08 -5.49 51.55
CA TYR C 295 -48.01 -5.21 52.51
C TYR C 295 -46.64 -5.52 51.93
N PHE C 296 -46.55 -6.54 51.08
CA PHE C 296 -45.32 -6.81 50.34
C PHE C 296 -44.94 -5.60 49.48
N ILE C 297 -45.93 -5.04 48.78
CA ILE C 297 -45.67 -3.86 47.95
C ILE C 297 -45.25 -2.69 48.82
N GLY C 298 -45.89 -2.52 49.98
CA GLY C 298 -45.50 -1.44 50.88
C GLY C 298 -44.09 -1.59 51.40
N GLY C 299 -43.68 -2.83 51.70
CA GLY C 299 -42.31 -3.07 52.11
C GLY C 299 -41.32 -2.81 51.00
N ILE C 300 -41.69 -3.13 49.77
CA ILE C 300 -40.82 -2.80 48.64
C ILE C 300 -40.70 -1.29 48.49
N ILE C 301 -41.82 -0.57 48.62
CA ILE C 301 -41.82 0.88 48.41
C ILE C 301 -41.07 1.59 49.54
N LYS C 302 -41.10 1.05 50.76
CA LYS C 302 -40.45 1.71 51.87
C LYS C 302 -38.93 1.62 51.77
N HIS C 303 -38.41 0.45 51.39
CA HIS C 303 -36.97 0.21 51.30
C HIS C 303 -36.46 0.26 49.87
N GLY C 304 -37.11 1.02 48.99
CA GLY C 304 -36.74 0.99 47.59
C GLY C 304 -35.32 1.49 47.34
N LYS C 305 -34.98 2.63 47.93
CA LYS C 305 -33.64 3.17 47.74
C LYS C 305 -32.59 2.27 48.37
N ALA C 306 -32.88 1.70 49.54
CA ALA C 306 -31.97 0.73 50.12
C ALA C 306 -31.90 -0.54 49.27
N LEU C 307 -33.03 -0.94 48.69
CA LEU C 307 -33.04 -2.10 47.80
C LEU C 307 -32.17 -1.87 46.59
N ASN C 308 -32.10 -0.63 46.10
CA ASN C 308 -31.40 -0.36 44.85
C ASN C 308 -29.93 -0.74 44.93
N GLY C 309 -29.34 -0.71 46.12
CA GLY C 309 -27.96 -1.14 46.26
C GLY C 309 -27.76 -2.59 45.92
N PHE C 310 -28.76 -3.43 46.20
CA PHE C 310 -28.64 -4.86 45.96
C PHE C 310 -29.24 -5.28 44.62
N THR C 311 -30.30 -4.60 44.17
CA THR C 311 -30.91 -4.93 42.89
C THR C 311 -30.28 -4.18 41.73
N ASN C 312 -29.55 -3.09 41.99
CA ASN C 312 -28.86 -2.32 40.96
C ASN C 312 -27.43 -2.05 41.41
N PRO C 313 -26.60 -3.10 41.50
CA PRO C 313 -25.24 -2.96 42.02
C PRO C 313 -24.23 -2.58 40.94
N SER C 314 -24.56 -1.56 40.16
CA SER C 314 -23.69 -1.13 39.07
C SER C 314 -23.93 0.34 38.80
N THR C 315 -22.87 1.07 38.52
CA THR C 315 -23.03 2.46 38.09
C THR C 315 -23.74 2.55 36.76
N ASN C 316 -23.75 1.48 35.97
CA ASN C 316 -24.53 1.45 34.74
C ASN C 316 -26.02 1.57 35.02
N SER C 317 -26.48 0.99 36.13
CA SER C 317 -27.91 0.96 36.41
C SER C 317 -28.49 2.35 36.54
N TYR C 318 -27.71 3.30 37.02
CA TYR C 318 -28.21 4.64 37.24
C TYR C 318 -27.98 5.57 36.05
N LYS C 319 -27.28 5.10 35.03
CA LYS C 319 -27.39 5.74 33.72
C LYS C 319 -28.68 5.33 33.03
N ARG C 320 -29.15 4.12 33.30
CA ARG C 320 -30.55 3.76 33.10
C ARG C 320 -31.31 4.29 34.32
N LEU C 321 -32.56 3.87 34.50
CA LEU C 321 -33.35 4.24 35.67
C LEU C 321 -33.49 5.76 35.76
N VAL C 322 -33.84 6.40 34.65
CA VAL C 322 -34.07 7.84 34.61
C VAL C 322 -34.89 8.21 33.38
N PRO C 328 -39.60 3.83 35.21
CA PRO C 328 -39.44 2.89 36.33
C PRO C 328 -38.93 3.58 37.59
N VAL C 329 -38.73 4.89 37.51
CA VAL C 329 -38.20 5.63 38.65
C VAL C 329 -39.21 5.72 39.77
N MET C 330 -40.49 5.96 39.44
CA MET C 330 -41.52 6.07 40.46
C MET C 330 -41.73 4.72 41.13
N LEU C 331 -41.99 4.76 42.44
CA LEU C 331 -42.12 3.55 43.24
C LEU C 331 -43.57 3.19 43.54
N ALA C 332 -44.53 3.84 42.89
CA ALA C 332 -45.95 3.56 43.13
C ALA C 332 -46.32 2.24 42.45
N TYR C 333 -47.60 1.94 42.43
CA TYR C 333 -48.07 0.73 41.75
C TYR C 333 -49.46 0.91 41.16
N SER C 339 -47.87 3.60 34.73
CA SER C 339 -46.52 3.07 34.53
C SER C 339 -45.63 3.36 35.73
N ALA C 340 -45.54 2.38 36.64
CA ALA C 340 -44.73 2.50 37.84
C ALA C 340 -43.90 1.24 38.00
N SER C 341 -42.90 1.32 38.89
CA SER C 341 -41.94 0.23 39.03
C SER C 341 -42.59 -1.04 39.55
N ILE C 342 -43.69 -0.93 40.29
CA ILE C 342 -44.41 -2.08 40.81
C ILE C 342 -45.64 -2.27 39.94
N ARG C 343 -45.69 -3.38 39.22
CA ARG C 343 -46.81 -3.68 38.33
C ARG C 343 -47.52 -4.94 38.82
N ILE C 344 -48.80 -5.03 38.49
CA ILE C 344 -49.63 -6.17 38.82
C ILE C 344 -50.05 -6.85 37.52
N PRO C 345 -49.34 -7.90 37.09
CA PRO C 345 -49.64 -8.61 35.85
C PRO C 345 -51.03 -9.27 35.86
N PRO C 350 -56.43 -17.49 40.12
CA PRO C 350 -55.66 -16.52 40.91
C PRO C 350 -54.37 -17.11 41.46
N LYS C 351 -54.15 -18.40 41.22
CA LYS C 351 -52.94 -19.04 41.73
C LYS C 351 -51.69 -18.47 41.08
N ALA C 352 -51.79 -17.97 39.86
CA ALA C 352 -50.65 -17.42 39.14
C ALA C 352 -50.48 -15.92 39.36
N ARG C 353 -51.29 -15.32 40.23
CA ARG C 353 -51.15 -13.90 40.51
C ARG C 353 -49.83 -13.62 41.20
N ARG C 354 -49.13 -12.58 40.74
CA ARG C 354 -47.82 -12.23 41.26
C ARG C 354 -47.67 -10.71 41.28
N ILE C 355 -46.50 -10.25 41.68
CA ILE C 355 -46.19 -8.82 41.73
C ILE C 355 -44.86 -8.59 41.03
N GLU C 356 -44.83 -7.67 40.09
CA GLU C 356 -43.64 -7.42 39.28
C GLU C 356 -42.96 -6.13 39.74
N ALA C 357 -41.69 -6.22 40.08
CA ALA C 357 -40.84 -5.08 40.36
C ALA C 357 -39.87 -4.90 39.20
N ARG C 358 -39.76 -3.67 38.68
CA ARG C 358 -39.08 -3.41 37.43
C ARG C 358 -37.78 -2.64 37.59
N PHE C 359 -37.36 -2.31 38.81
CA PHE C 359 -36.09 -1.64 38.96
C PHE C 359 -34.87 -2.54 38.80
N PRO C 360 -34.90 -3.84 39.18
CA PRO C 360 -33.69 -4.65 39.05
C PRO C 360 -33.22 -4.76 37.60
N ASP C 361 -31.91 -4.93 37.43
CA ASP C 361 -31.28 -5.08 36.13
C ASP C 361 -30.43 -6.33 36.07
N PRO C 362 -30.08 -6.81 34.87
CA PRO C 362 -29.31 -8.05 34.75
C PRO C 362 -28.02 -8.08 35.53
N SER C 363 -27.38 -6.93 35.73
CA SER C 363 -26.11 -6.89 36.46
C SER C 363 -26.28 -7.23 37.93
N ALA C 364 -27.50 -7.29 38.44
CA ALA C 364 -27.72 -7.62 39.84
C ALA C 364 -27.29 -9.05 40.14
N ASN C 365 -26.76 -9.24 41.34
CA ASN C 365 -26.45 -10.58 41.80
C ASN C 365 -27.75 -11.31 42.10
N PRO C 366 -28.07 -12.40 41.39
CA PRO C 366 -29.40 -13.02 41.57
C PRO C 366 -29.65 -13.45 42.99
N TYR C 367 -28.68 -14.06 43.65
CA TYR C 367 -28.88 -14.47 45.03
C TYR C 367 -29.12 -13.27 45.93
N LEU C 368 -28.21 -12.28 45.86
CA LEU C 368 -28.32 -11.12 46.74
C LEU C 368 -29.57 -10.31 46.42
N ALA C 369 -29.85 -10.06 45.14
CA ALA C 369 -31.02 -9.28 44.77
C ALA C 369 -32.31 -9.99 45.17
N PHE C 370 -32.39 -11.29 44.91
CA PHE C 370 -33.59 -12.03 45.27
C PHE C 370 -33.80 -12.05 46.77
N ALA C 371 -32.72 -12.28 47.53
CA ALA C 371 -32.84 -12.27 48.99
C ALA C 371 -33.27 -10.89 49.48
N ALA C 372 -32.71 -9.83 48.91
CA ALA C 372 -33.08 -8.48 49.35
C ALA C 372 -34.55 -8.20 49.07
N LEU C 373 -35.04 -8.57 47.89
CA LEU C 373 -36.45 -8.36 47.58
C LEU C 373 -37.33 -9.17 48.52
N LEU C 374 -36.95 -10.42 48.79
CA LEU C 374 -37.73 -11.26 49.69
C LEU C 374 -37.80 -10.65 51.08
N MET C 375 -36.67 -10.18 51.62
CA MET C 375 -36.70 -9.59 52.94
C MET C 375 -37.45 -8.27 52.97
N ALA C 376 -37.38 -7.46 51.91
CA ALA C 376 -38.16 -6.24 51.88
C ALA C 376 -39.65 -6.57 51.93
N GLY C 377 -40.08 -7.55 51.15
CA GLY C 377 -41.47 -7.96 51.19
C GLY C 377 -41.88 -8.51 52.55
N LEU C 378 -41.00 -9.31 53.16
CA LEU C 378 -41.31 -9.90 54.46
C LEU C 378 -41.44 -8.82 55.54
N ASP C 379 -40.55 -7.82 55.51
CA ASP C 379 -40.67 -6.71 56.46
C ASP C 379 -41.95 -5.93 56.23
N GLY C 380 -42.30 -5.70 54.97
CA GLY C 380 -43.55 -5.00 54.68
C GLY C 380 -44.76 -5.78 55.20
N ILE C 381 -44.74 -7.09 55.04
CA ILE C 381 -45.84 -7.91 55.55
C ILE C 381 -45.87 -7.86 57.08
N GLN C 382 -44.71 -7.96 57.72
CA GLN C 382 -44.66 -8.00 59.18
C GLN C 382 -45.16 -6.69 59.78
N ASN C 383 -44.66 -5.55 59.28
CA ASN C 383 -45.03 -4.27 59.85
C ASN C 383 -46.35 -3.74 59.30
N LYS C 384 -46.96 -4.45 58.34
CA LYS C 384 -48.27 -4.09 57.81
C LYS C 384 -48.29 -2.66 57.25
N ILE C 385 -47.20 -2.28 56.59
CA ILE C 385 -47.13 -0.95 55.97
C ILE C 385 -47.96 -0.98 54.69
N HIS C 386 -48.90 -0.05 54.59
CA HIS C 386 -49.84 -0.04 53.47
C HIS C 386 -49.44 1.03 52.46
N PRO C 387 -49.07 0.65 51.23
CA PRO C 387 -48.73 1.66 50.22
C PRO C 387 -49.90 2.53 49.82
N GLY C 388 -51.13 2.11 50.07
CA GLY C 388 -52.28 2.94 49.73
C GLY C 388 -52.55 2.92 48.24
N ASP C 389 -52.83 4.10 47.70
CA ASP C 389 -53.16 4.24 46.29
C ASP C 389 -51.89 4.35 45.44
N ILE C 406 -44.70 10.12 44.32
CA ILE C 406 -43.72 11.00 44.96
C ILE C 406 -42.44 10.26 45.36
N PRO C 407 -42.55 9.10 46.04
CA PRO C 407 -41.33 8.32 46.33
C PRO C 407 -40.65 7.89 45.05
N GLN C 408 -39.32 7.89 45.08
CA GLN C 408 -38.52 7.61 43.90
C GLN C 408 -37.38 6.65 44.25
N VAL C 409 -36.89 5.94 43.24
CA VAL C 409 -35.74 5.07 43.41
C VAL C 409 -34.48 5.92 43.39
N CYS C 410 -33.35 5.30 43.76
CA CYS C 410 -32.10 6.01 43.94
C CYS C 410 -31.56 6.53 42.61
N GLY C 411 -30.70 7.54 42.70
CA GLY C 411 -30.20 8.21 41.51
C GLY C 411 -28.77 7.92 41.15
N SER C 412 -28.02 7.26 42.03
CA SER C 412 -26.63 6.92 41.73
C SER C 412 -26.21 5.76 42.62
N LEU C 413 -25.11 5.11 42.24
CA LEU C 413 -24.63 3.97 43.01
C LEU C 413 -24.13 4.39 44.38
N LYS C 414 -23.43 5.52 44.48
CA LYS C 414 -22.97 6.00 45.77
C LYS C 414 -24.13 6.32 46.69
N GLU C 415 -25.16 6.96 46.15
CA GLU C 415 -26.35 7.24 46.94
C GLU C 415 -27.04 5.94 47.37
N ALA C 416 -27.04 4.93 46.49
CA ALA C 416 -27.60 3.63 46.86
C ALA C 416 -26.82 3.00 48.00
N LEU C 417 -25.48 3.08 47.94
CA LEU C 417 -24.66 2.53 49.01
C LEU C 417 -24.92 3.23 50.33
N GLU C 418 -24.99 4.57 50.32
CA GLU C 418 -25.21 5.29 51.57
C GLU C 418 -26.61 5.04 52.11
N GLU C 419 -27.60 4.89 51.23
CA GLU C 419 -28.95 4.58 51.70
C GLU C 419 -29.05 3.16 52.23
N LEU C 420 -28.30 2.22 51.65
CA LEU C 420 -28.21 0.89 52.22
C LEU C 420 -27.55 0.92 53.60
N ASP C 421 -26.49 1.73 53.73
CA ASP C 421 -25.84 1.89 55.03
C ASP C 421 -26.83 2.38 56.07
N LYS C 422 -27.58 3.44 55.74
CA LYS C 422 -28.51 3.99 56.72
C LYS C 422 -29.82 3.20 56.82
N GLY C 423 -30.06 2.26 55.91
CA GLY C 423 -31.32 1.54 55.90
C GLY C 423 -31.18 0.04 55.85
N ARG C 424 -30.19 -0.51 56.54
CA ARG C 424 -29.89 -1.94 56.52
C ARG C 424 -30.68 -2.73 57.55
N ALA C 425 -31.82 -2.21 58.00
CA ALA C 425 -32.66 -2.92 58.95
C ALA C 425 -33.18 -4.24 58.38
N VAL C 432 -28.59 -14.62 57.51
CA VAL C 432 -28.86 -13.95 56.25
C VAL C 432 -27.81 -12.88 55.99
N PHE C 433 -28.27 -11.66 55.69
CA PHE C 433 -27.34 -10.56 55.48
C PHE C 433 -26.71 -10.13 56.80
N SER C 434 -25.55 -10.69 57.12
CA SER C 434 -24.81 -10.23 58.28
C SER C 434 -24.22 -8.85 58.01
N ASP C 435 -24.04 -8.09 59.09
CA ASP C 435 -23.46 -6.76 58.95
C ASP C 435 -22.04 -6.82 58.39
N ASP C 436 -21.30 -7.87 58.72
CA ASP C 436 -19.96 -8.04 58.16
C ASP C 436 -20.00 -8.14 56.65
N PHE C 437 -20.89 -8.99 56.12
CA PHE C 437 -21.01 -9.11 54.68
C PHE C 437 -21.57 -7.84 54.05
N ILE C 438 -22.49 -7.17 54.75
CA ILE C 438 -23.02 -5.91 54.24
C ILE C 438 -21.92 -4.89 54.06
N ASP C 439 -21.04 -4.76 55.06
CA ASP C 439 -19.94 -3.81 54.94
C ASP C 439 -18.91 -4.24 53.92
N ALA C 440 -18.64 -5.54 53.79
CA ALA C 440 -17.71 -5.98 52.76
C ALA C 440 -18.25 -5.66 51.36
N TYR C 441 -19.54 -5.93 51.13
CA TYR C 441 -20.15 -5.61 49.86
C TYR C 441 -20.18 -4.11 49.62
N LEU C 442 -20.45 -3.33 50.67
CA LEU C 442 -20.41 -1.88 50.55
C LEU C 442 -19.02 -1.42 50.15
N GLU C 443 -17.98 -2.00 50.74
CA GLU C 443 -16.62 -1.63 50.37
C GLU C 443 -16.33 -1.95 48.91
N LEU C 444 -16.76 -3.12 48.44
CA LEU C 444 -16.54 -3.49 47.04
C LEU C 444 -17.23 -2.51 46.09
N LYS C 445 -18.53 -2.28 46.32
CA LYS C 445 -19.25 -1.35 45.46
C LYS C 445 -18.71 0.07 45.58
N SER C 446 -18.19 0.44 46.76
CA SER C 446 -17.62 1.77 46.92
C SER C 446 -16.34 1.90 46.11
N GLU C 447 -15.50 0.86 46.08
CA GLU C 447 -14.33 0.91 45.23
C GLU C 447 -14.71 1.05 43.76
N GLU C 448 -15.72 0.30 43.32
CA GLU C 448 -16.16 0.41 41.93
C GLU C 448 -16.70 1.81 41.63
N GLU C 449 -17.50 2.36 42.53
CA GLU C 449 -18.09 3.68 42.32
C GLU C 449 -17.03 4.78 42.37
N ILE C 450 -16.03 4.63 43.23
CA ILE C 450 -14.91 5.57 43.24
C ILE C 450 -14.17 5.52 41.92
N LYS C 451 -13.93 4.31 41.40
CA LYS C 451 -13.24 4.19 40.12
C LYS C 451 -14.03 4.89 39.01
N VAL C 452 -15.35 4.71 39.00
CA VAL C 452 -16.16 5.33 37.95
C VAL C 452 -16.21 6.85 38.13
N ARG C 453 -16.36 7.32 39.37
CA ARG C 453 -16.66 8.73 39.60
C ARG C 453 -15.45 9.63 39.36
N THR C 454 -14.24 9.10 39.45
CA THR C 454 -13.04 9.92 39.34
C THR C 454 -12.52 10.03 37.91
N PHE C 455 -13.16 9.39 36.95
CA PHE C 455 -12.71 9.46 35.56
C PHE C 455 -13.44 10.58 34.83
N VAL C 456 -12.78 11.10 33.79
CA VAL C 456 -13.31 12.20 33.01
C VAL C 456 -14.32 11.65 32.01
N HIS C 457 -15.53 12.18 32.04
CA HIS C 457 -16.56 11.77 31.10
C HIS C 457 -16.22 12.31 29.70
N PRO C 458 -16.38 11.49 28.65
CA PRO C 458 -16.19 12.02 27.29
C PRO C 458 -17.14 13.15 26.94
N LEU C 459 -18.37 13.18 27.45
CA LEU C 459 -19.22 14.35 27.27
C LEU C 459 -18.59 15.57 27.90
N GLU C 460 -17.96 15.39 29.04
CA GLU C 460 -17.37 16.49 29.78
C GLU C 460 -16.26 17.14 28.97
N TYR C 461 -15.54 16.33 28.19
CA TYR C 461 -14.61 16.81 27.17
C TYR C 461 -15.34 17.41 25.97
N ASP C 462 -16.50 16.87 25.62
CA ASP C 462 -17.28 17.38 24.50
C ASP C 462 -17.71 18.83 24.74
N LEU C 463 -18.10 19.14 25.97
CA LEU C 463 -18.67 20.43 26.30
C LEU C 463 -17.69 21.39 26.95
N TYR C 464 -16.95 20.96 27.96
CA TYR C 464 -16.13 21.89 28.72
C TYR C 464 -14.75 22.13 28.13
N TYR C 465 -14.45 21.57 26.96
CA TYR C 465 -13.12 21.76 26.39
C TYR C 465 -12.85 23.23 26.10
N SER C 466 -13.75 23.88 25.38
CA SER C 466 -13.59 25.28 25.03
C SER C 466 -14.08 26.20 26.14
N VAL C 467 -13.53 25.99 27.33
CA VAL C 467 -13.85 26.82 28.47
C VAL C 467 -12.61 27.62 28.86
N SER D 2 -58.52 -26.86 14.82
CA SER D 2 -57.25 -27.16 15.47
C SER D 2 -56.21 -27.60 14.44
N LYS D 3 -56.08 -26.83 13.36
CA LYS D 3 -55.11 -27.17 12.33
C LYS D 3 -53.69 -27.10 12.84
N SER D 4 -53.41 -26.18 13.77
CA SER D 4 -52.06 -26.03 14.29
C SER D 4 -51.58 -27.30 14.97
N LEU D 5 -52.45 -27.94 15.76
CA LEU D 5 -52.06 -29.17 16.44
C LEU D 5 -51.72 -30.28 15.44
N GLN D 6 -52.56 -30.43 14.42
CA GLN D 6 -52.30 -31.46 13.41
C GLN D 6 -51.00 -31.18 12.67
N LEU D 7 -50.76 -29.91 12.33
CA LEU D 7 -49.54 -29.55 11.64
C LEU D 7 -48.31 -29.83 12.49
N ILE D 8 -48.38 -29.49 13.79
CA ILE D 8 -47.28 -29.75 14.70
C ILE D 8 -47.00 -31.24 14.80
N LYS D 9 -48.07 -32.04 14.94
CA LYS D 9 -47.89 -33.48 15.07
C LYS D 9 -47.32 -34.08 13.79
N GLU D 10 -47.71 -33.56 12.63
CA GLU D 10 -47.24 -34.13 11.36
C GLU D 10 -45.80 -33.75 11.05
N HIS D 11 -45.39 -32.52 11.36
CA HIS D 11 -44.05 -32.06 11.02
C HIS D 11 -43.12 -31.93 12.22
N ASP D 12 -43.57 -32.33 13.41
CA ASP D 12 -42.75 -32.26 14.62
C ASP D 12 -42.23 -30.84 14.83
N VAL D 13 -43.19 -29.96 15.08
CA VAL D 13 -42.90 -28.53 15.21
C VAL D 13 -42.31 -28.27 16.59
N LYS D 14 -41.23 -27.50 16.64
CA LYS D 14 -40.59 -27.15 17.90
C LYS D 14 -40.94 -25.76 18.39
N TRP D 15 -41.27 -24.82 17.50
CA TRP D 15 -41.53 -23.44 17.87
C TRP D 15 -42.78 -22.95 17.18
N ILE D 16 -43.49 -22.03 17.85
CA ILE D 16 -44.66 -21.37 17.30
C ILE D 16 -44.34 -19.89 17.20
N ASP D 17 -44.43 -19.35 15.99
CA ASP D 17 -44.14 -17.94 15.75
C ASP D 17 -45.46 -17.21 15.56
N LEU D 18 -45.86 -16.43 16.56
CA LEU D 18 -47.09 -15.66 16.51
C LEU D 18 -46.80 -14.33 15.82
N ARG D 19 -47.56 -14.02 14.78
CA ARG D 19 -47.35 -12.82 13.99
C ARG D 19 -48.61 -11.98 13.96
N PHE D 20 -48.44 -10.67 14.11
CA PHE D 20 -49.50 -9.70 13.93
C PHE D 20 -48.94 -8.55 13.10
N THR D 21 -49.71 -7.49 12.93
CA THR D 21 -49.28 -6.36 12.12
C THR D 21 -49.60 -5.07 12.83
N ASP D 22 -48.61 -4.17 12.91
CA ASP D 22 -48.83 -2.87 13.53
C ASP D 22 -49.50 -1.94 12.54
N THR D 23 -49.82 -0.73 13.01
CA THR D 23 -50.45 0.26 12.15
C THR D 23 -49.54 0.68 11.01
N LYS D 24 -48.22 0.69 11.24
CA LYS D 24 -47.29 1.07 10.19
C LYS D 24 -47.34 0.10 9.01
N GLY D 25 -47.47 -1.19 9.29
CA GLY D 25 -47.61 -2.16 8.23
C GLY D 25 -46.69 -3.35 8.33
N LYS D 26 -45.50 -3.15 8.90
CA LYS D 26 -44.52 -4.23 8.99
C LYS D 26 -45.02 -5.31 9.93
N GLN D 27 -44.80 -6.57 9.55
CA GLN D 27 -45.19 -7.67 10.39
C GLN D 27 -44.37 -7.68 11.67
N GLN D 28 -44.97 -8.21 12.75
CA GLN D 28 -44.33 -8.28 14.05
C GLN D 28 -44.51 -9.69 14.59
N HIS D 29 -43.41 -10.31 15.01
CA HIS D 29 -43.42 -11.73 15.37
C HIS D 29 -42.80 -11.94 16.73
N VAL D 30 -43.40 -12.84 17.50
CA VAL D 30 -42.90 -13.26 18.80
C VAL D 30 -42.97 -14.78 18.87
N THR D 31 -41.90 -15.41 19.34
CA THR D 31 -41.80 -16.85 19.32
C THR D 31 -42.14 -17.43 20.69
N MET D 32 -42.62 -18.67 20.67
CA MET D 32 -42.91 -19.43 21.88
C MET D 32 -42.58 -20.89 21.61
N PRO D 33 -42.31 -21.67 22.65
CA PRO D 33 -42.10 -23.10 22.45
C PRO D 33 -43.40 -23.79 22.04
N ALA D 34 -43.24 -24.87 21.27
CA ALA D 34 -44.39 -25.56 20.71
C ALA D 34 -45.29 -26.13 21.80
N ARG D 35 -44.69 -26.73 22.83
CA ARG D 35 -45.46 -27.39 23.89
C ARG D 35 -46.33 -26.43 24.68
N ASP D 36 -46.27 -25.13 24.40
CA ASP D 36 -47.11 -24.14 25.07
C ASP D 36 -48.47 -23.98 24.40
N VAL D 37 -48.74 -24.74 23.34
CA VAL D 37 -50.02 -24.65 22.64
C VAL D 37 -50.96 -25.69 23.22
N ASP D 38 -52.09 -25.24 23.78
CA ASP D 38 -53.06 -26.12 24.40
C ASP D 38 -54.41 -25.42 24.42
N ASP D 39 -55.33 -25.94 25.24
CA ASP D 39 -56.65 -25.34 25.37
C ASP D 39 -56.55 -23.89 25.84
N ASP D 40 -55.71 -23.63 26.84
CA ASP D 40 -55.57 -22.27 27.35
C ASP D 40 -55.02 -21.33 26.29
N PHE D 41 -54.11 -21.82 25.45
CA PHE D 41 -53.54 -20.98 24.41
C PHE D 41 -54.59 -20.52 23.41
N PHE D 42 -55.50 -21.41 23.03
CA PHE D 42 -56.54 -21.06 22.08
C PHE D 42 -57.77 -20.45 22.73
N GLU D 43 -57.84 -20.44 24.06
CA GLU D 43 -58.96 -19.81 24.74
C GLU D 43 -58.64 -18.40 25.25
N TYR D 44 -57.40 -18.13 25.63
CA TYR D 44 -57.02 -16.83 26.16
C TYR D 44 -55.77 -16.25 25.53
N GLY D 45 -55.17 -16.92 24.55
CA GLY D 45 -54.02 -16.36 23.86
C GLY D 45 -52.81 -16.20 24.78
N LYS D 46 -51.93 -15.29 24.39
CA LYS D 46 -50.77 -14.94 25.18
C LYS D 46 -50.73 -13.43 25.41
N MET D 47 -50.55 -13.01 26.65
CA MET D 47 -50.47 -11.58 26.93
C MET D 47 -49.16 -11.00 26.43
N PHE D 48 -49.21 -9.75 25.98
CA PHE D 48 -48.04 -9.02 25.52
C PHE D 48 -48.34 -7.54 25.64
N ASP D 49 -47.29 -6.74 25.64
CA ASP D 49 -47.43 -5.29 25.73
C ASP D 49 -47.31 -4.62 24.37
N GLY D 50 -48.17 -3.65 24.13
CA GLY D 50 -48.16 -2.89 22.90
C GLY D 50 -47.79 -1.43 23.06
N SER D 51 -47.39 -1.00 24.25
CA SER D 51 -47.05 0.39 24.48
C SER D 51 -45.86 0.85 23.65
N SER D 52 -45.06 -0.08 23.14
CA SER D 52 -43.89 0.24 22.35
C SER D 52 -44.09 -0.13 20.88
N ILE D 53 -45.30 0.07 20.38
CA ILE D 53 -45.61 -0.23 18.98
C ILE D 53 -46.49 0.87 18.40
N ASP D 63 -50.12 -4.87 27.65
CA ASP D 63 -51.49 -4.70 28.09
C ASP D 63 -52.48 -5.05 26.98
N MET D 64 -52.15 -6.09 26.22
CA MET D 64 -53.02 -6.60 25.16
C MET D 64 -52.77 -8.10 25.03
N ILE D 65 -53.62 -8.75 24.24
CA ILE D 65 -53.60 -10.20 24.11
C ILE D 65 -53.40 -10.57 22.65
N LEU D 66 -52.50 -11.51 22.39
CA LEU D 66 -52.38 -12.13 21.09
C LEU D 66 -53.26 -13.38 21.07
N MET D 67 -54.27 -13.39 20.21
CA MET D 67 -55.12 -14.56 20.05
C MET D 67 -54.82 -15.22 18.72
N PRO D 68 -54.17 -16.38 18.70
CA PRO D 68 -53.83 -17.01 17.42
C PRO D 68 -55.07 -17.40 16.62
N ASP D 69 -54.96 -17.27 15.31
CA ASP D 69 -55.99 -17.72 14.38
C ASP D 69 -55.59 -19.09 13.88
N ASP D 70 -56.35 -20.12 14.25
CA ASP D 70 -56.00 -21.48 13.88
C ASP D 70 -56.00 -21.68 12.37
N SER D 71 -56.79 -20.88 11.64
CA SER D 71 -56.91 -21.07 10.20
C SER D 71 -55.67 -20.66 9.44
N THR D 72 -54.77 -19.89 10.06
CA THR D 72 -53.61 -19.34 9.36
C THR D 72 -52.31 -20.09 9.67
N ALA D 73 -52.39 -21.24 10.35
CA ALA D 73 -51.19 -21.97 10.69
C ALA D 73 -50.50 -22.48 9.44
N VAL D 74 -49.18 -22.32 9.39
CA VAL D 74 -48.39 -22.74 8.24
C VAL D 74 -46.95 -22.89 8.69
N LEU D 75 -46.15 -23.61 7.92
CA LEU D 75 -44.76 -23.86 8.27
C LEU D 75 -43.93 -22.60 8.01
N ASP D 76 -42.62 -22.71 8.17
CA ASP D 76 -41.70 -21.59 7.99
C ASP D 76 -40.42 -22.09 7.36
N PRO D 77 -40.19 -21.79 6.08
CA PRO D 77 -38.96 -22.17 5.37
C PRO D 77 -37.87 -21.12 5.46
N PRO D 82 -37.83 -26.23 12.86
CA PRO D 82 -39.18 -26.57 12.41
C PRO D 82 -40.24 -25.66 13.02
N THR D 83 -40.14 -24.37 12.74
CA THR D 83 -41.08 -23.40 13.26
C THR D 83 -42.42 -23.50 12.53
N LEU D 84 -43.48 -23.09 13.21
CA LEU D 84 -44.82 -23.02 12.64
C LEU D 84 -45.36 -21.61 12.86
N ILE D 85 -45.77 -20.97 11.78
CA ILE D 85 -46.20 -19.57 11.84
C ILE D 85 -47.71 -19.51 12.00
N ILE D 86 -48.17 -18.74 12.98
CA ILE D 86 -49.59 -18.52 13.21
C ILE D 86 -49.83 -17.02 13.29
N VAL D 87 -50.75 -16.52 12.48
CA VAL D 87 -51.09 -15.10 12.48
C VAL D 87 -52.21 -14.86 13.47
N CYS D 88 -52.05 -13.87 14.34
CA CYS D 88 -52.92 -13.69 15.48
C CYS D 88 -53.58 -12.32 15.45
N ASP D 89 -54.72 -12.24 16.14
CA ASP D 89 -55.44 -10.99 16.33
C ASP D 89 -55.06 -10.36 17.66
N ILE D 90 -55.37 -9.07 17.78
CA ILE D 90 -55.11 -8.30 19.00
C ILE D 90 -56.41 -8.14 19.76
N ILE D 91 -56.41 -8.54 21.02
CA ILE D 91 -57.58 -8.49 21.89
C ILE D 91 -57.27 -7.55 23.04
N GLU D 92 -58.10 -6.53 23.22
CA GLU D 92 -57.92 -5.60 24.33
C GLU D 92 -58.51 -6.21 25.59
N PRO D 93 -57.73 -6.39 26.66
CA PRO D 93 -58.27 -7.04 27.86
C PRO D 93 -59.43 -6.28 28.49
N SER D 94 -59.46 -4.96 28.37
CA SER D 94 -60.54 -4.18 28.99
C SER D 94 -61.88 -4.51 28.35
N THR D 95 -61.92 -4.66 27.02
CA THR D 95 -63.15 -4.93 26.30
C THR D 95 -63.26 -6.37 25.83
N MET D 96 -62.17 -7.14 25.91
CA MET D 96 -62.13 -8.55 25.52
C MET D 96 -62.49 -8.78 24.04
N GLN D 97 -62.59 -7.72 23.25
CA GLN D 97 -62.83 -7.80 21.83
C GLN D 97 -61.58 -7.36 21.07
N GLY D 98 -61.69 -7.30 19.75
CA GLY D 98 -60.55 -6.89 18.94
C GLY D 98 -60.19 -5.44 19.19
N TYR D 99 -58.92 -5.13 19.00
CA TYR D 99 -58.44 -3.77 19.17
C TYR D 99 -58.89 -2.89 18.01
N ASP D 100 -59.43 -1.72 18.33
CA ASP D 100 -59.92 -0.82 17.29
C ASP D 100 -58.79 -0.26 16.44
N ARG D 101 -57.55 -0.40 16.88
CA ARG D 101 -56.38 0.02 16.10
C ARG D 101 -55.67 -1.16 15.45
N ASP D 102 -56.24 -2.35 15.53
CA ASP D 102 -55.63 -3.52 14.92
C ASP D 102 -56.02 -3.60 13.45
N PRO D 103 -55.06 -3.55 12.52
CA PRO D 103 -55.44 -3.62 11.09
C PRO D 103 -56.17 -4.90 10.73
N ARG D 104 -55.80 -6.03 11.33
CA ARG D 104 -56.52 -7.27 11.04
C ARG D 104 -57.95 -7.21 11.56
N ALA D 105 -58.15 -6.61 12.72
CA ALA D 105 -59.50 -6.43 13.23
C ALA D 105 -60.31 -5.53 12.31
N ILE D 106 -59.69 -4.48 11.79
CA ILE D 106 -60.39 -3.59 10.87
C ILE D 106 -60.75 -4.31 9.58
N ALA D 107 -59.83 -5.14 9.05
CA ALA D 107 -60.14 -5.89 7.85
C ALA D 107 -61.27 -6.89 8.08
N ARG D 108 -61.26 -7.55 9.24
CA ARG D 108 -62.35 -8.48 9.56
C ARG D 108 -63.67 -7.74 9.70
N ARG D 109 -63.64 -6.54 10.29
CA ARG D 109 -64.84 -5.74 10.38
C ARG D 109 -65.34 -5.34 9.00
N ALA D 110 -64.42 -5.03 8.09
CA ALA D 110 -64.81 -4.71 6.71
C ALA D 110 -65.47 -5.91 6.05
N GLU D 111 -64.93 -7.10 6.25
CA GLU D 111 -65.55 -8.30 5.71
C GLU D 111 -66.95 -8.49 6.27
N GLU D 112 -67.10 -8.34 7.59
CA GLU D 112 -68.41 -8.51 8.21
C GLU D 112 -69.40 -7.46 7.70
N TYR D 113 -68.95 -6.23 7.51
CA TYR D 113 -69.80 -5.18 6.98
C TYR D 113 -70.23 -5.50 5.55
N LEU D 114 -69.32 -6.02 4.74
CA LEU D 114 -69.69 -6.44 3.39
C LEU D 114 -70.74 -7.53 3.44
N LYS D 115 -70.61 -8.47 4.38
CA LYS D 115 -71.62 -9.52 4.51
C LYS D 115 -72.97 -8.97 4.94
N SER D 116 -73.02 -7.75 5.46
CA SER D 116 -74.29 -7.15 5.85
C SER D 116 -74.78 -6.19 4.78
N PHE D 124 -63.25 -10.64 -2.93
CA PHE D 124 -62.06 -11.21 -3.57
C PHE D 124 -61.03 -10.12 -3.87
N PHE D 125 -59.79 -10.37 -3.47
CA PHE D 125 -58.71 -9.43 -3.69
C PHE D 125 -57.49 -10.18 -4.20
N GLY D 126 -56.86 -9.65 -5.24
CA GLY D 126 -55.59 -10.14 -5.70
C GLY D 126 -54.64 -9.00 -6.03
N PRO D 127 -53.54 -8.89 -5.30
CA PRO D 127 -52.55 -7.87 -5.61
C PRO D 127 -51.44 -8.41 -6.48
N GLU D 128 -50.83 -7.49 -7.23
CA GLU D 128 -49.68 -7.80 -8.06
C GLU D 128 -48.57 -6.83 -7.73
N PRO D 129 -47.95 -6.99 -6.55
CA PRO D 129 -46.93 -6.02 -6.10
C PRO D 129 -45.55 -6.35 -6.61
N GLU D 130 -44.89 -5.36 -7.21
CA GLU D 130 -43.52 -5.52 -7.70
C GLU D 130 -42.53 -5.16 -6.61
N PHE D 131 -41.33 -5.73 -6.70
CA PHE D 131 -40.29 -5.48 -5.72
C PHE D 131 -38.95 -5.37 -6.43
N PHE D 132 -38.00 -4.75 -5.76
CA PHE D 132 -36.66 -4.54 -6.29
C PHE D 132 -35.68 -5.46 -5.57
N ILE D 133 -34.83 -6.14 -6.35
CA ILE D 133 -33.84 -7.06 -5.81
C ILE D 133 -32.47 -6.42 -6.00
N PHE D 134 -31.98 -5.77 -4.96
CA PHE D 134 -30.67 -5.12 -4.99
C PHE D 134 -29.61 -6.05 -4.42
N ASP D 135 -28.37 -5.82 -4.85
CA ASP D 135 -27.24 -6.50 -4.23
C ASP D 135 -26.88 -5.87 -2.89
N GLU D 136 -27.02 -4.55 -2.78
CA GLU D 136 -26.56 -3.82 -1.61
C GLU D 136 -27.28 -2.48 -1.56
N VAL D 137 -27.25 -1.84 -0.40
CA VAL D 137 -27.89 -0.54 -0.24
C VAL D 137 -27.27 0.17 0.95
N LYS D 138 -26.98 1.46 0.77
CA LYS D 138 -26.48 2.30 1.85
C LYS D 138 -27.27 3.59 1.86
N TYR D 139 -27.47 4.14 3.06
CA TYR D 139 -28.14 5.42 3.21
C TYR D 139 -27.84 5.97 4.59
N LYS D 140 -27.87 7.29 4.70
CA LYS D 140 -27.67 7.96 5.98
C LYS D 140 -28.07 9.42 5.88
N SER D 141 -28.97 9.87 6.76
CA SER D 141 -29.41 11.26 6.77
C SER D 141 -29.10 11.87 8.13
N ASP D 142 -28.30 12.94 8.13
CA ASP D 142 -27.98 13.66 9.35
C ASP D 142 -27.47 15.04 8.95
N ILE D 143 -27.06 15.81 9.96
CA ILE D 143 -26.63 17.18 9.74
C ILE D 143 -25.48 17.24 8.74
N SER D 144 -24.62 16.22 8.74
CA SER D 144 -23.51 16.19 7.80
C SER D 144 -24.00 16.11 6.36
N GLY D 145 -25.02 15.30 6.10
CA GLY D 145 -25.50 15.13 4.75
C GLY D 145 -26.55 14.05 4.68
N SER D 146 -27.10 13.90 3.48
CA SER D 146 -28.17 12.94 3.21
C SER D 146 -27.74 12.07 2.03
N MET D 147 -27.04 10.98 2.33
CA MET D 147 -26.49 10.10 1.32
C MET D 147 -27.42 8.90 1.12
N PHE D 148 -27.43 8.41 -0.11
CA PHE D 148 -28.30 7.31 -0.52
C PHE D 148 -27.73 6.69 -1.78
N LYS D 149 -27.56 5.37 -1.78
CA LYS D 149 -26.99 4.67 -2.92
C LYS D 149 -27.40 3.22 -2.86
N ILE D 150 -27.51 2.58 -4.02
CA ILE D 150 -27.81 1.16 -4.10
C ILE D 150 -26.85 0.50 -5.09
N PHE D 151 -26.68 -0.80 -4.94
CA PHE D 151 -25.71 -1.57 -5.71
C PHE D 151 -26.39 -2.80 -6.26
N SER D 152 -26.20 -3.04 -7.56
CA SER D 152 -26.77 -4.19 -8.23
C SER D 152 -25.92 -4.51 -9.44
N GLU D 153 -25.60 -5.79 -9.64
CA GLU D 153 -24.79 -6.17 -10.79
C GLU D 153 -25.54 -5.95 -12.10
N GLN D 154 -26.81 -6.32 -12.14
CA GLN D 154 -27.60 -6.23 -13.36
C GLN D 154 -28.29 -4.88 -13.51
N ALA D 155 -27.76 -3.83 -12.89
CA ALA D 155 -28.31 -2.51 -13.05
C ALA D 155 -27.82 -1.88 -14.35
N ALA D 156 -28.52 -0.82 -14.76
CA ALA D 156 -28.16 -0.17 -16.02
C ALA D 156 -26.87 0.63 -15.89
N TRP D 157 -26.70 1.36 -14.78
CA TRP D 157 -25.57 2.26 -14.62
C TRP D 157 -24.25 1.52 -14.42
N ASN D 158 -24.29 0.22 -14.16
CA ASN D 158 -23.09 -0.54 -13.83
C ASN D 158 -22.43 -1.15 -15.06
N THR D 159 -22.61 -0.56 -16.23
CA THR D 159 -22.07 -1.15 -17.46
C THR D 159 -20.55 -1.11 -17.48
N ASP D 160 -19.94 -0.07 -16.91
CA ASP D 160 -18.49 0.07 -16.87
C ASP D 160 -17.90 -0.36 -15.54
N ALA D 161 -18.72 -0.87 -14.63
CA ALA D 161 -18.24 -1.22 -13.31
C ALA D 161 -17.34 -2.44 -13.36
N ASP D 162 -16.58 -2.63 -12.28
CA ASP D 162 -15.70 -3.78 -12.11
C ASP D 162 -16.30 -4.71 -11.08
N PHE D 163 -16.47 -5.98 -11.44
CA PHE D 163 -17.08 -6.97 -10.57
C PHE D 163 -16.15 -8.16 -10.40
N GLU D 164 -16.07 -8.68 -9.18
CA GLU D 164 -15.32 -9.89 -8.94
C GLU D 164 -15.99 -11.06 -9.65
N GLY D 165 -15.18 -11.92 -10.27
CA GLY D 165 -15.69 -13.04 -11.00
C GLY D 165 -16.22 -12.71 -12.39
N GLY D 166 -16.15 -11.45 -12.81
CA GLY D 166 -16.57 -11.10 -14.16
C GLY D 166 -17.68 -10.06 -14.18
N ASN D 167 -17.49 -9.05 -15.02
CA ASN D 167 -18.54 -8.06 -15.29
C ASN D 167 -19.21 -8.46 -16.60
N LYS D 168 -20.08 -9.46 -16.52
CA LYS D 168 -20.80 -9.92 -17.69
C LYS D 168 -21.58 -8.75 -18.29
N GLY D 169 -21.40 -8.54 -19.59
CA GLY D 169 -21.94 -7.34 -20.20
C GLY D 169 -23.44 -7.34 -20.41
N HIS D 170 -24.10 -8.48 -20.20
CA HIS D 170 -25.54 -8.59 -20.42
C HIS D 170 -26.27 -8.07 -19.18
N ARG D 171 -26.92 -6.92 -19.32
CA ARG D 171 -27.70 -6.33 -18.24
C ARG D 171 -28.72 -5.42 -18.85
N PRO D 172 -29.96 -5.39 -18.34
CA PRO D 172 -31.00 -4.56 -18.94
C PRO D 172 -30.67 -3.08 -18.78
N GLY D 173 -31.06 -2.31 -19.79
CA GLY D 173 -30.97 -0.86 -19.70
C GLY D 173 -32.10 -0.28 -18.89
N VAL D 174 -32.07 1.05 -18.75
CA VAL D 174 -33.14 1.72 -18.03
C VAL D 174 -34.45 1.51 -18.77
N LYS D 175 -35.49 1.15 -18.04
CA LYS D 175 -36.83 0.86 -18.55
C LYS D 175 -36.85 -0.35 -19.47
N GLY D 176 -35.71 -1.01 -19.68
CA GLY D 176 -35.64 -2.09 -20.64
C GLY D 176 -35.47 -3.49 -20.06
N GLY D 177 -35.83 -3.67 -18.80
CA GLY D 177 -35.76 -4.97 -18.17
C GLY D 177 -37.02 -5.79 -18.30
N TYR D 178 -37.92 -5.40 -19.20
CA TYR D 178 -39.25 -5.98 -19.29
C TYR D 178 -39.19 -7.27 -20.09
N PHE D 179 -39.03 -8.39 -19.37
CA PHE D 179 -38.88 -9.75 -19.90
C PHE D 179 -37.79 -9.88 -20.95
N PRO D 180 -36.53 -9.77 -20.59
CA PRO D 180 -35.47 -10.20 -21.51
C PRO D 180 -35.12 -11.67 -21.27
N VAL D 181 -34.09 -12.14 -21.97
CA VAL D 181 -33.59 -13.51 -21.84
C VAL D 181 -32.90 -13.61 -20.49
N PRO D 182 -32.82 -14.79 -19.88
CA PRO D 182 -32.21 -14.92 -18.54
C PRO D 182 -30.81 -14.33 -18.47
N PRO D 183 -29.97 -14.44 -19.51
CA PRO D 183 -28.67 -13.74 -19.43
C PRO D 183 -28.81 -12.25 -19.21
N VAL D 184 -29.87 -11.63 -19.69
CA VAL D 184 -30.14 -10.22 -19.42
C VAL D 184 -31.19 -10.08 -18.33
N ASP D 187 -31.51 -13.42 -12.15
CA ASP D 187 -32.72 -13.13 -11.37
C ASP D 187 -33.78 -14.18 -11.63
N HIS D 188 -33.51 -15.06 -12.61
CA HIS D 188 -34.42 -16.16 -12.87
C HIS D 188 -34.37 -17.19 -11.74
N GLU D 189 -33.16 -17.56 -11.32
CA GLU D 189 -33.02 -18.55 -10.25
C GLU D 189 -33.58 -18.02 -8.93
N ILE D 190 -33.32 -16.76 -8.61
CA ILE D 190 -33.79 -16.21 -7.35
C ILE D 190 -35.31 -16.06 -7.35
N ARG D 191 -35.90 -15.68 -8.50
CA ARG D 191 -37.34 -15.65 -8.60
C ARG D 191 -37.94 -17.05 -8.46
N THR D 192 -37.27 -18.04 -9.06
CA THR D 192 -37.72 -19.42 -8.91
C THR D 192 -37.67 -19.87 -7.45
N ALA D 193 -36.61 -19.49 -6.73
CA ALA D 193 -36.51 -19.82 -5.31
C ALA D 193 -37.61 -19.14 -4.50
N MET D 194 -37.90 -17.88 -4.81
CA MET D 194 -39.00 -17.19 -4.13
C MET D 194 -40.31 -17.91 -4.39
N CYS D 195 -40.53 -18.36 -5.62
CA CYS D 195 -41.75 -19.10 -5.93
C CYS D 195 -41.80 -20.43 -5.19
N ASN D 196 -40.66 -21.11 -5.06
CA ASN D 196 -40.61 -22.35 -4.31
C ASN D 196 -40.97 -22.12 -2.85
N ALA D 197 -40.42 -21.07 -2.25
CA ALA D 197 -40.75 -20.76 -0.86
C ALA D 197 -42.23 -20.41 -0.71
N LEU D 198 -42.78 -19.64 -1.67
CA LEU D 198 -44.20 -19.30 -1.61
C LEU D 198 -45.07 -20.55 -1.73
N GLU D 199 -44.70 -21.47 -2.60
CA GLU D 199 -45.44 -22.73 -2.71
C GLU D 199 -45.33 -23.54 -1.43
N GLU D 200 -44.15 -23.55 -0.81
CA GLU D 200 -43.99 -24.25 0.46
C GLU D 200 -44.85 -23.63 1.55
N MET D 201 -45.07 -22.31 1.50
CA MET D 201 -45.92 -21.63 2.46
C MET D 201 -47.39 -21.63 2.05
N GLY D 202 -47.73 -22.30 0.95
CA GLY D 202 -49.12 -22.46 0.53
C GLY D 202 -49.62 -21.41 -0.43
N LEU D 203 -48.84 -20.37 -0.71
CA LEU D 203 -49.25 -19.35 -1.66
C LEU D 203 -49.34 -19.94 -3.06
N LYS D 204 -50.36 -19.52 -3.81
CA LYS D 204 -50.61 -20.03 -5.16
C LYS D 204 -50.03 -19.04 -6.17
N VAL D 205 -48.84 -19.34 -6.68
CA VAL D 205 -48.15 -18.45 -7.60
C VAL D 205 -48.65 -18.70 -9.01
N GLU D 206 -49.02 -17.63 -9.71
CA GLU D 206 -49.48 -17.73 -11.09
C GLU D 206 -48.37 -17.44 -12.08
N VAL D 207 -47.55 -16.43 -11.83
CA VAL D 207 -46.54 -16.00 -12.78
C VAL D 207 -45.44 -15.25 -12.02
N HIS D 208 -44.20 -15.49 -12.42
CA HIS D 208 -43.07 -14.71 -11.96
C HIS D 208 -42.24 -14.28 -13.17
N HIS D 209 -41.85 -13.01 -13.19
CA HIS D 209 -41.13 -12.49 -14.34
C HIS D 209 -40.41 -11.22 -13.91
N HIS D 210 -39.49 -10.78 -14.77
CA HIS D 210 -38.84 -9.50 -14.57
C HIS D 210 -39.84 -8.37 -14.80
N GLU D 211 -39.46 -7.18 -14.38
CA GLU D 211 -40.30 -6.00 -14.55
C GLU D 211 -39.50 -4.90 -15.21
N VAL D 212 -40.09 -3.71 -15.28
CA VAL D 212 -39.44 -2.58 -15.91
C VAL D 212 -38.35 -2.03 -15.02
N GLN D 217 -35.74 -4.96 -10.71
CA GLN D 217 -37.14 -5.02 -10.35
C GLN D 217 -37.82 -6.25 -10.92
N ASN D 218 -38.27 -7.13 -10.04
CA ASN D 218 -38.99 -8.33 -10.42
C ASN D 218 -40.43 -8.23 -9.91
N GLU D 219 -41.23 -9.24 -10.27
CA GLU D 219 -42.60 -9.29 -9.79
C GLU D 219 -43.09 -10.72 -9.85
N ILE D 220 -43.67 -11.19 -8.75
CA ILE D 220 -44.27 -12.52 -8.66
C ILE D 220 -45.74 -12.34 -8.32
N GLY D 221 -46.61 -12.88 -9.15
CA GLY D 221 -48.05 -12.78 -8.94
C GLY D 221 -48.57 -14.00 -8.20
N VAL D 222 -49.44 -13.76 -7.23
CA VAL D 222 -50.04 -14.83 -6.45
C VAL D 222 -51.54 -14.82 -6.69
N SER D 223 -52.16 -15.99 -6.56
CA SER D 223 -53.57 -16.14 -6.87
C SER D 223 -54.42 -15.34 -5.88
N PHE D 224 -55.73 -15.35 -6.14
CA PHE D 224 -56.65 -14.50 -5.41
C PHE D 224 -57.12 -15.17 -4.12
N ASN D 225 -57.72 -14.38 -3.25
CA ASN D 225 -58.30 -14.87 -2.00
C ASN D 225 -59.16 -13.75 -1.42
N THR D 226 -59.76 -14.02 -0.26
CA THR D 226 -60.65 -13.07 0.40
C THR D 226 -59.82 -11.99 1.11
N LEU D 227 -60.53 -11.02 1.69
CA LEU D 227 -59.88 -9.80 2.19
C LEU D 227 -58.81 -10.11 3.23
N VAL D 228 -59.21 -10.64 4.38
CA VAL D 228 -58.25 -10.92 5.44
C VAL D 228 -57.27 -12.00 4.98
N ALA D 229 -57.77 -13.00 4.27
CA ALA D 229 -56.89 -14.06 3.78
C ALA D 229 -55.85 -13.51 2.82
N LYS D 230 -56.26 -12.59 1.93
CA LYS D 230 -55.30 -12.03 0.99
C LYS D 230 -54.32 -11.10 1.68
N ALA D 231 -54.75 -10.36 2.71
CA ALA D 231 -53.79 -9.55 3.45
C ALA D 231 -52.74 -10.44 4.12
N ASP D 232 -53.19 -11.54 4.73
CA ASP D 232 -52.23 -12.49 5.30
C ASP D 232 -51.32 -13.07 4.22
N GLU D 233 -51.87 -13.39 3.05
CA GLU D 233 -51.08 -14.01 2.00
C GLU D 233 -50.05 -13.04 1.42
N VAL D 234 -50.39 -11.76 1.31
CA VAL D 234 -49.43 -10.80 0.78
C VAL D 234 -48.37 -10.47 1.83
N GLN D 235 -48.73 -10.46 3.12
CA GLN D 235 -47.70 -10.35 4.14
C GLN D 235 -46.76 -11.55 4.09
N THR D 236 -47.32 -12.75 3.87
CA THR D 236 -46.51 -13.95 3.69
C THR D 236 -45.60 -13.82 2.47
N LEU D 237 -46.13 -13.24 1.39
CA LEU D 237 -45.31 -13.01 0.21
C LEU D 237 -44.14 -12.08 0.51
N LYS D 238 -44.40 -11.00 1.24
CA LYS D 238 -43.32 -10.09 1.61
C LYS D 238 -42.27 -10.80 2.45
N TYR D 239 -42.72 -11.59 3.43
CA TYR D 239 -41.79 -12.31 4.29
C TYR D 239 -40.94 -13.29 3.49
N CYS D 240 -41.59 -14.08 2.63
CA CYS D 240 -40.87 -15.06 1.82
C CYS D 240 -39.87 -14.39 0.89
N VAL D 241 -40.28 -13.31 0.23
CA VAL D 241 -39.38 -12.63 -0.70
C VAL D 241 -38.18 -12.07 0.04
N HIS D 242 -38.43 -11.39 1.17
CA HIS D 242 -37.34 -10.79 1.93
C HIS D 242 -36.36 -11.86 2.40
N ASN D 243 -36.86 -12.96 2.95
CA ASN D 243 -35.96 -13.96 3.51
C ASN D 243 -35.24 -14.73 2.42
N VAL D 244 -35.90 -15.03 1.30
CA VAL D 244 -35.22 -15.71 0.22
C VAL D 244 -34.12 -14.84 -0.35
N ALA D 245 -34.38 -13.54 -0.47
CA ALA D 245 -33.31 -12.64 -0.92
C ALA D 245 -32.16 -12.61 0.07
N ASP D 246 -32.47 -12.52 1.37
CA ASP D 246 -31.42 -12.46 2.38
C ASP D 246 -30.58 -13.73 2.38
N ALA D 247 -31.22 -14.89 2.23
CA ALA D 247 -30.48 -16.15 2.19
C ALA D 247 -29.63 -16.28 0.93
N TYR D 248 -29.92 -15.50 -0.11
CA TYR D 248 -29.15 -15.53 -1.34
C TYR D 248 -28.04 -14.49 -1.35
N GLY D 249 -27.85 -13.75 -0.26
CA GLY D 249 -26.84 -12.71 -0.21
C GLY D 249 -27.26 -11.39 -0.78
N LYS D 250 -28.52 -11.23 -1.15
CA LYS D 250 -29.05 -9.99 -1.70
C LYS D 250 -30.15 -9.46 -0.80
N THR D 251 -30.73 -8.34 -1.22
CA THR D 251 -31.79 -7.68 -0.46
C THR D 251 -32.95 -7.36 -1.38
N VAL D 252 -34.14 -7.29 -0.83
CA VAL D 252 -35.34 -6.92 -1.57
C VAL D 252 -36.00 -5.76 -0.86
N THR D 253 -36.35 -4.72 -1.62
CA THR D 253 -37.13 -3.61 -1.11
C THR D 253 -38.46 -3.54 -1.83
N PHE D 254 -39.51 -3.23 -1.07
CA PHE D 254 -40.86 -3.11 -1.59
C PHE D 254 -41.34 -1.66 -1.65
N MET D 255 -40.44 -0.70 -1.49
CA MET D 255 -40.86 0.69 -1.51
C MET D 255 -41.33 1.09 -2.91
N PRO D 256 -42.29 2.00 -3.00
CA PRO D 256 -42.90 2.31 -4.31
C PRO D 256 -41.93 2.86 -5.34
N LYS D 257 -40.91 3.62 -4.92
CA LYS D 257 -40.01 4.27 -5.87
C LYS D 257 -38.60 4.30 -5.30
N PRO D 258 -37.88 3.18 -5.38
CA PRO D 258 -36.48 3.19 -4.94
C PRO D 258 -35.56 3.87 -5.94
N LEU D 259 -35.80 3.68 -7.23
CA LEU D 259 -35.00 4.27 -8.29
C LEU D 259 -35.62 5.58 -8.75
N TYR D 260 -34.83 6.36 -9.47
CA TYR D 260 -35.33 7.53 -10.20
C TYR D 260 -35.04 7.33 -11.68
N GLY D 261 -36.03 7.58 -12.52
CA GLY D 261 -35.85 7.41 -13.95
C GLY D 261 -36.45 6.12 -14.46
N ASP D 262 -36.27 5.05 -13.69
CA ASP D 262 -36.87 3.77 -14.02
C ASP D 262 -38.22 3.63 -13.30
N ASN D 263 -39.01 2.67 -13.77
CA ASN D 263 -40.35 2.47 -13.22
C ASN D 263 -40.27 2.10 -11.74
N GLY D 264 -41.28 2.53 -10.99
CA GLY D 264 -41.36 2.24 -9.57
C GLY D 264 -42.32 1.11 -9.28
N SER D 265 -42.13 0.51 -8.11
CA SER D 265 -42.95 -0.62 -7.70
C SER D 265 -44.39 -0.19 -7.46
N GLY D 266 -45.33 -1.04 -7.84
CA GLY D 266 -46.74 -0.76 -7.63
C GLY D 266 -47.50 -2.05 -7.41
N MET D 267 -48.63 -1.93 -6.72
CA MET D 267 -49.44 -3.08 -6.34
C MET D 267 -50.84 -2.88 -6.92
N HIS D 268 -51.05 -3.39 -8.13
CA HIS D 268 -52.37 -3.35 -8.73
C HIS D 268 -53.27 -4.36 -8.04
N VAL D 269 -54.49 -3.93 -7.71
CA VAL D 269 -55.42 -4.72 -6.92
C VAL D 269 -56.59 -5.09 -7.81
N HIS D 270 -56.74 -6.38 -8.12
CA HIS D 270 -57.92 -6.90 -8.80
C HIS D 270 -58.93 -7.29 -7.72
N MET D 271 -60.09 -6.64 -7.71
CA MET D 271 -61.08 -6.89 -6.69
C MET D 271 -62.46 -7.07 -7.30
N SER D 272 -63.23 -7.98 -6.71
CA SER D 272 -64.59 -8.28 -7.11
C SER D 272 -65.39 -8.68 -5.87
N ILE D 273 -66.72 -8.64 -6.01
CA ILE D 273 -67.62 -8.96 -4.91
C ILE D 273 -68.54 -10.09 -5.35
N ALA D 274 -68.55 -11.18 -4.58
CA ALA D 274 -69.38 -12.34 -4.87
C ALA D 274 -70.58 -12.37 -3.93
N LYS D 275 -71.72 -12.78 -4.47
CA LYS D 275 -72.96 -12.90 -3.70
C LYS D 275 -73.57 -14.27 -3.99
N ASP D 276 -73.59 -15.14 -2.99
CA ASP D 276 -74.13 -16.49 -3.14
C ASP D 276 -73.46 -17.24 -4.29
N GLY D 277 -72.15 -17.06 -4.42
CA GLY D 277 -71.40 -17.77 -5.43
C GLY D 277 -71.40 -17.15 -6.81
N LYS D 278 -72.14 -16.07 -7.01
CA LYS D 278 -72.17 -15.37 -8.29
C LYS D 278 -71.53 -14.01 -8.13
N ASN D 279 -70.76 -13.60 -9.14
CA ASN D 279 -70.09 -12.30 -9.08
C ASN D 279 -71.11 -11.18 -9.27
N THR D 280 -71.04 -10.18 -8.39
CA THR D 280 -71.88 -9.00 -8.52
C THR D 280 -71.34 -8.04 -9.58
N PHE D 281 -70.13 -8.27 -10.08
CA PHE D 281 -69.52 -7.42 -11.08
C PHE D 281 -69.72 -7.99 -12.48
N SER D 290 -70.37 -5.18 -15.33
CA SER D 290 -71.81 -5.20 -15.06
C SER D 290 -72.32 -3.79 -14.76
N ASP D 291 -73.24 -3.71 -13.80
CA ASP D 291 -73.77 -2.43 -13.35
C ASP D 291 -73.30 -2.05 -11.95
N THR D 292 -73.30 -3.01 -11.02
CA THR D 292 -72.82 -2.73 -9.67
C THR D 292 -71.34 -2.37 -9.68
N ALA D 293 -70.56 -3.04 -10.53
CA ALA D 293 -69.13 -2.72 -10.64
C ALA D 293 -68.92 -1.27 -11.04
N LEU D 294 -69.86 -0.71 -11.80
CA LEU D 294 -69.77 0.71 -12.13
C LEU D 294 -69.91 1.57 -10.89
N TYR D 295 -70.82 1.21 -9.99
CA TYR D 295 -70.94 1.95 -8.74
C TYR D 295 -69.70 1.75 -7.87
N PHE D 296 -69.10 0.57 -7.93
CA PHE D 296 -67.85 0.33 -7.22
C PHE D 296 -66.75 1.27 -7.74
N ILE D 297 -66.66 1.40 -9.06
CA ILE D 297 -65.68 2.30 -9.65
C ILE D 297 -65.98 3.74 -9.25
N GLY D 298 -67.26 4.12 -9.25
CA GLY D 298 -67.62 5.47 -8.82
C GLY D 298 -67.23 5.75 -7.39
N GLY D 299 -67.40 4.77 -6.51
CA GLY D 299 -66.98 4.92 -5.14
C GLY D 299 -65.47 5.05 -5.01
N ILE D 300 -64.73 4.28 -5.82
CA ILE D 300 -63.27 4.41 -5.81
C ILE D 300 -62.85 5.80 -6.28
N ILE D 301 -63.48 6.30 -7.34
CA ILE D 301 -63.07 7.59 -7.90
C ILE D 301 -63.44 8.73 -6.97
N LYS D 302 -64.66 8.71 -6.40
CA LYS D 302 -65.11 9.82 -5.57
C LYS D 302 -64.22 9.97 -4.34
N HIS D 303 -63.89 8.86 -3.69
CA HIS D 303 -62.98 8.87 -2.54
C HIS D 303 -61.57 8.46 -2.92
N GLY D 304 -61.12 8.80 -4.13
CA GLY D 304 -59.81 8.37 -4.58
C GLY D 304 -58.68 8.91 -3.73
N LYS D 305 -58.81 10.16 -3.29
CA LYS D 305 -57.76 10.77 -2.47
C LYS D 305 -57.73 10.17 -1.07
N ALA D 306 -58.92 9.99 -0.47
CA ALA D 306 -58.98 9.34 0.82
C ALA D 306 -58.45 7.92 0.74
N LEU D 307 -58.75 7.21 -0.36
CA LEU D 307 -58.17 5.89 -0.56
C LEU D 307 -56.65 5.97 -0.69
N ASN D 308 -56.15 6.96 -1.42
CA ASN D 308 -54.70 7.14 -1.52
C ASN D 308 -54.07 7.37 -0.15
N GLY D 309 -54.85 7.91 0.78
CA GLY D 309 -54.33 8.11 2.12
C GLY D 309 -53.86 6.82 2.76
N PHE D 310 -54.57 5.71 2.51
CA PHE D 310 -54.23 4.40 3.05
C PHE D 310 -53.46 3.52 2.08
N THR D 311 -53.81 3.54 0.81
CA THR D 311 -53.19 2.67 -0.18
C THR D 311 -51.85 3.22 -0.65
N ASN D 312 -51.64 4.52 -0.46
CA ASN D 312 -50.34 5.16 -0.72
C ASN D 312 -49.97 6.00 0.49
N PRO D 313 -49.60 5.37 1.60
CA PRO D 313 -49.31 6.13 2.82
C PRO D 313 -47.88 6.65 2.88
N SER D 314 -46.97 5.98 2.18
CA SER D 314 -45.57 6.36 2.22
C SER D 314 -45.33 7.66 1.45
N THR D 315 -44.40 8.46 1.95
CA THR D 315 -44.02 9.68 1.24
C THR D 315 -43.32 9.33 -0.07
N ASN D 316 -42.52 8.27 -0.08
CA ASN D 316 -41.87 7.82 -1.31
C ASN D 316 -42.89 7.38 -2.35
N SER D 317 -44.10 7.01 -1.93
CA SER D 317 -45.11 6.54 -2.87
C SER D 317 -45.44 7.61 -3.90
N TYR D 318 -45.55 8.86 -3.46
CA TYR D 318 -45.87 9.94 -4.38
C TYR D 318 -44.68 10.37 -5.22
N LYS D 319 -43.51 9.75 -5.01
CA LYS D 319 -42.44 9.87 -5.98
C LYS D 319 -42.69 9.01 -7.20
N ARG D 320 -43.67 8.10 -7.12
CA ARG D 320 -44.09 7.27 -8.25
C ARG D 320 -45.32 7.84 -8.95
N LEU D 321 -46.32 8.27 -8.19
CA LEU D 321 -47.52 8.87 -8.77
C LEU D 321 -47.20 10.24 -9.36
N VAL D 329 -52.97 7.13 -12.96
CA VAL D 329 -52.86 8.17 -11.94
C VAL D 329 -53.97 9.19 -12.11
N MET D 330 -54.85 8.95 -13.08
CA MET D 330 -55.90 9.88 -13.44
C MET D 330 -57.27 9.49 -12.88
N LEU D 331 -57.33 8.42 -12.08
CA LEU D 331 -58.57 8.01 -11.42
C LEU D 331 -59.71 7.81 -12.41
N ALA D 332 -59.40 7.20 -13.54
CA ALA D 332 -60.39 6.81 -14.54
C ALA D 332 -60.33 5.31 -14.75
N TYR D 333 -61.25 4.79 -15.56
CA TYR D 333 -61.32 3.36 -15.82
C TYR D 333 -61.51 3.10 -17.30
N SER D 334 -60.87 2.06 -17.79
CA SER D 334 -61.03 1.60 -19.18
C SER D 334 -60.39 0.22 -19.30
N ALA D 335 -60.83 -0.51 -20.32
CA ALA D 335 -60.26 -1.82 -20.62
C ALA D 335 -59.01 -1.76 -21.48
N ARG D 336 -58.69 -0.60 -22.05
CA ARG D 336 -57.54 -0.41 -22.91
C ARG D 336 -56.66 0.75 -22.47
N ASN D 337 -57.26 1.84 -22.01
CA ASN D 337 -56.50 3.06 -21.73
C ASN D 337 -55.45 2.80 -20.65
N ARG D 338 -54.23 3.29 -20.89
CA ARG D 338 -53.13 3.14 -19.95
C ARG D 338 -53.04 4.30 -18.96
N SER D 339 -53.53 5.48 -19.33
CA SER D 339 -53.52 6.60 -18.41
C SER D 339 -54.51 6.42 -17.26
N ALA D 340 -55.57 5.65 -17.47
CA ALA D 340 -56.57 5.45 -16.44
C ALA D 340 -55.99 4.67 -15.27
N SER D 341 -56.37 5.06 -14.05
CA SER D 341 -55.89 4.39 -12.85
C SER D 341 -56.61 3.09 -12.57
N ILE D 342 -57.72 2.82 -13.25
CA ILE D 342 -58.49 1.60 -13.07
C ILE D 342 -58.55 0.88 -14.40
N ARG D 343 -58.35 -0.44 -14.38
CA ARG D 343 -58.31 -1.25 -15.57
C ARG D 343 -59.29 -2.41 -15.42
N ILE D 344 -59.92 -2.80 -16.52
CA ILE D 344 -60.89 -3.89 -16.53
C ILE D 344 -60.36 -5.00 -17.42
N PRO D 345 -59.61 -5.97 -16.89
CA PRO D 345 -59.11 -7.06 -17.73
C PRO D 345 -60.12 -8.18 -17.88
N TYR D 346 -59.73 -9.26 -18.54
CA TYR D 346 -60.60 -10.43 -18.66
C TYR D 346 -60.60 -11.24 -17.36
N ARG D 354 -63.32 -8.46 -13.01
CA ARG D 354 -62.69 -7.90 -11.84
C ARG D 354 -62.17 -6.49 -12.11
N ILE D 355 -62.13 -5.68 -11.06
CA ILE D 355 -61.77 -4.27 -11.16
C ILE D 355 -60.34 -4.09 -10.67
N GLU D 356 -59.46 -3.60 -11.52
CA GLU D 356 -58.05 -3.49 -11.20
C GLU D 356 -57.69 -2.03 -10.93
N ALA D 357 -57.51 -1.69 -9.65
CA ALA D 357 -57.02 -0.38 -9.27
C ALA D 357 -55.50 -0.37 -9.30
N ARG D 358 -54.91 0.59 -10.01
CA ARG D 358 -53.49 0.58 -10.27
C ARG D 358 -52.67 1.53 -9.40
N PHE D 359 -53.32 2.40 -8.63
CA PHE D 359 -52.58 3.35 -7.80
C PHE D 359 -51.95 2.75 -6.53
N PRO D 360 -52.55 1.77 -5.87
CA PRO D 360 -51.91 1.24 -4.65
C PRO D 360 -50.55 0.62 -4.93
N ASP D 361 -49.70 0.64 -3.92
CA ASP D 361 -48.32 0.18 -3.99
C ASP D 361 -47.98 -0.63 -2.76
N PRO D 362 -46.92 -1.45 -2.82
CA PRO D 362 -46.68 -2.42 -1.73
C PRO D 362 -46.46 -1.78 -0.37
N SER D 363 -46.02 -0.52 -0.32
CA SER D 363 -45.71 0.10 0.97
C SER D 363 -46.94 0.34 1.83
N ALA D 364 -48.14 0.20 1.29
CA ALA D 364 -49.35 0.34 2.09
C ALA D 364 -49.54 -0.86 3.01
N ASN D 365 -50.29 -0.64 4.08
CA ASN D 365 -50.68 -1.74 4.93
C ASN D 365 -51.74 -2.57 4.20
N PRO D 366 -51.49 -3.85 3.92
CA PRO D 366 -52.46 -4.62 3.14
C PRO D 366 -53.85 -4.65 3.75
N TYR D 367 -53.94 -4.80 5.08
CA TYR D 367 -55.24 -4.82 5.72
C TYR D 367 -55.94 -3.48 5.56
N LEU D 368 -55.23 -2.39 5.89
CA LEU D 368 -55.82 -1.06 5.78
C LEU D 368 -56.15 -0.73 4.33
N ALA D 369 -55.25 -1.04 3.40
CA ALA D 369 -55.48 -0.71 2.00
C ALA D 369 -56.69 -1.47 1.46
N PHE D 370 -56.75 -2.78 1.69
CA PHE D 370 -57.86 -3.57 1.19
C PHE D 370 -59.18 -3.16 1.84
N ALA D 371 -59.16 -2.90 3.14
CA ALA D 371 -60.37 -2.45 3.82
C ALA D 371 -60.85 -1.11 3.28
N ALA D 372 -59.92 -0.18 3.05
CA ALA D 372 -60.31 1.12 2.52
C ALA D 372 -60.88 1.00 1.11
N LEU D 373 -60.25 0.18 0.27
CA LEU D 373 -60.75 -0.02 -1.08
C LEU D 373 -62.16 -0.60 -1.06
N LEU D 374 -62.36 -1.64 -0.25
CA LEU D 374 -63.67 -2.28 -0.18
C LEU D 374 -64.71 -1.33 0.40
N MET D 375 -64.34 -0.52 1.40
CA MET D 375 -65.30 0.40 1.99
C MET D 375 -65.70 1.48 1.01
N ALA D 376 -64.75 2.01 0.24
CA ALA D 376 -65.09 2.99 -0.78
C ALA D 376 -65.99 2.39 -1.84
N GLY D 377 -65.68 1.16 -2.27
CA GLY D 377 -66.54 0.51 -3.25
C GLY D 377 -67.94 0.26 -2.72
N LEU D 378 -68.05 -0.13 -1.46
CA LEU D 378 -69.37 -0.35 -0.86
C LEU D 378 -70.14 0.96 -0.75
N ASP D 379 -69.47 2.05 -0.41
CA ASP D 379 -70.14 3.35 -0.37
C ASP D 379 -70.62 3.75 -1.76
N GLY D 380 -69.80 3.50 -2.79
CA GLY D 380 -70.21 3.80 -4.14
C GLY D 380 -71.40 2.97 -4.59
N ILE D 381 -71.44 1.70 -4.17
CA ILE D 381 -72.56 0.84 -4.53
C ILE D 381 -73.83 1.28 -3.82
N GLN D 382 -73.73 1.59 -2.52
CA GLN D 382 -74.92 1.93 -1.76
C GLN D 382 -75.47 3.29 -2.13
N ASN D 383 -74.59 4.26 -2.40
CA ASN D 383 -75.03 5.63 -2.66
C ASN D 383 -75.38 5.87 -4.12
N LYS D 384 -75.29 4.86 -4.97
CA LYS D 384 -75.64 4.97 -6.39
C LYS D 384 -74.80 6.07 -7.08
N ILE D 385 -73.51 5.83 -7.14
CA ILE D 385 -72.55 6.75 -7.75
C ILE D 385 -72.14 6.19 -9.10
N HIS D 386 -72.27 7.00 -10.15
CA HIS D 386 -71.93 6.56 -11.49
C HIS D 386 -70.66 7.25 -11.97
N PRO D 387 -69.71 6.51 -12.54
CA PRO D 387 -68.43 7.09 -12.96
C PRO D 387 -68.35 7.52 -14.42
N GLY D 388 -69.41 7.36 -15.20
CA GLY D 388 -69.37 7.74 -16.60
C GLY D 388 -68.43 6.87 -17.40
N ASP D 389 -67.35 7.47 -17.91
CA ASP D 389 -66.32 6.73 -18.63
C ASP D 389 -65.05 7.55 -18.76
N ILE D 406 -59.75 14.19 -15.54
CA ILE D 406 -59.77 15.38 -14.70
C ILE D 406 -59.56 15.06 -13.22
N PRO D 407 -60.26 14.06 -12.66
CA PRO D 407 -59.96 13.66 -11.29
C PRO D 407 -58.52 13.19 -11.17
N GLN D 408 -57.91 13.48 -10.03
CA GLN D 408 -56.50 13.18 -9.84
C GLN D 408 -56.26 12.63 -8.44
N VAL D 409 -55.16 11.90 -8.30
CA VAL D 409 -54.70 11.39 -7.01
C VAL D 409 -54.09 12.54 -6.24
N CYS D 410 -53.82 12.32 -4.95
CA CYS D 410 -53.26 13.39 -4.12
C CYS D 410 -51.89 13.82 -4.63
N GLY D 411 -51.66 15.13 -4.58
CA GLY D 411 -50.35 15.64 -5.01
C GLY D 411 -49.23 15.19 -4.10
N SER D 412 -49.44 15.27 -2.79
CA SER D 412 -48.42 14.91 -1.81
C SER D 412 -49.10 14.29 -0.61
N LEU D 413 -48.28 13.63 0.24
CA LEU D 413 -48.83 12.93 1.39
C LEU D 413 -49.57 13.87 2.33
N LYS D 414 -49.14 15.13 2.43
CA LYS D 414 -49.88 16.08 3.26
C LYS D 414 -51.29 16.30 2.74
N GLU D 415 -51.43 16.45 1.42
CA GLU D 415 -52.76 16.60 0.83
C GLU D 415 -53.57 15.32 1.02
N ALA D 416 -52.93 14.16 0.93
CA ALA D 416 -53.62 12.90 1.15
C ALA D 416 -54.18 12.83 2.58
N LEU D 417 -53.38 13.21 3.57
CA LEU D 417 -53.85 13.17 4.95
C LEU D 417 -54.92 14.24 5.19
N GLU D 418 -54.80 15.40 4.57
CA GLU D 418 -55.83 16.42 4.71
C GLU D 418 -57.17 15.91 4.16
N GLU D 419 -57.15 15.29 2.98
CA GLU D 419 -58.38 14.77 2.41
C GLU D 419 -58.91 13.59 3.22
N LEU D 420 -58.01 12.77 3.77
CA LEU D 420 -58.45 11.67 4.62
C LEU D 420 -59.13 12.17 5.88
N ASP D 421 -58.60 13.24 6.48
CA ASP D 421 -59.24 13.84 7.64
C ASP D 421 -60.59 14.44 7.26
N LYS D 422 -60.67 15.09 6.11
CA LYS D 422 -61.92 15.73 5.70
C LYS D 422 -63.00 14.70 5.41
N GLY D 423 -62.68 13.67 4.63
CA GLY D 423 -63.68 12.76 4.10
C GLY D 423 -63.61 11.34 4.60
N ARG D 424 -63.40 11.16 5.90
CA ARG D 424 -63.30 9.83 6.48
C ARG D 424 -64.64 9.20 6.79
N ALA D 425 -65.75 9.91 6.60
CA ALA D 425 -67.05 9.40 7.03
C ALA D 425 -67.39 8.07 6.37
N PHE D 426 -66.97 7.89 5.11
CA PHE D 426 -67.22 6.63 4.44
C PHE D 426 -66.48 5.49 5.11
N LEU D 427 -65.33 5.77 5.73
CA LEU D 427 -64.63 4.72 6.48
C LEU D 427 -65.33 4.43 7.79
N THR D 428 -65.80 5.47 8.49
CA THR D 428 -66.50 5.29 9.75
C THR D 428 -67.88 4.68 9.58
N LYS D 429 -68.40 4.62 8.35
CA LYS D 429 -69.65 3.92 8.08
C LYS D 429 -69.60 2.51 8.63
N GLY D 430 -70.49 2.23 9.58
CA GLY D 430 -70.59 0.89 10.15
C GLY D 430 -69.56 0.55 11.20
N GLY D 431 -68.69 1.48 11.56
CA GLY D 431 -67.69 1.21 12.58
C GLY D 431 -66.49 0.42 12.12
N VAL D 432 -66.35 0.20 10.80
CA VAL D 432 -65.20 -0.55 10.30
C VAL D 432 -63.90 0.18 10.63
N PHE D 433 -63.88 1.49 10.42
CA PHE D 433 -62.77 2.34 10.83
C PHE D 433 -63.27 3.29 11.91
N SER D 434 -62.52 3.41 12.99
CA SER D 434 -62.92 4.28 14.09
C SER D 434 -62.31 5.67 13.93
N ASP D 435 -62.96 6.66 14.55
CA ASP D 435 -62.40 8.01 14.56
C ASP D 435 -61.06 8.04 15.29
N ASP D 436 -60.96 7.29 16.39
CA ASP D 436 -59.70 7.23 17.13
C ASP D 436 -58.58 6.61 16.29
N PHE D 437 -58.89 5.53 15.58
CA PHE D 437 -57.88 4.94 14.72
C PHE D 437 -57.49 5.89 13.60
N ILE D 438 -58.45 6.62 13.05
CA ILE D 438 -58.13 7.59 12.01
C ILE D 438 -57.21 8.66 12.57
N ASP D 439 -57.48 9.13 13.79
CA ASP D 439 -56.61 10.13 14.41
C ASP D 439 -55.21 9.58 14.63
N ALA D 440 -55.11 8.33 15.08
CA ALA D 440 -53.79 7.74 15.32
C ALA D 440 -53.02 7.59 14.01
N TYR D 441 -53.70 7.11 12.96
CA TYR D 441 -53.05 6.97 11.66
C TYR D 441 -52.61 8.32 11.12
N LEU D 442 -53.46 9.33 11.27
CA LEU D 442 -53.12 10.68 10.82
C LEU D 442 -51.91 11.20 11.56
N GLU D 443 -51.85 10.99 12.88
CA GLU D 443 -50.69 11.41 13.65
C GLU D 443 -49.43 10.73 13.16
N LEU D 444 -49.47 9.41 13.01
CA LEU D 444 -48.27 8.65 12.62
C LEU D 444 -47.78 9.11 11.24
N LYS D 445 -48.68 9.18 10.28
CA LYS D 445 -48.29 9.59 8.93
C LYS D 445 -47.86 11.05 8.91
N SER D 446 -48.44 11.90 9.77
CA SER D 446 -48.02 13.29 9.82
C SER D 446 -46.60 13.42 10.33
N GLU D 447 -46.24 12.66 11.37
CA GLU D 447 -44.86 12.70 11.84
C GLU D 447 -43.91 12.19 10.77
N GLU D 448 -44.26 11.10 10.09
CA GLU D 448 -43.37 10.59 9.03
C GLU D 448 -43.21 11.60 7.91
N GLU D 449 -44.32 12.21 7.49
CA GLU D 449 -44.28 13.18 6.39
C GLU D 449 -43.50 14.43 6.78
N ILE D 450 -43.67 14.92 8.00
CA ILE D 450 -42.93 16.10 8.43
C ILE D 450 -41.44 15.78 8.53
N LYS D 451 -41.10 14.59 9.05
CA LYS D 451 -39.69 14.22 9.13
C LYS D 451 -39.06 14.17 7.75
N VAL D 452 -39.74 13.57 6.77
CA VAL D 452 -39.19 13.49 5.43
C VAL D 452 -39.14 14.87 4.79
N ARG D 453 -40.14 15.71 5.05
CA ARG D 453 -40.28 16.98 4.36
C ARG D 453 -39.15 17.94 4.71
N THR D 454 -38.89 18.14 6.00
CA THR D 454 -37.99 19.21 6.42
C THR D 454 -36.54 18.93 6.08
N PHE D 455 -36.17 17.67 5.82
CA PHE D 455 -34.80 17.37 5.50
C PHE D 455 -34.43 17.90 4.12
N VAL D 456 -33.18 18.31 3.98
CA VAL D 456 -32.73 19.01 2.78
C VAL D 456 -32.45 18.00 1.67
N HIS D 457 -33.08 18.20 0.52
CA HIS D 457 -32.85 17.33 -0.61
C HIS D 457 -31.47 17.61 -1.22
N PRO D 458 -30.75 16.58 -1.66
CA PRO D 458 -29.51 16.82 -2.41
C PRO D 458 -29.72 17.55 -3.73
N LEU D 459 -30.92 17.48 -4.31
CA LEU D 459 -31.19 18.24 -5.54
C LEU D 459 -31.18 19.73 -5.28
N GLU D 460 -31.61 20.15 -4.10
CA GLU D 460 -31.49 21.56 -3.74
C GLU D 460 -30.04 21.98 -3.65
N TYR D 461 -29.15 21.07 -3.26
CA TYR D 461 -27.73 21.35 -3.38
C TYR D 461 -27.28 21.38 -4.83
N ASP D 462 -27.87 20.51 -5.66
CA ASP D 462 -27.49 20.46 -7.07
C ASP D 462 -27.81 21.76 -7.78
N LEU D 463 -28.95 22.39 -7.46
CA LEU D 463 -29.44 23.48 -8.29
C LEU D 463 -29.79 24.73 -7.49
N TYR D 464 -29.38 24.83 -6.22
CA TYR D 464 -29.44 26.11 -5.52
C TYR D 464 -28.14 26.46 -4.81
N TYR D 465 -27.04 25.76 -5.09
CA TYR D 465 -25.81 26.00 -4.35
C TYR D 465 -25.30 27.42 -4.57
N SER D 466 -25.35 27.90 -5.81
CA SER D 466 -24.78 29.20 -6.16
C SER D 466 -25.83 30.31 -6.17
N VAL D 467 -27.02 30.06 -5.64
CA VAL D 467 -28.04 31.09 -5.58
C VAL D 467 -27.67 32.14 -4.55
N SER E 2 -11.75 -48.53 -41.16
CA SER E 2 -12.53 -49.34 -40.24
C SER E 2 -12.05 -49.15 -38.80
N LYS E 3 -10.79 -48.74 -38.67
CA LYS E 3 -10.22 -48.53 -37.34
C LYS E 3 -10.95 -47.43 -36.58
N SER E 4 -11.32 -46.35 -37.29
CA SER E 4 -12.03 -45.26 -36.63
C SER E 4 -13.37 -45.73 -36.09
N LEU E 5 -14.10 -46.52 -36.88
CA LEU E 5 -15.39 -47.04 -36.40
C LEU E 5 -15.19 -47.98 -35.23
N GLN E 6 -14.15 -48.82 -35.27
CA GLN E 6 -13.88 -49.71 -34.16
C GLN E 6 -13.61 -48.93 -32.88
N LEU E 7 -12.80 -47.87 -32.97
CA LEU E 7 -12.51 -47.06 -31.80
C LEU E 7 -13.77 -46.35 -31.29
N ILE E 8 -14.59 -45.84 -32.22
CA ILE E 8 -15.82 -45.14 -31.83
C ILE E 8 -16.74 -46.08 -31.07
N LYS E 9 -16.91 -47.30 -31.59
CA LYS E 9 -17.77 -48.26 -30.93
C LYS E 9 -17.20 -48.69 -29.59
N GLU E 10 -15.88 -48.91 -29.52
CA GLU E 10 -15.28 -49.44 -28.30
C GLU E 10 -15.31 -48.43 -27.17
N HIS E 11 -15.00 -47.17 -27.45
CA HIS E 11 -14.81 -46.17 -26.40
C HIS E 11 -15.93 -45.15 -26.32
N ASP E 12 -17.04 -45.38 -27.02
CA ASP E 12 -18.20 -44.48 -26.97
C ASP E 12 -17.80 -43.05 -27.32
N VAL E 13 -16.99 -42.92 -28.37
CA VAL E 13 -16.46 -41.62 -28.74
C VAL E 13 -17.60 -40.71 -29.19
N LYS E 14 -17.61 -39.48 -28.67
CA LYS E 14 -18.66 -38.52 -28.98
C LYS E 14 -18.25 -37.46 -29.98
N TRP E 15 -16.96 -37.17 -30.10
CA TRP E 15 -16.47 -36.14 -31.00
C TRP E 15 -15.32 -36.68 -31.83
N ILE E 16 -15.19 -36.16 -33.04
CA ILE E 16 -14.11 -36.53 -33.96
C ILE E 16 -13.33 -35.27 -34.29
N ASP E 17 -12.02 -35.33 -34.08
CA ASP E 17 -11.08 -34.25 -34.34
C ASP E 17 -10.27 -34.58 -35.58
N LEU E 18 -10.60 -33.95 -36.70
CA LEU E 18 -9.81 -34.11 -37.90
C LEU E 18 -8.66 -33.11 -37.88
N ARG E 19 -7.43 -33.60 -38.03
CA ARG E 19 -6.24 -32.80 -37.84
C ARG E 19 -5.36 -32.87 -39.07
N PHE E 20 -4.90 -31.71 -39.54
CA PHE E 20 -4.02 -31.62 -40.70
C PHE E 20 -2.95 -30.57 -40.42
N THR E 21 -1.80 -30.73 -41.07
CA THR E 21 -0.68 -29.81 -40.88
C THR E 21 -0.54 -28.91 -42.09
N ASP E 22 -0.45 -27.61 -41.84
CA ASP E 22 -0.26 -26.63 -42.90
C ASP E 22 1.23 -26.46 -43.18
N THR E 23 1.58 -25.46 -43.99
CA THR E 23 2.97 -25.31 -44.42
C THR E 23 3.88 -24.90 -43.28
N LYS E 24 3.41 -24.05 -42.35
CA LYS E 24 4.27 -23.60 -41.26
C LYS E 24 4.60 -24.74 -40.31
N GLY E 25 3.68 -25.68 -40.11
CA GLY E 25 3.86 -26.80 -39.21
C GLY E 25 2.87 -26.86 -38.07
N LYS E 26 2.16 -25.78 -37.79
CA LYS E 26 1.20 -25.77 -36.70
C LYS E 26 -0.02 -26.62 -37.09
N GLN E 27 -0.31 -27.64 -36.29
CA GLN E 27 -1.43 -28.53 -36.57
C GLN E 27 -2.75 -27.78 -36.43
N GLN E 28 -3.69 -28.11 -37.31
CA GLN E 28 -5.00 -27.49 -37.35
C GLN E 28 -6.06 -28.57 -37.19
N HIS E 29 -7.04 -28.32 -36.32
CA HIS E 29 -8.04 -29.31 -35.96
C HIS E 29 -9.44 -28.77 -36.20
N VAL E 30 -10.34 -29.68 -36.54
CA VAL E 30 -11.77 -29.36 -36.68
C VAL E 30 -12.56 -30.46 -36.00
N THR E 31 -13.54 -30.06 -35.18
CA THR E 31 -14.32 -30.98 -34.38
C THR E 31 -15.71 -31.17 -34.99
N MET E 32 -16.15 -32.41 -35.07
CA MET E 32 -17.48 -32.76 -35.53
C MET E 32 -18.06 -33.81 -34.60
N PRO E 33 -19.38 -33.97 -34.60
CA PRO E 33 -19.97 -35.09 -33.85
C PRO E 33 -19.54 -36.42 -34.44
N ALA E 34 -19.50 -37.44 -33.57
CA ALA E 34 -19.02 -38.75 -33.99
C ALA E 34 -20.03 -39.56 -34.78
N ARG E 35 -21.32 -39.21 -34.70
CA ARG E 35 -22.32 -39.96 -35.46
C ARG E 35 -22.26 -39.64 -36.95
N ASP E 36 -21.54 -38.60 -37.34
CA ASP E 36 -21.37 -38.27 -38.74
C ASP E 36 -20.24 -39.06 -39.39
N VAL E 37 -19.56 -39.92 -38.65
CA VAL E 37 -18.50 -40.76 -39.19
C VAL E 37 -19.11 -42.05 -39.70
N ASP E 38 -18.99 -42.28 -41.00
CA ASP E 38 -19.55 -43.45 -41.66
C ASP E 38 -18.87 -43.58 -43.02
N ASP E 39 -19.43 -44.44 -43.88
CA ASP E 39 -18.79 -44.74 -45.16
C ASP E 39 -18.69 -43.51 -46.05
N ASP E 40 -19.75 -42.72 -46.13
CA ASP E 40 -19.70 -41.52 -46.95
C ASP E 40 -18.77 -40.47 -46.35
N PHE E 41 -18.59 -40.49 -45.03
CA PHE E 41 -17.56 -39.64 -44.41
C PHE E 41 -16.17 -40.08 -44.86
N PHE E 42 -15.94 -41.38 -44.97
CA PHE E 42 -14.65 -41.89 -45.41
C PHE E 42 -14.45 -41.76 -46.91
N GLU E 43 -15.53 -41.57 -47.68
CA GLU E 43 -15.43 -41.51 -49.12
C GLU E 43 -15.49 -40.09 -49.69
N TYR E 44 -16.11 -39.15 -48.98
CA TYR E 44 -16.26 -37.79 -49.47
C TYR E 44 -15.48 -36.75 -48.67
N GLY E 45 -15.20 -37.02 -47.40
CA GLY E 45 -14.49 -36.06 -46.58
C GLY E 45 -15.39 -34.98 -46.02
N LYS E 46 -14.76 -33.98 -45.43
CA LYS E 46 -15.46 -32.88 -44.80
C LYS E 46 -15.08 -31.57 -45.48
N MET E 47 -16.10 -30.78 -45.82
CA MET E 47 -15.88 -29.49 -46.49
C MET E 47 -15.31 -28.50 -45.48
N PHE E 48 -14.24 -27.81 -45.87
CA PHE E 48 -13.65 -26.80 -45.00
C PHE E 48 -13.01 -25.72 -45.86
N ASP E 49 -13.02 -24.50 -45.35
CA ASP E 49 -12.50 -23.34 -46.07
C ASP E 49 -11.00 -23.25 -45.81
N GLY E 50 -10.20 -23.45 -46.85
CA GLY E 50 -8.76 -23.36 -46.77
C GLY E 50 -8.18 -22.00 -47.12
N SER E 51 -9.01 -20.96 -47.18
CA SER E 51 -8.52 -19.64 -47.56
C SER E 51 -7.71 -18.99 -46.44
N SER E 52 -8.18 -19.11 -45.19
CA SER E 52 -7.53 -18.44 -44.08
C SER E 52 -6.22 -19.08 -43.68
N ILE E 53 -5.90 -20.26 -44.21
CA ILE E 53 -4.68 -20.96 -43.85
C ILE E 53 -3.56 -20.50 -44.78
N ALA E 54 -2.43 -20.12 -44.19
CA ALA E 54 -1.30 -19.63 -44.97
C ALA E 54 -0.79 -20.71 -45.91
N GLY E 55 -0.57 -20.32 -47.17
CA GLY E 55 -0.16 -21.26 -48.19
C GLY E 55 -1.31 -21.71 -49.08
N SER E 62 -9.68 -22.23 -53.38
CA SER E 62 -10.59 -21.39 -52.63
C SER E 62 -11.36 -22.21 -51.59
N ASP E 63 -11.37 -23.53 -51.78
CA ASP E 63 -12.10 -24.43 -50.90
C ASP E 63 -11.55 -25.83 -51.10
N MET E 64 -11.04 -26.45 -50.04
CA MET E 64 -10.44 -27.77 -50.09
C MET E 64 -11.27 -28.77 -49.30
N ILE E 65 -11.04 -30.05 -49.56
CA ILE E 65 -11.71 -31.13 -48.83
C ILE E 65 -10.68 -31.85 -47.99
N LEU E 66 -11.14 -32.51 -46.93
CA LEU E 66 -10.28 -33.16 -45.97
C LEU E 66 -10.54 -34.66 -46.02
N MET E 67 -9.49 -35.43 -46.29
CA MET E 67 -9.62 -36.88 -46.45
C MET E 67 -9.05 -37.58 -45.23
N PRO E 68 -9.87 -38.15 -44.36
CA PRO E 68 -9.33 -38.82 -43.17
C PRO E 68 -8.52 -40.05 -43.52
N ASP E 69 -7.72 -40.47 -42.55
CA ASP E 69 -6.87 -41.65 -42.70
C ASP E 69 -7.06 -42.61 -41.52
N THR E 72 -4.92 -44.03 -38.73
CA THR E 72 -4.22 -43.25 -37.72
C THR E 72 -5.19 -42.57 -36.75
N ALA E 73 -6.29 -43.25 -36.46
CA ALA E 73 -7.26 -42.75 -35.50
C ALA E 73 -6.83 -43.14 -34.10
N VAL E 74 -6.64 -42.16 -33.23
CA VAL E 74 -6.18 -42.41 -31.88
C VAL E 74 -6.99 -41.55 -30.92
N LEU E 75 -7.27 -42.09 -29.74
CA LEU E 75 -8.10 -41.37 -28.77
C LEU E 75 -7.37 -40.15 -28.24
N ASP E 76 -8.12 -39.09 -27.98
CA ASP E 76 -7.55 -37.89 -27.37
C ASP E 76 -7.53 -38.05 -25.86
N PRO E 77 -6.38 -37.90 -25.21
CA PRO E 77 -6.31 -38.04 -23.75
C PRO E 77 -6.56 -36.78 -22.95
N PHE E 78 -7.00 -35.69 -23.58
CA PHE E 78 -7.18 -34.42 -22.89
C PHE E 78 -8.61 -33.93 -22.82
N THR E 79 -9.43 -34.21 -23.83
CA THR E 79 -10.80 -33.74 -23.81
C THR E 79 -11.59 -34.42 -22.70
N GLU E 80 -12.52 -33.67 -22.10
CA GLU E 80 -13.35 -34.23 -21.04
C GLU E 80 -14.21 -35.37 -21.58
N GLU E 81 -14.76 -35.20 -22.75
CA GLU E 81 -15.57 -36.20 -23.41
C GLU E 81 -14.73 -36.99 -24.42
N PRO E 82 -15.09 -38.24 -24.70
CA PRO E 82 -14.26 -39.07 -25.59
C PRO E 82 -14.20 -38.47 -26.99
N THR E 83 -12.98 -38.15 -27.41
CA THR E 83 -12.70 -37.54 -28.71
C THR E 83 -11.69 -38.40 -29.44
N LEU E 84 -11.97 -38.70 -30.70
CA LEU E 84 -11.08 -39.50 -31.53
C LEU E 84 -10.42 -38.59 -32.55
N ILE E 85 -9.09 -38.54 -32.53
CA ILE E 85 -8.30 -37.70 -33.42
C ILE E 85 -7.89 -38.54 -34.63
N ILE E 86 -8.21 -38.05 -35.82
CA ILE E 86 -7.79 -38.67 -37.07
C ILE E 86 -6.97 -37.66 -37.85
N VAL E 87 -5.77 -38.06 -38.25
CA VAL E 87 -4.92 -37.20 -39.07
C VAL E 87 -5.34 -37.38 -40.52
N CYS E 88 -5.63 -36.26 -41.19
CA CYS E 88 -6.28 -36.28 -42.49
C CYS E 88 -5.50 -35.43 -43.50
N ASP E 89 -5.54 -35.88 -44.76
CA ASP E 89 -4.88 -35.21 -45.86
C ASP E 89 -5.77 -34.13 -46.45
N ILE E 90 -5.19 -33.30 -47.29
CA ILE E 90 -5.91 -32.26 -48.02
C ILE E 90 -6.04 -32.68 -49.47
N ILE E 91 -7.25 -32.61 -50.00
CA ILE E 91 -7.52 -32.99 -51.38
C ILE E 91 -8.25 -31.83 -52.05
N GLU E 92 -7.79 -31.46 -53.24
CA GLU E 92 -8.40 -30.36 -53.98
C GLU E 92 -9.64 -30.86 -54.72
N PRO E 93 -10.80 -30.22 -54.54
CA PRO E 93 -12.01 -30.67 -55.25
C PRO E 93 -11.87 -30.60 -56.76
N SER E 94 -11.08 -29.65 -57.29
CA SER E 94 -11.00 -29.47 -58.73
C SER E 94 -10.44 -30.71 -59.42
N THR E 95 -9.41 -31.32 -58.84
CA THR E 95 -8.76 -32.47 -59.45
C THR E 95 -8.91 -33.75 -58.64
N MET E 96 -9.46 -33.69 -57.43
CA MET E 96 -9.65 -34.86 -56.57
C MET E 96 -8.33 -35.60 -56.35
N GLN E 97 -7.24 -34.84 -56.24
CA GLN E 97 -5.93 -35.37 -55.91
C GLN E 97 -5.43 -34.68 -54.64
N GLY E 98 -4.34 -35.22 -54.09
CA GLY E 98 -3.71 -34.61 -52.95
C GLY E 98 -3.32 -33.17 -53.22
N TYR E 99 -3.61 -32.27 -52.29
CA TYR E 99 -3.32 -30.86 -52.50
C TYR E 99 -1.83 -30.65 -52.66
N ASP E 100 -1.47 -29.75 -53.57
CA ASP E 100 -0.06 -29.48 -53.84
C ASP E 100 0.63 -28.87 -52.63
N ARG E 101 -0.05 -27.96 -51.93
CA ARG E 101 0.54 -27.22 -50.82
C ARG E 101 0.21 -27.83 -49.46
N ASP E 102 0.06 -29.16 -49.41
CA ASP E 102 -0.14 -29.85 -48.14
C ASP E 102 1.11 -30.66 -47.82
N PRO E 103 1.79 -30.38 -46.71
CA PRO E 103 3.03 -31.11 -46.41
C PRO E 103 2.86 -32.61 -46.31
N ARG E 104 1.72 -33.09 -45.80
CA ARG E 104 1.51 -34.53 -45.66
C ARG E 104 1.50 -35.20 -47.03
N ALA E 105 0.85 -34.59 -48.01
CA ALA E 105 0.87 -35.14 -49.36
C ALA E 105 2.28 -35.14 -49.92
N ILE E 106 3.08 -34.14 -49.56
CA ILE E 106 4.46 -34.11 -50.02
C ILE E 106 5.27 -35.24 -49.40
N ALA E 107 5.01 -35.55 -48.13
CA ALA E 107 5.67 -36.70 -47.50
C ALA E 107 5.24 -38.00 -48.16
N ARG E 108 3.95 -38.11 -48.49
CA ARG E 108 3.48 -39.31 -49.21
C ARG E 108 4.17 -39.43 -50.55
N ARG E 109 4.32 -38.32 -51.27
CA ARG E 109 5.03 -38.34 -52.54
C ARG E 109 6.49 -38.73 -52.34
N ALA E 110 7.08 -38.31 -51.22
CA ALA E 110 8.45 -38.71 -50.92
C ALA E 110 8.55 -40.22 -50.74
N GLU E 111 7.62 -40.80 -49.99
CA GLU E 111 7.64 -42.24 -49.81
C GLU E 111 7.44 -42.97 -51.13
N GLU E 112 6.51 -42.49 -51.95
CA GLU E 112 6.28 -43.10 -53.25
C GLU E 112 7.51 -43.00 -54.14
N TYR E 113 8.19 -41.85 -54.13
CA TYR E 113 9.39 -41.69 -54.93
C TYR E 113 10.50 -42.62 -54.44
N LEU E 114 10.64 -42.79 -53.13
CA LEU E 114 11.60 -43.76 -52.62
C LEU E 114 11.27 -45.15 -53.12
N LYS E 115 9.99 -45.53 -53.09
CA LYS E 115 9.60 -46.84 -53.61
C LYS E 115 9.90 -46.94 -55.10
N SER E 116 9.81 -45.83 -55.83
CA SER E 116 10.00 -45.85 -57.28
C SER E 116 11.47 -45.96 -57.67
N THR E 117 12.38 -45.37 -56.88
CA THR E 117 13.79 -45.40 -57.24
C THR E 117 14.32 -46.83 -57.27
N GLY E 118 13.87 -47.67 -56.33
CA GLY E 118 14.31 -49.04 -56.26
C GLY E 118 15.50 -49.28 -55.36
N ILE E 119 16.15 -48.21 -54.88
CA ILE E 119 17.24 -48.39 -53.92
C ILE E 119 16.70 -48.88 -52.58
N GLY E 120 15.45 -48.53 -52.25
CA GLY E 120 14.86 -48.97 -51.01
C GLY E 120 13.44 -48.49 -50.90
N ASP E 121 12.86 -48.72 -49.73
CA ASP E 121 11.50 -48.27 -49.44
C ASP E 121 11.33 -48.17 -47.94
N THR E 122 10.29 -47.45 -47.53
CA THR E 122 9.95 -47.28 -46.12
C THR E 122 11.13 -46.78 -45.30
N ALA E 123 11.57 -45.57 -45.63
CA ALA E 123 12.68 -44.96 -44.92
C ALA E 123 12.30 -44.69 -43.47
N PHE E 124 13.21 -44.98 -42.56
CA PHE E 124 12.99 -44.83 -41.13
C PHE E 124 13.63 -43.54 -40.63
N PHE E 125 12.84 -42.73 -39.94
CA PHE E 125 13.29 -41.46 -39.39
C PHE E 125 12.94 -41.43 -37.91
N GLY E 126 13.96 -41.31 -37.07
CA GLY E 126 13.74 -41.10 -35.65
C GLY E 126 14.23 -39.74 -35.21
N PRO E 127 13.32 -38.83 -34.95
CA PRO E 127 13.72 -37.51 -34.47
C PRO E 127 13.64 -37.37 -32.97
N GLU E 128 14.63 -36.70 -32.39
CA GLU E 128 14.65 -36.34 -30.99
C GLU E 128 14.54 -34.82 -30.89
N PRO E 129 13.36 -34.27 -30.59
CA PRO E 129 13.24 -32.84 -30.32
C PRO E 129 13.31 -32.52 -28.83
N GLU E 130 13.83 -31.35 -28.49
CA GLU E 130 13.86 -30.87 -27.13
C GLU E 130 12.94 -29.67 -26.99
N PHE E 131 12.42 -29.46 -25.79
CA PHE E 131 11.51 -28.35 -25.55
C PHE E 131 11.87 -27.68 -24.24
N PHE E 132 11.21 -26.56 -23.97
CA PHE E 132 11.43 -25.79 -22.74
C PHE E 132 10.13 -25.70 -21.97
N ILE E 133 10.18 -25.96 -20.67
CA ILE E 133 9.01 -25.88 -19.80
C ILE E 133 9.16 -24.60 -18.98
N PHE E 134 8.57 -23.53 -19.47
CA PHE E 134 8.58 -22.24 -18.79
C PHE E 134 7.32 -22.09 -17.96
N ASP E 135 7.46 -21.55 -16.75
CA ASP E 135 6.27 -21.27 -15.95
C ASP E 135 5.38 -20.24 -16.61
N GLU E 136 5.98 -19.23 -17.24
CA GLU E 136 5.22 -18.13 -17.82
C GLU E 136 6.10 -17.44 -18.85
N VAL E 137 5.47 -16.81 -19.83
CA VAL E 137 6.19 -16.12 -20.90
C VAL E 137 5.38 -14.89 -21.32
N LYS E 138 6.06 -13.75 -21.44
CA LYS E 138 5.44 -12.54 -21.96
C LYS E 138 6.32 -11.97 -23.06
N TYR E 139 5.71 -11.46 -24.12
CA TYR E 139 6.51 -10.91 -25.23
C TYR E 139 5.68 -9.92 -26.03
N LYS E 140 5.89 -8.63 -25.80
CA LYS E 140 5.21 -7.61 -26.59
C LYS E 140 6.23 -6.78 -27.34
N SER E 141 6.07 -6.68 -28.65
CA SER E 141 7.02 -5.96 -29.51
C SER E 141 6.24 -4.99 -30.38
N ASP E 142 6.13 -3.74 -29.92
CA ASP E 142 5.52 -2.69 -30.71
C ASP E 142 6.38 -1.43 -30.67
N ILE E 143 5.86 -0.34 -31.22
CA ILE E 143 6.67 0.85 -31.44
C ILE E 143 7.25 1.37 -30.13
N SER E 144 6.48 1.30 -29.05
CA SER E 144 6.95 1.77 -27.76
C SER E 144 8.14 0.96 -27.27
N GLY E 145 8.10 -0.36 -27.44
CA GLY E 145 9.17 -1.20 -26.93
C GLY E 145 8.99 -2.64 -27.38
N SER E 146 10.10 -3.37 -27.32
CA SER E 146 10.15 -4.77 -27.74
C SER E 146 10.72 -5.61 -26.60
N MET E 147 9.84 -6.09 -25.74
CA MET E 147 10.21 -6.84 -24.55
C MET E 147 9.81 -8.29 -24.69
N PHE E 148 10.68 -9.19 -24.23
CA PHE E 148 10.29 -10.57 -23.99
C PHE E 148 10.91 -11.01 -22.67
N LYS E 149 10.14 -11.76 -21.88
CA LYS E 149 10.53 -12.15 -20.54
C LYS E 149 10.01 -13.54 -20.25
N ILE E 150 10.84 -14.33 -19.55
CA ILE E 150 10.55 -15.71 -19.21
C ILE E 150 10.53 -15.83 -17.70
N PHE E 151 9.48 -16.46 -17.16
CA PHE E 151 9.37 -16.75 -15.75
C PHE E 151 9.44 -18.26 -15.56
N SER E 152 10.31 -18.71 -14.68
CA SER E 152 10.47 -20.13 -14.40
C SER E 152 11.04 -20.26 -13.00
N GLU E 153 10.32 -20.95 -12.12
CA GLU E 153 10.78 -21.09 -10.74
C GLU E 153 12.09 -21.86 -10.66
N GLN E 154 12.36 -22.73 -11.64
CA GLN E 154 13.58 -23.51 -11.67
C GLN E 154 14.70 -22.83 -12.43
N ALA E 155 14.50 -21.60 -12.90
CA ALA E 155 15.51 -20.93 -13.69
C ALA E 155 16.69 -20.52 -12.82
N ALA E 156 17.86 -20.44 -13.45
CA ALA E 156 19.06 -20.03 -12.72
C ALA E 156 18.94 -18.61 -12.20
N TRP E 157 18.42 -17.68 -13.02
CA TRP E 157 18.33 -16.29 -12.62
C TRP E 157 17.30 -16.04 -11.53
N ASN E 158 16.39 -16.98 -11.29
CA ASN E 158 15.40 -16.87 -10.23
C ASN E 158 15.94 -17.35 -8.89
N THR E 159 17.26 -17.32 -8.71
CA THR E 159 17.87 -17.94 -7.55
C THR E 159 17.46 -17.24 -6.26
N ASP E 160 17.34 -15.92 -6.30
CA ASP E 160 17.00 -15.14 -5.11
C ASP E 160 15.57 -14.63 -5.08
N ALA E 161 14.86 -14.66 -6.20
CA ALA E 161 13.52 -14.09 -6.25
C ALA E 161 12.57 -14.90 -5.37
N ASP E 162 11.76 -14.22 -4.59
CA ASP E 162 10.84 -14.89 -3.68
C ASP E 162 9.71 -15.55 -4.46
N PHE E 163 9.15 -16.60 -3.87
CA PHE E 163 8.08 -17.36 -4.50
C PHE E 163 7.04 -17.72 -3.45
N GLU E 164 5.81 -17.96 -3.90
CA GLU E 164 4.80 -18.51 -3.02
C GLU E 164 5.19 -19.94 -2.65
N GLY E 165 4.98 -20.28 -1.39
CA GLY E 165 5.38 -21.58 -0.90
C GLY E 165 6.85 -21.72 -0.59
N GLY E 166 7.63 -20.68 -0.78
CA GLY E 166 9.04 -20.70 -0.40
C GLY E 166 9.97 -20.74 -1.61
N ASN E 167 11.08 -20.03 -1.51
CA ASN E 167 12.13 -20.06 -2.54
C ASN E 167 13.08 -21.20 -2.17
N LYS E 168 12.72 -22.39 -2.62
CA LYS E 168 13.57 -23.55 -2.43
C LYS E 168 14.86 -23.38 -3.24
N GLY E 169 15.99 -23.63 -2.60
CA GLY E 169 17.27 -23.25 -3.15
C GLY E 169 17.83 -24.16 -4.23
N HIS E 170 17.12 -25.22 -4.60
CA HIS E 170 17.62 -26.17 -5.58
C HIS E 170 17.06 -25.81 -6.95
N ARG E 171 17.96 -25.49 -7.89
CA ARG E 171 17.59 -25.16 -9.26
C ARG E 171 18.80 -25.35 -10.13
N PRO E 172 18.65 -25.87 -11.35
CA PRO E 172 19.82 -26.11 -12.21
C PRO E 172 20.41 -24.81 -12.70
N GLY E 173 21.73 -24.71 -12.63
CA GLY E 173 22.44 -23.53 -13.09
C GLY E 173 22.49 -23.48 -14.61
N VAL E 174 23.15 -22.43 -15.10
CA VAL E 174 23.27 -22.26 -16.55
C VAL E 174 24.06 -23.42 -17.12
N LYS E 175 23.48 -24.10 -18.10
CA LYS E 175 24.06 -25.27 -18.76
C LYS E 175 24.31 -26.43 -17.81
N GLY E 176 23.80 -26.35 -16.58
CA GLY E 176 24.00 -27.42 -15.62
C GLY E 176 22.72 -28.15 -15.30
N GLY E 177 21.91 -28.40 -16.32
CA GLY E 177 20.64 -29.06 -16.12
C GLY E 177 20.59 -30.48 -16.65
N TYR E 178 21.73 -31.05 -16.98
CA TYR E 178 21.79 -32.40 -17.54
C TYR E 178 21.81 -33.41 -16.40
N PHE E 179 20.66 -34.04 -16.15
CA PHE E 179 20.48 -35.09 -15.16
C PHE E 179 20.78 -34.67 -13.72
N PRO E 180 20.20 -33.60 -13.18
CA PRO E 180 20.06 -33.52 -11.73
C PRO E 180 18.97 -34.48 -11.24
N VAL E 181 19.02 -34.79 -9.97
CA VAL E 181 17.98 -35.58 -9.31
C VAL E 181 16.76 -34.69 -9.11
N PRO E 182 15.58 -35.27 -8.85
CA PRO E 182 14.34 -34.48 -8.80
C PRO E 182 14.39 -33.29 -7.84
N PRO E 183 15.18 -33.34 -6.76
CA PRO E 183 15.33 -32.11 -5.95
C PRO E 183 15.75 -30.91 -6.77
N VAL E 184 16.65 -31.10 -7.74
CA VAL E 184 17.01 -30.04 -8.67
C VAL E 184 16.31 -30.20 -10.01
N ASP E 185 15.89 -31.41 -10.36
CA ASP E 185 15.12 -31.67 -11.58
C ASP E 185 13.66 -31.42 -11.26
N HIS E 186 13.24 -30.16 -11.37
CA HIS E 186 11.88 -29.79 -10.98
C HIS E 186 10.82 -30.44 -11.85
N ASP E 187 11.17 -30.97 -13.01
CA ASP E 187 10.21 -31.36 -14.02
C ASP E 187 10.09 -32.86 -14.20
N HIS E 188 10.42 -33.64 -13.17
CA HIS E 188 10.31 -35.09 -13.31
C HIS E 188 8.87 -35.54 -13.38
N GLU E 189 8.03 -35.02 -12.48
CA GLU E 189 6.62 -35.43 -12.45
C GLU E 189 5.88 -34.98 -13.70
N ILE E 190 6.13 -33.76 -14.15
CA ILE E 190 5.46 -33.28 -15.35
C ILE E 190 5.94 -34.04 -16.58
N ARG E 191 7.23 -34.37 -16.64
CA ARG E 191 7.74 -35.18 -17.74
C ARG E 191 7.09 -36.56 -17.75
N THR E 192 6.92 -37.15 -16.56
CA THR E 192 6.22 -38.43 -16.48
C THR E 192 4.77 -38.28 -16.94
N ALA E 193 4.14 -37.14 -16.64
CA ALA E 193 2.78 -36.91 -17.11
C ALA E 193 2.73 -36.84 -18.63
N MET E 194 3.68 -36.14 -19.25
CA MET E 194 3.73 -36.11 -20.71
C MET E 194 3.97 -37.50 -21.28
N CYS E 195 4.82 -38.29 -20.63
CA CYS E 195 5.06 -39.65 -21.10
C CYS E 195 3.81 -40.51 -20.99
N ASN E 196 3.06 -40.34 -19.90
CA ASN E 196 1.80 -41.08 -19.75
C ASN E 196 0.83 -40.71 -20.86
N ALA E 197 0.69 -39.41 -21.14
CA ALA E 197 -0.23 -38.99 -22.19
C ALA E 197 0.25 -39.41 -23.56
N LEU E 198 1.57 -39.50 -23.76
CA LEU E 198 2.11 -40.00 -25.02
C LEU E 198 1.76 -41.47 -25.20
N GLU E 199 1.99 -42.28 -24.17
CA GLU E 199 1.63 -43.69 -24.25
C GLU E 199 0.13 -43.88 -24.42
N GLU E 200 -0.66 -42.92 -23.93
CA GLU E 200 -2.10 -42.94 -24.19
C GLU E 200 -2.38 -42.80 -25.68
N MET E 201 -1.62 -41.95 -26.37
CA MET E 201 -1.81 -41.69 -27.78
C MET E 201 -1.11 -42.71 -28.67
N GLY E 202 -0.79 -43.89 -28.14
CA GLY E 202 -0.14 -44.92 -28.93
C GLY E 202 1.26 -44.59 -29.37
N LEU E 203 2.07 -44.04 -28.47
CA LEU E 203 3.45 -43.69 -28.76
C LEU E 203 4.36 -44.48 -27.83
N LYS E 204 5.33 -45.19 -28.42
CA LYS E 204 6.28 -45.99 -27.66
C LYS E 204 7.38 -45.06 -27.16
N VAL E 205 7.25 -44.60 -25.91
CA VAL E 205 8.26 -43.72 -25.34
C VAL E 205 9.53 -44.52 -25.07
N GLU E 206 10.66 -43.97 -25.51
CA GLU E 206 11.95 -44.62 -25.30
C GLU E 206 12.69 -44.07 -24.08
N VAL E 207 12.65 -42.75 -23.88
CA VAL E 207 13.39 -42.13 -22.79
C VAL E 207 12.77 -40.78 -22.50
N HIS E 208 13.06 -40.23 -21.33
CA HIS E 208 12.69 -38.85 -21.03
C HIS E 208 13.57 -38.35 -19.90
N HIS E 209 14.01 -37.09 -20.02
CA HIS E 209 14.94 -36.54 -19.04
C HIS E 209 15.05 -35.03 -19.25
N HIS E 210 15.86 -34.41 -18.39
CA HIS E 210 16.24 -33.01 -18.53
C HIS E 210 17.33 -32.88 -19.59
N GLU E 211 17.61 -31.65 -20.00
CA GLU E 211 18.64 -31.38 -20.99
C GLU E 211 19.53 -30.26 -20.47
N VAL E 212 20.52 -29.89 -21.29
CA VAL E 212 21.60 -28.99 -20.82
C VAL E 212 21.09 -27.56 -21.01
N ALA E 213 20.31 -27.11 -20.04
CA ALA E 213 19.84 -25.74 -19.99
C ALA E 213 19.09 -25.53 -18.69
N THR E 214 19.09 -24.29 -18.21
CA THR E 214 18.25 -23.92 -17.09
C THR E 214 16.85 -23.65 -17.62
N ALA E 215 15.97 -23.12 -16.77
CA ALA E 215 14.60 -22.75 -17.14
C ALA E 215 13.77 -23.96 -17.57
N GLY E 216 14.36 -25.15 -17.52
CA GLY E 216 13.61 -26.36 -17.75
C GLY E 216 13.56 -26.88 -19.17
N GLN E 217 14.71 -27.07 -19.80
CA GLN E 217 14.75 -27.73 -21.10
C GLN E 217 14.72 -29.24 -20.88
N ASN E 218 13.73 -29.89 -21.47
CA ASN E 218 13.53 -31.32 -21.29
C ASN E 218 13.38 -31.99 -22.65
N GLU E 219 13.82 -33.24 -22.72
CA GLU E 219 13.74 -34.03 -23.93
C GLU E 219 13.03 -35.35 -23.65
N ILE E 220 12.06 -35.68 -24.49
CA ILE E 220 11.39 -36.97 -24.46
C ILE E 220 11.65 -37.64 -25.80
N GLY E 221 12.27 -38.82 -25.78
CA GLY E 221 12.63 -39.53 -26.98
C GLY E 221 11.70 -40.71 -27.21
N VAL E 222 11.17 -40.78 -28.43
CA VAL E 222 10.21 -41.78 -28.86
C VAL E 222 10.79 -42.53 -30.05
N SER E 223 10.56 -43.85 -30.10
CA SER E 223 11.16 -44.70 -31.11
C SER E 223 10.78 -44.25 -32.52
N PHE E 224 11.55 -44.73 -33.49
CA PHE E 224 11.43 -44.28 -34.88
C PHE E 224 10.24 -44.92 -35.57
N ASN E 225 10.03 -44.55 -36.82
CA ASN E 225 8.91 -45.01 -37.64
C ASN E 225 9.23 -44.67 -39.09
N THR E 226 8.27 -44.88 -39.99
CA THR E 226 8.43 -44.43 -41.36
C THR E 226 8.04 -42.97 -41.48
N LEU E 227 8.28 -42.39 -42.66
CA LEU E 227 8.25 -40.95 -42.87
C LEU E 227 6.94 -40.29 -42.42
N VAL E 228 5.83 -40.63 -43.09
CA VAL E 228 4.57 -39.96 -42.77
C VAL E 228 4.10 -40.35 -41.38
N ALA E 229 4.26 -41.62 -41.02
CA ALA E 229 3.88 -42.05 -39.67
C ALA E 229 4.67 -41.30 -38.62
N LYS E 230 5.98 -41.14 -38.83
CA LYS E 230 6.79 -40.42 -37.85
C LYS E 230 6.46 -38.94 -37.81
N ALA E 231 6.15 -38.32 -38.96
CA ALA E 231 5.74 -36.93 -38.93
C ALA E 231 4.45 -36.76 -38.14
N ASP E 232 3.50 -37.67 -38.34
CA ASP E 232 2.28 -37.64 -37.55
C ASP E 232 2.59 -37.82 -36.06
N GLU E 233 3.50 -38.73 -35.75
CA GLU E 233 3.85 -38.96 -34.35
C GLU E 233 4.56 -37.76 -33.74
N VAL E 234 5.34 -37.03 -34.52
CA VAL E 234 6.00 -35.84 -34.01
C VAL E 234 4.99 -34.73 -33.73
N GLN E 235 4.03 -34.56 -34.64
CA GLN E 235 2.95 -33.62 -34.38
C GLN E 235 2.16 -34.03 -33.14
N THR E 236 1.94 -35.34 -32.97
CA THR E 236 1.27 -35.85 -31.78
C THR E 236 2.07 -35.53 -30.52
N LEU E 237 3.39 -35.71 -30.58
CA LEU E 237 4.24 -35.40 -29.43
C LEU E 237 4.17 -33.92 -29.09
N LYS E 238 4.22 -33.06 -30.11
CA LYS E 238 4.11 -31.62 -29.87
C LYS E 238 2.80 -31.29 -29.18
N TYR E 239 1.68 -31.76 -29.75
CA TYR E 239 0.37 -31.46 -29.18
C TYR E 239 0.25 -31.98 -27.76
N CYS E 240 0.70 -33.22 -27.55
CA CYS E 240 0.57 -33.86 -26.25
C CYS E 240 1.40 -33.15 -25.19
N VAL E 241 2.64 -32.79 -25.51
CA VAL E 241 3.48 -32.09 -24.56
C VAL E 241 2.89 -30.71 -24.24
N HIS E 242 2.45 -29.98 -25.27
CA HIS E 242 1.84 -28.69 -25.06
C HIS E 242 0.68 -28.78 -24.08
N ASN E 243 -0.22 -29.74 -24.31
CA ASN E 243 -1.42 -29.81 -23.48
C ASN E 243 -1.11 -30.33 -22.09
N VAL E 244 -0.16 -31.26 -21.96
CA VAL E 244 0.20 -31.74 -20.63
C VAL E 244 0.77 -30.61 -19.80
N ALA E 245 1.66 -29.81 -20.39
CA ALA E 245 2.20 -28.66 -19.66
C ALA E 245 1.10 -27.66 -19.32
N ASP E 246 0.19 -27.41 -20.27
CA ASP E 246 -0.88 -26.45 -20.01
C ASP E 246 -1.79 -26.93 -18.87
N ALA E 247 -1.98 -28.24 -18.75
CA ALA E 247 -2.81 -28.77 -17.68
C ALA E 247 -2.19 -28.49 -16.31
N TYR E 248 -0.86 -28.46 -16.23
CA TYR E 248 -0.17 -28.23 -14.98
C TYR E 248 0.00 -26.76 -14.66
N GLY E 249 -0.45 -25.86 -15.53
CA GLY E 249 -0.23 -24.44 -15.36
C GLY E 249 1.04 -23.92 -16.00
N LYS E 250 1.86 -24.79 -16.57
CA LYS E 250 3.10 -24.39 -17.21
C LYS E 250 2.90 -24.30 -18.72
N THR E 251 3.94 -23.84 -19.40
CA THR E 251 3.94 -23.67 -20.85
C THR E 251 5.15 -24.41 -21.42
N VAL E 252 5.01 -24.90 -22.64
CA VAL E 252 6.11 -25.53 -23.36
C VAL E 252 6.37 -24.77 -24.64
N THR E 253 7.64 -24.46 -24.88
CA THR E 253 8.09 -23.84 -26.10
C THR E 253 8.96 -24.83 -26.87
N PHE E 254 8.65 -25.04 -28.14
CA PHE E 254 9.50 -25.80 -29.04
C PHE E 254 10.39 -24.88 -29.87
N MET E 255 10.43 -23.59 -29.54
CA MET E 255 11.26 -22.65 -30.27
C MET E 255 12.72 -23.07 -30.19
N PRO E 256 13.48 -22.96 -31.29
CA PRO E 256 14.85 -23.48 -31.27
C PRO E 256 15.74 -22.88 -30.21
N LYS E 257 15.60 -21.59 -29.90
CA LYS E 257 16.45 -20.94 -28.90
C LYS E 257 15.67 -19.86 -28.20
N PRO E 258 15.05 -20.18 -27.07
CA PRO E 258 14.27 -19.17 -26.34
C PRO E 258 15.09 -18.36 -25.35
N LEU E 259 16.26 -18.86 -24.96
CA LEU E 259 17.14 -18.18 -24.02
C LEU E 259 18.47 -17.88 -24.69
N TYR E 260 19.14 -16.83 -24.22
CA TYR E 260 20.51 -16.54 -24.64
C TYR E 260 21.45 -16.95 -23.53
N GLY E 261 22.36 -17.87 -23.84
CA GLY E 261 23.34 -18.32 -22.86
C GLY E 261 23.42 -19.82 -22.73
N ASP E 262 22.29 -20.50 -22.84
CA ASP E 262 22.23 -21.95 -22.73
C ASP E 262 21.93 -22.58 -24.08
N ASN E 263 22.00 -23.91 -24.11
CA ASN E 263 21.79 -24.63 -25.35
C ASN E 263 20.35 -24.46 -25.83
N GLY E 264 20.18 -24.56 -27.15
CA GLY E 264 18.87 -24.42 -27.73
C GLY E 264 18.21 -25.75 -28.01
N SER E 265 16.92 -25.69 -28.30
CA SER E 265 16.16 -26.88 -28.65
C SER E 265 16.55 -27.35 -30.04
N GLY E 266 17.14 -28.53 -30.13
CA GLY E 266 17.56 -29.09 -31.40
C GLY E 266 16.89 -30.43 -31.63
N MET E 267 16.44 -30.65 -32.86
CA MET E 267 15.76 -31.88 -33.24
C MET E 267 16.73 -32.72 -34.06
N HIS E 268 17.40 -33.65 -33.41
CA HIS E 268 18.24 -34.59 -34.14
C HIS E 268 17.34 -35.50 -34.98
N VAL E 269 17.82 -35.88 -36.15
CA VAL E 269 17.04 -36.75 -37.03
C VAL E 269 17.90 -37.93 -37.43
N HIS E 270 17.47 -39.14 -37.08
CA HIS E 270 18.15 -40.37 -37.46
C HIS E 270 17.50 -40.92 -38.72
N MET E 271 18.30 -41.08 -39.77
CA MET E 271 17.85 -41.57 -41.05
C MET E 271 18.38 -42.98 -41.29
N SER E 272 17.53 -43.82 -41.88
CA SER E 272 17.95 -45.12 -42.38
C SER E 272 17.03 -45.52 -43.52
N ILE E 273 17.51 -46.42 -44.36
CA ILE E 273 16.78 -46.87 -45.56
C ILE E 273 16.68 -48.39 -45.52
N ALA E 274 15.47 -48.89 -45.74
CA ALA E 274 15.21 -50.32 -45.76
C ALA E 274 14.90 -50.78 -47.18
N LYS E 275 15.27 -52.02 -47.48
CA LYS E 275 14.98 -52.61 -48.78
C LYS E 275 14.64 -54.09 -48.65
N LYS E 278 15.28 -55.65 -44.68
CA LYS E 278 16.61 -55.31 -44.16
C LYS E 278 16.98 -53.89 -44.54
N ASN E 279 17.92 -53.31 -43.80
CA ASN E 279 18.38 -51.95 -44.05
C ASN E 279 19.59 -51.96 -44.96
N THR E 280 19.75 -50.88 -45.72
CA THR E 280 20.80 -50.76 -46.72
C THR E 280 22.04 -50.06 -46.20
N PHE E 281 22.01 -49.53 -44.99
CA PHE E 281 23.13 -48.74 -44.47
C PHE E 281 24.23 -49.60 -43.88
N ALA E 282 24.01 -50.90 -43.70
CA ALA E 282 25.01 -51.76 -43.11
C ALA E 282 26.17 -52.01 -44.07
N LEU E 289 29.46 -48.53 -41.80
CA LEU E 289 28.54 -48.00 -42.79
C LEU E 289 28.72 -48.66 -44.14
N SER E 290 27.63 -48.78 -44.88
CA SER E 290 27.69 -49.25 -46.25
C SER E 290 28.08 -48.11 -47.18
N ASP E 291 28.33 -48.44 -48.45
CA ASP E 291 28.60 -47.42 -49.43
C ASP E 291 27.39 -46.51 -49.61
N THR E 292 26.21 -47.10 -49.71
CA THR E 292 24.99 -46.34 -50.00
C THR E 292 24.80 -45.21 -48.98
N ALA E 293 24.85 -45.54 -47.70
CA ALA E 293 24.70 -44.53 -46.66
C ALA E 293 25.69 -43.39 -46.84
N LEU E 294 26.93 -43.73 -47.20
CA LEU E 294 27.93 -42.68 -47.43
C LEU E 294 27.44 -41.71 -48.49
N TYR E 295 26.93 -42.23 -49.61
CA TYR E 295 26.36 -41.36 -50.63
C TYR E 295 25.23 -40.54 -50.03
N PHE E 296 24.35 -41.20 -49.27
CA PHE E 296 23.29 -40.47 -48.56
C PHE E 296 23.91 -39.34 -47.74
N ILE E 297 24.96 -39.65 -46.98
CA ILE E 297 25.63 -38.62 -46.19
C ILE E 297 26.11 -37.51 -47.11
N GLY E 298 26.76 -37.88 -48.22
CA GLY E 298 27.18 -36.87 -49.17
C GLY E 298 26.02 -36.05 -49.68
N GLY E 299 24.88 -36.71 -49.93
CA GLY E 299 23.71 -35.98 -50.38
C GLY E 299 23.29 -34.92 -49.38
N ILE E 300 23.42 -35.22 -48.08
CA ILE E 300 23.10 -34.22 -47.08
C ILE E 300 24.16 -33.12 -47.04
N ILE E 301 25.42 -33.49 -47.26
CA ILE E 301 26.50 -32.51 -47.15
C ILE E 301 26.44 -31.52 -48.30
N LYS E 302 26.22 -32.01 -49.52
CA LYS E 302 26.16 -31.12 -50.67
C LYS E 302 24.96 -30.19 -50.60
N HIS E 303 23.82 -30.70 -50.15
CA HIS E 303 22.57 -29.96 -50.16
C HIS E 303 22.17 -29.43 -48.78
N GLY E 304 23.11 -29.40 -47.84
CA GLY E 304 22.79 -28.91 -46.51
C GLY E 304 22.33 -27.47 -46.51
N LYS E 305 22.96 -26.63 -47.32
CA LYS E 305 22.55 -25.23 -47.42
C LYS E 305 21.12 -25.13 -47.91
N ALA E 306 20.75 -25.92 -48.92
CA ALA E 306 19.37 -25.94 -49.37
C ALA E 306 18.46 -26.62 -48.36
N LEU E 307 18.98 -27.63 -47.65
CA LEU E 307 18.18 -28.33 -46.65
C LEU E 307 17.76 -27.40 -45.52
N ASN E 308 18.62 -26.45 -45.14
CA ASN E 308 18.33 -25.58 -44.01
C ASN E 308 17.06 -24.78 -44.19
N GLY E 309 16.60 -24.59 -45.43
CA GLY E 309 15.35 -23.89 -45.64
C GLY E 309 14.16 -24.61 -45.06
N PHE E 310 14.20 -25.95 -45.08
CA PHE E 310 13.11 -26.77 -44.56
C PHE E 310 13.38 -27.34 -43.19
N THR E 311 14.64 -27.71 -42.91
CA THR E 311 15.00 -28.26 -41.61
C THR E 311 15.20 -27.18 -40.55
N ASN E 312 15.51 -25.94 -40.94
CA ASN E 312 15.73 -24.84 -40.02
C ASN E 312 14.95 -23.62 -40.51
N PRO E 313 13.62 -23.69 -40.54
CA PRO E 313 12.81 -22.60 -41.09
C PRO E 313 12.54 -21.50 -40.06
N SER E 314 13.58 -21.10 -39.34
CA SER E 314 13.41 -20.19 -38.22
C SER E 314 14.57 -19.21 -38.17
N THR E 315 14.30 -18.04 -37.59
CA THR E 315 15.39 -17.16 -37.18
C THR E 315 16.08 -17.69 -35.94
N ASN E 316 15.31 -18.26 -35.00
CA ASN E 316 15.93 -18.92 -33.86
C ASN E 316 16.79 -20.10 -34.28
N SER E 317 16.50 -20.71 -35.43
CA SER E 317 17.36 -21.77 -35.93
C SER E 317 18.80 -21.29 -36.05
N TYR E 318 18.99 -20.07 -36.54
CA TYR E 318 20.31 -19.51 -36.70
C TYR E 318 20.74 -18.65 -35.52
N LYS E 319 19.84 -18.42 -34.56
CA LYS E 319 20.29 -18.03 -33.23
C LYS E 319 20.92 -19.21 -32.50
N ARG E 320 20.53 -20.43 -32.87
CA ARG E 320 21.08 -21.67 -32.31
C ARG E 320 22.21 -22.23 -33.17
N LEU E 321 22.07 -22.16 -34.50
CA LEU E 321 23.10 -22.66 -35.40
C LEU E 321 24.16 -21.59 -35.58
N VAL E 322 24.99 -21.44 -34.55
CA VAL E 322 26.11 -20.49 -34.60
C VAL E 322 27.37 -21.22 -34.18
N PRO E 323 28.54 -20.85 -34.70
CA PRO E 323 29.76 -21.58 -34.36
C PRO E 323 30.15 -21.41 -32.90
N GLY E 324 30.74 -22.46 -32.34
CA GLY E 324 31.27 -22.43 -31.00
C GLY E 324 30.49 -23.25 -29.99
N PHE E 325 29.16 -23.21 -30.08
CA PHE E 325 28.32 -23.86 -29.09
C PHE E 325 27.71 -25.16 -29.61
N ALA E 327 25.20 -26.97 -30.67
CA ALA E 327 24.65 -27.07 -32.02
C ALA E 327 25.78 -27.09 -33.04
N PRO E 328 25.77 -28.09 -33.91
CA PRO E 328 26.82 -28.21 -34.92
C PRO E 328 26.48 -27.46 -36.19
N VAL E 329 27.39 -26.59 -36.63
CA VAL E 329 27.22 -25.88 -37.89
C VAL E 329 28.10 -26.45 -39.00
N MET E 330 29.08 -27.27 -38.66
CA MET E 330 30.02 -27.80 -39.64
C MET E 330 29.40 -29.01 -40.30
N LEU E 331 29.22 -28.96 -41.62
CA LEU E 331 28.45 -29.98 -42.34
C LEU E 331 29.22 -31.27 -42.54
N ALA E 332 30.35 -31.47 -41.88
CA ALA E 332 31.09 -32.72 -42.00
C ALA E 332 30.38 -33.82 -41.22
N TYR E 333 30.82 -35.06 -41.46
CA TYR E 333 30.28 -36.22 -40.77
C TYR E 333 31.41 -36.95 -40.03
N SER E 334 31.08 -37.46 -38.85
CA SER E 334 32.05 -38.22 -38.06
C SER E 334 31.29 -39.04 -37.03
N ALA E 335 31.75 -40.27 -36.79
CA ALA E 335 31.06 -41.15 -35.87
C ALA E 335 31.29 -40.75 -34.42
N ARG E 336 32.48 -40.23 -34.09
CA ARG E 336 32.84 -39.91 -32.71
C ARG E 336 32.87 -38.42 -32.42
N ASN E 337 33.25 -37.60 -33.38
CA ASN E 337 33.36 -36.16 -33.13
C ASN E 337 32.00 -35.55 -32.84
N ARG E 338 31.97 -34.67 -31.86
CA ARG E 338 30.75 -33.99 -31.43
C ARG E 338 30.53 -32.65 -32.11
N SER E 339 31.49 -32.20 -32.93
CA SER E 339 31.35 -30.93 -33.66
C SER E 339 30.85 -31.11 -35.08
N ALA E 340 30.65 -32.34 -35.54
CA ALA E 340 30.17 -32.60 -36.88
C ALA E 340 28.64 -32.64 -36.90
N SER E 341 28.06 -32.01 -37.91
CA SER E 341 26.60 -31.94 -37.98
C SER E 341 25.98 -33.31 -38.16
N ILE E 342 26.56 -34.13 -39.04
CA ILE E 342 26.10 -35.49 -39.26
C ILE E 342 26.97 -36.43 -38.44
N ARG E 343 26.34 -37.29 -37.66
CA ARG E 343 27.08 -38.23 -36.82
C ARG E 343 26.43 -39.60 -36.90
N ILE E 344 27.23 -40.62 -36.64
CA ILE E 344 26.81 -42.01 -36.75
C ILE E 344 26.62 -42.55 -35.33
N PRO E 345 25.40 -42.91 -34.93
CA PRO E 345 25.20 -43.49 -33.61
C PRO E 345 25.85 -44.86 -33.50
N TYR E 346 25.92 -45.34 -32.25
CA TYR E 346 26.55 -46.61 -31.94
C TYR E 346 25.48 -47.66 -31.65
N VAL E 347 25.60 -48.82 -32.28
CA VAL E 347 24.64 -49.90 -32.11
C VAL E 347 25.35 -51.22 -31.86
N PRO E 350 24.26 -53.68 -34.85
CA PRO E 350 24.42 -54.75 -35.84
C PRO E 350 23.58 -54.53 -37.09
N LYS E 351 22.35 -54.05 -36.90
CA LYS E 351 21.41 -53.85 -38.00
C LYS E 351 21.16 -52.37 -38.31
N ALA E 352 21.02 -51.53 -37.30
CA ALA E 352 20.57 -50.15 -37.51
C ALA E 352 21.50 -49.38 -38.43
N ARG E 353 22.73 -49.15 -38.00
CA ARG E 353 23.74 -48.42 -38.80
C ARG E 353 23.18 -47.10 -39.34
N ARG E 354 22.25 -46.51 -38.60
CA ARG E 354 21.60 -45.28 -39.03
C ARG E 354 22.57 -44.11 -39.00
N ILE E 355 22.20 -43.03 -39.65
CA ILE E 355 22.96 -41.78 -39.58
C ILE E 355 22.11 -40.76 -38.85
N GLU E 356 22.73 -39.67 -38.43
CA GLU E 356 22.06 -38.68 -37.60
C GLU E 356 22.46 -37.28 -38.03
N ALA E 357 21.49 -36.50 -38.51
CA ALA E 357 21.69 -35.09 -38.84
C ALA E 357 21.22 -34.26 -37.65
N ARG E 358 22.11 -33.41 -37.14
CA ARG E 358 21.88 -32.71 -35.89
C ARG E 358 21.53 -31.23 -36.08
N PHE E 359 21.55 -30.72 -37.29
CA PHE E 359 21.21 -29.32 -37.50
C PHE E 359 19.71 -28.98 -37.37
N PRO E 360 18.77 -29.86 -37.72
CA PRO E 360 17.36 -29.47 -37.64
C PRO E 360 16.93 -29.14 -36.21
N ASP E 361 15.77 -28.51 -36.10
CA ASP E 361 15.24 -28.03 -34.84
C ASP E 361 13.75 -28.30 -34.77
N PRO E 362 13.16 -28.26 -33.57
CA PRO E 362 11.73 -28.58 -33.45
C PRO E 362 10.82 -27.71 -34.28
N SER E 363 11.21 -26.46 -34.56
CA SER E 363 10.34 -25.57 -35.33
C SER E 363 10.19 -26.00 -36.78
N ALA E 364 10.98 -26.95 -37.24
CA ALA E 364 10.85 -27.45 -38.61
C ALA E 364 9.53 -28.19 -38.79
N ASN E 365 8.92 -28.03 -39.95
CA ASN E 365 7.75 -28.81 -40.30
C ASN E 365 8.18 -30.25 -40.52
N PRO E 366 7.62 -31.21 -39.78
CA PRO E 366 8.15 -32.59 -39.87
C PRO E 366 8.09 -33.18 -41.26
N TYR E 367 6.95 -33.08 -41.93
CA TYR E 367 6.82 -33.66 -43.27
C TYR E 367 7.81 -33.05 -44.23
N LEU E 368 7.86 -31.72 -44.29
CA LEU E 368 8.77 -31.06 -45.22
C LEU E 368 10.22 -31.35 -44.89
N ALA E 369 10.57 -31.32 -43.61
CA ALA E 369 11.95 -31.57 -43.21
C ALA E 369 12.38 -32.99 -43.58
N PHE E 370 11.55 -33.97 -43.24
CA PHE E 370 11.90 -35.36 -43.53
C PHE E 370 11.95 -35.60 -45.03
N ALA E 371 11.01 -35.04 -45.79
CA ALA E 371 11.02 -35.21 -47.23
C ALA E 371 12.28 -34.60 -47.84
N ALA E 372 12.63 -33.39 -47.42
CA ALA E 372 13.83 -32.75 -47.94
C ALA E 372 15.08 -33.55 -47.60
N LEU E 373 15.18 -34.03 -46.37
CA LEU E 373 16.36 -34.81 -45.98
C LEU E 373 16.43 -36.11 -46.78
N LEU E 374 15.30 -36.81 -46.91
CA LEU E 374 15.28 -38.08 -47.63
C LEU E 374 15.66 -37.88 -49.09
N MET E 375 15.18 -36.80 -49.70
CA MET E 375 15.45 -36.60 -51.11
C MET E 375 16.85 -36.05 -51.36
N ALA E 376 17.41 -35.29 -50.41
CA ALA E 376 18.82 -34.96 -50.50
C ALA E 376 19.66 -36.22 -50.44
N GLY E 377 19.32 -37.14 -49.53
CA GLY E 377 20.05 -38.40 -49.48
C GLY E 377 19.87 -39.22 -50.75
N LEU E 378 18.66 -39.24 -51.29
CA LEU E 378 18.40 -39.98 -52.52
C LEU E 378 19.19 -39.39 -53.68
N ASP E 379 19.24 -38.06 -53.78
CA ASP E 379 20.04 -37.42 -54.81
C ASP E 379 21.52 -37.77 -54.65
N GLY E 380 21.99 -37.81 -53.40
CA GLY E 380 23.35 -38.25 -53.17
C GLY E 380 23.60 -39.68 -53.62
N ILE E 381 22.64 -40.57 -53.37
CA ILE E 381 22.81 -41.97 -53.74
C ILE E 381 22.80 -42.13 -55.25
N GLN E 382 21.87 -41.46 -55.94
CA GLN E 382 21.75 -41.63 -57.37
C GLN E 382 22.87 -40.92 -58.14
N ASN E 383 23.43 -39.87 -57.57
CA ASN E 383 24.54 -39.15 -58.19
C ASN E 383 25.90 -39.61 -57.68
N LYS E 384 25.94 -40.59 -56.77
CA LYS E 384 27.18 -41.16 -56.27
C LYS E 384 28.11 -40.10 -55.70
N ILE E 385 27.64 -39.45 -54.63
CA ILE E 385 28.38 -38.38 -53.98
C ILE E 385 29.11 -38.97 -52.78
N HIS E 386 30.43 -39.08 -52.87
CA HIS E 386 31.24 -39.60 -51.77
C HIS E 386 31.67 -38.45 -50.89
N PRO E 387 31.31 -38.43 -49.61
CA PRO E 387 31.58 -37.28 -48.74
C PRO E 387 32.95 -37.36 -48.06
N GLY E 388 34.00 -37.49 -48.86
CA GLY E 388 35.35 -37.47 -48.30
C GLY E 388 35.56 -38.62 -47.33
N ASP E 389 36.13 -38.29 -46.17
CA ASP E 389 36.48 -39.31 -45.18
C ASP E 389 36.43 -38.66 -43.80
N ALA E 390 35.36 -38.90 -43.06
CA ALA E 390 35.19 -38.41 -41.69
C ALA E 390 35.38 -36.90 -41.59
N ILE E 406 35.81 -26.84 -45.00
CA ILE E 406 34.69 -27.74 -44.76
C ILE E 406 33.39 -26.94 -44.74
N PRO E 407 32.42 -27.37 -45.55
CA PRO E 407 31.20 -26.57 -45.71
C PRO E 407 30.44 -26.42 -44.39
N GLN E 408 29.79 -25.27 -44.25
CA GLN E 408 28.99 -24.96 -43.08
C GLN E 408 27.54 -24.75 -43.48
N VAL E 409 26.64 -24.89 -42.52
CA VAL E 409 25.23 -24.64 -42.75
C VAL E 409 25.02 -23.15 -42.93
N CYS E 410 23.84 -22.76 -43.41
CA CYS E 410 23.57 -21.35 -43.66
C CYS E 410 23.63 -20.54 -42.38
N GLY E 411 24.18 -19.33 -42.47
CA GLY E 411 24.33 -18.47 -41.32
C GLY E 411 23.09 -17.68 -40.94
N SER E 412 22.10 -17.63 -41.82
CA SER E 412 20.86 -16.91 -41.52
C SER E 412 19.74 -17.47 -42.37
N LEU E 413 18.51 -17.13 -42.00
CA LEU E 413 17.36 -17.61 -42.74
C LEU E 413 17.34 -17.07 -44.16
N LYS E 414 17.77 -15.83 -44.35
CA LYS E 414 17.86 -15.28 -45.70
C LYS E 414 18.79 -16.10 -46.56
N GLU E 415 19.94 -16.50 -46.01
CA GLU E 415 20.87 -17.33 -46.76
C GLU E 415 20.25 -18.69 -47.07
N ALA E 416 19.49 -19.25 -46.14
CA ALA E 416 18.84 -20.53 -46.39
C ALA E 416 17.83 -20.41 -47.52
N LEU E 417 17.01 -19.36 -47.51
CA LEU E 417 16.04 -19.16 -48.58
C LEU E 417 16.74 -18.95 -49.92
N GLU E 418 17.82 -18.17 -49.94
CA GLU E 418 18.55 -17.95 -51.18
C GLU E 418 19.14 -19.25 -51.71
N GLU E 419 19.69 -20.08 -50.82
CA GLU E 419 20.19 -21.38 -51.25
C GLU E 419 19.07 -22.29 -51.71
N LEU E 420 17.87 -22.13 -51.14
CA LEU E 420 16.72 -22.86 -51.65
C LEU E 420 16.39 -22.44 -53.08
N ASP E 421 16.50 -21.14 -53.36
CA ASP E 421 16.29 -20.67 -54.73
C ASP E 421 17.28 -21.29 -55.69
N LYS E 422 18.54 -21.38 -55.30
CA LYS E 422 19.59 -21.90 -56.16
C LYS E 422 19.74 -23.41 -56.08
N GLY E 423 19.06 -24.07 -55.14
CA GLY E 423 19.26 -25.49 -54.96
C GLY E 423 17.98 -26.30 -54.84
N ARG E 424 16.95 -25.93 -55.58
CA ARG E 424 15.68 -26.64 -55.52
C ARG E 424 15.58 -27.78 -56.53
N ALA E 425 16.63 -28.02 -57.33
CA ALA E 425 16.54 -29.05 -58.36
C ALA E 425 16.38 -30.43 -57.76
N PHE E 426 17.26 -30.80 -56.82
CA PHE E 426 17.12 -32.07 -56.13
C PHE E 426 15.77 -32.19 -55.47
N LEU E 427 15.20 -31.05 -55.07
CA LEU E 427 13.98 -31.05 -54.27
C LEU E 427 12.79 -31.43 -55.13
N THR E 428 12.77 -30.98 -56.38
CA THR E 428 11.73 -31.32 -57.34
C THR E 428 12.05 -32.57 -58.15
N LYS E 429 13.26 -33.14 -58.00
CA LYS E 429 13.57 -34.41 -58.63
C LYS E 429 12.51 -35.45 -58.27
N GLY E 430 11.76 -35.90 -59.27
CA GLY E 430 10.68 -36.85 -59.05
C GLY E 430 9.29 -36.26 -59.04
N GLY E 431 9.13 -34.98 -59.34
CA GLY E 431 7.81 -34.37 -59.45
C GLY E 431 7.05 -34.36 -58.13
N VAL E 432 7.70 -33.86 -57.09
CA VAL E 432 7.15 -33.91 -55.73
C VAL E 432 7.04 -32.52 -55.11
N PHE E 433 8.14 -31.77 -55.11
CA PHE E 433 8.17 -30.43 -54.54
C PHE E 433 7.90 -29.44 -55.67
N SER E 434 6.63 -29.20 -55.94
CA SER E 434 6.26 -28.33 -57.06
C SER E 434 6.80 -26.93 -56.85
N ASP E 435 7.28 -26.33 -57.94
CA ASP E 435 7.85 -24.99 -57.86
C ASP E 435 6.83 -23.98 -57.33
N ASP E 436 5.54 -24.21 -57.57
CA ASP E 436 4.52 -23.35 -56.99
C ASP E 436 4.54 -23.42 -55.47
N PHE E 437 4.59 -24.63 -54.92
CA PHE E 437 4.65 -24.78 -53.48
C PHE E 437 5.92 -24.20 -52.91
N ILE E 438 7.05 -24.44 -53.57
CA ILE E 438 8.34 -23.93 -53.09
C ILE E 438 8.32 -22.40 -53.09
N ASP E 439 7.77 -21.79 -54.14
CA ASP E 439 7.70 -20.34 -54.19
C ASP E 439 6.76 -19.78 -53.11
N ALA E 440 5.63 -20.44 -52.87
CA ALA E 440 4.74 -19.98 -51.81
C ALA E 440 5.40 -20.09 -50.44
N TYR E 441 6.09 -21.21 -50.19
CA TYR E 441 6.81 -21.39 -48.94
C TYR E 441 7.89 -20.33 -48.77
N LEU E 442 8.62 -20.03 -49.85
CA LEU E 442 9.63 -18.99 -49.79
C LEU E 442 9.02 -17.63 -49.53
N GLU E 443 7.84 -17.36 -50.10
CA GLU E 443 7.17 -16.09 -49.83
C GLU E 443 6.81 -15.97 -48.35
N LEU E 444 6.27 -17.04 -47.78
CA LEU E 444 5.91 -17.01 -46.36
C LEU E 444 7.15 -16.81 -45.49
N LYS E 445 8.20 -17.59 -45.75
CA LYS E 445 9.42 -17.48 -44.96
C LYS E 445 10.09 -16.12 -45.14
N SER E 446 10.00 -15.55 -46.34
CA SER E 446 10.56 -14.23 -46.58
C SER E 446 9.79 -13.16 -45.84
N GLU E 447 8.46 -13.28 -45.78
CA GLU E 447 7.67 -12.34 -44.99
C GLU E 447 8.07 -12.41 -43.53
N GLU E 448 8.22 -13.64 -42.99
CA GLU E 448 8.62 -13.79 -41.59
C GLU E 448 10.01 -13.23 -41.34
N GLU E 449 10.95 -13.51 -42.25
CA GLU E 449 12.31 -13.02 -42.09
C GLU E 449 12.38 -11.50 -42.16
N ILE E 450 11.63 -10.89 -43.08
CA ILE E 450 11.58 -9.44 -43.15
C ILE E 450 11.00 -8.87 -41.85
N LYS E 451 9.95 -9.50 -41.33
CA LYS E 451 9.38 -9.04 -40.08
C LYS E 451 10.40 -9.08 -38.95
N VAL E 452 11.21 -10.14 -38.89
CA VAL E 452 12.21 -10.24 -37.83
C VAL E 452 13.32 -9.22 -38.04
N ARG E 453 13.82 -9.08 -39.26
CA ARG E 453 15.09 -8.40 -39.50
C ARG E 453 14.99 -6.87 -39.52
N THR E 454 13.78 -6.32 -39.60
CA THR E 454 13.62 -4.88 -39.64
C THR E 454 13.19 -4.28 -38.31
N PHE E 455 13.30 -5.03 -37.22
CA PHE E 455 12.92 -4.55 -35.90
C PHE E 455 14.15 -4.33 -35.04
N VAL E 456 14.07 -3.31 -34.20
CA VAL E 456 15.19 -2.96 -33.32
C VAL E 456 15.38 -4.05 -32.27
N HIS E 457 16.60 -4.53 -32.15
CA HIS E 457 16.98 -5.45 -31.08
C HIS E 457 17.45 -4.65 -29.88
N PRO E 458 16.94 -4.92 -28.67
CA PRO E 458 17.41 -4.17 -27.50
C PRO E 458 18.91 -4.21 -27.30
N LEU E 459 19.62 -5.18 -27.89
CA LEU E 459 21.07 -5.15 -27.87
C LEU E 459 21.60 -3.94 -28.61
N GLU E 460 20.97 -3.55 -29.71
CA GLU E 460 21.39 -2.34 -30.39
C GLU E 460 21.17 -1.12 -29.51
N TYR E 461 20.11 -1.14 -28.70
CA TYR E 461 19.95 -0.10 -27.68
C TYR E 461 21.11 -0.14 -26.71
N ASP E 462 21.56 -1.33 -26.34
CA ASP E 462 22.68 -1.46 -25.41
C ASP E 462 23.95 -0.86 -25.98
N LEU E 463 24.26 -1.13 -27.25
CA LEU E 463 25.54 -0.73 -27.81
C LEU E 463 25.52 0.59 -28.57
N TYR E 464 24.36 1.08 -28.98
CA TYR E 464 24.30 2.26 -29.84
C TYR E 464 23.57 3.44 -29.26
N TYR E 465 23.03 3.34 -28.04
CA TYR E 465 22.27 4.47 -27.51
C TYR E 465 23.14 5.72 -27.40
N SER E 466 24.37 5.57 -26.92
CA SER E 466 25.29 6.70 -26.80
C SER E 466 26.24 6.65 -27.97
N VAL E 467 25.82 7.23 -29.09
CA VAL E 467 26.67 7.38 -30.25
C VAL E 467 26.74 8.84 -30.65
N SER F 2 -50.63 -33.98 -26.97
CA SER F 2 -49.81 -32.80 -26.76
C SER F 2 -48.39 -33.18 -26.37
N LYS F 3 -47.41 -32.72 -27.15
CA LYS F 3 -46.02 -32.99 -26.84
C LYS F 3 -45.61 -32.34 -25.53
N SER F 4 -46.08 -31.12 -25.29
CA SER F 4 -45.70 -30.40 -24.08
C SER F 4 -46.19 -31.14 -22.84
N LEU F 5 -47.43 -31.62 -22.86
CA LEU F 5 -47.96 -32.33 -21.69
C LEU F 5 -47.23 -33.65 -21.46
N GLN F 6 -46.90 -34.37 -22.53
CA GLN F 6 -46.15 -35.60 -22.38
C GLN F 6 -44.78 -35.33 -21.79
N LEU F 7 -44.09 -34.28 -22.25
CA LEU F 7 -42.79 -33.95 -21.70
C LEU F 7 -42.90 -33.50 -20.24
N ILE F 8 -43.96 -32.76 -19.91
CA ILE F 8 -44.18 -32.35 -18.54
C ILE F 8 -44.33 -33.56 -17.63
N LYS F 9 -45.15 -34.52 -18.05
CA LYS F 9 -45.37 -35.71 -17.23
C LYS F 9 -44.10 -36.53 -17.12
N GLU F 10 -43.39 -36.73 -18.23
CA GLU F 10 -42.24 -37.63 -18.22
C GLU F 10 -41.05 -37.04 -17.49
N HIS F 11 -40.83 -35.73 -17.59
CA HIS F 11 -39.66 -35.09 -16.99
C HIS F 11 -39.95 -34.47 -15.64
N ASP F 12 -41.17 -34.63 -15.12
CA ASP F 12 -41.56 -34.04 -13.83
C ASP F 12 -41.31 -32.54 -13.82
N VAL F 13 -41.55 -31.90 -14.96
CA VAL F 13 -41.28 -30.48 -15.11
C VAL F 13 -42.18 -29.68 -14.19
N LYS F 14 -41.61 -28.67 -13.53
CA LYS F 14 -42.37 -27.81 -12.64
C LYS F 14 -42.65 -26.43 -13.24
N TRP F 15 -41.78 -25.93 -14.11
CA TRP F 15 -41.93 -24.60 -14.68
C TRP F 15 -41.99 -24.68 -16.19
N ILE F 16 -42.89 -23.89 -16.78
CA ILE F 16 -42.99 -23.72 -18.22
C ILE F 16 -42.56 -22.29 -18.54
N ASP F 17 -41.63 -22.17 -19.48
CA ASP F 17 -41.04 -20.90 -19.87
C ASP F 17 -41.64 -20.51 -21.22
N LEU F 18 -42.64 -19.64 -21.19
CA LEU F 18 -43.28 -19.15 -22.39
C LEU F 18 -42.40 -18.07 -23.00
N ARG F 19 -41.86 -18.33 -24.19
CA ARG F 19 -40.92 -17.43 -24.83
C ARG F 19 -41.42 -16.96 -26.18
N PHE F 20 -40.94 -15.79 -26.59
CA PHE F 20 -41.20 -15.28 -27.92
C PHE F 20 -40.06 -14.36 -28.32
N THR F 21 -40.19 -13.72 -29.48
CA THR F 21 -39.18 -12.82 -29.98
C THR F 21 -39.82 -11.46 -30.26
N ASP F 22 -39.19 -10.39 -29.80
CA ASP F 22 -39.71 -9.05 -30.01
C ASP F 22 -39.15 -8.50 -31.32
N THR F 23 -39.41 -7.22 -31.59
CA THR F 23 -39.03 -6.62 -32.86
C THR F 23 -37.52 -6.60 -33.02
N LYS F 24 -36.79 -6.27 -31.96
CA LYS F 24 -35.33 -6.16 -32.05
C LYS F 24 -34.69 -7.50 -32.37
N GLY F 25 -35.25 -8.59 -31.85
CA GLY F 25 -34.65 -9.90 -31.98
C GLY F 25 -34.24 -10.53 -30.66
N LYS F 26 -34.44 -9.86 -29.54
CA LYS F 26 -34.09 -10.39 -28.23
C LYS F 26 -35.24 -11.23 -27.71
N GLN F 27 -34.96 -12.47 -27.33
CA GLN F 27 -36.00 -13.34 -26.80
C GLN F 27 -36.57 -12.77 -25.52
N GLN F 28 -37.86 -13.02 -25.31
CA GLN F 28 -38.56 -12.63 -24.10
C GLN F 28 -39.16 -13.87 -23.48
N HIS F 29 -39.04 -13.99 -22.16
CA HIS F 29 -39.45 -15.20 -21.47
C HIS F 29 -40.29 -14.87 -20.25
N VAL F 30 -41.30 -15.69 -20.00
CA VAL F 30 -42.14 -15.61 -18.81
C VAL F 30 -42.15 -17.02 -18.24
N THR F 31 -42.36 -17.13 -16.93
CA THR F 31 -42.35 -18.44 -16.30
C THR F 31 -43.63 -18.68 -15.52
N MET F 32 -44.24 -19.83 -15.73
CA MET F 32 -45.43 -20.26 -15.03
C MET F 32 -45.19 -21.62 -14.38
N PRO F 33 -45.92 -21.95 -13.32
CA PRO F 33 -45.86 -23.31 -12.80
C PRO F 33 -46.48 -24.29 -13.78
N ALA F 34 -46.02 -25.54 -13.71
CA ALA F 34 -46.55 -26.57 -14.58
C ALA F 34 -47.95 -27.03 -14.18
N ARG F 35 -48.47 -26.56 -13.05
CA ARG F 35 -49.83 -26.90 -12.66
C ARG F 35 -50.88 -26.09 -13.41
N ASP F 36 -50.48 -25.08 -14.17
CA ASP F 36 -51.41 -24.24 -14.91
C ASP F 36 -51.60 -24.66 -16.36
N VAL F 37 -50.98 -25.76 -16.79
CA VAL F 37 -51.15 -26.23 -18.16
C VAL F 37 -52.39 -27.12 -18.21
N ASP F 38 -53.26 -26.83 -19.17
CA ASP F 38 -54.49 -27.59 -19.38
C ASP F 38 -55.06 -27.16 -20.73
N ASP F 39 -56.26 -27.63 -21.05
CA ASP F 39 -56.89 -27.26 -22.32
C ASP F 39 -57.20 -25.77 -22.36
N ASP F 40 -57.65 -25.20 -21.24
CA ASP F 40 -58.00 -23.78 -21.21
C ASP F 40 -56.78 -22.91 -21.49
N PHE F 41 -55.65 -23.23 -20.85
CA PHE F 41 -54.44 -22.46 -21.09
C PHE F 41 -53.93 -22.65 -22.51
N PHE F 42 -53.98 -23.88 -23.02
CA PHE F 42 -53.44 -24.14 -24.36
C PHE F 42 -54.28 -23.50 -25.44
N GLU F 43 -55.60 -23.46 -25.26
CA GLU F 43 -56.48 -22.85 -26.26
C GLU F 43 -56.72 -21.38 -26.02
N TYR F 44 -56.25 -20.82 -24.89
CA TYR F 44 -56.45 -19.41 -24.62
C TYR F 44 -55.17 -18.64 -24.35
N GLY F 45 -54.07 -19.31 -24.03
CA GLY F 45 -52.83 -18.59 -23.79
C GLY F 45 -52.89 -17.75 -22.53
N LYS F 46 -52.15 -16.66 -22.56
CA LYS F 46 -52.02 -15.75 -21.42
C LYS F 46 -52.48 -14.35 -21.83
N MET F 47 -52.27 -13.39 -20.94
CA MET F 47 -52.57 -11.98 -21.24
C MET F 47 -51.55 -11.12 -20.52
N PHE F 48 -50.84 -10.30 -21.27
CA PHE F 48 -49.77 -9.46 -20.72
C PHE F 48 -49.79 -8.10 -21.42
N ASP F 49 -48.83 -7.27 -21.05
CA ASP F 49 -48.71 -5.93 -21.64
C ASP F 49 -47.69 -5.93 -22.76
N ILE F 65 -51.24 -11.83 -25.95
CA ILE F 65 -51.65 -13.20 -25.64
C ILE F 65 -50.60 -14.19 -26.11
N LEU F 66 -50.01 -14.92 -25.17
CA LEU F 66 -48.98 -15.92 -25.48
C LEU F 66 -49.67 -17.24 -25.77
N MET F 67 -49.99 -17.48 -27.04
CA MET F 67 -50.54 -18.77 -27.41
C MET F 67 -49.42 -19.77 -27.58
N PRO F 68 -49.36 -20.81 -26.75
CA PRO F 68 -48.23 -21.74 -26.81
C PRO F 68 -48.17 -22.50 -28.13
N ASP F 69 -46.93 -22.72 -28.60
CA ASP F 69 -46.66 -23.54 -29.77
C ASP F 69 -46.25 -24.92 -29.28
N ASP F 70 -47.12 -25.91 -29.47
CA ASP F 70 -46.92 -27.22 -28.87
C ASP F 70 -45.67 -27.91 -29.39
N SER F 71 -45.38 -27.76 -30.69
CA SER F 71 -44.32 -28.53 -31.31
C SER F 71 -42.91 -28.12 -30.87
N THR F 72 -42.77 -27.03 -30.13
CA THR F 72 -41.47 -26.53 -29.73
C THR F 72 -41.33 -26.49 -28.20
N ALA F 73 -41.73 -27.56 -27.54
CA ALA F 73 -41.50 -27.71 -26.11
C ALA F 73 -40.21 -28.51 -25.91
N VAL F 74 -39.23 -27.89 -25.26
CA VAL F 74 -37.92 -28.49 -25.09
C VAL F 74 -37.41 -28.22 -23.68
N LEU F 75 -36.79 -29.22 -23.07
CA LEU F 75 -36.25 -29.02 -21.72
C LEU F 75 -35.22 -27.92 -21.70
N ASP F 76 -35.34 -27.02 -20.72
CA ASP F 76 -34.32 -25.99 -20.52
C ASP F 76 -33.13 -26.61 -19.78
N PRO F 77 -31.94 -26.60 -20.36
CA PRO F 77 -30.78 -27.24 -19.71
C PRO F 77 -30.02 -26.35 -18.75
N PHE F 78 -30.58 -25.22 -18.32
CA PHE F 78 -29.87 -24.30 -17.44
C PHE F 78 -30.57 -24.05 -16.11
N THR F 79 -31.89 -24.10 -16.07
CA THR F 79 -32.60 -23.92 -14.81
C THR F 79 -32.34 -25.09 -13.87
N GLU F 80 -32.34 -24.79 -12.56
CA GLU F 80 -32.12 -25.85 -11.58
C GLU F 80 -33.27 -26.84 -11.57
N GLU F 81 -34.50 -26.34 -11.49
CA GLU F 81 -35.66 -27.20 -11.60
C GLU F 81 -35.98 -27.45 -13.08
N PRO F 82 -36.42 -28.67 -13.43
CA PRO F 82 -36.71 -28.96 -14.84
C PRO F 82 -37.73 -28.01 -15.43
N THR F 83 -37.30 -27.21 -16.40
CA THR F 83 -38.14 -26.18 -17.01
C THR F 83 -38.31 -26.48 -18.49
N LEU F 84 -39.55 -26.36 -18.95
CA LEU F 84 -39.92 -26.67 -20.33
C LEU F 84 -40.11 -25.37 -21.09
N ILE F 85 -39.18 -25.07 -22.00
CA ILE F 85 -39.30 -23.91 -22.87
C ILE F 85 -40.35 -24.19 -23.93
N ILE F 86 -41.30 -23.27 -24.06
CA ILE F 86 -42.34 -23.32 -25.08
C ILE F 86 -42.39 -21.96 -25.77
N VAL F 87 -42.15 -21.95 -27.07
CA VAL F 87 -42.19 -20.69 -27.82
C VAL F 87 -43.64 -20.27 -27.99
N CYS F 88 -43.89 -18.97 -27.93
CA CYS F 88 -45.24 -18.44 -27.98
C CYS F 88 -45.34 -17.39 -29.08
N ASP F 89 -46.52 -17.32 -29.69
CA ASP F 89 -46.82 -16.31 -30.71
C ASP F 89 -47.88 -15.36 -30.17
N ILE F 90 -47.59 -14.06 -30.21
CA ILE F 90 -48.54 -13.08 -29.70
C ILE F 90 -49.78 -13.07 -30.57
N ILE F 91 -50.94 -13.11 -29.93
CA ILE F 91 -52.23 -13.11 -30.62
C ILE F 91 -52.98 -11.87 -30.23
N GLU F 92 -53.49 -11.14 -31.22
CA GLU F 92 -54.17 -9.88 -30.96
C GLU F 92 -55.40 -10.13 -30.08
N PRO F 93 -55.63 -9.29 -29.07
CA PRO F 93 -56.80 -9.48 -28.19
C PRO F 93 -58.13 -9.18 -28.84
N SER F 94 -58.15 -8.80 -30.13
CA SER F 94 -59.40 -8.52 -30.83
C SER F 94 -59.64 -9.44 -32.01
N THR F 95 -58.63 -9.63 -32.86
CA THR F 95 -58.79 -10.40 -34.09
C THR F 95 -58.64 -11.90 -33.89
N MET F 96 -58.12 -12.34 -32.74
CA MET F 96 -57.84 -13.75 -32.47
C MET F 96 -56.83 -14.33 -33.46
N GLN F 97 -56.11 -13.48 -34.19
CA GLN F 97 -55.09 -13.89 -35.13
C GLN F 97 -53.74 -13.33 -34.67
N GLY F 98 -52.71 -13.61 -35.46
CA GLY F 98 -51.39 -13.16 -35.10
C GLY F 98 -51.29 -11.65 -35.07
N TYR F 99 -50.42 -11.15 -34.21
CA TYR F 99 -50.16 -9.72 -34.15
C TYR F 99 -49.50 -9.24 -35.44
N ASP F 100 -49.74 -7.98 -35.78
CA ASP F 100 -49.17 -7.42 -37.00
C ASP F 100 -47.64 -7.38 -36.93
N ARG F 101 -47.10 -7.01 -35.77
CA ARG F 101 -45.67 -6.79 -35.59
C ARG F 101 -45.00 -7.94 -34.84
N ASP F 102 -45.42 -9.18 -35.10
CA ASP F 102 -44.74 -10.33 -34.53
C ASP F 102 -43.74 -10.89 -35.52
N PRO F 103 -42.44 -10.89 -35.20
CA PRO F 103 -41.48 -11.52 -36.12
C PRO F 103 -41.77 -12.98 -36.40
N ARG F 104 -42.21 -13.74 -35.40
CA ARG F 104 -42.56 -15.14 -35.63
C ARG F 104 -43.77 -15.26 -36.53
N ALA F 105 -44.80 -14.43 -36.30
CA ALA F 105 -45.95 -14.43 -37.18
C ALA F 105 -45.59 -14.01 -38.58
N ILE F 106 -44.64 -13.07 -38.72
CA ILE F 106 -44.21 -12.66 -40.06
C ILE F 106 -43.48 -13.81 -40.76
N ALA F 107 -42.67 -14.56 -40.02
CA ALA F 107 -42.03 -15.73 -40.61
C ALA F 107 -43.05 -16.77 -41.04
N ARG F 108 -44.08 -16.98 -40.21
CA ARG F 108 -45.16 -17.90 -40.58
C ARG F 108 -45.86 -17.43 -41.84
N ARG F 109 -46.14 -16.13 -41.92
CA ARG F 109 -46.77 -15.58 -43.12
C ARG F 109 -45.90 -15.75 -44.34
N ALA F 110 -44.58 -15.59 -44.18
CA ALA F 110 -43.67 -15.78 -45.30
C ALA F 110 -43.68 -17.22 -45.77
N GLU F 111 -43.72 -18.18 -44.84
CA GLU F 111 -43.83 -19.58 -45.23
C GLU F 111 -45.15 -19.84 -45.95
N GLU F 112 -46.25 -19.27 -45.45
CA GLU F 112 -47.54 -19.45 -46.10
C GLU F 112 -47.55 -18.87 -47.50
N TYR F 113 -46.92 -17.70 -47.69
CA TYR F 113 -46.82 -17.12 -49.02
C TYR F 113 -45.97 -17.98 -49.94
N LEU F 114 -44.86 -18.51 -49.43
CA LEU F 114 -44.02 -19.40 -50.23
C LEU F 114 -44.79 -20.66 -50.62
N LYS F 115 -45.77 -21.07 -49.82
CA LYS F 115 -46.57 -22.25 -50.15
C LYS F 115 -47.24 -22.12 -51.51
N SER F 116 -47.50 -20.89 -51.97
CA SER F 116 -48.10 -20.72 -53.29
C SER F 116 -47.09 -20.99 -54.40
N THR F 117 -45.87 -20.48 -54.27
CA THR F 117 -44.84 -20.65 -55.29
C THR F 117 -43.98 -21.87 -55.01
N ALA F 123 -38.93 -23.28 -46.79
CA ALA F 123 -37.62 -23.25 -47.41
C ALA F 123 -36.54 -23.66 -46.42
N PHE F 124 -35.60 -24.49 -46.88
CA PHE F 124 -34.52 -24.93 -46.02
C PHE F 124 -33.54 -23.79 -45.79
N PHE F 125 -33.41 -23.38 -44.54
CA PHE F 125 -32.49 -22.32 -44.12
C PHE F 125 -31.46 -22.91 -43.18
N GLY F 126 -30.20 -22.86 -43.58
CA GLY F 126 -29.12 -23.15 -42.66
C GLY F 126 -28.24 -21.94 -42.41
N PRO F 127 -28.39 -21.31 -41.24
CA PRO F 127 -27.52 -20.19 -40.90
C PRO F 127 -26.31 -20.61 -40.10
N GLU F 128 -25.17 -20.00 -40.44
CA GLU F 128 -23.91 -20.18 -39.72
C GLU F 128 -23.54 -18.86 -39.09
N PRO F 129 -23.83 -18.66 -37.80
CA PRO F 129 -23.37 -17.46 -37.10
C PRO F 129 -22.07 -17.68 -36.34
N GLU F 130 -21.19 -16.69 -36.38
CA GLU F 130 -19.95 -16.68 -35.62
C GLU F 130 -20.12 -15.80 -34.39
N PHE F 131 -19.42 -16.14 -33.31
CA PHE F 131 -19.55 -15.37 -32.08
C PHE F 131 -18.17 -15.19 -31.44
N PHE F 132 -18.09 -14.26 -30.50
CA PHE F 132 -16.86 -13.96 -29.79
C PHE F 132 -17.01 -14.38 -28.33
N ILE F 133 -16.16 -15.28 -27.86
CA ILE F 133 -16.22 -15.71 -26.47
C ILE F 133 -15.24 -14.83 -25.69
N PHE F 134 -15.74 -13.71 -25.20
CA PHE F 134 -14.94 -12.81 -24.39
C PHE F 134 -14.89 -13.32 -22.95
N ASP F 135 -13.82 -12.97 -22.25
CA ASP F 135 -13.75 -13.26 -20.83
C ASP F 135 -14.33 -12.14 -19.97
N GLU F 136 -14.43 -10.94 -20.52
CA GLU F 136 -14.81 -9.76 -19.74
C GLU F 136 -15.04 -8.60 -20.70
N VAL F 137 -16.00 -7.75 -20.38
CA VAL F 137 -16.26 -6.57 -21.20
C VAL F 137 -16.72 -5.43 -20.32
N LYS F 138 -16.36 -4.21 -20.70
CA LYS F 138 -16.86 -3.01 -20.06
C LYS F 138 -17.16 -1.97 -21.14
N TYR F 139 -18.18 -1.16 -20.91
CA TYR F 139 -18.51 -0.11 -21.86
C TYR F 139 -19.29 0.98 -21.15
N LYS F 140 -18.99 2.23 -21.50
CA LYS F 140 -19.69 3.37 -20.93
C LYS F 140 -19.72 4.48 -21.97
N SER F 141 -20.74 5.33 -21.88
CA SER F 141 -20.84 6.46 -22.80
C SER F 141 -21.74 7.51 -22.16
N ASP F 142 -21.16 8.64 -21.80
CA ASP F 142 -21.91 9.74 -21.21
C ASP F 142 -21.17 11.03 -21.51
N ILE F 143 -21.67 12.13 -20.94
CA ILE F 143 -21.13 13.45 -21.24
C ILE F 143 -19.64 13.51 -20.89
N SER F 144 -19.24 12.81 -19.83
CA SER F 144 -17.83 12.80 -19.47
C SER F 144 -16.96 12.18 -20.57
N GLY F 145 -17.43 11.07 -21.14
CA GLY F 145 -16.62 10.37 -22.12
C GLY F 145 -17.27 9.10 -22.56
N SER F 146 -16.64 8.47 -23.56
CA SER F 146 -17.11 7.22 -24.13
C SER F 146 -15.94 6.25 -24.21
N MET F 147 -16.21 4.98 -23.92
CA MET F 147 -15.16 3.98 -23.89
C MET F 147 -15.79 2.59 -23.96
N PHE F 148 -15.02 1.65 -24.51
CA PHE F 148 -15.34 0.24 -24.41
C PHE F 148 -14.04 -0.53 -24.35
N LYS F 149 -13.99 -1.52 -23.47
CA LYS F 149 -12.79 -2.32 -23.27
C LYS F 149 -13.18 -3.80 -23.24
N ILE F 150 -12.31 -4.63 -23.81
CA ILE F 150 -12.50 -6.07 -23.88
C ILE F 150 -11.35 -6.76 -23.18
N PHE F 151 -11.64 -7.79 -22.41
CA PHE F 151 -10.64 -8.60 -21.74
C PHE F 151 -10.85 -10.05 -22.14
N SER F 152 -9.77 -10.70 -22.57
CA SER F 152 -9.82 -12.11 -22.95
C SER F 152 -8.42 -12.67 -22.92
N GLU F 153 -8.25 -13.81 -22.24
CA GLU F 153 -6.91 -14.39 -22.08
C GLU F 153 -6.31 -14.80 -23.41
N GLN F 154 -7.14 -15.17 -24.38
CA GLN F 154 -6.66 -15.60 -25.68
C GLN F 154 -6.46 -14.45 -26.65
N ALA F 155 -6.73 -13.22 -26.24
CA ALA F 155 -6.57 -12.08 -27.12
C ALA F 155 -5.10 -11.89 -27.49
N ALA F 156 -4.84 -11.65 -28.78
CA ALA F 156 -3.48 -11.49 -29.25
C ALA F 156 -2.80 -10.26 -28.67
N TRP F 157 -3.57 -9.30 -28.16
CA TRP F 157 -3.00 -8.12 -27.52
C TRP F 157 -2.71 -8.35 -26.04
N ASN F 158 -3.08 -9.50 -25.50
CA ASN F 158 -2.84 -9.84 -24.10
C ASN F 158 -1.56 -10.63 -23.91
N THR F 159 -0.56 -10.40 -24.77
CA THR F 159 0.60 -11.28 -24.74
C THR F 159 1.47 -11.02 -23.51
N ASP F 160 1.60 -9.77 -23.09
CA ASP F 160 2.38 -9.44 -21.90
C ASP F 160 1.51 -9.19 -20.67
N ALA F 161 0.21 -9.42 -20.76
CA ALA F 161 -0.66 -9.12 -19.64
C ALA F 161 -0.41 -10.06 -18.47
N ASP F 162 -0.65 -9.56 -17.26
CA ASP F 162 -0.56 -10.37 -16.06
C ASP F 162 -1.90 -11.05 -15.81
N PHE F 163 -1.87 -12.37 -15.65
CA PHE F 163 -3.07 -13.15 -15.42
C PHE F 163 -2.95 -13.88 -14.09
N GLU F 164 -4.04 -13.84 -13.30
CA GLU F 164 -4.06 -14.59 -12.06
C GLU F 164 -4.20 -16.08 -12.37
N GLY F 165 -3.06 -16.77 -12.47
CA GLY F 165 -3.07 -18.16 -12.88
C GLY F 165 -1.99 -18.43 -13.90
N GLY F 166 -1.30 -17.38 -14.35
CA GLY F 166 -0.19 -17.54 -15.27
C GLY F 166 -0.56 -17.08 -16.67
N ASN F 167 0.39 -16.44 -17.35
CA ASN F 167 0.22 -16.00 -18.72
C ASN F 167 0.94 -16.99 -19.64
N LYS F 168 0.25 -18.08 -19.95
CA LYS F 168 0.75 -19.01 -20.95
C LYS F 168 0.84 -18.31 -22.30
N GLY F 169 1.97 -18.49 -22.98
CA GLY F 169 2.24 -17.74 -24.18
C GLY F 169 1.54 -18.21 -25.43
N HIS F 170 0.74 -19.26 -25.36
CA HIS F 170 0.07 -19.82 -26.52
C HIS F 170 -1.29 -19.14 -26.68
N ARG F 171 -1.42 -18.36 -27.75
CA ARG F 171 -2.66 -17.67 -28.07
C ARG F 171 -2.68 -17.38 -29.56
N PRO F 172 -3.86 -17.26 -30.15
CA PRO F 172 -3.93 -16.98 -31.59
C PRO F 172 -3.70 -15.50 -31.90
N GLY F 173 -2.84 -15.25 -32.88
CA GLY F 173 -2.55 -13.90 -33.29
C GLY F 173 -3.67 -13.30 -34.12
N VAL F 174 -3.45 -12.08 -34.57
CA VAL F 174 -4.42 -11.41 -35.43
C VAL F 174 -4.50 -12.14 -36.76
N LYS F 175 -5.72 -12.43 -37.20
CA LYS F 175 -5.98 -13.22 -38.42
C LYS F 175 -5.42 -14.63 -38.33
N GLY F 176 -5.05 -15.09 -37.14
CA GLY F 176 -4.42 -16.38 -37.00
C GLY F 176 -5.11 -17.30 -36.01
N GLY F 177 -6.39 -17.04 -35.76
CA GLY F 177 -7.19 -17.87 -34.88
C GLY F 177 -7.93 -19.00 -35.55
N TYR F 178 -7.72 -19.20 -36.86
CA TYR F 178 -8.47 -20.21 -37.59
C TYR F 178 -7.80 -21.57 -37.43
N PHE F 179 -8.51 -22.50 -36.78
CA PHE F 179 -8.10 -23.89 -36.57
C PHE F 179 -6.76 -24.03 -35.87
N PRO F 180 -6.58 -23.49 -34.67
CA PRO F 180 -5.39 -23.84 -33.89
C PRO F 180 -5.67 -24.97 -32.92
N VAL F 181 -4.61 -25.68 -32.56
CA VAL F 181 -4.73 -26.81 -31.64
C VAL F 181 -5.10 -26.29 -30.26
N PRO F 182 -5.63 -27.13 -29.37
CA PRO F 182 -6.18 -26.65 -28.09
C PRO F 182 -5.19 -25.84 -27.26
N PRO F 183 -3.87 -26.13 -27.31
CA PRO F 183 -2.95 -25.23 -26.60
C PRO F 183 -3.07 -23.79 -27.07
N VAL F 184 -3.28 -23.58 -28.37
CA VAL F 184 -3.55 -22.25 -28.89
C VAL F 184 -5.04 -21.94 -28.93
N ASP F 185 -5.89 -22.95 -28.83
CA ASP F 185 -7.34 -22.79 -28.89
C ASP F 185 -7.88 -22.84 -27.46
N HIS F 186 -8.07 -21.67 -26.86
CA HIS F 186 -8.50 -21.60 -25.46
C HIS F 186 -9.94 -22.06 -25.27
N ASP F 187 -10.74 -22.13 -26.32
CA ASP F 187 -12.18 -22.33 -26.22
C ASP F 187 -12.60 -23.64 -26.85
N HIS F 188 -11.87 -24.71 -26.59
CA HIS F 188 -12.28 -26.01 -27.12
C HIS F 188 -13.28 -26.69 -26.20
N GLU F 189 -12.99 -26.73 -24.89
CA GLU F 189 -13.92 -27.35 -23.97
C GLU F 189 -15.17 -26.50 -23.77
N ILE F 190 -15.03 -25.18 -23.80
CA ILE F 190 -16.20 -24.31 -23.75
C ILE F 190 -17.09 -24.56 -24.96
N ARG F 191 -16.49 -24.68 -26.14
CA ARG F 191 -17.25 -25.00 -27.34
C ARG F 191 -17.91 -26.37 -27.24
N THR F 192 -17.21 -27.34 -26.66
CA THR F 192 -17.79 -28.68 -26.53
C THR F 192 -18.99 -28.66 -25.59
N ALA F 193 -18.90 -27.94 -24.47
CA ALA F 193 -20.05 -27.81 -23.60
C ALA F 193 -21.18 -27.05 -24.29
N MET F 194 -20.82 -26.07 -25.10
CA MET F 194 -21.82 -25.34 -25.89
C MET F 194 -22.58 -26.29 -26.79
N CYS F 195 -21.84 -27.14 -27.51
CA CYS F 195 -22.46 -28.10 -28.40
C CYS F 195 -23.32 -29.10 -27.63
N ASN F 196 -22.85 -29.52 -26.45
CA ASN F 196 -23.62 -30.48 -25.64
C ASN F 196 -24.96 -29.88 -25.23
N ALA F 197 -24.94 -28.64 -24.74
CA ALA F 197 -26.19 -27.99 -24.38
C ALA F 197 -27.04 -27.70 -25.59
N LEU F 198 -26.44 -27.59 -26.77
CA LEU F 198 -27.23 -27.53 -28.00
C LEU F 198 -27.95 -28.85 -28.27
N GLU F 199 -27.22 -29.97 -28.12
CA GLU F 199 -27.82 -31.28 -28.33
C GLU F 199 -28.96 -31.51 -27.36
N GLU F 200 -28.79 -31.08 -26.11
CA GLU F 200 -29.86 -31.23 -25.12
C GLU F 200 -31.11 -30.46 -25.55
N MET F 201 -30.94 -29.35 -26.27
CA MET F 201 -32.06 -28.56 -26.77
C MET F 201 -32.50 -28.99 -28.17
N GLY F 202 -32.21 -30.22 -28.56
CA GLY F 202 -32.69 -30.75 -29.82
C GLY F 202 -32.17 -30.07 -31.07
N LEU F 203 -30.86 -29.83 -31.13
CA LEU F 203 -30.22 -29.29 -32.32
C LEU F 203 -29.19 -30.30 -32.83
N LYS F 204 -29.21 -30.53 -34.14
CA LYS F 204 -28.25 -31.43 -34.77
C LYS F 204 -27.00 -30.61 -35.08
N VAL F 205 -26.04 -30.65 -34.15
CA VAL F 205 -24.78 -29.94 -34.36
C VAL F 205 -23.98 -30.64 -35.45
N GLU F 206 -23.48 -29.87 -36.40
CA GLU F 206 -22.72 -30.44 -37.51
C GLU F 206 -21.22 -30.24 -37.36
N VAL F 207 -20.78 -29.10 -36.82
CA VAL F 207 -19.36 -28.82 -36.66
C VAL F 207 -19.21 -27.71 -35.63
N HIS F 208 -18.02 -27.62 -35.04
CA HIS F 208 -17.69 -26.47 -34.20
C HIS F 208 -16.18 -26.30 -34.19
N HIS F 209 -15.73 -25.06 -34.32
CA HIS F 209 -14.29 -24.78 -34.40
C HIS F 209 -14.05 -23.33 -34.04
N HIS F 210 -12.79 -22.91 -34.17
CA HIS F 210 -12.35 -21.57 -33.83
C HIS F 210 -12.24 -20.74 -35.10
N GLU F 211 -12.89 -19.59 -35.12
CA GLU F 211 -12.89 -18.76 -36.31
C GLU F 211 -11.60 -17.94 -36.39
N VAL F 212 -11.42 -17.25 -37.52
CA VAL F 212 -10.14 -16.64 -37.85
C VAL F 212 -9.77 -15.55 -36.85
N ALA F 213 -10.74 -14.72 -36.47
CA ALA F 213 -10.45 -13.60 -35.59
C ALA F 213 -9.96 -14.08 -34.23
N THR F 214 -9.07 -13.30 -33.63
CA THR F 214 -8.55 -13.61 -32.30
C THR F 214 -9.56 -13.15 -31.26
N ALA F 215 -9.16 -13.15 -30.00
CA ALA F 215 -9.99 -12.77 -28.85
C ALA F 215 -11.18 -13.71 -28.66
N GLY F 216 -11.17 -14.87 -29.28
CA GLY F 216 -12.16 -15.90 -29.00
C GLY F 216 -13.32 -15.96 -29.95
N GLN F 217 -13.06 -15.90 -31.26
CA GLN F 217 -14.12 -16.07 -32.25
C GLN F 217 -14.28 -17.56 -32.55
N ASN F 218 -15.50 -18.06 -32.35
CA ASN F 218 -15.82 -19.47 -32.53
C ASN F 218 -17.09 -19.61 -33.34
N GLU F 219 -17.19 -20.72 -34.05
CA GLU F 219 -18.31 -21.00 -34.93
C GLU F 219 -18.82 -22.40 -34.67
N ILE F 220 -20.13 -22.51 -34.41
CA ILE F 220 -20.79 -23.78 -34.19
C ILE F 220 -21.86 -23.91 -35.27
N GLY F 221 -21.56 -24.67 -36.32
CA GLY F 221 -22.48 -24.86 -37.42
C GLY F 221 -23.41 -26.03 -37.16
N VAL F 222 -24.71 -25.76 -37.24
CA VAL F 222 -25.74 -26.78 -36.99
C VAL F 222 -26.48 -27.05 -38.29
N SER F 223 -27.42 -27.99 -38.25
CA SER F 223 -28.15 -28.39 -39.45
C SER F 223 -29.31 -27.44 -39.72
N PHE F 224 -29.72 -27.40 -40.98
CA PHE F 224 -30.75 -26.50 -41.47
C PHE F 224 -32.14 -27.00 -41.08
N ASN F 225 -33.14 -26.15 -41.31
CA ASN F 225 -34.53 -26.49 -40.98
C ASN F 225 -35.45 -25.51 -41.69
N THR F 226 -36.75 -25.71 -41.49
CA THR F 226 -37.77 -24.84 -42.05
C THR F 226 -37.67 -23.44 -41.44
N LEU F 227 -38.00 -22.43 -42.25
CA LEU F 227 -37.82 -21.02 -41.91
C LEU F 227 -38.22 -20.68 -40.48
N VAL F 228 -39.49 -20.92 -40.12
CA VAL F 228 -39.95 -20.60 -38.78
C VAL F 228 -39.23 -21.46 -37.74
N ALA F 229 -39.15 -22.76 -38.01
CA ALA F 229 -38.44 -23.65 -37.11
C ALA F 229 -36.97 -23.28 -37.00
N LYS F 230 -36.36 -22.86 -38.12
CA LYS F 230 -34.95 -22.48 -38.07
C LYS F 230 -34.74 -21.19 -37.29
N ALA F 231 -35.66 -20.24 -37.39
CA ALA F 231 -35.54 -19.06 -36.55
C ALA F 231 -35.68 -19.41 -35.07
N ASP F 232 -36.60 -20.34 -34.76
CA ASP F 232 -36.69 -20.83 -33.39
C ASP F 232 -35.37 -21.47 -32.95
N GLU F 233 -34.76 -22.26 -33.82
CA GLU F 233 -33.49 -22.91 -33.48
C GLU F 233 -32.35 -21.91 -33.37
N VAL F 234 -32.38 -20.82 -34.14
CA VAL F 234 -31.35 -19.79 -34.00
C VAL F 234 -31.47 -19.10 -32.66
N GLN F 235 -32.70 -18.77 -32.25
CA GLN F 235 -32.89 -18.20 -30.92
C GLN F 235 -32.47 -19.17 -29.83
N THR F 236 -32.78 -20.46 -30.02
CA THR F 236 -32.34 -21.48 -29.07
C THR F 236 -30.83 -21.56 -29.00
N LEU F 237 -30.16 -21.50 -30.16
CA LEU F 237 -28.70 -21.54 -30.20
C LEU F 237 -28.10 -20.34 -29.49
N LYS F 238 -28.65 -19.16 -29.71
CA LYS F 238 -28.15 -17.97 -29.03
C LYS F 238 -28.34 -18.08 -27.52
N TYR F 239 -29.52 -18.53 -27.09
CA TYR F 239 -29.76 -18.74 -25.67
C TYR F 239 -28.76 -19.72 -25.08
N CYS F 240 -28.54 -20.83 -25.77
CA CYS F 240 -27.64 -21.87 -25.29
C CYS F 240 -26.22 -21.35 -25.16
N VAL F 241 -25.71 -20.66 -26.17
CA VAL F 241 -24.33 -20.21 -26.11
C VAL F 241 -24.16 -19.13 -25.05
N HIS F 242 -25.11 -18.18 -24.98
CA HIS F 242 -25.03 -17.14 -23.97
C HIS F 242 -24.98 -17.73 -22.58
N ASN F 243 -25.89 -18.66 -22.27
CA ASN F 243 -25.95 -19.17 -20.91
C ASN F 243 -24.82 -20.15 -20.60
N VAL F 244 -24.35 -20.90 -21.60
CA VAL F 244 -23.21 -21.77 -21.35
C VAL F 244 -21.97 -20.95 -21.03
N ALA F 245 -21.75 -19.86 -21.76
CA ALA F 245 -20.59 -19.02 -21.44
C ALA F 245 -20.79 -18.27 -20.13
N ASP F 246 -22.04 -17.92 -19.79
CA ASP F 246 -22.28 -17.27 -18.51
C ASP F 246 -21.99 -18.22 -17.35
N ALA F 247 -22.39 -19.48 -17.48
CA ALA F 247 -22.07 -20.47 -16.45
C ALA F 247 -20.58 -20.77 -16.37
N TYR F 248 -19.86 -20.55 -17.46
CA TYR F 248 -18.41 -20.75 -17.49
C TYR F 248 -17.64 -19.51 -17.04
N GLY F 249 -18.34 -18.44 -16.67
CA GLY F 249 -17.68 -17.22 -16.26
C GLY F 249 -17.25 -16.32 -17.40
N LYS F 250 -17.78 -16.52 -18.59
CA LYS F 250 -17.41 -15.74 -19.76
C LYS F 250 -18.66 -15.05 -20.34
N THR F 251 -18.48 -14.42 -21.50
CA THR F 251 -19.57 -13.78 -22.21
C THR F 251 -19.43 -14.08 -23.69
N VAL F 252 -20.56 -14.01 -24.40
CA VAL F 252 -20.60 -14.22 -25.84
C VAL F 252 -21.09 -12.96 -26.52
N THR F 253 -20.40 -12.58 -27.59
CA THR F 253 -20.75 -11.43 -28.40
C THR F 253 -21.25 -11.93 -29.74
N PHE F 254 -22.50 -11.61 -30.06
CA PHE F 254 -23.05 -11.84 -31.38
C PHE F 254 -23.07 -10.58 -32.23
N MET F 255 -22.41 -9.52 -31.78
CA MET F 255 -22.26 -8.35 -32.62
C MET F 255 -21.46 -8.73 -33.86
N PRO F 256 -21.82 -8.19 -35.03
CA PRO F 256 -21.10 -8.57 -36.26
C PRO F 256 -19.63 -8.23 -36.23
N LYS F 257 -19.24 -7.13 -35.57
CA LYS F 257 -17.84 -6.74 -35.50
C LYS F 257 -17.61 -6.07 -34.16
N PRO F 258 -17.02 -6.78 -33.18
CA PRO F 258 -16.60 -6.15 -31.94
C PRO F 258 -15.14 -5.72 -31.91
N LEU F 259 -14.36 -6.09 -32.92
CA LEU F 259 -12.94 -5.78 -33.00
C LEU F 259 -12.64 -5.03 -34.28
N TYR F 260 -11.78 -4.02 -34.18
CA TYR F 260 -11.20 -3.38 -35.35
C TYR F 260 -9.79 -3.91 -35.56
N GLY F 261 -9.46 -4.16 -36.83
CA GLY F 261 -8.23 -4.83 -37.15
C GLY F 261 -8.30 -6.33 -37.09
N ASP F 262 -9.46 -6.89 -36.75
CA ASP F 262 -9.66 -8.32 -36.71
C ASP F 262 -10.99 -8.66 -37.36
N ASN F 263 -11.10 -9.90 -37.85
CA ASN F 263 -12.27 -10.31 -38.62
C ASN F 263 -13.54 -10.20 -37.78
N GLY F 264 -14.62 -9.79 -38.43
CA GLY F 264 -15.91 -9.72 -37.80
C GLY F 264 -16.64 -11.06 -37.82
N SER F 265 -17.81 -11.07 -37.21
CA SER F 265 -18.65 -12.25 -37.15
C SER F 265 -19.82 -12.07 -38.11
N GLY F 266 -20.04 -13.07 -38.95
CA GLY F 266 -21.11 -13.01 -39.93
C GLY F 266 -21.96 -14.26 -39.87
N MET F 267 -23.26 -14.06 -40.14
CA MET F 267 -24.22 -15.16 -40.15
C MET F 267 -24.55 -15.47 -41.60
N HIS F 268 -23.80 -16.41 -42.18
CA HIS F 268 -24.12 -16.87 -43.53
C HIS F 268 -25.47 -17.57 -43.52
N VAL F 269 -26.21 -17.47 -44.62
CA VAL F 269 -27.51 -18.10 -44.72
C VAL F 269 -27.53 -18.98 -45.97
N HIS F 270 -27.64 -20.29 -45.79
CA HIS F 270 -27.83 -21.22 -46.89
C HIS F 270 -29.31 -21.39 -47.14
N MET F 271 -29.74 -21.19 -48.38
CA MET F 271 -31.13 -21.17 -48.75
C MET F 271 -31.39 -22.22 -49.82
N SER F 272 -32.45 -22.99 -49.63
CA SER F 272 -32.93 -23.92 -50.65
C SER F 272 -34.45 -23.94 -50.60
N ILE F 273 -35.06 -24.31 -51.72
CA ILE F 273 -36.52 -24.38 -51.83
C ILE F 273 -36.89 -25.76 -52.35
N ALA F 274 -37.86 -26.40 -51.69
CA ALA F 274 -38.34 -27.70 -52.09
C ALA F 274 -39.82 -27.61 -52.42
N LYS F 275 -40.20 -28.15 -53.57
CA LYS F 275 -41.59 -28.27 -53.97
C LYS F 275 -41.88 -29.73 -54.24
N ASP F 276 -42.90 -30.27 -53.56
CA ASP F 276 -43.26 -31.69 -53.66
C ASP F 276 -42.05 -32.58 -53.37
N GLY F 277 -41.28 -32.21 -52.34
CA GLY F 277 -40.16 -33.02 -51.93
C GLY F 277 -39.01 -33.04 -52.90
N LYS F 278 -38.90 -32.05 -53.79
CA LYS F 278 -37.82 -31.99 -54.76
C LYS F 278 -37.12 -30.65 -54.65
N ASN F 279 -35.80 -30.67 -54.58
CA ASN F 279 -35.02 -29.46 -54.47
C ASN F 279 -35.02 -28.73 -55.81
N THR F 280 -35.80 -27.65 -55.90
CA THR F 280 -35.95 -26.94 -57.16
C THR F 280 -34.67 -26.21 -57.57
N PHE F 281 -33.75 -25.98 -56.63
CA PHE F 281 -32.56 -25.21 -56.95
C PHE F 281 -31.62 -25.97 -57.86
N ALA F 282 -31.52 -27.29 -57.68
CA ALA F 282 -30.62 -28.11 -58.47
C ALA F 282 -31.06 -28.17 -59.93
N LEU F 289 -26.82 -25.38 -60.30
CA LEU F 289 -27.94 -24.45 -60.18
C LEU F 289 -28.83 -24.48 -61.41
N SER F 290 -30.13 -24.59 -61.20
CA SER F 290 -31.10 -24.58 -62.30
C SER F 290 -32.28 -23.71 -61.90
N ASP F 291 -32.17 -22.41 -62.19
CA ASP F 291 -33.23 -21.43 -61.94
C ASP F 291 -33.86 -21.56 -60.56
N LEU F 294 -31.30 -19.49 -59.98
CA LEU F 294 -30.63 -18.28 -60.45
C LEU F 294 -31.55 -17.07 -60.30
N TYR F 295 -32.85 -17.29 -60.48
CA TYR F 295 -33.81 -16.22 -60.25
C TYR F 295 -33.84 -15.81 -58.79
N PHE F 296 -33.71 -16.78 -57.87
CA PHE F 296 -33.60 -16.46 -56.46
C PHE F 296 -32.42 -15.54 -56.19
N ILE F 297 -31.26 -15.87 -56.76
CA ILE F 297 -30.07 -15.06 -56.58
C ILE F 297 -30.26 -13.67 -57.17
N GLY F 298 -30.87 -13.61 -58.36
CA GLY F 298 -31.12 -12.31 -58.97
C GLY F 298 -32.05 -11.46 -58.14
N GLY F 299 -33.06 -12.08 -57.53
CA GLY F 299 -33.96 -11.33 -56.66
C GLY F 299 -33.28 -10.81 -55.42
N ILE F 300 -32.39 -11.63 -54.84
CA ILE F 300 -31.61 -11.16 -53.70
C ILE F 300 -30.72 -9.99 -54.11
N ILE F 301 -30.07 -10.10 -55.28
CA ILE F 301 -29.18 -9.05 -55.75
C ILE F 301 -29.93 -7.75 -55.97
N LYS F 302 -31.12 -7.84 -56.59
CA LYS F 302 -31.88 -6.63 -56.87
C LYS F 302 -32.30 -5.94 -55.58
N HIS F 303 -32.70 -6.70 -54.56
CA HIS F 303 -33.23 -6.15 -53.32
C HIS F 303 -32.20 -6.16 -52.20
N GLY F 304 -30.92 -6.37 -52.50
CA GLY F 304 -29.93 -6.50 -51.44
C GLY F 304 -29.86 -5.29 -50.54
N LYS F 305 -29.90 -4.09 -51.14
CA LYS F 305 -29.88 -2.88 -50.34
C LYS F 305 -31.11 -2.78 -49.44
N ALA F 306 -32.29 -3.11 -49.98
CA ALA F 306 -33.49 -3.12 -49.16
C ALA F 306 -33.48 -4.28 -48.17
N LEU F 307 -32.80 -5.37 -48.53
CA LEU F 307 -32.66 -6.50 -47.60
C LEU F 307 -31.83 -6.12 -46.39
N ASN F 308 -30.82 -5.27 -46.58
CA ASN F 308 -29.90 -4.96 -45.48
C ASN F 308 -30.62 -4.38 -44.27
N GLY F 309 -31.77 -3.74 -44.48
CA GLY F 309 -32.50 -3.18 -43.36
C GLY F 309 -33.06 -4.22 -42.40
N PHE F 310 -33.19 -5.47 -42.85
CA PHE F 310 -33.68 -6.56 -42.04
C PHE F 310 -32.61 -7.62 -41.76
N THR F 311 -31.76 -7.89 -42.74
CA THR F 311 -30.72 -8.89 -42.61
C THR F 311 -29.43 -8.36 -42.00
N ASN F 312 -29.33 -7.03 -41.82
CA ASN F 312 -28.18 -6.41 -41.15
C ASN F 312 -28.67 -5.19 -40.38
N PRO F 313 -29.54 -5.38 -39.38
CA PRO F 313 -30.16 -4.25 -38.67
C PRO F 313 -29.34 -3.75 -37.50
N SER F 314 -28.05 -3.52 -37.72
CA SER F 314 -27.16 -3.09 -36.67
C SER F 314 -26.01 -2.33 -37.29
N THR F 315 -25.66 -1.20 -36.68
CA THR F 315 -24.58 -0.37 -37.23
C THR F 315 -23.27 -1.14 -37.31
N ASN F 316 -23.05 -2.08 -36.38
CA ASN F 316 -21.84 -2.89 -36.43
C ASN F 316 -21.77 -3.71 -37.71
N SER F 317 -22.91 -4.06 -38.30
CA SER F 317 -22.89 -4.81 -39.55
C SER F 317 -22.20 -4.00 -40.63
N TYR F 318 -22.53 -2.72 -40.72
CA TYR F 318 -21.90 -1.83 -41.70
C TYR F 318 -20.52 -1.40 -41.27
N LYS F 319 -20.19 -1.52 -39.99
CA LYS F 319 -18.79 -1.47 -39.59
C LYS F 319 -18.05 -2.75 -39.92
N ARG F 320 -18.77 -3.79 -40.34
CA ARG F 320 -18.19 -5.05 -40.81
C ARG F 320 -18.20 -5.17 -42.33
N LEU F 321 -19.22 -4.64 -42.99
CA LEU F 321 -19.31 -4.68 -44.45
C LEU F 321 -18.38 -3.61 -45.02
N VAL F 322 -17.09 -3.94 -45.06
CA VAL F 322 -16.08 -3.01 -45.53
C VAL F 322 -15.06 -3.73 -46.40
N PRO F 328 -16.96 -9.58 -48.97
CA PRO F 328 -18.33 -9.91 -48.59
C PRO F 328 -19.27 -8.73 -48.73
N VAL F 329 -19.04 -7.87 -49.73
CA VAL F 329 -19.80 -6.66 -49.92
C VAL F 329 -20.46 -6.59 -51.29
N MET F 330 -19.73 -6.93 -52.36
CA MET F 330 -20.27 -6.84 -53.71
C MET F 330 -21.37 -7.87 -53.91
N LEU F 331 -22.51 -7.41 -54.42
CA LEU F 331 -23.69 -8.27 -54.57
C LEU F 331 -23.62 -9.00 -55.90
N ALA F 332 -22.85 -10.08 -55.91
CA ALA F 332 -22.74 -10.96 -57.06
C ALA F 332 -22.57 -12.39 -56.56
N TYR F 333 -22.91 -13.35 -57.42
CA TYR F 333 -22.89 -14.75 -57.05
C TYR F 333 -21.72 -15.44 -57.73
N SER F 334 -21.14 -16.41 -57.03
CA SER F 334 -20.05 -17.22 -57.57
C SER F 334 -19.89 -18.44 -56.68
N ALA F 335 -19.12 -19.41 -57.18
CA ALA F 335 -18.75 -20.57 -56.40
C ALA F 335 -17.28 -20.59 -56.00
N ARG F 336 -16.47 -19.69 -56.56
CA ARG F 336 -15.04 -19.68 -56.29
C ARG F 336 -14.56 -18.29 -55.91
N ASN F 337 -15.27 -17.25 -56.34
CA ASN F 337 -14.83 -15.89 -56.08
C ASN F 337 -15.07 -15.53 -54.62
N ARG F 338 -14.04 -14.99 -53.98
CA ARG F 338 -14.13 -14.66 -52.56
C ARG F 338 -14.95 -13.40 -52.32
N SER F 339 -14.81 -12.39 -53.18
CA SER F 339 -15.50 -11.12 -52.99
C SER F 339 -16.99 -11.22 -53.25
N ALA F 340 -17.47 -12.30 -53.86
CA ALA F 340 -18.90 -12.44 -54.11
C ALA F 340 -19.64 -12.68 -52.81
N SER F 341 -20.71 -11.94 -52.58
CA SER F 341 -21.47 -12.06 -51.34
C SER F 341 -22.46 -13.20 -51.37
N ILE F 342 -22.59 -13.90 -52.50
CA ILE F 342 -23.46 -15.07 -52.62
C ILE F 342 -22.61 -16.22 -53.12
N ARG F 343 -22.49 -17.26 -52.31
CA ARG F 343 -21.62 -18.39 -52.62
C ARG F 343 -22.48 -19.61 -52.97
N ILE F 344 -22.05 -20.35 -53.98
CA ILE F 344 -22.70 -21.59 -54.36
C ILE F 344 -21.85 -22.74 -53.84
N PRO F 345 -22.15 -23.26 -52.65
CA PRO F 345 -21.24 -24.21 -52.00
C PRO F 345 -21.08 -25.51 -52.78
N TYR F 346 -19.91 -26.10 -52.62
CA TYR F 346 -19.61 -27.39 -53.25
C TYR F 346 -20.36 -28.49 -52.53
N VAL F 347 -21.30 -29.13 -53.22
CA VAL F 347 -22.10 -30.21 -52.66
C VAL F 347 -22.02 -31.40 -53.59
N ASN F 348 -21.87 -32.59 -53.02
CA ASN F 348 -21.69 -33.82 -53.78
C ASN F 348 -22.99 -34.49 -54.18
N SER F 349 -24.13 -33.99 -53.70
CA SER F 349 -25.43 -34.56 -54.03
C SER F 349 -26.35 -33.43 -54.50
N PRO F 350 -27.01 -33.57 -55.65
CA PRO F 350 -27.87 -32.49 -56.14
C PRO F 350 -29.04 -32.18 -55.23
N LYS F 351 -29.45 -33.11 -54.36
CA LYS F 351 -30.58 -32.85 -53.47
C LYS F 351 -30.26 -31.71 -52.51
N ALA F 352 -29.02 -31.60 -52.07
CA ALA F 352 -28.61 -30.59 -51.11
C ALA F 352 -28.09 -29.32 -51.76
N ARG F 353 -28.27 -29.16 -53.07
CA ARG F 353 -27.83 -27.94 -53.74
C ARG F 353 -28.58 -26.74 -53.19
N ARG F 354 -27.85 -25.66 -52.94
CA ARG F 354 -28.41 -24.50 -52.28
C ARG F 354 -27.55 -23.29 -52.61
N ILE F 355 -28.07 -22.11 -52.26
CA ILE F 355 -27.30 -20.89 -52.36
C ILE F 355 -26.88 -20.48 -50.95
N GLU F 356 -25.95 -19.52 -50.86
CA GLU F 356 -25.47 -19.04 -49.56
C GLU F 356 -25.23 -17.55 -49.65
N ALA F 357 -26.07 -16.78 -48.96
CA ALA F 357 -25.84 -15.35 -48.80
C ALA F 357 -24.84 -15.12 -47.68
N ARG F 358 -23.76 -14.39 -47.99
CA ARG F 358 -22.66 -14.20 -47.05
C ARG F 358 -22.81 -12.94 -46.22
N PHE F 359 -23.51 -11.94 -46.71
CA PHE F 359 -23.57 -10.65 -46.03
C PHE F 359 -24.33 -10.64 -44.70
N PRO F 360 -25.34 -11.48 -44.45
CA PRO F 360 -26.06 -11.39 -43.18
C PRO F 360 -25.14 -11.62 -41.97
N ASP F 361 -25.48 -10.94 -40.87
CA ASP F 361 -24.72 -10.96 -39.63
C ASP F 361 -25.50 -11.63 -38.51
N PRO F 362 -24.82 -12.10 -37.46
CA PRO F 362 -25.54 -12.77 -36.37
C PRO F 362 -26.51 -11.88 -35.63
N SER F 363 -26.39 -10.55 -35.76
CA SER F 363 -27.27 -9.63 -35.04
C SER F 363 -28.64 -9.49 -35.70
N ALA F 364 -28.85 -10.10 -36.85
CA ALA F 364 -30.13 -9.98 -37.53
C ALA F 364 -31.22 -10.75 -36.79
N ASN F 365 -32.41 -10.17 -36.74
CA ASN F 365 -33.58 -10.86 -36.21
C ASN F 365 -33.87 -12.07 -37.08
N PRO F 366 -33.70 -13.29 -36.57
CA PRO F 366 -33.78 -14.47 -37.45
C PRO F 366 -35.10 -14.58 -38.18
N TYR F 367 -36.22 -14.31 -37.50
CA TYR F 367 -37.52 -14.40 -38.16
C TYR F 367 -37.63 -13.36 -39.27
N LEU F 368 -37.38 -12.09 -38.94
CA LEU F 368 -37.49 -11.02 -39.94
C LEU F 368 -36.46 -11.18 -41.05
N ALA F 369 -35.21 -11.51 -40.69
CA ALA F 369 -34.18 -11.66 -41.72
C ALA F 369 -34.52 -12.80 -42.67
N PHE F 370 -34.89 -13.95 -42.12
CA PHE F 370 -35.19 -15.10 -42.97
C PHE F 370 -36.42 -14.85 -43.83
N ALA F 371 -37.46 -14.23 -43.26
CA ALA F 371 -38.65 -13.92 -44.04
C ALA F 371 -38.33 -12.93 -45.16
N ALA F 372 -37.54 -11.89 -44.87
CA ALA F 372 -37.18 -10.92 -45.90
C ALA F 372 -36.37 -11.56 -47.00
N LEU F 373 -35.41 -12.41 -46.64
CA LEU F 373 -34.61 -13.09 -47.66
C LEU F 373 -35.47 -14.00 -48.51
N LEU F 374 -36.40 -14.72 -47.88
CA LEU F 374 -37.28 -15.60 -48.65
C LEU F 374 -38.17 -14.80 -49.59
N MET F 375 -38.70 -13.66 -49.14
CA MET F 375 -39.56 -12.87 -50.00
C MET F 375 -38.78 -12.24 -51.16
N ALA F 376 -37.53 -11.82 -50.91
CA ALA F 376 -36.71 -11.33 -52.00
C ALA F 376 -36.43 -12.43 -53.02
N GLY F 377 -36.12 -13.64 -52.54
CA GLY F 377 -35.91 -14.75 -53.46
C GLY F 377 -37.15 -15.10 -54.24
N LEU F 378 -38.32 -15.05 -53.59
CA LEU F 378 -39.57 -15.32 -54.28
C LEU F 378 -39.88 -14.25 -55.33
N ASP F 379 -39.58 -12.99 -55.01
CA ASP F 379 -39.76 -11.93 -55.99
C ASP F 379 -38.85 -12.14 -57.20
N GLY F 380 -37.60 -12.57 -56.94
CA GLY F 380 -36.72 -12.90 -58.05
C GLY F 380 -37.23 -14.06 -58.88
N ILE F 381 -37.79 -15.08 -58.22
CA ILE F 381 -38.31 -16.23 -58.93
C ILE F 381 -39.50 -15.83 -59.80
N GLN F 382 -40.40 -15.00 -59.24
CA GLN F 382 -41.62 -14.64 -59.96
C GLN F 382 -41.31 -13.76 -61.17
N ASN F 383 -40.44 -12.77 -61.00
CA ASN F 383 -40.13 -11.86 -62.10
C ASN F 383 -39.03 -12.39 -63.01
N LYS F 384 -38.50 -13.58 -62.73
CA LYS F 384 -37.50 -14.23 -63.58
C LYS F 384 -36.28 -13.32 -63.79
N ILE F 385 -35.84 -12.67 -62.72
CA ILE F 385 -34.72 -11.75 -62.79
C ILE F 385 -33.42 -12.53 -62.95
N HIS F 386 -32.89 -12.57 -64.16
CA HIS F 386 -31.62 -13.25 -64.40
C HIS F 386 -30.47 -12.37 -63.95
N PRO F 387 -29.60 -12.84 -63.05
CA PRO F 387 -28.44 -12.07 -62.59
C PRO F 387 -27.41 -11.84 -63.70
N PRO F 407 -23.04 -3.90 -57.94
CA PRO F 407 -23.91 -3.43 -56.86
C PRO F 407 -23.37 -3.82 -55.48
N GLN F 408 -23.19 -2.83 -54.61
CA GLN F 408 -22.65 -3.06 -53.28
C GLN F 408 -23.76 -2.87 -52.25
N VAL F 409 -23.67 -3.64 -51.16
CA VAL F 409 -24.64 -3.55 -50.08
C VAL F 409 -24.51 -2.18 -49.42
N CYS F 410 -25.51 -1.81 -48.62
CA CYS F 410 -25.53 -0.49 -48.01
C CYS F 410 -24.33 -0.31 -47.09
N GLY F 411 -23.86 0.94 -47.00
CA GLY F 411 -22.74 1.27 -46.16
C GLY F 411 -23.06 1.89 -44.82
N SER F 412 -24.34 2.15 -44.54
CA SER F 412 -24.73 2.78 -43.29
C SER F 412 -26.16 2.40 -42.96
N LEU F 413 -26.53 2.56 -41.68
CA LEU F 413 -27.89 2.25 -41.28
C LEU F 413 -28.88 3.25 -41.85
N LYS F 414 -28.46 4.50 -42.02
CA LYS F 414 -29.32 5.48 -42.68
C LYS F 414 -29.63 5.04 -44.11
N GLU F 415 -28.59 4.62 -44.85
CA GLU F 415 -28.79 4.18 -46.22
C GLU F 415 -29.64 2.91 -46.28
N ALA F 416 -29.39 1.97 -45.37
CA ALA F 416 -30.18 0.74 -45.37
C ALA F 416 -31.64 1.02 -45.03
N LEU F 417 -31.89 1.90 -44.08
CA LEU F 417 -33.27 2.26 -43.75
C LEU F 417 -33.96 2.95 -44.92
N GLU F 418 -33.25 3.84 -45.61
CA GLU F 418 -33.84 4.50 -46.78
C GLU F 418 -34.14 3.49 -47.88
N GLU F 419 -33.21 2.56 -48.12
CA GLU F 419 -33.43 1.54 -49.15
C GLU F 419 -34.59 0.61 -48.78
N LEU F 420 -34.77 0.35 -47.48
CA LEU F 420 -35.95 -0.41 -47.06
C LEU F 420 -37.22 0.39 -47.31
N ASP F 421 -37.22 1.68 -46.97
CA ASP F 421 -38.41 2.50 -47.17
C ASP F 421 -38.80 2.57 -48.64
N LYS F 422 -37.83 2.72 -49.53
CA LYS F 422 -38.08 2.68 -50.97
C LYS F 422 -37.57 1.33 -51.48
N GLY F 423 -38.45 0.32 -51.44
CA GLY F 423 -38.06 -1.03 -51.75
C GLY F 423 -38.80 -2.05 -50.90
N ARG F 424 -39.62 -1.56 -49.97
CA ARG F 424 -40.53 -2.40 -49.21
C ARG F 424 -41.64 -3.01 -50.06
N ALA F 425 -41.63 -2.83 -51.39
CA ALA F 425 -42.74 -3.30 -52.21
C ALA F 425 -42.86 -4.81 -52.16
N PHE F 426 -41.75 -5.53 -52.35
CA PHE F 426 -41.82 -6.98 -52.37
C PHE F 426 -42.11 -7.56 -51.00
N LEU F 427 -41.70 -6.86 -49.94
CA LEU F 427 -42.08 -7.28 -48.59
C LEU F 427 -43.58 -7.14 -48.37
N THR F 428 -44.13 -5.97 -48.73
CA THR F 428 -45.55 -5.72 -48.49
C THR F 428 -46.43 -6.59 -49.38
N LYS F 429 -45.95 -7.00 -50.54
CA LYS F 429 -46.73 -7.88 -51.41
C LYS F 429 -46.99 -9.19 -50.69
N GLY F 430 -48.20 -9.72 -50.88
CA GLY F 430 -48.62 -10.91 -50.20
C GLY F 430 -49.09 -10.70 -48.77
N GLY F 431 -49.07 -9.47 -48.28
CA GLY F 431 -49.50 -9.18 -46.92
C GLY F 431 -48.59 -9.69 -45.83
N VAL F 432 -47.39 -10.15 -46.18
CA VAL F 432 -46.49 -10.72 -45.17
C VAL F 432 -45.98 -9.64 -44.24
N PHE F 433 -45.26 -8.66 -44.78
CA PHE F 433 -44.76 -7.53 -44.00
C PHE F 433 -45.77 -6.39 -44.13
N SER F 434 -46.52 -6.14 -43.07
CA SER F 434 -47.48 -5.05 -43.09
C SER F 434 -46.76 -3.71 -43.21
N ASP F 435 -47.41 -2.77 -43.89
CA ASP F 435 -46.82 -1.44 -44.03
C ASP F 435 -46.72 -0.73 -42.69
N ASP F 436 -47.71 -0.93 -41.81
CA ASP F 436 -47.64 -0.38 -40.46
C ASP F 436 -46.47 -0.98 -39.69
N PHE F 437 -46.26 -2.29 -39.83
CA PHE F 437 -45.14 -2.93 -39.17
C PHE F 437 -43.82 -2.39 -39.67
N ILE F 438 -43.69 -2.23 -41.00
CA ILE F 438 -42.44 -1.72 -41.55
C ILE F 438 -42.22 -0.28 -41.11
N ASP F 439 -43.29 0.51 -40.99
CA ASP F 439 -43.14 1.88 -40.49
C ASP F 439 -42.66 1.89 -39.05
N ALA F 440 -43.23 1.04 -38.20
CA ALA F 440 -42.78 0.98 -36.80
C ALA F 440 -41.34 0.53 -36.71
N TYR F 441 -40.97 -0.48 -37.50
CA TYR F 441 -39.59 -0.97 -37.53
C TYR F 441 -38.64 0.12 -38.00
N LEU F 442 -39.05 0.88 -39.02
CA LEU F 442 -38.23 1.97 -39.51
C LEU F 442 -38.04 3.04 -38.44
N GLU F 443 -39.10 3.37 -37.70
CA GLU F 443 -38.96 4.33 -36.62
C GLU F 443 -38.00 3.83 -35.54
N LEU F 444 -38.11 2.54 -35.19
CA LEU F 444 -37.23 1.98 -34.16
C LEU F 444 -35.78 2.03 -34.59
N LYS F 445 -35.47 1.52 -35.79
CA LYS F 445 -34.10 1.52 -36.26
C LYS F 445 -33.60 2.95 -36.52
N SER F 446 -34.49 3.87 -36.87
CA SER F 446 -34.10 5.26 -37.05
C SER F 446 -33.67 5.88 -35.73
N GLU F 447 -34.42 5.62 -34.66
CA GLU F 447 -34.00 6.13 -33.35
C GLU F 447 -32.68 5.49 -32.93
N GLU F 448 -32.49 4.21 -33.26
CA GLU F 448 -31.23 3.55 -32.94
C GLU F 448 -30.06 4.22 -33.66
N GLU F 449 -30.20 4.44 -34.98
CA GLU F 449 -29.11 5.04 -35.75
C GLU F 449 -28.88 6.49 -35.35
N ILE F 450 -29.94 7.22 -35.02
CA ILE F 450 -29.77 8.59 -34.55
C ILE F 450 -29.00 8.61 -33.24
N LYS F 451 -29.29 7.66 -32.34
CA LYS F 451 -28.53 7.56 -31.11
C LYS F 451 -27.06 7.25 -31.37
N VAL F 452 -26.79 6.32 -32.29
CA VAL F 452 -25.40 5.93 -32.53
C VAL F 452 -24.60 7.06 -33.17
N ARG F 453 -25.15 7.68 -34.21
CA ARG F 453 -24.36 8.59 -35.03
C ARG F 453 -24.14 9.95 -34.36
N THR F 454 -25.07 10.41 -33.53
CA THR F 454 -24.96 11.73 -32.91
C THR F 454 -24.07 11.74 -31.68
N PHE F 455 -23.24 10.72 -31.48
CA PHE F 455 -22.35 10.64 -30.33
C PHE F 455 -20.90 10.70 -30.79
N VAL F 456 -20.07 11.41 -30.01
CA VAL F 456 -18.68 11.63 -30.36
C VAL F 456 -17.92 10.31 -30.38
N HIS F 457 -16.89 10.25 -31.22
CA HIS F 457 -16.08 9.06 -31.37
C HIS F 457 -14.66 9.33 -30.88
N PRO F 458 -14.06 8.40 -30.13
CA PRO F 458 -12.65 8.58 -29.72
C PRO F 458 -11.69 8.70 -30.89
N LEU F 459 -11.95 8.01 -32.00
CA LEU F 459 -11.12 8.19 -33.18
C LEU F 459 -11.21 9.61 -33.70
N GLU F 460 -12.30 10.31 -33.42
CA GLU F 460 -12.38 11.73 -33.77
C GLU F 460 -11.38 12.55 -32.96
N TYR F 461 -11.15 12.16 -31.70
CA TYR F 461 -10.03 12.75 -30.97
C TYR F 461 -8.70 12.38 -31.58
N ASP F 462 -8.53 11.11 -31.96
CA ASP F 462 -7.25 10.69 -32.51
C ASP F 462 -6.94 11.39 -33.83
N LEU F 463 -7.96 11.83 -34.55
CA LEU F 463 -7.78 12.46 -35.86
C LEU F 463 -7.84 13.99 -35.79
N TYR F 464 -8.97 14.54 -35.34
CA TYR F 464 -9.17 15.98 -35.25
C TYR F 464 -9.21 16.37 -33.78
N TYR F 465 -8.08 16.80 -33.24
CA TYR F 465 -8.07 17.39 -31.91
C TYR F 465 -7.71 18.86 -31.92
N SER F 466 -7.32 19.41 -33.06
CA SER F 466 -6.93 20.81 -33.16
C SER F 466 -7.71 21.53 -34.25
N SER G 2 11.73 46.69 -45.06
CA SER G 2 11.30 45.41 -44.52
C SER G 2 10.84 45.56 -43.08
N LYS G 3 9.53 45.40 -42.87
CA LYS G 3 8.97 45.50 -41.52
C LYS G 3 9.57 44.44 -40.60
N SER G 4 9.86 43.26 -41.13
CA SER G 4 10.53 42.23 -40.35
C SER G 4 11.89 42.71 -39.88
N LEU G 5 12.65 43.37 -40.76
CA LEU G 5 13.98 43.85 -40.38
C LEU G 5 13.89 44.93 -39.32
N GLN G 6 12.93 45.84 -39.46
CA GLN G 6 12.76 46.89 -38.44
C GLN G 6 12.38 46.28 -37.10
N LEU G 7 11.50 45.27 -37.10
CA LEU G 7 11.14 44.64 -35.84
C LEU G 7 12.31 43.88 -35.24
N ILE G 8 13.12 43.24 -36.08
CA ILE G 8 14.31 42.54 -35.60
C ILE G 8 15.26 43.51 -34.93
N LYS G 9 15.49 44.66 -35.56
CA LYS G 9 16.38 45.66 -34.97
C LYS G 9 15.79 46.24 -33.70
N GLU G 10 14.49 46.47 -33.68
CA GLU G 10 13.87 47.17 -32.54
C GLU G 10 13.81 46.27 -31.31
N HIS G 11 13.39 45.02 -31.49
CA HIS G 11 13.17 44.12 -30.36
C HIS G 11 14.35 43.18 -30.09
N ASP G 12 15.44 43.32 -30.85
CA ASP G 12 16.60 42.44 -30.74
C ASP G 12 16.18 40.97 -30.85
N VAL G 13 15.50 40.68 -31.96
CA VAL G 13 14.97 39.35 -32.19
C VAL G 13 16.12 38.37 -32.44
N LYS G 14 16.05 37.20 -31.80
CA LYS G 14 17.08 36.19 -31.96
C LYS G 14 16.72 35.11 -32.97
N TRP G 15 15.44 34.76 -33.09
CA TRP G 15 15.02 33.67 -33.97
C TRP G 15 13.87 34.11 -34.85
N ILE G 16 13.83 33.55 -36.06
CA ILE G 16 12.79 33.82 -37.05
C ILE G 16 12.01 32.53 -37.24
N ASP G 17 10.72 32.58 -37.00
CA ASP G 17 9.84 31.42 -37.05
C ASP G 17 8.97 31.53 -38.31
N LEU G 18 9.39 30.88 -39.38
CA LEU G 18 8.59 30.82 -40.60
C LEU G 18 7.42 29.86 -40.36
N ARG G 19 6.21 30.39 -40.37
CA ARG G 19 5.01 29.60 -40.12
C ARG G 19 4.08 29.69 -41.31
N PHE G 20 3.55 28.54 -41.71
CA PHE G 20 2.61 28.47 -42.83
C PHE G 20 1.46 27.56 -42.43
N THR G 21 0.63 27.21 -43.41
CA THR G 21 -0.51 26.33 -43.16
C THR G 21 -0.52 25.22 -44.21
N ASP G 22 -0.72 23.99 -43.77
CA ASP G 22 -0.86 22.87 -44.67
C ASP G 22 -2.32 22.72 -45.07
N THR G 23 -2.66 21.59 -45.70
CA THR G 23 -4.03 21.36 -46.14
C THR G 23 -5.01 21.33 -44.97
N LYS G 24 -4.52 21.13 -43.75
CA LYS G 24 -5.37 21.08 -42.57
C LYS G 24 -4.96 22.17 -41.58
N GLN G 27 -1.32 24.19 -39.09
CA GLN G 27 -0.25 25.17 -39.21
C GLN G 27 1.10 24.50 -38.97
N GLN G 28 2.16 25.02 -39.59
CA GLN G 28 3.49 24.44 -39.48
C GLN G 28 4.50 25.56 -39.23
N HIS G 29 5.63 25.18 -38.62
CA HIS G 29 6.62 26.16 -38.19
C HIS G 29 8.03 25.59 -38.38
N VAL G 30 8.94 26.47 -38.79
CA VAL G 30 10.36 26.17 -38.90
C VAL G 30 11.13 27.38 -38.41
N THR G 31 12.10 27.18 -37.51
CA THR G 31 12.80 28.28 -36.88
C THR G 31 14.24 28.32 -37.37
N MET G 32 14.72 29.53 -37.67
CA MET G 32 16.08 29.78 -38.13
C MET G 32 16.66 30.95 -37.37
N PRO G 33 17.98 31.11 -37.36
CA PRO G 33 18.58 32.27 -36.69
C PRO G 33 18.16 33.57 -37.34
N ALA G 34 18.08 34.62 -36.53
CA ALA G 34 17.70 35.93 -37.05
C ALA G 34 18.80 36.56 -37.91
N ARG G 35 20.06 36.18 -37.70
CA ARG G 35 21.15 36.76 -38.47
C ARG G 35 21.10 36.36 -39.94
N ASP G 36 20.29 35.36 -40.30
CA ASP G 36 20.17 34.94 -41.69
C ASP G 36 19.21 35.79 -42.50
N VAL G 37 18.56 36.76 -41.87
CA VAL G 37 17.62 37.63 -42.59
C VAL G 37 18.42 38.68 -43.35
N ASP G 38 18.19 38.75 -44.66
CA ASP G 38 18.83 39.74 -45.52
C ASP G 38 18.04 39.82 -46.81
N ASP G 39 18.61 40.49 -47.81
CA ASP G 39 17.92 40.62 -49.10
C ASP G 39 17.73 39.25 -49.76
N ASP G 40 18.76 38.41 -49.73
CA ASP G 40 18.68 37.11 -50.40
C ASP G 40 17.62 36.22 -49.77
N PHE G 41 17.51 36.24 -48.44
CA PHE G 41 16.52 35.41 -47.76
C PHE G 41 15.11 35.78 -48.18
N PHE G 42 14.84 37.08 -48.32
CA PHE G 42 13.51 37.52 -48.76
C PHE G 42 13.28 37.22 -50.23
N GLU G 43 14.28 37.50 -51.07
CA GLU G 43 14.11 37.33 -52.52
C GLU G 43 14.03 35.87 -52.94
N TYR G 44 14.56 34.95 -52.14
CA TYR G 44 14.63 33.56 -52.54
C TYR G 44 13.85 32.60 -51.65
N GLY G 45 13.79 32.85 -50.34
CA GLY G 45 13.14 31.92 -49.44
C GLY G 45 14.04 30.75 -49.10
N LYS G 46 13.48 29.80 -48.35
CA LYS G 46 14.22 28.64 -47.88
C LYS G 46 13.68 27.36 -48.49
N MET G 47 14.57 26.51 -48.97
CA MET G 47 14.17 25.20 -49.46
C MET G 47 13.64 24.37 -48.29
N PHE G 48 12.51 23.68 -48.50
CA PHE G 48 12.03 22.75 -47.49
C PHE G 48 11.39 21.56 -48.19
N ASP G 49 11.65 20.37 -47.68
CA ASP G 49 11.19 19.13 -48.31
C ASP G 49 9.74 18.88 -47.91
N GLY G 50 8.81 19.22 -48.80
CA GLY G 50 7.40 19.06 -48.54
C GLY G 50 6.86 17.67 -48.77
N SER G 51 7.71 16.72 -49.15
CA SER G 51 7.25 15.35 -49.35
C SER G 51 6.73 14.75 -48.05
N SER G 52 7.40 15.05 -46.93
CA SER G 52 6.98 14.49 -45.64
C SER G 52 5.63 15.03 -45.19
N ILE G 53 5.18 16.15 -45.74
CA ILE G 53 3.87 16.70 -45.38
C ILE G 53 2.80 15.92 -46.12
N ALA G 54 1.78 15.47 -45.38
CA ALA G 54 0.71 14.69 -45.98
C ALA G 54 -0.13 15.56 -46.91
N GLY G 55 -0.58 14.95 -48.01
CA GLY G 55 -1.39 15.63 -49.00
C GLY G 55 -0.62 16.27 -50.13
N TRP G 56 0.70 16.37 -50.03
CA TRP G 56 1.51 16.98 -51.07
C TRP G 56 2.52 15.99 -51.62
N ASP G 63 10.36 19.31 -52.75
CA ASP G 63 10.98 20.36 -51.94
C ASP G 63 10.57 21.74 -52.40
N MET G 64 9.52 22.28 -51.78
CA MET G 64 9.00 23.59 -52.14
C MET G 64 9.80 24.69 -51.43
N ILE G 65 9.37 25.94 -51.57
CA ILE G 65 10.11 27.09 -51.09
C ILE G 65 9.24 27.86 -50.12
N LEU G 66 9.80 28.20 -48.96
CA LEU G 66 9.14 29.09 -48.01
C LEU G 66 9.58 30.52 -48.32
N MET G 67 8.63 31.35 -48.74
CA MET G 67 8.91 32.75 -49.04
C MET G 67 8.26 33.64 -47.99
N PRO G 68 9.04 34.35 -47.17
CA PRO G 68 8.44 35.16 -46.11
C PRO G 68 7.60 36.30 -46.66
N ASP G 69 6.59 36.68 -45.88
CA ASP G 69 5.75 37.84 -46.18
C ASP G 69 6.11 38.96 -45.21
N ASP G 70 6.41 40.14 -45.76
CA ASP G 70 6.91 41.24 -44.94
C ASP G 70 5.86 41.73 -43.96
N SER G 71 4.60 41.82 -44.39
CA SER G 71 3.59 42.50 -43.59
C SER G 71 3.05 41.67 -42.44
N THR G 72 3.42 40.40 -42.33
CA THR G 72 2.87 39.52 -41.31
C THR G 72 3.88 39.17 -40.22
N ALA G 73 5.03 39.84 -40.18
CA ALA G 73 5.99 39.58 -39.13
C ALA G 73 5.43 40.03 -37.78
N VAL G 74 5.61 39.20 -36.76
CA VAL G 74 5.09 39.51 -35.43
C VAL G 74 5.89 38.72 -34.41
N LEU G 75 5.96 39.25 -33.19
CA LEU G 75 6.72 38.62 -32.11
C LEU G 75 5.93 37.47 -31.50
N ASP G 76 6.67 36.58 -30.83
CA ASP G 76 6.08 35.40 -30.23
C ASP G 76 6.14 35.52 -28.71
N PRO G 77 5.00 35.59 -28.02
CA PRO G 77 5.02 35.75 -26.56
C PRO G 77 5.25 34.47 -25.78
N PHE G 78 5.39 33.32 -26.44
CA PHE G 78 5.52 32.05 -25.77
C PHE G 78 6.93 31.48 -25.83
N THR G 79 7.89 32.26 -26.31
CA THR G 79 9.28 31.84 -26.37
C THR G 79 10.11 32.76 -25.47
N GLU G 80 10.99 32.15 -24.67
CA GLU G 80 11.86 32.94 -23.80
C GLU G 80 12.77 33.85 -24.60
N GLU G 81 13.39 33.32 -25.65
CA GLU G 81 14.19 34.14 -26.52
C GLU G 81 13.29 35.00 -27.42
N PRO G 82 13.71 36.22 -27.76
CA PRO G 82 12.90 37.04 -28.65
C PRO G 82 12.78 36.42 -30.03
N THR G 83 11.57 35.99 -30.38
CA THR G 83 11.32 35.29 -31.63
C THR G 83 10.28 36.04 -32.45
N LEU G 84 10.52 36.14 -33.75
CA LEU G 84 9.65 36.86 -34.66
C LEU G 84 8.97 35.86 -35.57
N ILE G 85 7.64 35.78 -35.49
CA ILE G 85 6.87 34.88 -36.35
C ILE G 85 6.63 35.57 -37.69
N ILE G 86 6.92 34.87 -38.77
CA ILE G 86 6.69 35.37 -40.12
C ILE G 86 5.86 34.34 -40.87
N VAL G 87 4.67 34.71 -41.29
CA VAL G 87 3.85 33.83 -42.09
C VAL G 87 4.36 33.86 -43.52
N CYS G 88 4.66 32.70 -44.08
CA CYS G 88 5.30 32.61 -45.38
C CYS G 88 4.41 31.85 -46.35
N ASP G 89 4.56 32.19 -47.62
CA ASP G 89 3.89 31.49 -48.70
C ASP G 89 4.75 30.34 -49.21
N ILE G 90 4.12 29.45 -49.97
CA ILE G 90 4.78 28.27 -50.53
C ILE G 90 4.94 28.50 -52.03
N ILE G 91 6.14 28.26 -52.54
CA ILE G 91 6.48 28.53 -53.93
C ILE G 91 6.99 27.24 -54.56
N GLU G 92 6.45 26.91 -55.74
CA GLU G 92 6.91 25.75 -56.47
C GLU G 92 8.20 26.08 -57.21
N PRO G 93 9.25 25.26 -57.06
CA PRO G 93 10.52 25.56 -57.74
C PRO G 93 10.41 25.57 -59.25
N SER G 94 9.55 24.73 -59.82
CA SER G 94 9.48 24.60 -61.28
C SER G 94 8.75 25.75 -61.95
N THR G 95 7.95 26.52 -61.21
CA THR G 95 7.15 27.57 -61.79
C THR G 95 7.39 28.95 -61.20
N MET G 96 8.05 29.05 -60.04
CA MET G 96 8.19 30.32 -59.32
C MET G 96 6.82 30.94 -59.00
N GLN G 97 5.81 30.10 -58.82
CA GLN G 97 4.46 30.57 -58.52
C GLN G 97 3.93 29.85 -57.29
N GLY G 98 3.01 30.52 -56.60
CA GLY G 98 2.42 29.98 -55.39
C GLY G 98 1.76 28.63 -55.59
N TYR G 99 2.11 27.67 -54.74
CA TYR G 99 1.59 26.32 -54.87
C TYR G 99 0.07 26.31 -54.84
N ASP G 100 -0.54 25.60 -55.79
CA ASP G 100 -1.99 25.56 -55.88
C ASP G 100 -2.61 24.80 -54.71
N ARG G 101 -1.82 24.00 -53.98
CA ARG G 101 -2.31 23.27 -52.83
C ARG G 101 -1.98 23.96 -51.52
N ASP G 102 -1.45 25.18 -51.58
CA ASP G 102 -1.23 25.97 -50.37
C ASP G 102 -2.50 26.75 -50.07
N PRO G 103 -3.17 26.51 -48.93
CA PRO G 103 -4.41 27.24 -48.65
C PRO G 103 -4.23 28.75 -48.60
N ARG G 104 -3.07 29.24 -48.18
CA ARG G 104 -2.81 30.67 -48.24
C ARG G 104 -2.81 31.17 -49.68
N ALA G 105 -2.18 30.42 -50.58
CA ALA G 105 -2.19 30.79 -51.99
C ALA G 105 -3.60 30.74 -52.56
N ILE G 106 -4.39 29.76 -52.12
CA ILE G 106 -5.78 29.67 -52.58
C ILE G 106 -6.58 30.88 -52.10
N ALA G 107 -6.36 31.30 -50.85
CA ALA G 107 -7.03 32.50 -50.36
C ALA G 107 -6.61 33.75 -51.14
N ARG G 108 -5.32 33.86 -51.44
CA ARG G 108 -4.84 34.99 -52.23
C ARG G 108 -5.48 35.00 -53.61
N ARG G 109 -5.57 33.84 -54.25
CA ARG G 109 -6.18 33.77 -55.57
C ARG G 109 -7.68 34.03 -55.51
N ALA G 110 -8.34 33.65 -54.42
CA ALA G 110 -9.75 33.96 -54.26
C ALA G 110 -9.97 35.46 -54.11
N GLU G 111 -9.11 36.13 -53.35
CA GLU G 111 -9.20 37.59 -53.25
C GLU G 111 -8.92 38.25 -54.60
N GLU G 112 -7.95 37.69 -55.35
CA GLU G 112 -7.69 38.22 -56.69
C GLU G 112 -8.89 38.04 -57.61
N TYR G 113 -9.57 36.90 -57.51
CA TYR G 113 -10.76 36.68 -58.32
C TYR G 113 -11.87 37.66 -57.93
N LEU G 114 -12.04 37.90 -56.63
CA LEU G 114 -13.03 38.88 -56.19
C LEU G 114 -12.71 40.26 -56.76
N LYS G 115 -11.43 40.62 -56.79
CA LYS G 115 -11.05 41.88 -57.42
C LYS G 115 -11.34 41.85 -58.92
N SER G 116 -11.14 40.70 -59.55
CA SER G 116 -11.37 40.59 -60.99
C SER G 116 -12.83 40.79 -61.36
N THR G 117 -13.75 40.22 -60.56
CA THR G 117 -15.16 40.34 -60.90
C THR G 117 -15.66 41.78 -60.79
N GLY G 118 -15.09 42.56 -59.88
CA GLY G 118 -15.41 43.96 -59.78
C GLY G 118 -16.69 44.30 -59.03
N ILE G 119 -17.38 43.30 -58.47
CA ILE G 119 -18.53 43.60 -57.63
C ILE G 119 -18.08 44.23 -56.32
N GLY G 120 -16.98 43.74 -55.75
CA GLY G 120 -16.47 44.27 -54.51
C GLY G 120 -14.96 44.12 -54.45
N ASP G 121 -14.40 44.52 -53.32
CA ASP G 121 -12.97 44.37 -53.08
C ASP G 121 -12.73 44.33 -51.57
N THR G 122 -11.69 43.60 -51.19
CA THR G 122 -11.30 43.46 -49.78
C THR G 122 -12.46 42.94 -48.94
N ALA G 123 -12.86 41.71 -49.24
CA ALA G 123 -13.94 41.07 -48.49
C ALA G 123 -13.60 40.99 -47.01
N PHE G 124 -14.53 41.40 -46.17
CA PHE G 124 -14.32 41.49 -44.73
C PHE G 124 -14.96 40.28 -44.05
N PHE G 125 -14.15 39.55 -43.29
CA PHE G 125 -14.58 38.34 -42.59
C PHE G 125 -14.31 38.51 -41.11
N GLY G 126 -15.35 38.41 -40.29
CA GLY G 126 -15.17 38.27 -38.87
C GLY G 126 -15.66 36.94 -38.37
N PRO G 127 -14.74 36.04 -38.05
CA PRO G 127 -15.15 34.76 -37.47
C PRO G 127 -15.06 34.76 -35.96
N GLU G 128 -16.06 34.18 -35.32
CA GLU G 128 -16.03 33.92 -33.88
C GLU G 128 -15.99 32.41 -33.70
N PRO G 129 -14.81 31.84 -33.42
CA PRO G 129 -14.74 30.42 -33.07
C PRO G 129 -14.74 30.20 -31.56
N GLU G 130 -15.44 29.17 -31.10
CA GLU G 130 -15.42 28.79 -29.70
C GLU G 130 -14.40 27.67 -29.47
N PHE G 131 -14.04 27.48 -28.21
CA PHE G 131 -13.10 26.42 -27.85
C PHE G 131 -13.47 25.89 -26.48
N PHE G 132 -12.83 24.79 -26.10
CA PHE G 132 -13.08 24.14 -24.81
C PHE G 132 -11.80 24.14 -24.01
N ILE G 133 -11.88 24.60 -22.76
CA ILE G 133 -10.73 24.65 -21.87
C ILE G 133 -10.85 23.48 -20.90
N PHE G 134 -10.10 22.42 -21.17
CA PHE G 134 -10.06 21.24 -20.30
C PHE G 134 -8.80 21.26 -19.46
N ASP G 135 -8.74 20.37 -18.47
CA ASP G 135 -7.54 20.15 -17.70
C ASP G 135 -6.83 18.86 -18.06
N GLU G 136 -7.53 17.88 -18.62
CA GLU G 136 -6.98 16.58 -18.91
C GLU G 136 -7.82 15.95 -20.01
N VAL G 137 -7.17 15.30 -20.97
CA VAL G 137 -7.88 14.61 -22.04
C VAL G 137 -7.14 13.32 -22.37
N LYS G 138 -7.86 12.20 -22.38
CA LYS G 138 -7.25 10.92 -22.69
C LYS G 138 -8.10 10.21 -23.74
N TYR G 139 -7.45 9.49 -24.64
CA TYR G 139 -8.14 8.81 -25.72
C TYR G 139 -7.20 7.82 -26.37
N LYS G 140 -7.73 6.65 -26.72
CA LYS G 140 -6.94 5.68 -27.48
C LYS G 140 -7.87 4.70 -28.15
N SER G 141 -7.67 4.50 -29.44
CA SER G 141 -8.43 3.52 -30.20
C SER G 141 -7.49 2.40 -30.61
N ASP G 142 -7.85 1.18 -30.26
CA ASP G 142 -7.03 0.01 -30.58
C ASP G 142 -7.94 -1.21 -30.64
N ILE G 143 -7.36 -2.33 -31.07
CA ILE G 143 -8.13 -3.55 -31.21
C ILE G 143 -8.76 -3.94 -29.88
N SER G 144 -8.03 -3.71 -28.79
CA SER G 144 -8.56 -4.04 -27.47
C SER G 144 -9.79 -3.20 -27.13
N GLY G 145 -9.84 -1.96 -27.59
CA GLY G 145 -10.98 -1.11 -27.29
C GLY G 145 -10.68 0.32 -27.64
N SER G 146 -11.73 1.14 -27.56
CA SER G 146 -11.63 2.55 -27.89
C SER G 146 -12.12 3.36 -26.72
N MET G 147 -11.29 4.25 -26.22
CA MET G 147 -11.54 4.98 -24.98
C MET G 147 -11.41 6.47 -25.23
N PHE G 148 -12.24 7.24 -24.53
CA PHE G 148 -12.28 8.69 -24.58
C PHE G 148 -12.78 9.24 -23.25
N LYS G 149 -12.05 10.20 -22.69
CA LYS G 149 -12.41 10.76 -21.39
C LYS G 149 -11.86 12.18 -21.28
N ILE G 150 -12.65 13.04 -20.65
CA ILE G 150 -12.34 14.45 -20.46
C ILE G 150 -12.40 14.74 -18.96
N PHE G 151 -11.34 15.34 -18.43
CA PHE G 151 -11.29 15.77 -17.04
C PHE G 151 -11.22 17.29 -17.02
N SER G 152 -12.29 17.93 -16.54
CA SER G 152 -12.32 19.36 -16.31
C SER G 152 -12.85 19.62 -14.91
N GLU G 153 -12.16 20.47 -14.16
CA GLU G 153 -12.55 20.71 -12.77
C GLU G 153 -13.92 21.36 -12.68
N GLN G 154 -14.20 22.33 -13.54
CA GLN G 154 -15.46 23.05 -13.52
C GLN G 154 -16.55 22.37 -14.33
N ALA G 155 -16.35 21.12 -14.72
CA ALA G 155 -17.33 20.39 -15.50
C ALA G 155 -18.59 20.13 -14.68
N ALA G 156 -19.72 20.05 -15.38
CA ALA G 156 -21.00 19.87 -14.69
C ALA G 156 -21.14 18.49 -14.05
N TRP G 157 -20.38 17.50 -14.51
CA TRP G 157 -20.48 16.15 -13.99
C TRP G 157 -19.50 15.88 -12.85
N ASN G 158 -18.70 16.86 -12.46
CA ASN G 158 -17.73 16.72 -11.39
C ASN G 158 -18.28 17.24 -10.06
N THR G 159 -19.59 17.21 -9.87
CA THR G 159 -20.20 17.77 -8.66
C THR G 159 -19.85 16.97 -7.41
N ASP G 160 -19.32 15.75 -7.55
CA ASP G 160 -18.94 14.94 -6.40
C ASP G 160 -17.50 14.46 -6.42
N ALA G 161 -16.69 14.85 -7.40
CA ALA G 161 -15.34 14.35 -7.50
C ALA G 161 -14.45 14.97 -6.42
N ASP G 162 -13.27 14.39 -6.26
CA ASP G 162 -12.28 14.85 -5.29
C ASP G 162 -11.11 15.50 -6.04
N PHE G 163 -10.73 16.69 -5.60
CA PHE G 163 -9.62 17.42 -6.20
C PHE G 163 -8.69 17.94 -5.11
N GLU G 164 -7.41 18.00 -5.43
CA GLU G 164 -6.46 18.66 -4.54
C GLU G 164 -6.83 20.13 -4.42
N GLY G 165 -6.84 20.63 -3.18
CA GLY G 165 -7.30 21.97 -2.93
C GLY G 165 -8.79 22.09 -2.71
N GLY G 166 -9.51 20.97 -2.67
CA GLY G 166 -10.93 20.99 -2.40
C GLY G 166 -11.76 20.96 -3.67
N ASN G 167 -12.99 20.48 -3.53
CA ASN G 167 -13.95 20.43 -4.62
C ASN G 167 -15.07 21.38 -4.22
N LYS G 168 -15.06 22.58 -4.77
CA LYS G 168 -16.11 23.55 -4.51
C LYS G 168 -17.35 23.22 -5.33
N GLY G 169 -18.51 23.56 -4.80
CA GLY G 169 -19.74 23.23 -5.49
C GLY G 169 -20.17 24.19 -6.57
N HIS G 170 -19.38 25.22 -6.84
CA HIS G 170 -19.73 26.22 -7.85
C HIS G 170 -19.14 25.79 -9.18
N ARG G 171 -19.99 25.27 -10.06
CA ARG G 171 -19.59 24.84 -11.39
C ARG G 171 -20.79 24.99 -12.31
N PRO G 172 -20.58 25.44 -13.54
CA PRO G 172 -21.71 25.59 -14.47
C PRO G 172 -22.31 24.25 -14.84
N GLY G 173 -23.62 24.26 -15.06
CA GLY G 173 -24.34 23.05 -15.40
C GLY G 173 -24.27 22.73 -16.88
N VAL G 174 -25.10 21.77 -17.28
CA VAL G 174 -25.19 21.39 -18.68
C VAL G 174 -26.10 22.37 -19.40
N LYS G 175 -25.60 22.95 -20.49
CA LYS G 175 -26.30 24.00 -21.24
C LYS G 175 -26.64 25.19 -20.34
N GLY G 176 -25.82 25.44 -19.33
CA GLY G 176 -26.03 26.55 -18.43
C GLY G 176 -24.75 27.25 -18.06
N GLY G 177 -23.77 27.22 -18.96
CA GLY G 177 -22.49 27.85 -18.70
C GLY G 177 -22.37 29.23 -19.32
N TYR G 178 -23.51 29.83 -19.68
CA TYR G 178 -23.50 31.14 -20.32
C TYR G 178 -23.33 32.22 -19.27
N PHE G 179 -22.19 32.91 -19.31
CA PHE G 179 -21.87 34.00 -18.38
C PHE G 179 -22.19 33.64 -16.93
N PRO G 180 -21.62 32.55 -16.40
CA PRO G 180 -22.09 32.11 -15.08
C PRO G 180 -21.80 33.13 -13.99
N ASP G 187 -12.97 30.25 -15.45
CA ASP G 187 -12.06 30.38 -16.57
C ASP G 187 -11.82 31.84 -16.94
N HIS G 188 -12.11 32.73 -16.00
CA HIS G 188 -11.99 34.16 -16.26
C HIS G 188 -10.54 34.57 -16.48
N GLU G 189 -9.64 34.18 -15.57
CA GLU G 189 -8.27 34.66 -15.64
C GLU G 189 -7.53 34.04 -16.81
N ILE G 190 -7.75 32.76 -17.09
CA ILE G 190 -7.11 32.14 -18.24
C ILE G 190 -7.62 32.78 -19.53
N ARG G 191 -8.90 33.13 -19.57
CA ARG G 191 -9.43 33.85 -20.73
C ARG G 191 -8.77 35.20 -20.91
N THR G 192 -8.57 35.93 -19.80
CA THR G 192 -7.90 37.22 -19.89
C THR G 192 -6.45 37.06 -20.33
N ALA G 193 -5.79 36.00 -19.88
CA ALA G 193 -4.43 35.74 -20.33
C ALA G 193 -4.39 35.44 -21.83
N MET G 194 -5.35 34.65 -22.32
CA MET G 194 -5.43 34.39 -23.76
C MET G 194 -5.67 35.69 -24.53
N CYS G 195 -6.54 36.56 -24.01
CA CYS G 195 -6.78 37.84 -24.67
C CYS G 195 -5.53 38.70 -24.70
N ASN G 196 -4.77 38.72 -23.60
CA ASN G 196 -3.54 39.50 -23.57
C ASN G 196 -2.51 38.96 -24.57
N ALA G 197 -2.40 37.64 -24.65
CA ALA G 197 -1.50 37.05 -25.64
C ALA G 197 -1.94 37.39 -27.05
N LEU G 198 -3.26 37.45 -27.28
CA LEU G 198 -3.76 37.90 -28.57
C LEU G 198 -3.35 39.35 -28.84
N GLU G 199 -3.47 40.21 -27.84
CA GLU G 199 -3.05 41.60 -28.01
C GLU G 199 -1.57 41.70 -28.34
N GLU G 200 -0.75 40.80 -27.77
CA GLU G 200 0.67 40.82 -28.10
C GLU G 200 0.92 40.57 -29.59
N MET G 201 0.02 39.84 -30.25
CA MET G 201 0.12 39.58 -31.67
C MET G 201 -0.62 40.61 -32.51
N GLY G 202 -1.14 41.67 -31.90
CA GLY G 202 -1.83 42.69 -32.66
C GLY G 202 -3.21 42.32 -33.12
N LEU G 203 -3.94 41.52 -32.36
CA LEU G 203 -5.31 41.19 -32.66
C LEU G 203 -6.23 42.00 -31.76
N LYS G 204 -7.09 42.81 -32.35
CA LYS G 204 -8.00 43.66 -31.60
C LYS G 204 -9.19 42.81 -31.15
N VAL G 205 -9.17 42.39 -29.89
CA VAL G 205 -10.19 41.49 -29.37
C VAL G 205 -11.45 42.30 -29.04
N GLU G 206 -12.56 41.94 -29.66
CA GLU G 206 -13.84 42.56 -29.29
C GLU G 206 -14.25 42.18 -27.88
N VAL G 207 -14.26 40.88 -27.57
CA VAL G 207 -14.91 40.41 -26.34
C VAL G 207 -14.42 39.01 -26.02
N HIS G 208 -14.60 38.59 -24.77
CA HIS G 208 -14.38 37.21 -24.38
C HIS G 208 -15.38 36.85 -23.30
N HIS G 209 -15.86 35.60 -23.33
CA HIS G 209 -16.89 35.18 -22.40
C HIS G 209 -16.91 33.66 -22.31
N HIS G 210 -17.64 33.16 -21.32
CA HIS G 210 -17.86 31.73 -21.17
C HIS G 210 -19.10 31.35 -21.96
N GLU G 211 -18.96 30.41 -22.90
CA GLU G 211 -20.06 30.07 -23.76
C GLU G 211 -20.99 29.07 -23.09
N VAL G 212 -21.98 28.59 -23.84
CA VAL G 212 -23.09 27.84 -23.25
C VAL G 212 -22.60 26.53 -22.64
N ALA G 213 -21.72 25.82 -23.35
CA ALA G 213 -21.40 24.47 -22.95
C ALA G 213 -20.65 24.45 -21.62
N THR G 214 -20.63 23.27 -21.01
CA THR G 214 -19.96 23.06 -19.73
C THR G 214 -18.53 22.59 -19.98
N ALA G 215 -17.85 22.17 -18.92
CA ALA G 215 -16.48 21.66 -18.97
C ALA G 215 -15.50 22.69 -19.52
N GLY G 216 -15.88 23.96 -19.51
CA GLY G 216 -14.95 25.01 -19.90
C GLY G 216 -14.97 25.38 -21.37
N GLN G 217 -16.16 25.71 -21.90
CA GLN G 217 -16.25 26.24 -23.25
C GLN G 217 -16.28 27.77 -23.19
N ASN G 218 -15.41 28.40 -23.98
CA ASN G 218 -15.25 29.84 -23.98
C ASN G 218 -15.16 30.35 -25.41
N GLU G 219 -15.33 31.67 -25.54
CA GLU G 219 -15.30 32.34 -26.82
C GLU G 219 -14.54 33.65 -26.69
N ILE G 220 -13.70 33.94 -27.68
CA ILE G 220 -13.01 35.21 -27.80
C ILE G 220 -13.29 35.77 -29.19
N GLY G 221 -14.14 36.80 -29.26
CA GLY G 221 -14.44 37.45 -30.51
C GLY G 221 -13.43 38.56 -30.80
N VAL G 222 -12.83 38.50 -31.98
CA VAL G 222 -11.77 39.40 -32.42
C VAL G 222 -12.28 40.19 -33.63
N SER G 223 -11.69 41.37 -33.83
CA SER G 223 -12.12 42.25 -34.90
C SER G 223 -11.88 41.62 -36.27
N PHE G 224 -12.78 41.91 -37.20
CA PHE G 224 -12.70 41.35 -38.54
C PHE G 224 -11.52 41.94 -39.31
N ASN G 225 -11.20 41.31 -40.44
CA ASN G 225 -10.09 41.76 -41.26
C ASN G 225 -10.29 41.16 -42.65
N THR G 226 -9.34 41.42 -43.55
CA THR G 226 -9.43 40.91 -44.90
C THR G 226 -9.21 39.40 -44.92
N LEU G 227 -9.61 38.77 -46.03
CA LEU G 227 -9.75 37.33 -46.09
C LEU G 227 -8.46 36.60 -45.68
N VAL G 228 -7.38 36.81 -46.45
CA VAL G 228 -6.12 36.14 -46.14
C VAL G 228 -5.59 36.58 -44.78
N ALA G 229 -5.67 37.89 -44.51
CA ALA G 229 -5.20 38.40 -43.23
C ALA G 229 -6.02 37.85 -42.08
N LYS G 230 -7.33 37.71 -42.26
CA LYS G 230 -8.16 37.16 -41.19
C LYS G 230 -7.91 35.67 -41.01
N ALA G 231 -7.60 34.94 -42.08
CA ALA G 231 -7.20 33.55 -41.90
C ALA G 231 -5.90 33.46 -41.10
N ASP G 232 -4.95 34.35 -41.39
CA ASP G 232 -3.74 34.43 -40.58
C ASP G 232 -4.07 34.72 -39.13
N GLU G 233 -5.00 35.65 -38.89
CA GLU G 233 -5.38 36.00 -37.53
C GLU G 233 -6.09 34.86 -36.82
N VAL G 234 -6.85 34.05 -37.56
CA VAL G 234 -7.50 32.89 -36.94
C VAL G 234 -6.46 31.84 -36.55
N GLN G 235 -5.48 31.60 -37.41
CA GLN G 235 -4.39 30.70 -37.04
C GLN G 235 -3.64 31.24 -35.83
N THR G 236 -3.41 32.55 -35.79
CA THR G 236 -2.76 33.18 -34.65
C THR G 236 -3.58 33.00 -33.38
N LEU G 237 -4.90 33.16 -33.48
CA LEU G 237 -5.76 32.98 -32.31
C LEU G 237 -5.72 31.55 -31.82
N LYS G 238 -5.77 30.58 -32.74
CA LYS G 238 -5.67 29.18 -32.34
C LYS G 238 -4.37 28.93 -31.60
N TYR G 239 -3.26 29.42 -32.17
CA TYR G 239 -1.96 29.22 -31.53
C TYR G 239 -1.91 29.86 -30.15
N CYS G 240 -2.39 31.09 -30.05
CA CYS G 240 -2.32 31.82 -28.78
C CYS G 240 -3.16 31.14 -27.70
N VAL G 241 -4.38 30.74 -28.05
CA VAL G 241 -5.25 30.08 -27.08
C VAL G 241 -4.63 28.75 -26.64
N HIS G 242 -4.17 27.96 -27.61
CA HIS G 242 -3.54 26.68 -27.31
C HIS G 242 -2.38 26.88 -26.33
N ASN G 243 -1.50 27.83 -26.63
CA ASN G 243 -0.28 27.95 -25.84
C ASN G 243 -0.53 28.61 -24.48
N VAL G 244 -1.49 29.53 -24.38
CA VAL G 244 -1.82 30.06 -23.07
C VAL G 244 -2.39 28.97 -22.18
N ALA G 245 -3.28 28.13 -22.72
CA ALA G 245 -3.80 27.03 -21.92
C ALA G 245 -2.70 26.07 -21.55
N ASP G 246 -1.76 25.81 -22.46
CA ASP G 246 -0.64 24.93 -22.14
C ASP G 246 0.22 25.51 -21.03
N ALA G 247 0.46 26.82 -21.05
CA ALA G 247 1.25 27.46 -20.01
C ALA G 247 0.51 27.53 -18.68
N TYR G 248 -0.81 27.40 -18.70
CA TYR G 248 -1.61 27.37 -17.49
C TYR G 248 -1.83 25.97 -16.97
N GLY G 249 -1.17 24.97 -17.57
CA GLY G 249 -1.38 23.59 -17.17
C GLY G 249 -2.68 23.00 -17.66
N LYS G 250 -3.28 23.58 -18.70
CA LYS G 250 -4.56 23.13 -19.22
C LYS G 250 -4.43 22.83 -20.71
N THR G 251 -5.55 22.47 -21.32
CA THR G 251 -5.62 22.14 -22.74
C THR G 251 -6.79 22.87 -23.37
N VAL G 252 -6.69 23.14 -24.66
CA VAL G 252 -7.79 23.72 -25.42
C VAL G 252 -8.15 22.79 -26.57
N THR G 253 -9.41 22.39 -26.62
CA THR G 253 -9.98 21.61 -27.70
C THR G 253 -10.68 22.57 -28.65
N PHE G 254 -10.24 22.59 -29.91
CA PHE G 254 -10.91 23.39 -30.92
C PHE G 254 -11.83 22.55 -31.80
N MET G 255 -12.09 21.30 -31.43
CA MET G 255 -12.99 20.47 -32.20
C MET G 255 -14.41 21.03 -32.13
N PRO G 256 -15.20 20.79 -33.17
CA PRO G 256 -16.57 21.34 -33.19
C PRO G 256 -17.45 20.90 -32.04
N LYS G 257 -17.40 19.62 -31.65
CA LYS G 257 -18.24 19.11 -30.57
C LYS G 257 -17.48 18.01 -29.86
N PRO G 258 -16.89 18.31 -28.69
CA PRO G 258 -16.19 17.28 -27.92
C PRO G 258 -17.03 16.64 -26.82
N LEU G 259 -18.22 17.17 -26.53
CA LEU G 259 -19.06 16.69 -25.43
C LEU G 259 -20.43 16.37 -25.98
N TYR G 260 -20.89 15.14 -25.77
CA TYR G 260 -22.25 14.81 -26.14
C TYR G 260 -23.23 15.41 -25.14
N GLY G 261 -24.45 15.69 -25.62
CA GLY G 261 -25.48 16.19 -24.74
C GLY G 261 -25.26 17.60 -24.27
N ASP G 262 -24.41 18.35 -24.97
CA ASP G 262 -24.12 19.73 -24.58
C ASP G 262 -23.63 20.48 -25.81
N ASN G 263 -23.59 21.80 -25.70
CA ASN G 263 -23.33 22.66 -26.85
C ASN G 263 -21.95 22.36 -27.43
N GLY G 264 -21.85 22.51 -28.76
CA GLY G 264 -20.60 22.40 -29.46
C GLY G 264 -19.99 23.76 -29.78
N SER G 265 -18.81 23.73 -30.37
CA SER G 265 -18.07 24.93 -30.72
C SER G 265 -18.19 25.17 -32.23
N GLY G 266 -18.73 26.32 -32.60
CA GLY G 266 -18.96 26.63 -34.00
C GLY G 266 -18.34 27.96 -34.38
N MET G 267 -17.71 27.98 -35.56
CA MET G 267 -17.04 29.18 -36.07
C MET G 267 -18.04 29.99 -36.86
N HIS G 268 -18.70 30.93 -36.20
CA HIS G 268 -19.67 31.78 -36.87
C HIS G 268 -18.94 32.82 -37.71
N VAL G 269 -19.19 32.83 -39.02
CA VAL G 269 -18.45 33.68 -39.95
C VAL G 269 -19.36 34.82 -40.39
N HIS G 270 -18.98 36.05 -40.07
CA HIS G 270 -19.64 37.24 -40.59
C HIS G 270 -18.92 37.67 -41.85
N MET G 271 -19.67 37.86 -42.93
CA MET G 271 -19.12 38.24 -44.22
C MET G 271 -19.73 39.55 -44.68
N SER G 272 -18.89 40.40 -45.26
CA SER G 272 -19.34 41.62 -45.91
C SER G 272 -18.38 41.93 -47.05
N ILE G 273 -18.86 42.71 -48.01
CA ILE G 273 -18.02 43.17 -49.12
C ILE G 273 -18.26 44.66 -49.32
N ALA G 274 -17.18 45.39 -49.62
CA ALA G 274 -17.27 46.80 -49.93
C ALA G 274 -16.56 47.06 -51.25
N LYS G 275 -17.02 48.09 -51.96
CA LYS G 275 -16.43 48.48 -53.24
C LYS G 275 -15.82 49.86 -53.09
N ASP G 276 -14.49 49.93 -53.05
CA ASP G 276 -13.75 51.19 -52.91
C ASP G 276 -14.21 51.97 -51.68
N GLY G 277 -14.28 51.27 -50.55
CA GLY G 277 -14.60 51.91 -49.29
C GLY G 277 -16.07 52.13 -49.02
N LYS G 278 -16.96 51.71 -49.90
CA LYS G 278 -18.40 51.81 -49.69
C LYS G 278 -18.97 50.41 -49.60
N ASN G 279 -19.72 50.14 -48.54
CA ASN G 279 -20.22 48.80 -48.28
C ASN G 279 -21.24 48.40 -49.35
N THR G 280 -21.08 47.19 -49.87
CA THR G 280 -21.99 46.68 -50.89
C THR G 280 -23.14 45.89 -50.31
N PHE G 281 -22.97 45.28 -49.14
CA PHE G 281 -24.06 44.52 -48.53
C PHE G 281 -25.18 45.41 -48.03
N ALA G 282 -24.90 46.70 -47.78
CA ALA G 282 -25.92 47.63 -47.30
C ALA G 282 -26.87 48.00 -48.41
N GLY G 288 -31.98 45.64 -43.61
CA GLY G 288 -31.46 46.34 -44.76
C GLY G 288 -30.42 45.54 -45.51
N LEU G 289 -30.88 44.76 -46.49
CA LEU G 289 -30.03 43.85 -47.24
C LEU G 289 -30.06 44.25 -48.71
N SER G 290 -28.92 44.68 -49.24
CA SER G 290 -28.86 45.08 -50.64
C SER G 290 -29.03 43.85 -51.53
N ASP G 291 -29.34 44.12 -52.81
CA ASP G 291 -29.58 43.02 -53.74
C ASP G 291 -28.34 42.16 -53.91
N THR G 292 -27.15 42.79 -53.97
CA THR G 292 -25.92 42.02 -54.07
C THR G 292 -25.74 41.12 -52.86
N ALA G 293 -26.05 41.63 -51.67
CA ALA G 293 -25.96 40.81 -50.47
C ALA G 293 -26.97 39.67 -50.50
N LEU G 294 -28.17 39.93 -51.00
CA LEU G 294 -29.17 38.87 -51.10
C LEU G 294 -28.72 37.78 -52.06
N TYR G 295 -28.09 38.16 -53.17
CA TYR G 295 -27.56 37.15 -54.09
C TYR G 295 -26.38 36.40 -53.47
N PHE G 296 -25.59 37.09 -52.64
CA PHE G 296 -24.53 36.41 -51.89
C PHE G 296 -25.13 35.33 -50.99
N ILE G 297 -26.19 35.69 -50.26
CA ILE G 297 -26.85 34.74 -49.36
C ILE G 297 -27.43 33.58 -50.16
N GLY G 298 -28.06 33.87 -51.29
CA GLY G 298 -28.58 32.82 -52.14
C GLY G 298 -27.50 31.88 -52.64
N GLY G 299 -26.34 32.43 -52.99
CA GLY G 299 -25.24 31.59 -53.40
C GLY G 299 -24.72 30.72 -52.29
N ILE G 300 -24.68 31.26 -51.06
CA ILE G 300 -24.29 30.45 -49.91
C ILE G 300 -25.28 29.31 -49.71
N ILE G 301 -26.58 29.61 -49.83
CA ILE G 301 -27.61 28.61 -49.61
C ILE G 301 -27.55 27.51 -50.68
N LYS G 302 -27.37 27.91 -51.94
CA LYS G 302 -27.42 26.95 -53.03
C LYS G 302 -26.29 25.93 -52.93
N HIS G 303 -25.08 26.38 -52.59
CA HIS G 303 -23.91 25.53 -52.54
C HIS G 303 -23.55 25.10 -51.12
N GLY G 304 -24.47 25.28 -50.16
CA GLY G 304 -24.14 25.00 -48.78
C GLY G 304 -23.78 23.55 -48.53
N LYS G 305 -24.52 22.63 -49.14
CA LYS G 305 -24.21 21.21 -48.97
C LYS G 305 -22.83 20.88 -49.51
N ALA G 306 -22.44 21.48 -50.64
CA ALA G 306 -21.08 21.34 -51.12
C ALA G 306 -20.10 22.16 -50.29
N LEU G 307 -20.57 23.28 -49.73
CA LEU G 307 -19.71 24.09 -48.86
C LEU G 307 -19.28 23.31 -47.63
N ASN G 308 -20.11 22.37 -47.18
CA ASN G 308 -19.78 21.58 -46.00
C ASN G 308 -18.49 20.78 -46.16
N GLY G 309 -18.05 20.53 -47.39
CA GLY G 309 -16.78 19.86 -47.57
C GLY G 309 -15.59 20.68 -47.19
N PHE G 310 -15.76 21.99 -47.05
CA PHE G 310 -14.69 22.91 -46.70
C PHE G 310 -14.92 23.62 -45.37
N THR G 311 -16.12 24.14 -45.12
CA THR G 311 -16.39 24.80 -43.86
C THR G 311 -16.49 23.81 -42.70
N ASN G 312 -16.88 22.56 -43.00
CA ASN G 312 -17.02 21.51 -41.98
C ASN G 312 -16.22 20.28 -42.42
N PRO G 313 -14.88 20.39 -42.47
CA PRO G 313 -14.05 19.31 -43.00
C PRO G 313 -13.60 18.30 -41.93
N SER G 314 -14.56 17.80 -41.15
CA SER G 314 -14.21 16.84 -40.12
C SER G 314 -15.43 15.98 -39.81
N THR G 315 -15.17 14.70 -39.52
CA THR G 315 -16.26 13.82 -39.13
C THR G 315 -16.95 14.31 -37.86
N ASN G 316 -16.22 15.01 -36.99
CA ASN G 316 -16.83 15.57 -35.80
C ASN G 316 -17.71 16.78 -36.11
N SER G 317 -17.48 17.44 -37.24
CA SER G 317 -18.18 18.68 -37.54
C SER G 317 -19.70 18.50 -37.62
N TYR G 318 -20.16 17.29 -37.89
CA TYR G 318 -21.58 17.00 -38.02
C TYR G 318 -22.19 16.48 -36.74
N LYS G 319 -21.40 16.36 -35.66
CA LYS G 319 -21.97 15.96 -34.38
C LYS G 319 -22.78 17.09 -33.77
N ARG G 320 -22.42 18.34 -34.06
CA ARG G 320 -23.12 19.50 -33.53
C ARG G 320 -24.22 20.00 -34.45
N LEU G 321 -24.44 19.35 -35.58
CA LEU G 321 -25.47 19.75 -36.52
C LEU G 321 -26.71 18.87 -36.41
N PRO G 328 -28.19 24.72 -35.97
CA PRO G 328 -27.73 25.49 -37.13
C PRO G 328 -27.66 24.64 -38.39
N VAL G 329 -28.77 23.98 -38.73
CA VAL G 329 -28.80 23.08 -39.87
C VAL G 329 -29.59 23.65 -41.04
N MET G 330 -30.65 24.42 -40.79
CA MET G 330 -31.51 24.89 -41.86
C MET G 330 -30.78 25.88 -42.74
N LEU G 331 -30.56 25.52 -44.00
CA LEU G 331 -29.87 26.39 -44.97
C LEU G 331 -30.80 27.49 -45.47
N ALA G 332 -31.25 28.30 -44.52
CA ALA G 332 -32.13 29.42 -44.81
C ALA G 332 -31.64 30.64 -44.04
N TYR G 333 -32.03 31.81 -44.51
CA TYR G 333 -31.61 33.06 -43.92
C TYR G 333 -32.78 33.77 -43.26
N SER G 334 -32.53 34.37 -42.10
CA SER G 334 -33.54 35.13 -41.37
C SER G 334 -32.84 36.01 -40.35
N ALA G 335 -33.40 37.20 -40.13
CA ALA G 335 -32.81 38.16 -39.20
C ALA G 335 -33.22 37.93 -37.76
N ARG G 336 -34.22 37.11 -37.50
CA ARG G 336 -34.68 36.83 -36.14
C ARG G 336 -34.66 35.36 -35.79
N ASN G 337 -35.00 34.48 -36.73
CA ASN G 337 -35.09 33.05 -36.44
C ASN G 337 -33.70 32.51 -36.11
N ARG G 338 -33.48 32.24 -34.83
CA ARG G 338 -32.20 31.71 -34.40
C ARG G 338 -31.95 30.29 -34.92
N SER G 339 -32.97 29.62 -35.45
CA SER G 339 -32.79 28.30 -36.02
C SER G 339 -32.15 28.35 -37.40
N ALA G 340 -32.40 29.42 -38.17
CA ALA G 340 -31.83 29.54 -39.50
C ALA G 340 -30.33 29.68 -39.44
N SER G 341 -29.62 28.96 -40.32
CA SER G 341 -28.16 28.96 -40.28
C SER G 341 -27.59 30.32 -40.64
N ILE G 342 -28.13 30.96 -41.67
CA ILE G 342 -27.65 32.26 -42.11
C ILE G 342 -28.45 33.33 -41.38
N ARG G 343 -27.76 34.21 -40.67
CA ARG G 343 -28.42 35.23 -39.85
C ARG G 343 -27.84 36.59 -40.17
N ILE G 344 -28.64 37.62 -39.89
CA ILE G 344 -28.25 39.00 -40.14
C ILE G 344 -28.12 39.71 -38.81
N PRO G 345 -26.92 39.84 -38.26
CA PRO G 345 -26.78 40.50 -36.96
C PRO G 345 -27.17 41.97 -37.04
N TYR G 346 -27.79 42.45 -35.97
CA TYR G 346 -28.20 43.85 -35.90
C TYR G 346 -26.99 44.74 -35.65
N VAL G 347 -26.86 45.79 -36.46
CA VAL G 347 -25.73 46.69 -36.35
C VAL G 347 -26.18 48.15 -36.27
N LYS G 351 -24.15 50.47 -43.94
CA LYS G 351 -23.20 50.87 -42.92
C LYS G 351 -22.27 49.72 -42.56
N ALA G 352 -22.54 49.10 -41.42
CA ALA G 352 -21.83 47.91 -40.97
C ALA G 352 -22.70 46.67 -41.12
N ARG G 353 -23.50 46.63 -42.18
CA ARG G 353 -24.40 45.51 -42.43
C ARG G 353 -23.63 44.35 -43.01
N ARG G 354 -23.77 43.18 -42.40
CA ARG G 354 -23.05 41.99 -42.82
C ARG G 354 -23.90 40.76 -42.53
N ILE G 355 -23.61 39.67 -43.23
CA ILE G 355 -24.35 38.44 -43.05
C ILE G 355 -23.54 37.52 -42.15
N GLU G 356 -24.19 36.49 -41.61
CA GLU G 356 -23.54 35.56 -40.72
C GLU G 356 -23.93 34.14 -41.06
N ALA G 357 -22.94 33.28 -41.31
CA ALA G 357 -23.14 31.87 -41.54
C ALA G 357 -22.68 31.10 -40.32
N ARG G 358 -23.52 30.18 -39.83
CA ARG G 358 -23.28 29.50 -38.57
C ARG G 358 -22.79 28.07 -38.73
N PHE G 359 -22.90 27.47 -39.91
CA PHE G 359 -22.50 26.08 -40.05
C PHE G 359 -20.98 25.83 -39.94
N PRO G 360 -20.09 26.76 -40.29
CA PRO G 360 -18.66 26.48 -40.10
C PRO G 360 -18.30 26.33 -38.63
N ASP G 361 -17.29 25.50 -38.37
CA ASP G 361 -16.79 25.20 -37.05
C ASP G 361 -15.27 25.33 -37.04
N PRO G 362 -14.66 25.56 -35.87
CA PRO G 362 -13.24 25.92 -35.85
C PRO G 362 -12.31 24.87 -36.44
N SER G 363 -12.76 23.62 -36.61
CA SER G 363 -11.91 22.61 -37.22
C SER G 363 -11.63 22.89 -38.68
N ALA G 364 -12.34 23.83 -39.29
CA ALA G 364 -12.11 24.16 -40.69
C ALA G 364 -10.76 24.84 -40.88
N ASN G 365 -10.19 24.65 -42.06
CA ASN G 365 -9.03 25.42 -42.46
C ASN G 365 -9.49 26.83 -42.79
N PRO G 366 -9.03 27.85 -42.07
CA PRO G 366 -9.61 29.19 -42.28
C PRO G 366 -9.45 29.71 -43.69
N TYR G 367 -8.31 29.44 -44.31
CA TYR G 367 -8.08 29.91 -45.68
C TYR G 367 -9.08 29.29 -46.63
N LEU G 368 -9.17 27.96 -46.63
CA LEU G 368 -10.09 27.27 -47.53
C LEU G 368 -11.54 27.58 -47.18
N ALA G 369 -11.86 27.65 -45.89
CA ALA G 369 -13.24 27.93 -45.48
C ALA G 369 -13.68 29.30 -45.98
N PHE G 370 -12.84 30.33 -45.77
CA PHE G 370 -13.21 31.67 -46.18
C PHE G 370 -13.23 31.79 -47.70
N ALA G 371 -12.28 31.16 -48.39
CA ALA G 371 -12.28 31.21 -49.84
C ALA G 371 -13.52 30.54 -50.41
N ALA G 372 -13.92 29.40 -49.83
CA ALA G 372 -15.10 28.70 -50.32
C ALA G 372 -16.38 29.50 -50.03
N LEU G 373 -16.46 30.13 -48.86
CA LEU G 373 -17.61 30.97 -48.57
C LEU G 373 -17.69 32.14 -49.54
N LEU G 374 -16.55 32.79 -49.82
CA LEU G 374 -16.55 33.90 -50.76
C LEU G 374 -16.90 33.43 -52.17
N MET G 375 -16.42 32.26 -52.57
CA MET G 375 -16.75 31.77 -53.90
C MET G 375 -18.22 31.39 -54.02
N ALA G 376 -18.81 30.83 -52.97
CA ALA G 376 -20.25 30.58 -53.00
C ALA G 376 -21.01 31.89 -53.12
N GLY G 377 -20.61 32.91 -52.35
CA GLY G 377 -21.27 34.19 -52.45
C GLY G 377 -21.11 34.83 -53.82
N LEU G 378 -19.93 34.69 -54.43
CA LEU G 378 -19.70 35.26 -55.74
C LEU G 378 -20.45 34.50 -56.83
N ASP G 379 -20.55 33.17 -56.70
CA ASP G 379 -21.39 32.42 -57.63
C ASP G 379 -22.85 32.85 -57.51
N GLY G 380 -23.28 33.17 -56.29
CA GLY G 380 -24.62 33.71 -56.13
C GLY G 380 -24.79 35.08 -56.74
N ILE G 381 -23.78 35.95 -56.59
CA ILE G 381 -23.89 37.32 -57.08
C ILE G 381 -23.87 37.36 -58.60
N GLN G 382 -22.92 36.63 -59.21
CA GLN G 382 -22.80 36.65 -60.67
C GLN G 382 -24.04 36.08 -61.33
N ASN G 383 -24.44 34.89 -60.93
CA ASN G 383 -25.70 34.28 -61.37
C ASN G 383 -26.72 34.58 -60.27
N LYS G 384 -27.41 35.71 -60.40
CA LYS G 384 -28.24 36.22 -59.31
C LYS G 384 -29.29 35.19 -58.89
N ILE G 385 -29.12 34.65 -57.69
CA ILE G 385 -29.99 33.62 -57.15
C ILE G 385 -30.68 34.20 -55.92
N HIS G 386 -31.96 34.50 -56.05
CA HIS G 386 -32.72 35.05 -54.94
C HIS G 386 -33.08 33.93 -53.96
N PRO G 387 -32.67 34.01 -52.70
CA PRO G 387 -32.99 32.94 -51.74
C PRO G 387 -34.36 33.08 -51.10
N GLY G 388 -35.10 34.15 -51.37
CA GLY G 388 -36.40 34.36 -50.77
C GLY G 388 -37.41 33.30 -51.13
N ILE G 406 -36.53 24.76 -47.87
CA ILE G 406 -35.92 24.49 -46.57
C ILE G 406 -34.86 23.40 -46.66
N PRO G 407 -33.78 23.66 -47.38
CA PRO G 407 -32.71 22.67 -47.50
C PRO G 407 -31.89 22.59 -46.23
N GLN G 408 -31.18 21.48 -46.09
CA GLN G 408 -30.39 21.20 -44.91
C GLN G 408 -28.93 20.98 -45.29
N VAL G 409 -28.04 21.28 -44.34
CA VAL G 409 -26.61 21.07 -44.53
C VAL G 409 -26.33 19.57 -44.53
N CYS G 410 -25.13 19.18 -44.93
CA CYS G 410 -24.79 17.77 -45.05
C CYS G 410 -24.84 17.08 -43.70
N GLY G 411 -25.15 15.78 -43.72
CA GLY G 411 -25.29 14.99 -42.53
C GLY G 411 -24.11 14.11 -42.17
N SER G 412 -23.09 14.03 -43.02
CA SER G 412 -21.93 13.22 -42.73
C SER G 412 -20.78 13.68 -43.61
N LEU G 413 -19.56 13.26 -43.25
CA LEU G 413 -18.40 13.61 -44.05
C LEU G 413 -18.47 12.96 -45.43
N LYS G 414 -18.95 11.72 -45.50
CA LYS G 414 -19.11 11.07 -46.79
C LYS G 414 -20.06 11.87 -47.69
N GLU G 415 -21.18 12.32 -47.13
CA GLU G 415 -22.13 13.10 -47.92
C GLU G 415 -21.52 14.44 -48.33
N ALA G 416 -20.77 15.07 -47.44
CA ALA G 416 -20.15 16.35 -47.78
C ALA G 416 -19.12 16.18 -48.89
N LEU G 417 -18.31 15.13 -48.83
CA LEU G 417 -17.33 14.89 -49.87
C LEU G 417 -18.01 14.59 -51.21
N GLU G 418 -19.08 13.79 -51.18
CA GLU G 418 -19.77 13.46 -52.43
C GLU G 418 -20.53 14.66 -52.98
N GLU G 419 -20.92 15.61 -52.12
CA GLU G 419 -21.52 16.84 -52.60
C GLU G 419 -20.48 17.76 -53.21
N LEU G 420 -19.31 17.88 -52.57
CA LEU G 420 -18.25 18.75 -53.07
C LEU G 420 -17.69 18.23 -54.38
N ASP G 421 -17.60 16.91 -54.54
CA ASP G 421 -17.10 16.35 -55.79
C ASP G 421 -17.92 16.84 -56.98
N LYS G 422 -19.24 16.90 -56.83
CA LYS G 422 -20.09 17.44 -57.88
C LYS G 422 -20.05 18.96 -57.93
N GLY G 423 -20.01 19.61 -56.77
CA GLY G 423 -20.12 21.06 -56.71
C GLY G 423 -18.86 21.85 -56.96
N ARG G 424 -17.72 21.20 -57.17
CA ARG G 424 -16.45 21.91 -57.38
C ARG G 424 -16.49 22.91 -58.52
N ALA G 425 -17.57 22.92 -59.30
CA ALA G 425 -17.68 23.85 -60.42
C ALA G 425 -17.65 25.30 -59.95
N PHE G 426 -18.38 25.61 -58.87
CA PHE G 426 -18.41 26.98 -58.37
C PHE G 426 -17.09 27.40 -57.73
N LEU G 427 -16.22 26.45 -57.41
CA LEU G 427 -14.91 26.77 -56.84
C LEU G 427 -13.84 26.93 -57.91
N THR G 428 -13.90 26.12 -58.97
CA THR G 428 -12.86 26.17 -59.99
C THR G 428 -12.82 27.51 -60.72
N LYS G 429 -13.90 28.28 -60.69
CA LYS G 429 -13.92 29.56 -61.38
C LYS G 429 -13.07 30.59 -60.66
N VAL G 432 -8.67 29.17 -59.08
CA VAL G 432 -8.47 29.39 -57.65
C VAL G 432 -8.37 28.07 -56.92
N PHE G 433 -9.47 27.32 -56.89
CA PHE G 433 -9.46 25.95 -56.37
C PHE G 433 -9.22 25.03 -57.54
N SER G 434 -7.95 24.73 -57.80
CA SER G 434 -7.60 23.90 -58.94
C SER G 434 -8.18 22.50 -58.79
N ASP G 435 -8.43 21.85 -59.92
CA ASP G 435 -9.02 20.52 -59.89
C ASP G 435 -8.11 19.52 -59.19
N ASP G 436 -6.79 19.64 -59.39
CA ASP G 436 -5.85 18.76 -58.72
C ASP G 436 -5.92 18.96 -57.20
N PHE G 437 -6.05 20.20 -56.77
CA PHE G 437 -6.15 20.47 -55.33
C PHE G 437 -7.39 19.82 -54.74
N ILE G 438 -8.53 19.95 -55.42
CA ILE G 438 -9.76 19.35 -54.91
C ILE G 438 -9.65 17.84 -54.90
N ASP G 439 -8.98 17.27 -55.92
CA ASP G 439 -8.76 15.82 -55.96
C ASP G 439 -7.95 15.37 -54.75
N ALA G 440 -6.81 16.01 -54.49
CA ALA G 440 -5.97 15.61 -53.37
C ALA G 440 -6.68 15.84 -52.03
N TYR G 441 -7.37 16.97 -51.89
CA TYR G 441 -8.08 17.26 -50.64
C TYR G 441 -9.20 16.26 -50.39
N LEU G 442 -9.93 15.89 -51.45
CA LEU G 442 -10.96 14.86 -51.30
C LEU G 442 -10.35 13.52 -50.94
N GLU G 443 -9.19 13.20 -51.51
CA GLU G 443 -8.51 11.96 -51.15
C GLU G 443 -8.16 11.96 -49.66
N LEU G 444 -7.62 13.08 -49.17
CA LEU G 444 -7.24 13.17 -47.75
C LEU G 444 -8.46 13.02 -46.84
N LYS G 445 -9.52 13.76 -47.14
CA LYS G 445 -10.71 13.68 -46.29
C LYS G 445 -11.38 12.32 -46.40
N SER G 446 -11.28 11.66 -47.55
CA SER G 446 -11.82 10.32 -47.67
C SER G 446 -11.02 9.32 -46.84
N GLU G 447 -9.70 9.47 -46.80
CA GLU G 447 -8.90 8.63 -45.92
C GLU G 447 -9.35 8.81 -44.48
N GLU G 448 -9.55 10.06 -44.06
CA GLU G 448 -9.98 10.33 -42.69
C GLU G 448 -11.35 9.73 -42.40
N GLU G 449 -12.30 9.90 -43.33
CA GLU G 449 -13.65 9.40 -43.11
C GLU G 449 -13.69 7.87 -43.11
N ILE G 450 -12.89 7.24 -43.97
CA ILE G 450 -12.84 5.78 -43.96
C ILE G 450 -12.22 5.28 -42.66
N LYS G 451 -11.19 5.98 -42.17
CA LYS G 451 -10.59 5.59 -40.90
C LYS G 451 -11.58 5.69 -39.75
N VAL G 452 -12.36 6.77 -39.71
CA VAL G 452 -13.31 6.95 -38.60
C VAL G 452 -14.48 5.98 -38.73
N ARG G 453 -15.01 5.82 -39.95
CA ARG G 453 -16.26 5.10 -40.13
C ARG G 453 -16.12 3.61 -39.83
N THR G 454 -15.01 3.01 -40.24
CA THR G 454 -14.82 1.57 -40.09
C THR G 454 -14.53 1.15 -38.65
N PHE G 455 -14.42 2.09 -37.72
CA PHE G 455 -14.10 1.76 -36.34
C PHE G 455 -15.37 1.64 -35.51
N VAL G 456 -15.36 0.68 -34.58
CA VAL G 456 -16.50 0.44 -33.71
C VAL G 456 -16.76 1.67 -32.85
N HIS G 457 -18.01 1.82 -32.43
CA HIS G 457 -18.39 2.89 -31.54
C HIS G 457 -18.86 2.32 -30.21
N PRO G 458 -18.49 2.92 -29.08
CA PRO G 458 -18.96 2.41 -27.80
C PRO G 458 -20.49 2.37 -27.67
N LEU G 459 -21.19 3.30 -28.32
CA LEU G 459 -22.65 3.20 -28.35
C LEU G 459 -23.11 1.91 -29.02
N GLU G 460 -22.33 1.41 -29.97
CA GLU G 460 -22.67 0.14 -30.61
C GLU G 460 -22.58 -1.00 -29.61
N TYR G 461 -21.59 -0.97 -28.73
CA TYR G 461 -21.56 -1.91 -27.61
C TYR G 461 -22.76 -1.71 -26.71
N ASP G 462 -23.12 -0.45 -26.44
CA ASP G 462 -24.22 -0.19 -25.52
C ASP G 462 -25.53 -0.75 -26.05
N LEU G 463 -25.77 -0.63 -27.35
CA LEU G 463 -27.07 -0.98 -27.92
C LEU G 463 -27.14 -2.40 -28.46
N TYR G 464 -26.02 -2.96 -28.92
CA TYR G 464 -26.05 -4.22 -29.64
C TYR G 464 -25.29 -5.35 -28.97
N TYR G 465 -24.69 -5.13 -27.79
CA TYR G 465 -23.84 -6.16 -27.20
C TYR G 465 -24.63 -7.42 -26.93
N SER G 466 -25.80 -7.28 -26.29
CA SER G 466 -26.64 -8.42 -25.92
C SER G 466 -27.63 -8.79 -27.02
N VAL G 467 -27.30 -8.49 -28.28
CA VAL G 467 -28.17 -8.80 -29.40
C VAL G 467 -28.38 -10.30 -29.51
N SER H 2 -19.91 59.27 -17.31
CA SER H 2 -18.77 60.07 -16.91
C SER H 2 -18.00 59.41 -15.78
N LYS H 3 -18.75 58.79 -14.86
CA LYS H 3 -18.11 58.09 -13.75
C LYS H 3 -17.29 56.91 -14.23
N SER H 4 -17.80 56.18 -15.24
CA SER H 4 -17.04 55.06 -15.78
C SER H 4 -15.74 55.51 -16.40
N LEU H 5 -15.78 56.59 -17.19
CA LEU H 5 -14.55 57.12 -17.78
C LEU H 5 -13.62 57.65 -16.70
N GLN H 6 -14.17 58.30 -15.68
CA GLN H 6 -13.35 58.82 -14.60
C GLN H 6 -12.60 57.69 -13.90
N LEU H 7 -13.29 56.59 -13.61
CA LEU H 7 -12.65 55.46 -12.95
C LEU H 7 -11.65 54.78 -13.85
N ILE H 8 -11.95 54.69 -15.16
CA ILE H 8 -11.00 54.10 -16.10
C ILE H 8 -9.72 54.93 -16.12
N LYS H 9 -9.85 56.26 -16.18
CA LYS H 9 -8.66 57.11 -16.20
C LYS H 9 -7.89 57.03 -14.90
N GLU H 10 -8.58 57.05 -13.75
CA GLU H 10 -7.90 57.09 -12.47
C GLU H 10 -7.21 55.77 -12.15
N HIS H 11 -7.91 54.66 -12.32
CA HIS H 11 -7.41 53.35 -11.91
C HIS H 11 -6.72 52.59 -13.04
N ASP H 12 -6.57 53.20 -14.21
CA ASP H 12 -5.95 52.54 -15.37
C ASP H 12 -6.64 51.22 -15.67
N VAL H 13 -7.98 51.26 -15.69
CA VAL H 13 -8.77 50.06 -15.91
C VAL H 13 -8.52 49.52 -17.30
N LYS H 14 -8.24 48.22 -17.41
CA LYS H 14 -7.94 47.58 -18.67
C LYS H 14 -9.14 46.89 -19.30
N TRP H 15 -10.09 46.40 -18.50
CA TRP H 15 -11.24 45.67 -19.00
C TRP H 15 -12.51 46.21 -18.38
N ILE H 16 -13.63 46.01 -19.09
CA ILE H 16 -14.94 46.40 -18.62
C ILE H 16 -15.75 45.12 -18.49
N ASP H 17 -16.30 44.89 -17.31
CA ASP H 17 -17.09 43.71 -16.99
C ASP H 17 -18.53 44.18 -16.77
N LEU H 18 -19.37 43.96 -17.77
CA LEU H 18 -20.78 44.34 -17.67
C LEU H 18 -21.56 43.15 -17.13
N ARG H 19 -22.34 43.40 -16.08
CA ARG H 19 -23.07 42.36 -15.38
C ARG H 19 -24.52 42.77 -15.24
N PHE H 20 -25.42 41.81 -15.43
CA PHE H 20 -26.84 41.99 -15.20
C PHE H 20 -27.33 40.83 -14.34
N THR H 21 -28.62 40.80 -14.05
CA THR H 21 -29.21 39.75 -13.22
C THR H 21 -30.32 39.07 -14.00
N ASP H 22 -30.15 37.78 -14.27
CA ASP H 22 -31.18 37.04 -14.98
C ASP H 22 -32.37 36.77 -14.05
N THR H 23 -33.38 36.11 -14.60
CA THR H 23 -34.62 35.94 -13.85
C THR H 23 -34.43 35.08 -12.61
N LYS H 24 -33.51 34.11 -12.67
CA LYS H 24 -33.31 33.22 -11.54
C LYS H 24 -32.79 33.97 -10.32
N GLY H 25 -31.82 34.86 -10.52
CA GLY H 25 -31.24 35.60 -9.42
C GLY H 25 -29.73 35.70 -9.52
N LYS H 26 -29.14 34.92 -10.41
CA LYS H 26 -27.69 34.93 -10.60
C LYS H 26 -27.26 36.22 -11.26
N GLN H 27 -25.95 36.49 -11.22
CA GLN H 27 -25.37 37.60 -11.95
C GLN H 27 -24.64 37.08 -13.18
N GLN H 28 -24.89 37.72 -14.31
CA GLN H 28 -24.49 37.27 -15.63
C GLN H 28 -23.48 38.30 -16.14
N HIS H 29 -22.28 37.86 -16.51
CA HIS H 29 -21.19 38.80 -16.76
C HIS H 29 -20.51 38.56 -18.11
N VAL H 30 -20.14 39.66 -18.78
CA VAL H 30 -19.37 39.60 -20.01
C VAL H 30 -18.38 40.76 -20.01
N THR H 31 -17.14 40.48 -20.42
CA THR H 31 -16.07 41.47 -20.34
C THR H 31 -15.45 41.73 -21.71
N MET H 32 -15.07 42.98 -21.94
CA MET H 32 -14.37 43.37 -23.16
C MET H 32 -13.39 44.48 -22.83
N PRO H 33 -12.37 44.69 -23.67
CA PRO H 33 -11.37 45.71 -23.37
C PRO H 33 -11.99 47.09 -23.20
N ALA H 34 -11.40 47.86 -22.27
CA ALA H 34 -11.87 49.21 -21.98
C ALA H 34 -11.54 50.20 -23.10
N ARG H 35 -10.66 49.84 -24.03
CA ARG H 35 -10.39 50.70 -25.17
C ARG H 35 -11.61 50.84 -26.08
N ASP H 36 -12.56 49.92 -26.00
CA ASP H 36 -13.79 49.98 -26.77
C ASP H 36 -14.83 50.90 -26.15
N VAL H 37 -14.53 51.49 -25.00
CA VAL H 37 -15.50 52.32 -24.29
C VAL H 37 -15.51 53.72 -24.89
N ASP H 38 -16.65 54.11 -25.46
CA ASP H 38 -16.83 55.44 -26.02
C ASP H 38 -18.19 55.96 -25.55
N ASP H 39 -18.52 57.18 -25.97
CA ASP H 39 -19.86 57.70 -25.71
C ASP H 39 -20.91 56.89 -26.46
N ASP H 40 -20.53 56.32 -27.60
CA ASP H 40 -21.42 55.40 -28.31
C ASP H 40 -21.72 54.17 -27.45
N PHE H 41 -20.73 53.71 -26.69
CA PHE H 41 -20.93 52.56 -25.81
C PHE H 41 -22.01 52.83 -24.78
N PHE H 42 -21.98 54.01 -24.17
CA PHE H 42 -23.00 54.37 -23.17
C PHE H 42 -24.28 54.89 -23.79
N GLU H 43 -24.30 55.14 -25.10
CA GLU H 43 -25.51 55.60 -25.76
C GLU H 43 -26.34 54.44 -26.33
N TYR H 44 -25.72 53.61 -27.16
CA TYR H 44 -26.42 52.51 -27.80
C TYR H 44 -26.27 51.19 -27.06
N GLY H 45 -25.25 51.04 -26.22
CA GLY H 45 -25.05 49.82 -25.49
C GLY H 45 -24.36 48.75 -26.32
N LYS H 46 -23.98 47.67 -25.63
CA LYS H 46 -23.31 46.55 -26.28
C LYS H 46 -24.31 45.46 -26.64
N LEU H 66 -27.53 45.54 -23.60
CA LEU H 66 -26.84 45.85 -22.36
C LEU H 66 -26.50 47.33 -22.26
N MET H 67 -27.48 48.13 -21.82
CA MET H 67 -27.25 49.57 -21.66
C MET H 67 -26.66 49.79 -20.28
N PRO H 68 -25.39 50.20 -20.17
CA PRO H 68 -24.77 50.31 -18.85
C PRO H 68 -25.33 51.45 -18.04
N ASP H 69 -25.25 51.29 -16.72
CA ASP H 69 -25.60 52.35 -15.77
C ASP H 69 -24.32 53.06 -15.37
N ASP H 70 -24.18 54.32 -15.78
CA ASP H 70 -22.96 55.06 -15.51
C ASP H 70 -22.73 55.30 -14.02
N SER H 71 -23.77 55.18 -13.20
CA SER H 71 -23.66 55.47 -11.77
C SER H 71 -23.40 54.23 -10.92
N THR H 72 -23.20 53.07 -11.53
CA THR H 72 -22.97 51.82 -10.82
C THR H 72 -21.69 51.15 -11.30
N ALA H 73 -20.62 51.91 -11.43
CA ALA H 73 -19.34 51.40 -11.87
C ALA H 73 -18.42 51.26 -10.66
N VAL H 74 -17.89 50.05 -10.46
CA VAL H 74 -17.01 49.77 -9.34
C VAL H 74 -15.75 49.09 -9.85
N LEU H 75 -14.71 49.11 -9.03
CA LEU H 75 -13.47 48.43 -9.38
C LEU H 75 -13.50 46.99 -8.89
N ASP H 76 -12.76 46.13 -9.59
CA ASP H 76 -12.76 44.71 -9.28
C ASP H 76 -11.55 44.38 -8.42
N PRO H 77 -11.75 43.90 -7.19
CA PRO H 77 -10.61 43.52 -6.34
C PRO H 77 -10.12 42.09 -6.53
N PHE H 78 -10.76 41.30 -7.38
CA PHE H 78 -10.43 39.89 -7.55
C PHE H 78 -9.73 39.58 -8.86
N THR H 79 -9.26 40.59 -9.58
CA THR H 79 -8.65 40.41 -10.89
C THR H 79 -7.23 40.96 -10.87
N GLU H 80 -6.32 40.24 -11.55
CA GLU H 80 -4.94 40.69 -11.65
C GLU H 80 -4.86 42.01 -12.41
N GLU H 81 -5.46 42.06 -13.59
CA GLU H 81 -5.57 43.31 -14.34
C GLU H 81 -6.84 44.05 -13.92
N PRO H 82 -6.74 45.35 -13.65
CA PRO H 82 -7.93 46.07 -13.16
C PRO H 82 -9.06 46.02 -14.17
N THR H 83 -10.29 45.87 -13.66
CA THR H 83 -11.49 45.91 -14.49
C THR H 83 -12.54 46.76 -13.80
N LEU H 84 -13.45 47.28 -14.60
CA LEU H 84 -14.55 48.12 -14.13
C LEU H 84 -15.85 47.36 -14.31
N ILE H 85 -16.48 47.01 -13.20
CA ILE H 85 -17.76 46.31 -13.21
C ILE H 85 -18.87 47.33 -13.34
N ILE H 86 -19.71 47.17 -14.35
CA ILE H 86 -20.83 48.07 -14.62
C ILE H 86 -22.10 47.24 -14.71
N VAL H 87 -23.15 47.71 -14.03
CA VAL H 87 -24.44 47.02 -14.02
C VAL H 87 -25.28 47.54 -15.18
N CYS H 88 -25.86 46.63 -15.95
CA CYS H 88 -26.59 46.97 -17.16
C CYS H 88 -28.09 46.91 -16.95
N ASP H 89 -28.82 47.52 -17.87
CA ASP H 89 -30.26 47.36 -18.02
C ASP H 89 -30.53 46.75 -19.38
N ILE H 90 -31.24 45.63 -19.40
CA ILE H 90 -31.53 44.96 -20.66
C ILE H 90 -32.60 45.74 -21.40
N ILE H 91 -32.30 46.13 -22.63
CA ILE H 91 -33.22 46.90 -23.46
C ILE H 91 -33.50 46.11 -24.73
N GLU H 92 -34.77 45.93 -25.05
CA GLU H 92 -35.14 45.26 -26.27
C GLU H 92 -34.71 46.09 -27.48
N PRO H 93 -34.15 45.45 -28.51
CA PRO H 93 -33.71 46.23 -29.69
C PRO H 93 -34.86 46.87 -30.44
N SER H 94 -36.10 46.44 -30.23
CA SER H 94 -37.24 46.96 -30.99
C SER H 94 -37.88 48.16 -30.29
N THR H 95 -38.39 47.96 -29.06
CA THR H 95 -39.16 49.00 -28.39
C THR H 95 -38.31 50.07 -27.76
N MET H 96 -36.99 49.90 -27.69
CA MET H 96 -36.08 50.84 -27.04
C MET H 96 -36.53 51.13 -25.61
N GLN H 97 -37.01 50.09 -24.93
CA GLN H 97 -37.44 50.18 -23.55
C GLN H 97 -36.94 48.96 -22.80
N GLY H 98 -36.99 49.04 -21.47
CA GLY H 98 -36.46 47.95 -20.67
C GLY H 98 -37.20 46.65 -20.96
N TYR H 99 -36.44 45.55 -20.94
CA TYR H 99 -37.02 44.23 -21.14
C TYR H 99 -38.07 43.95 -20.08
N ASP H 100 -39.23 43.45 -20.51
CA ASP H 100 -40.32 43.16 -19.58
C ASP H 100 -39.93 42.09 -18.57
N ARG H 101 -39.05 41.16 -18.97
CA ARG H 101 -38.59 40.09 -18.10
C ARG H 101 -37.22 40.37 -17.49
N ASP H 102 -36.92 41.64 -17.22
CA ASP H 102 -35.62 42.03 -16.67
C ASP H 102 -35.79 42.46 -15.22
N PRO H 103 -35.17 41.76 -14.27
CA PRO H 103 -35.34 42.15 -12.86
C PRO H 103 -34.93 43.58 -12.55
N ARG H 104 -33.87 44.07 -13.18
CA ARG H 104 -33.48 45.46 -12.99
C ARG H 104 -34.56 46.41 -13.48
N ALA H 105 -35.14 46.11 -14.64
CA ALA H 105 -36.23 46.93 -15.17
C ALA H 105 -37.43 46.88 -14.22
N ILE H 106 -37.74 45.71 -13.68
CA ILE H 106 -38.85 45.60 -12.75
C ILE H 106 -38.60 46.41 -11.50
N ALA H 107 -37.36 46.39 -10.99
CA ALA H 107 -37.02 47.17 -9.81
C ALA H 107 -37.18 48.67 -10.07
N ARG H 108 -36.65 49.14 -11.20
CA ARG H 108 -36.79 50.55 -11.53
C ARG H 108 -38.26 50.93 -11.71
N ARG H 109 -39.05 50.04 -12.31
CA ARG H 109 -40.47 50.33 -12.49
C ARG H 109 -41.20 50.38 -11.15
N ALA H 110 -40.81 49.52 -10.20
CA ALA H 110 -41.40 49.57 -8.87
C ALA H 110 -41.06 50.88 -8.17
N GLU H 111 -39.80 51.32 -8.31
CA GLU H 111 -39.43 52.62 -7.75
C GLU H 111 -40.26 53.74 -8.35
N GLU H 112 -40.41 53.73 -9.68
CA GLU H 112 -41.18 54.78 -10.34
C GLU H 112 -42.65 54.72 -9.94
N TYR H 113 -43.20 53.53 -9.75
CA TYR H 113 -44.59 53.41 -9.31
C TYR H 113 -44.75 53.97 -7.91
N LEU H 114 -43.79 53.69 -7.03
CA LEU H 114 -43.82 54.28 -5.69
C LEU H 114 -43.80 55.80 -5.78
N LYS H 115 -42.95 56.35 -6.67
CA LYS H 115 -42.90 57.80 -6.83
C LYS H 115 -44.21 58.35 -7.34
N SER H 116 -44.83 57.66 -8.29
CA SER H 116 -46.06 58.16 -8.91
C SER H 116 -47.26 58.06 -7.98
N THR H 117 -47.26 57.08 -7.08
CA THR H 117 -48.43 56.87 -6.21
C THR H 117 -48.69 58.08 -5.33
N GLY H 118 -47.64 58.64 -4.74
CA GLY H 118 -47.78 59.79 -3.87
C GLY H 118 -47.64 59.51 -2.39
N ILE H 119 -47.63 58.24 -1.97
CA ILE H 119 -47.38 57.97 -0.56
C ILE H 119 -45.94 58.29 -0.19
N GLY H 120 -44.99 58.06 -1.10
CA GLY H 120 -43.61 58.34 -0.76
C GLY H 120 -42.72 58.26 -1.98
N ASP H 121 -41.42 58.43 -1.72
CA ASP H 121 -40.40 58.32 -2.73
C ASP H 121 -39.12 57.81 -2.07
N THR H 122 -38.26 57.18 -2.86
CA THR H 122 -37.00 56.62 -2.39
C THR H 122 -37.22 55.69 -1.20
N ALA H 123 -37.90 54.59 -1.46
CA ALA H 123 -38.03 53.54 -0.45
C ALA H 123 -36.67 52.98 -0.10
N PHE H 124 -36.40 52.86 1.21
CA PHE H 124 -35.10 52.40 1.69
C PHE H 124 -35.21 50.94 2.12
N PHE H 125 -34.29 50.12 1.61
CA PHE H 125 -34.31 48.68 1.83
C PHE H 125 -32.97 48.29 2.45
N GLY H 126 -33.00 47.83 3.70
CA GLY H 126 -31.83 47.25 4.32
C GLY H 126 -31.95 45.75 4.49
N PRO H 127 -31.29 45.00 3.62
CA PRO H 127 -31.33 43.54 3.75
C PRO H 127 -30.12 43.01 4.51
N GLU H 128 -30.36 42.04 5.38
CA GLU H 128 -29.30 41.30 6.05
C GLU H 128 -29.40 39.84 5.61
N PRO H 129 -28.54 39.39 4.70
CA PRO H 129 -28.47 37.97 4.38
C PRO H 129 -27.38 37.27 5.20
N GLU H 130 -27.58 35.97 5.37
CA GLU H 130 -26.65 35.12 6.12
C GLU H 130 -26.16 34.01 5.23
N PHE H 131 -24.86 33.74 5.25
CA PHE H 131 -24.26 32.77 4.34
C PHE H 131 -23.56 31.67 5.12
N PHE H 132 -23.16 30.62 4.41
CA PHE H 132 -22.46 29.48 4.99
C PHE H 132 -21.10 29.34 4.32
N ILE H 133 -20.08 29.08 5.11
CA ILE H 133 -18.71 28.87 4.61
C ILE H 133 -18.34 27.42 4.86
N PHE H 134 -18.18 26.66 3.78
CA PHE H 134 -17.85 25.24 3.85
C PHE H 134 -16.46 25.02 3.28
N ASP H 135 -15.66 24.21 3.99
CA ASP H 135 -14.33 23.89 3.48
C ASP H 135 -14.41 23.11 2.17
N GLU H 136 -15.52 22.41 1.94
CA GLU H 136 -15.68 21.59 0.75
C GLU H 136 -17.14 21.14 0.70
N VAL H 137 -17.58 20.72 -0.49
CA VAL H 137 -18.92 20.16 -0.63
C VAL H 137 -18.88 19.13 -1.75
N LYS H 138 -19.78 18.15 -1.67
CA LYS H 138 -19.83 17.07 -2.66
C LYS H 138 -21.26 16.58 -2.76
N TYR H 139 -21.91 16.82 -3.89
CA TYR H 139 -23.24 16.30 -4.12
C TYR H 139 -23.32 15.70 -5.51
N LYS H 140 -24.21 14.73 -5.69
CA LYS H 140 -24.52 14.18 -7.00
C LYS H 140 -25.77 13.34 -6.97
N SER H 141 -26.71 13.58 -7.88
CA SER H 141 -27.95 12.83 -7.93
C SER H 141 -28.14 12.23 -9.31
N ASP H 142 -28.41 10.94 -9.36
CA ASP H 142 -28.71 10.24 -10.60
C ASP H 142 -29.53 9.00 -10.25
N ILE H 143 -29.66 8.09 -11.21
CA ILE H 143 -30.46 6.89 -10.99
C ILE H 143 -29.84 6.01 -9.91
N SER H 144 -28.51 5.87 -9.92
CA SER H 144 -27.85 4.94 -9.01
C SER H 144 -28.06 5.33 -7.55
N GLY H 145 -27.95 6.62 -7.25
CA GLY H 145 -28.16 7.07 -5.89
C GLY H 145 -27.88 8.56 -5.78
N SER H 146 -28.42 9.15 -4.72
CA SER H 146 -28.33 10.58 -4.46
C SER H 146 -27.46 10.81 -3.23
N MET H 147 -26.41 11.62 -3.39
CA MET H 147 -25.40 11.82 -2.38
C MET H 147 -25.20 13.31 -2.14
N PHE H 148 -24.85 13.65 -0.90
CA PHE H 148 -24.82 15.04 -0.44
C PHE H 148 -23.99 15.09 0.83
N LYS H 149 -22.92 15.88 0.83
CA LYS H 149 -22.00 15.92 1.96
C LYS H 149 -21.30 17.28 2.03
N ILE H 150 -21.08 17.75 3.26
CA ILE H 150 -20.47 19.04 3.54
C ILE H 150 -19.23 18.82 4.39
N PHE H 151 -18.13 19.46 4.02
CA PHE H 151 -16.88 19.37 4.76
C PHE H 151 -16.54 20.74 5.33
N SER H 152 -16.29 20.78 6.64
CA SER H 152 -15.82 22.00 7.30
C SER H 152 -15.28 21.60 8.67
N GLU H 153 -14.03 21.99 8.95
CA GLU H 153 -13.42 21.60 10.22
C GLU H 153 -14.06 22.30 11.41
N GLN H 154 -14.78 23.40 11.19
CA GLN H 154 -15.47 24.09 12.26
C GLN H 154 -16.89 23.58 12.46
N ALA H 155 -17.33 22.59 11.70
CA ALA H 155 -18.63 22.00 11.90
C ALA H 155 -18.67 21.21 13.20
N ALA H 156 -19.78 21.34 13.92
CA ALA H 156 -19.87 20.72 15.24
C ALA H 156 -19.83 19.20 15.18
N TRP H 157 -19.99 18.60 14.00
CA TRP H 157 -19.95 17.16 13.85
C TRP H 157 -18.55 16.63 13.51
N ASN H 158 -17.55 17.50 13.41
CA ASN H 158 -16.21 17.10 13.04
C ASN H 158 -15.30 16.95 14.25
N THR H 159 -15.86 16.58 15.40
CA THR H 159 -15.11 16.55 16.64
C THR H 159 -14.13 15.39 16.73
N ASP H 160 -14.16 14.43 15.81
CA ASP H 160 -13.27 13.29 15.87
C ASP H 160 -12.39 13.12 14.64
N ALA H 161 -12.53 13.98 13.64
CA ALA H 161 -11.79 13.81 12.39
C ALA H 161 -10.31 14.06 12.60
N ASN H 167 -6.10 18.69 14.48
CA ASN H 167 -7.49 18.83 14.85
C ASN H 167 -7.65 19.50 16.20
N LYS H 168 -7.20 20.75 16.30
CA LYS H 168 -7.39 21.53 17.52
C LYS H 168 -8.88 21.77 17.71
N GLY H 169 -9.48 21.08 18.68
CA GLY H 169 -10.93 21.07 18.75
C GLY H 169 -11.52 22.27 19.46
N HIS H 170 -11.99 23.24 18.68
CA HIS H 170 -12.66 24.41 19.22
C HIS H 170 -13.87 24.79 18.36
N ARG H 171 -14.48 23.80 17.73
CA ARG H 171 -15.65 24.04 16.90
C ARG H 171 -16.85 24.39 17.77
N PRO H 172 -17.79 25.19 17.25
CA PRO H 172 -19.02 25.53 17.97
C PRO H 172 -20.07 24.42 17.89
N VAL H 184 -14.79 31.18 19.41
CA VAL H 184 -14.49 29.82 18.99
C VAL H 184 -14.68 29.66 17.50
N ASP H 185 -15.01 30.76 16.82
CA ASP H 185 -15.27 30.73 15.39
C ASP H 185 -13.96 30.71 14.62
N HIS H 186 -13.78 29.68 13.78
CA HIS H 186 -12.57 29.58 12.97
C HIS H 186 -12.45 30.73 12.00
N ASP H 187 -13.56 31.13 11.39
CA ASP H 187 -13.54 32.09 10.29
C ASP H 187 -13.90 33.47 10.82
N HIS H 188 -12.90 34.12 11.42
CA HIS H 188 -12.97 35.54 11.76
C HIS H 188 -12.13 36.41 10.87
N GLU H 189 -10.94 35.93 10.46
CA GLU H 189 -10.14 36.68 9.51
C GLU H 189 -10.81 36.69 8.14
N ILE H 190 -11.48 35.59 7.77
CA ILE H 190 -12.14 35.56 6.47
C ILE H 190 -13.30 36.54 6.44
N ARG H 191 -14.00 36.73 7.55
CA ARG H 191 -15.04 37.75 7.59
C ARG H 191 -14.46 39.14 7.41
N THR H 192 -13.28 39.38 7.98
CA THR H 192 -12.59 40.65 7.77
C THR H 192 -12.20 40.83 6.32
N ALA H 193 -11.75 39.75 5.67
CA ALA H 193 -11.41 39.83 4.25
C ALA H 193 -12.64 40.14 3.40
N MET H 194 -13.76 39.51 3.72
CA MET H 194 -15.01 39.81 3.01
C MET H 194 -15.44 41.26 3.23
N CYS H 195 -15.30 41.76 4.45
CA CYS H 195 -15.63 43.16 4.70
C CYS H 195 -14.70 44.11 3.95
N ASN H 196 -13.42 43.74 3.84
CA ASN H 196 -12.49 44.54 3.05
C ASN H 196 -12.91 44.56 1.58
N ALA H 197 -13.31 43.41 1.04
CA ALA H 197 -13.78 43.35 -0.33
C ALA H 197 -15.03 44.19 -0.52
N LEU H 198 -15.95 44.14 0.44
CA LEU H 198 -17.17 44.94 0.35
C LEU H 198 -16.85 46.43 0.38
N GLU H 199 -15.95 46.85 1.27
CA GLU H 199 -15.56 48.25 1.31
C GLU H 199 -14.75 48.67 0.09
N GLU H 200 -14.16 47.71 -0.63
CA GLU H 200 -13.48 48.04 -1.88
C GLU H 200 -14.47 48.60 -2.91
N MET H 201 -15.65 47.98 -3.00
CA MET H 201 -16.70 48.47 -3.89
C MET H 201 -17.71 49.37 -3.19
N GLY H 202 -17.27 50.14 -2.20
CA GLY H 202 -18.12 51.17 -1.62
C GLY H 202 -19.37 50.66 -0.93
N LEU H 203 -19.25 49.57 -0.18
CA LEU H 203 -20.35 49.05 0.62
C LEU H 203 -20.08 49.38 2.08
N LYS H 204 -20.97 50.15 2.69
CA LYS H 204 -20.80 50.57 4.08
C LYS H 204 -21.08 49.39 4.98
N VAL H 205 -20.03 48.63 5.29
CA VAL H 205 -20.17 47.50 6.21
C VAL H 205 -20.45 48.03 7.61
N GLU H 206 -21.42 47.43 8.29
CA GLU H 206 -21.81 47.85 9.63
C GLU H 206 -21.43 46.87 10.71
N VAL H 207 -21.34 45.58 10.39
CA VAL H 207 -21.01 44.55 11.38
C VAL H 207 -20.68 43.27 10.64
N HIS H 208 -19.88 42.40 11.25
CA HIS H 208 -19.66 41.07 10.70
C HIS H 208 -19.40 40.12 11.85
N HIS H 209 -20.10 38.98 11.85
CA HIS H 209 -19.95 38.05 12.96
C HIS H 209 -20.39 36.67 12.50
N HIS H 210 -20.22 35.71 13.40
CA HIS H 210 -20.72 34.36 13.20
C HIS H 210 -22.22 34.35 13.45
N GLU H 211 -22.85 33.21 13.19
CA GLU H 211 -24.28 33.08 13.41
C GLU H 211 -24.55 31.91 14.37
N VAL H 212 -25.82 31.55 14.52
CA VAL H 212 -26.24 30.60 15.53
C VAL H 212 -26.29 29.20 14.97
N ALA H 213 -25.62 28.98 13.83
CA ALA H 213 -25.49 27.65 13.25
C ALA H 213 -24.01 27.27 13.18
N THR H 214 -23.76 25.98 13.23
CA THR H 214 -22.41 25.45 13.11
C THR H 214 -22.01 25.41 11.64
N ALA H 215 -20.89 24.75 11.35
CA ALA H 215 -20.35 24.58 10.00
C ALA H 215 -20.02 25.90 9.31
N GLY H 216 -20.08 27.01 10.03
CA GLY H 216 -19.60 28.27 9.51
C GLY H 216 -20.64 29.16 8.86
N GLN H 217 -21.76 29.40 9.54
CA GLN H 217 -22.74 30.37 9.08
C GLN H 217 -22.35 31.74 9.62
N ASN H 218 -22.04 32.66 8.71
CA ASN H 218 -21.66 34.02 9.06
C ASN H 218 -22.70 35.00 8.56
N GLU H 219 -22.62 36.23 9.09
CA GLU H 219 -23.47 37.32 8.64
C GLU H 219 -22.66 38.60 8.60
N ILE H 220 -22.85 39.36 7.52
CA ILE H 220 -22.25 40.68 7.36
C ILE H 220 -23.36 41.66 7.04
N GLY H 221 -23.43 42.75 7.80
CA GLY H 221 -24.43 43.77 7.61
C GLY H 221 -23.87 44.95 6.83
N VAL H 222 -24.67 45.45 5.89
CA VAL H 222 -24.27 46.53 5.01
C VAL H 222 -25.36 47.59 5.03
N SER H 223 -24.96 48.86 4.94
CA SER H 223 -25.91 49.95 5.01
C SER H 223 -26.90 49.91 3.86
N PHE H 224 -28.10 50.41 4.11
CA PHE H 224 -29.18 50.34 3.14
C PHE H 224 -28.99 51.38 2.04
N ASN H 225 -29.74 51.19 0.95
CA ASN H 225 -29.72 52.09 -0.19
C ASN H 225 -31.13 52.11 -0.78
N THR H 226 -31.26 52.74 -1.95
CA THR H 226 -32.53 52.67 -2.65
C THR H 226 -32.72 51.26 -3.23
N LEU H 227 -33.95 50.98 -3.66
CA LEU H 227 -34.35 49.61 -3.97
C LEU H 227 -33.45 48.98 -5.03
N VAL H 228 -33.29 49.64 -6.18
CA VAL H 228 -32.46 49.08 -7.24
C VAL H 228 -30.99 49.13 -6.84
N ALA H 229 -30.57 50.24 -6.23
CA ALA H 229 -29.18 50.33 -5.78
C ALA H 229 -28.87 49.29 -4.72
N LYS H 230 -29.81 49.04 -3.81
CA LYS H 230 -29.56 48.03 -2.78
C LYS H 230 -29.58 46.62 -3.35
N ALA H 231 -30.41 46.36 -4.37
CA ALA H 231 -30.35 45.06 -5.02
C ALA H 231 -29.00 44.86 -5.70
N ASP H 232 -28.49 45.91 -6.36
CA ASP H 232 -27.15 45.83 -6.93
C ASP H 232 -26.12 45.59 -5.84
N GLU H 233 -26.27 46.24 -4.69
CA GLU H 233 -25.34 46.04 -3.58
C GLU H 233 -25.42 44.61 -3.05
N VAL H 234 -26.61 44.02 -3.02
CA VAL H 234 -26.75 42.63 -2.56
C VAL H 234 -26.03 41.69 -3.52
N GLN H 235 -26.20 41.92 -4.83
CA GLN H 235 -25.47 41.11 -5.80
C GLN H 235 -23.97 41.30 -5.65
N THR H 236 -23.54 42.54 -5.39
CA THR H 236 -22.13 42.81 -5.12
C THR H 236 -21.64 42.04 -3.90
N LEU H 237 -22.46 42.01 -2.84
CA LEU H 237 -22.10 41.29 -1.64
C LEU H 237 -21.96 39.80 -1.91
N LYS H 238 -22.89 39.23 -2.67
CA LYS H 238 -22.79 37.81 -3.00
C LYS H 238 -21.53 37.52 -3.79
N TYR H 239 -21.24 38.35 -4.79
CA TYR H 239 -20.04 38.15 -5.60
C TYR H 239 -18.77 38.27 -4.76
N CYS H 240 -18.70 39.30 -3.92
CA CYS H 240 -17.52 39.51 -3.08
C CYS H 240 -17.31 38.36 -2.12
N VAL H 241 -18.37 37.91 -1.47
CA VAL H 241 -18.25 36.83 -0.50
C VAL H 241 -17.83 35.54 -1.19
N HIS H 242 -18.48 35.22 -2.31
CA HIS H 242 -18.13 34.02 -3.06
C HIS H 242 -16.65 34.04 -3.46
N ASN H 243 -16.19 35.15 -4.02
CA ASN H 243 -14.83 35.17 -4.54
C ASN H 243 -13.79 35.27 -3.44
N VAL H 244 -14.09 35.93 -2.32
CA VAL H 244 -13.16 35.93 -1.21
C VAL H 244 -13.00 34.54 -0.63
N ALA H 245 -14.12 33.82 -0.47
CA ALA H 245 -14.02 32.44 -0.01
C ALA H 245 -13.26 31.58 -1.00
N ASP H 246 -13.48 31.79 -2.30
CA ASP H 246 -12.77 31.02 -3.31
C ASP H 246 -11.27 31.29 -3.25
N ALA H 247 -10.87 32.55 -3.01
CA ALA H 247 -9.46 32.87 -2.89
C ALA H 247 -8.82 32.25 -1.66
N TYR H 248 -9.62 31.88 -0.66
CA TYR H 248 -9.11 31.25 0.56
C TYR H 248 -9.30 29.74 0.56
N GLY H 249 -9.66 29.15 -0.59
CA GLY H 249 -9.82 27.72 -0.66
C GLY H 249 -11.07 27.18 0.00
N LYS H 250 -12.08 28.02 0.19
CA LYS H 250 -13.34 27.62 0.78
C LYS H 250 -14.48 27.82 -0.21
N THR H 251 -15.70 27.62 0.27
CA THR H 251 -16.90 27.77 -0.53
C THR H 251 -17.93 28.53 0.28
N VAL H 252 -18.71 29.39 -0.38
CA VAL H 252 -19.77 30.13 0.27
C VAL H 252 -21.09 29.77 -0.41
N THR H 253 -22.10 29.47 0.40
CA THR H 253 -23.43 29.16 -0.07
C THR H 253 -24.41 30.15 0.55
N PHE H 254 -25.28 30.72 -0.28
CA PHE H 254 -26.38 31.52 0.21
C PHE H 254 -27.70 30.76 0.18
N MET H 255 -27.65 29.46 -0.07
CA MET H 255 -28.86 28.66 -0.09
C MET H 255 -29.46 28.59 1.31
N PRO H 256 -30.78 28.80 1.43
CA PRO H 256 -31.36 29.06 2.76
C PRO H 256 -31.18 27.93 3.77
N LYS H 257 -31.22 26.68 3.34
CA LYS H 257 -31.12 25.54 4.25
C LYS H 257 -30.08 24.55 3.72
N PRO H 258 -28.81 24.74 4.07
CA PRO H 258 -27.78 23.76 3.69
C PRO H 258 -27.59 22.64 4.68
N LEU H 259 -28.21 22.71 5.86
CA LEU H 259 -28.08 21.71 6.91
C LEU H 259 -29.45 21.34 7.43
N TYR H 260 -29.49 20.42 8.40
CA TYR H 260 -30.73 20.05 9.07
C TYR H 260 -30.55 20.14 10.57
N GLY H 261 -31.64 20.46 11.26
CA GLY H 261 -31.63 20.58 12.71
C GLY H 261 -31.37 22.00 13.16
N ASP H 262 -30.19 22.51 12.86
CA ASP H 262 -29.85 23.88 13.19
C ASP H 262 -30.52 24.85 12.22
N ASN H 263 -30.50 26.13 12.59
CA ASN H 263 -31.11 27.14 11.74
C ASN H 263 -30.33 27.28 10.44
N GLY H 264 -30.99 27.82 9.42
CA GLY H 264 -30.42 28.00 8.12
C GLY H 264 -30.24 29.46 7.74
N SER H 265 -29.74 29.66 6.53
CA SER H 265 -29.52 31.00 6.00
C SER H 265 -30.85 31.73 5.85
N GLY H 266 -30.83 33.02 6.11
CA GLY H 266 -32.03 33.83 5.98
C GLY H 266 -31.67 35.28 5.75
N MET H 267 -32.48 35.95 4.93
CA MET H 267 -32.35 37.38 4.69
C MET H 267 -33.54 38.10 5.29
N HIS H 268 -33.28 39.10 6.11
CA HIS H 268 -34.32 39.93 6.70
C HIS H 268 -34.24 41.32 6.10
N VAL H 269 -35.38 41.85 5.67
CA VAL H 269 -35.42 43.11 4.91
C VAL H 269 -36.12 44.17 5.74
N HIS H 270 -35.43 45.28 5.97
CA HIS H 270 -36.00 46.43 6.67
C HIS H 270 -36.41 47.47 5.64
N MET H 271 -37.69 47.83 5.63
CA MET H 271 -38.26 48.74 4.65
C MET H 271 -38.68 50.04 5.31
N SER H 272 -38.43 51.14 4.61
CA SER H 272 -38.87 52.45 5.04
C SER H 272 -39.29 53.28 3.83
N ILE H 273 -40.11 54.28 4.08
CA ILE H 273 -40.66 55.15 3.04
C ILE H 273 -40.37 56.59 3.42
N ALA H 274 -39.90 57.38 2.45
CA ALA H 274 -39.51 58.77 2.69
C ALA H 274 -40.42 59.71 1.92
N LYS H 275 -40.70 60.86 2.52
CA LYS H 275 -41.47 61.94 1.91
C LYS H 275 -40.71 63.25 2.08
N ASP H 276 -39.98 63.65 1.04
CA ASP H 276 -39.24 64.91 1.04
C ASP H 276 -38.32 65.02 2.27
N GLY H 277 -37.67 63.91 2.59
CA GLY H 277 -36.79 63.86 3.74
C GLY H 277 -37.46 63.57 5.07
N LYS H 278 -38.76 63.33 5.08
CA LYS H 278 -39.49 62.99 6.30
C LYS H 278 -39.87 61.52 6.25
N ASN H 279 -39.63 60.81 7.35
CA ASN H 279 -39.97 59.41 7.44
C ASN H 279 -41.43 59.26 7.82
N THR H 280 -42.24 58.71 6.90
CA THR H 280 -43.66 58.51 7.14
C THR H 280 -43.94 57.36 8.09
N PHE H 281 -42.93 56.58 8.45
CA PHE H 281 -43.13 55.43 9.34
C PHE H 281 -43.09 55.85 10.80
N THR H 292 -49.40 54.72 8.94
CA THR H 292 -48.94 54.52 7.57
C THR H 292 -48.19 53.20 7.44
N ALA H 293 -47.15 53.02 8.25
CA ALA H 293 -46.38 51.78 8.22
C ALA H 293 -47.23 50.59 8.65
N LEU H 294 -48.25 50.83 9.47
CA LEU H 294 -49.16 49.74 9.83
C LEU H 294 -49.89 49.22 8.60
N TYR H 295 -50.26 50.12 7.69
CA TYR H 295 -50.89 49.68 6.45
C TYR H 295 -49.90 48.94 5.56
N PHE H 296 -48.64 49.35 5.57
CA PHE H 296 -47.60 48.61 4.88
C PHE H 296 -47.49 47.19 5.42
N ILE H 297 -47.51 47.05 6.75
CA ILE H 297 -47.46 45.73 7.37
C ILE H 297 -48.69 44.92 7.00
N GLY H 298 -49.86 45.54 7.00
CA GLY H 298 -51.07 44.84 6.63
C GLY H 298 -51.03 44.36 5.19
N GLY H 299 -50.48 45.17 4.29
CA GLY H 299 -50.34 44.76 2.91
C GLY H 299 -49.38 43.59 2.75
N ILE H 300 -48.28 43.61 3.51
CA ILE H 300 -47.35 42.48 3.47
C ILE H 300 -48.02 41.23 4.01
N ILE H 301 -48.79 41.37 5.08
CA ILE H 301 -49.46 40.23 5.69
C ILE H 301 -50.48 39.63 4.73
N LYS H 302 -51.28 40.47 4.07
CA LYS H 302 -52.31 39.97 3.17
C LYS H 302 -51.69 39.22 2.00
N HIS H 303 -50.60 39.73 1.43
CA HIS H 303 -49.96 39.14 0.27
C HIS H 303 -48.72 38.33 0.61
N GLY H 304 -48.49 38.04 1.89
CA GLY H 304 -47.29 37.31 2.27
C GLY H 304 -47.15 35.97 1.57
N LYS H 305 -48.26 35.24 1.45
CA LYS H 305 -48.22 34.00 0.70
C LYS H 305 -47.87 34.24 -0.76
N ALA H 306 -48.47 35.28 -1.36
CA ALA H 306 -48.08 35.65 -2.72
C ALA H 306 -46.64 36.13 -2.78
N LEU H 307 -46.21 36.89 -1.76
CA LEU H 307 -44.83 37.35 -1.71
C LEU H 307 -43.85 36.19 -1.69
N ASN H 308 -44.23 35.07 -1.07
CA ASN H 308 -43.29 33.97 -0.90
C ASN H 308 -42.82 33.40 -2.24
N GLY H 309 -43.52 33.67 -3.32
CA GLY H 309 -43.05 33.23 -4.63
C GLY H 309 -41.74 33.88 -5.02
N PHE H 310 -41.60 35.17 -4.70
CA PHE H 310 -40.40 35.94 -5.02
C PHE H 310 -39.41 36.01 -3.88
N THR H 311 -39.90 36.28 -2.66
CA THR H 311 -39.00 36.37 -1.51
C THR H 311 -38.43 35.01 -1.15
N ASN H 312 -39.14 33.92 -1.46
CA ASN H 312 -38.69 32.56 -1.17
C ASN H 312 -38.87 31.70 -2.41
N PRO H 313 -38.10 31.94 -3.47
CA PRO H 313 -38.24 31.20 -4.72
C PRO H 313 -37.41 29.91 -4.73
N SER H 314 -37.53 29.13 -3.67
CA SER H 314 -36.68 27.96 -3.50
C SER H 314 -37.47 26.83 -2.87
N THR H 315 -37.31 25.62 -3.41
CA THR H 315 -37.81 24.45 -2.71
C THR H 315 -37.07 24.23 -1.40
N ASN H 316 -35.84 24.74 -1.30
CA ASN H 316 -35.11 24.73 -0.04
C ASN H 316 -35.61 25.77 0.94
N SER H 317 -36.23 26.84 0.44
CA SER H 317 -36.63 27.94 1.30
C SER H 317 -37.65 27.51 2.35
N TYR H 318 -38.62 26.71 1.94
CA TYR H 318 -39.70 26.30 2.84
C TYR H 318 -39.34 25.08 3.67
N LYS H 319 -38.15 24.52 3.47
CA LYS H 319 -37.56 23.60 4.44
C LYS H 319 -37.03 24.33 5.66
N ARG H 320 -36.98 25.66 5.62
CA ARG H 320 -36.60 26.50 6.75
C ARG H 320 -37.82 26.98 7.54
N LEU H 321 -38.88 27.38 6.85
CA LEU H 321 -40.08 27.86 7.52
C LEU H 321 -40.95 26.71 8.01
N VAL H 329 -42.07 32.75 10.62
CA VAL H 329 -43.00 31.89 9.92
C VAL H 329 -44.41 32.48 9.96
N MET H 330 -44.92 32.72 11.16
CA MET H 330 -46.25 33.28 11.32
C MET H 330 -46.30 34.68 10.70
N LEU H 331 -47.35 34.96 9.94
CA LEU H 331 -47.49 36.25 9.27
C LEU H 331 -48.17 37.24 10.22
N ALA H 332 -47.41 37.64 11.24
CA ALA H 332 -47.86 38.61 12.22
C ALA H 332 -46.73 39.60 12.46
N TYR H 333 -47.06 40.70 13.15
CA TYR H 333 -46.10 41.75 13.43
C TYR H 333 -46.07 42.06 14.91
N SER H 334 -44.92 42.49 15.39
CA SER H 334 -44.74 42.92 16.78
C SER H 334 -43.41 43.65 16.87
N ALA H 335 -43.08 44.10 18.08
CA ALA H 335 -41.82 44.77 18.35
C ALA H 335 -40.83 43.91 19.14
N ARG H 336 -41.30 43.24 20.20
CA ARG H 336 -40.45 42.39 21.02
C ARG H 336 -40.60 40.91 20.69
N ASN H 337 -41.72 40.50 20.13
CA ASN H 337 -41.98 39.09 19.86
C ASN H 337 -40.97 38.54 18.84
N ARG H 338 -40.63 37.27 19.02
CA ARG H 338 -39.78 36.56 18.06
C ARG H 338 -40.52 35.47 17.30
N SER H 339 -41.77 35.17 17.65
CA SER H 339 -42.55 34.23 16.86
C SER H 339 -43.05 34.85 15.58
N ALA H 340 -43.39 36.14 15.60
CA ALA H 340 -43.88 36.82 14.41
C ALA H 340 -42.76 37.02 13.41
N SER H 341 -43.11 36.92 12.12
CA SER H 341 -42.13 37.07 11.05
C SER H 341 -41.83 38.51 10.71
N ILE H 342 -42.61 39.46 11.21
CA ILE H 342 -42.39 40.88 10.96
C ILE H 342 -42.09 41.54 12.29
N ARG H 343 -40.95 42.20 12.38
CA ARG H 343 -40.49 42.83 13.61
C ARG H 343 -40.20 44.30 13.35
N ILE H 344 -40.49 45.14 14.33
CA ILE H 344 -40.18 46.56 14.24
C ILE H 344 -38.97 46.85 15.12
N PRO H 345 -37.78 47.03 14.54
CA PRO H 345 -36.58 47.22 15.35
C PRO H 345 -36.59 48.55 16.07
N TYR H 346 -35.87 48.59 17.19
CA TYR H 346 -35.75 49.81 17.98
C TYR H 346 -34.67 50.70 17.36
N VAL H 347 -35.06 51.90 16.94
CA VAL H 347 -34.15 52.86 16.33
C VAL H 347 -33.39 52.24 15.15
N LYS H 351 -35.84 58.44 15.42
CA LYS H 351 -37.09 58.50 14.68
C LYS H 351 -36.90 58.07 13.23
N ALA H 352 -35.87 57.26 12.99
CA ALA H 352 -35.67 56.63 11.68
C ALA H 352 -36.22 55.21 11.69
N ARG H 353 -37.54 55.13 11.85
CA ARG H 353 -38.20 53.84 12.01
C ARG H 353 -38.22 53.08 10.68
N ARG H 354 -38.35 51.76 10.79
CA ARG H 354 -38.45 50.88 9.65
C ARG H 354 -39.14 49.61 10.09
N ILE H 355 -39.60 48.81 9.13
CA ILE H 355 -40.27 47.55 9.44
C ILE H 355 -39.45 46.41 8.85
N GLU H 356 -39.21 45.38 9.66
CA GLU H 356 -38.37 44.26 9.24
C GLU H 356 -39.24 43.04 8.97
N ALA H 357 -39.08 42.47 7.78
CA ALA H 357 -39.71 41.22 7.39
C ALA H 357 -38.66 40.12 7.36
N ARG H 358 -38.94 39.01 8.04
CA ARG H 358 -37.95 37.96 8.25
C ARG H 358 -38.15 36.72 7.39
N PHE H 359 -39.27 36.60 6.69
CA PHE H 359 -39.49 35.43 5.84
C PHE H 359 -38.58 35.34 4.61
N PRO H 360 -38.08 36.44 4.04
CA PRO H 360 -37.17 36.30 2.89
C PRO H 360 -35.93 35.51 3.24
N ASP H 361 -35.20 35.11 2.21
CA ASP H 361 -33.96 34.37 2.35
C ASP H 361 -33.01 34.76 1.23
N PRO H 362 -31.71 34.49 1.39
CA PRO H 362 -30.75 34.85 0.34
C PRO H 362 -30.99 34.16 -1.00
N SER H 363 -31.82 33.13 -1.06
CA SER H 363 -32.15 32.51 -2.34
C SER H 363 -33.03 33.40 -3.20
N ALA H 364 -33.55 34.49 -2.66
CA ALA H 364 -34.42 35.37 -3.43
C ALA H 364 -33.64 36.14 -4.48
N ASN H 365 -34.36 36.61 -5.49
CA ASN H 365 -33.81 37.56 -6.43
C ASN H 365 -33.96 38.96 -5.85
N PRO H 366 -32.87 39.66 -5.54
CA PRO H 366 -33.00 40.92 -4.79
C PRO H 366 -33.91 41.93 -5.45
N TYR H 367 -33.82 42.08 -6.77
CA TYR H 367 -34.70 43.00 -7.46
C TYR H 367 -36.15 42.56 -7.36
N LEU H 368 -36.42 41.30 -7.70
CA LEU H 368 -37.79 40.80 -7.68
C LEU H 368 -38.36 40.77 -6.27
N ALA H 369 -37.58 40.30 -5.30
CA ALA H 369 -38.07 40.24 -3.92
C ALA H 369 -38.32 41.64 -3.36
N PHE H 370 -37.40 42.58 -3.61
CA PHE H 370 -37.59 43.94 -3.14
C PHE H 370 -38.81 44.58 -3.78
N ALA H 371 -38.98 44.39 -5.09
CA ALA H 371 -40.14 44.94 -5.78
C ALA H 371 -41.43 44.33 -5.25
N ALA H 372 -41.43 43.02 -4.99
CA ALA H 372 -42.63 42.37 -4.48
C ALA H 372 -42.99 42.90 -3.10
N LEU H 373 -42.01 43.05 -2.22
CA LEU H 373 -42.29 43.58 -0.90
C LEU H 373 -42.80 45.01 -0.98
N LEU H 374 -42.17 45.84 -1.84
CA LEU H 374 -42.62 47.22 -1.99
C LEU H 374 -44.03 47.28 -2.54
N MET H 375 -44.34 46.44 -3.53
CA MET H 375 -45.68 46.45 -4.11
C MET H 375 -46.72 46.00 -3.09
N ALA H 376 -46.40 44.98 -2.29
CA ALA H 376 -47.33 44.55 -1.25
C ALA H 376 -47.58 45.66 -0.24
N GLY H 377 -46.52 46.34 0.18
CA GLY H 377 -46.69 47.44 1.11
C GLY H 377 -47.51 48.57 0.53
N LEU H 378 -47.26 48.91 -0.73
CA LEU H 378 -48.01 49.98 -1.38
C LEU H 378 -49.48 49.61 -1.53
N ASP H 379 -49.76 48.36 -1.88
CA ASP H 379 -51.14 47.91 -1.97
C ASP H 379 -51.83 48.01 -0.62
N GLY H 380 -51.14 47.59 0.45
CA GLY H 380 -51.71 47.72 1.79
C GLY H 380 -51.97 49.16 2.17
N ILE H 381 -51.04 50.06 1.83
CA ILE H 381 -51.22 51.47 2.16
C ILE H 381 -52.41 52.05 1.41
N GLN H 382 -52.50 51.78 0.10
CA GLN H 382 -53.57 52.33 -0.71
C GLN H 382 -54.93 51.79 -0.30
N ASN H 383 -55.01 50.49 -0.03
CA ASN H 383 -56.28 49.89 0.35
C ASN H 383 -56.59 50.05 1.84
N LYS H 384 -55.69 50.67 2.61
CA LYS H 384 -55.88 50.90 4.03
C LYS H 384 -56.14 49.60 4.78
N ILE H 385 -55.27 48.62 4.57
CA ILE H 385 -55.38 47.33 5.22
C ILE H 385 -54.85 47.47 6.65
N HIS H 386 -55.72 47.24 7.63
CA HIS H 386 -55.34 47.33 9.03
C HIS H 386 -55.02 45.94 9.55
N PRO H 387 -53.78 45.65 9.94
CA PRO H 387 -53.45 44.31 10.43
C PRO H 387 -53.86 44.06 11.87
N GLY H 388 -54.56 45.00 12.51
CA GLY H 388 -55.04 44.80 13.85
C GLY H 388 -53.93 44.92 14.88
N ASP H 389 -54.23 44.41 16.08
CA ASP H 389 -53.28 44.47 17.18
C ASP H 389 -52.14 43.49 16.96
N ALA H 390 -50.99 43.81 17.55
CA ALA H 390 -49.82 42.95 17.44
C ALA H 390 -50.00 41.68 18.24
N ALA H 391 -49.26 40.65 17.86
CA ALA H 391 -49.33 39.35 18.52
C ALA H 391 -48.03 39.04 19.25
N ILE H 406 -54.47 32.82 12.47
CA ILE H 406 -53.35 33.71 12.16
C ILE H 406 -52.65 33.22 10.90
N PRO H 407 -52.55 34.10 9.90
CA PRO H 407 -51.94 33.70 8.61
C PRO H 407 -50.50 33.25 8.78
N GLN H 408 -50.11 32.25 7.99
CA GLN H 408 -48.77 31.72 8.00
C GLN H 408 -48.26 31.62 6.57
N VAL H 409 -46.93 31.52 6.45
CA VAL H 409 -46.28 31.48 5.13
C VAL H 409 -46.58 30.16 4.45
N CYS H 410 -46.27 30.09 3.15
CA CYS H 410 -46.61 28.91 2.36
C CYS H 410 -45.85 27.68 2.82
N GLY H 411 -46.52 26.53 2.77
CA GLY H 411 -45.89 25.30 3.23
C GLY H 411 -44.71 24.87 2.39
N SER H 412 -44.86 24.94 1.07
CA SER H 412 -43.81 24.54 0.15
C SER H 412 -43.85 25.45 -1.07
N LEU H 413 -42.97 25.17 -2.04
CA LEU H 413 -42.93 26.00 -3.23
C LEU H 413 -44.23 25.92 -4.02
N LYS H 414 -44.92 24.77 -3.97
CA LYS H 414 -46.16 24.63 -4.71
C LYS H 414 -47.21 25.62 -4.23
N GLU H 415 -47.40 25.71 -2.92
CA GLU H 415 -48.41 26.63 -2.40
C GLU H 415 -48.05 28.07 -2.72
N ALA H 416 -46.77 28.41 -2.62
CA ALA H 416 -46.35 29.77 -2.97
C ALA H 416 -46.61 30.08 -4.43
N LEU H 417 -46.33 29.13 -5.32
CA LEU H 417 -46.57 29.35 -6.75
C LEU H 417 -48.06 29.49 -7.03
N GLU H 418 -48.91 28.66 -6.40
CA GLU H 418 -50.34 28.79 -6.60
C GLU H 418 -50.86 30.13 -6.10
N GLU H 419 -50.39 30.57 -4.93
CA GLU H 419 -50.84 31.85 -4.40
C GLU H 419 -50.35 33.00 -5.27
N LEU H 420 -49.13 32.91 -5.79
CA LEU H 420 -48.63 33.93 -6.71
C LEU H 420 -49.47 33.96 -7.97
N ASP H 421 -49.82 32.80 -8.50
CA ASP H 421 -50.63 32.74 -9.72
C ASP H 421 -52.02 33.34 -9.49
N LYS H 422 -52.65 33.02 -8.38
CA LYS H 422 -54.03 33.44 -8.12
C LYS H 422 -54.12 34.71 -7.31
N GLY H 423 -53.01 35.33 -6.95
CA GLY H 423 -53.04 36.56 -6.17
C GLY H 423 -52.04 37.60 -6.61
N ARG H 424 -51.73 37.63 -7.89
CA ARG H 424 -50.67 38.48 -8.42
C ARG H 424 -51.14 39.89 -8.74
N ALA H 425 -52.40 40.23 -8.46
CA ALA H 425 -52.93 41.53 -8.87
C ALA H 425 -52.09 42.68 -8.34
N PHE H 426 -51.75 42.62 -7.05
CA PHE H 426 -50.97 43.70 -6.44
C PHE H 426 -49.61 43.88 -7.13
N LEU H 427 -49.08 42.81 -7.72
CA LEU H 427 -47.82 42.94 -8.43
C LEU H 427 -48.00 43.67 -9.76
N THR H 428 -49.13 43.44 -10.43
CA THR H 428 -49.33 44.01 -11.76
C THR H 428 -49.86 45.43 -11.72
N LYS H 429 -50.25 45.94 -10.56
CA LYS H 429 -50.75 47.30 -10.48
C LYS H 429 -49.68 48.30 -10.91
N GLY H 430 -50.05 49.20 -11.79
CA GLY H 430 -49.11 50.15 -12.36
C GLY H 430 -48.23 49.59 -13.45
N GLY H 431 -48.41 48.32 -13.82
CA GLY H 431 -47.62 47.70 -14.86
C GLY H 431 -46.22 47.29 -14.45
N VAL H 432 -45.93 47.25 -13.14
CA VAL H 432 -44.59 46.89 -12.70
C VAL H 432 -44.30 45.43 -13.02
N PHE H 433 -45.22 44.53 -12.69
CA PHE H 433 -45.07 43.10 -12.93
C PHE H 433 -46.02 42.71 -14.06
N SER H 434 -45.48 42.49 -15.25
CA SER H 434 -46.31 42.07 -16.36
C SER H 434 -46.79 40.64 -16.16
N ASP H 435 -47.99 40.34 -16.64
CA ASP H 435 -48.55 39.01 -16.50
C ASP H 435 -47.71 37.98 -17.24
N ASP H 436 -47.16 38.35 -18.39
CA ASP H 436 -46.30 37.44 -19.14
C ASP H 436 -45.05 37.08 -18.34
N PHE H 437 -44.43 38.08 -17.70
CA PHE H 437 -43.24 37.80 -16.90
C PHE H 437 -43.58 36.90 -15.72
N ILE H 438 -44.72 37.14 -15.07
CA ILE H 438 -45.11 36.31 -13.95
C ILE H 438 -45.37 34.88 -14.40
N ASP H 439 -45.98 34.71 -15.58
CA ASP H 439 -46.21 33.37 -16.11
C ASP H 439 -44.90 32.66 -16.40
N ALA H 440 -43.95 33.36 -17.01
CA ALA H 440 -42.65 32.75 -17.30
C ALA H 440 -41.92 32.37 -16.01
N TYR H 441 -41.96 33.25 -15.02
CA TYR H 441 -41.36 32.97 -13.72
C TYR H 441 -42.01 31.78 -13.05
N LEU H 442 -43.35 31.71 -13.11
CA LEU H 442 -44.07 30.60 -12.52
C LEU H 442 -43.71 29.29 -13.21
N GLU H 443 -43.60 29.31 -14.54
CA GLU H 443 -43.25 28.09 -15.26
C GLU H 443 -41.84 27.63 -14.90
N LEU H 444 -40.89 28.57 -14.82
CA LEU H 444 -39.52 28.21 -14.46
C LEU H 444 -39.46 27.65 -13.04
N LYS H 445 -40.11 28.31 -12.08
CA LYS H 445 -40.10 27.84 -10.72
C LYS H 445 -40.83 26.50 -10.57
N SER H 446 -41.90 26.30 -11.35
CA SER H 446 -42.60 25.03 -11.33
C SER H 446 -41.74 23.91 -11.90
N GLU H 447 -40.95 24.22 -12.93
CA GLU H 447 -40.01 23.22 -13.43
C GLU H 447 -39.00 22.86 -12.36
N GLU H 448 -38.47 23.87 -11.66
CA GLU H 448 -37.54 23.61 -10.57
C GLU H 448 -38.15 22.73 -9.50
N GLU H 449 -39.37 23.09 -9.06
CA GLU H 449 -40.03 22.35 -8.00
C GLU H 449 -40.34 20.93 -8.43
N ILE H 450 -40.79 20.74 -9.67
CA ILE H 450 -41.08 19.40 -10.16
C ILE H 450 -39.83 18.55 -10.18
N LYS H 451 -38.73 19.11 -10.68
CA LYS H 451 -37.49 18.32 -10.75
C LYS H 451 -36.99 17.98 -9.36
N VAL H 452 -37.19 18.88 -8.39
CA VAL H 452 -36.79 18.58 -7.02
C VAL H 452 -37.70 17.52 -6.40
N ARG H 453 -39.01 17.62 -6.65
CA ARG H 453 -39.98 16.86 -5.87
C ARG H 453 -39.98 15.37 -6.21
N THR H 454 -39.92 15.04 -7.51
CA THR H 454 -40.08 13.65 -7.93
C THR H 454 -38.79 12.84 -7.81
N PHE H 455 -37.82 13.29 -7.04
CA PHE H 455 -36.60 12.54 -6.81
C PHE H 455 -36.67 11.85 -5.46
N VAL H 456 -36.09 10.65 -5.38
CA VAL H 456 -36.17 9.85 -4.15
C VAL H 456 -35.26 10.46 -3.09
N HIS H 457 -35.86 10.83 -1.97
CA HIS H 457 -35.10 11.34 -0.83
C HIS H 457 -34.42 10.20 -0.09
N PRO H 458 -33.23 10.41 0.44
CA PRO H 458 -32.62 9.38 1.31
C PRO H 458 -33.47 9.05 2.52
N LEU H 459 -34.23 10.02 3.04
CA LEU H 459 -35.10 9.73 4.17
C LEU H 459 -36.20 8.76 3.80
N GLU H 460 -36.61 8.72 2.53
CA GLU H 460 -37.53 7.68 2.10
C GLU H 460 -36.90 6.31 2.28
N TYR H 461 -35.61 6.18 1.96
CA TYR H 461 -34.91 4.93 2.20
C TYR H 461 -34.78 4.64 3.68
N ASP H 462 -34.60 5.68 4.51
CA ASP H 462 -34.56 5.49 5.95
C ASP H 462 -35.88 4.93 6.46
N LEU H 463 -37.00 5.43 5.96
CA LEU H 463 -38.30 5.14 6.54
C LEU H 463 -38.96 3.89 5.95
N TYR H 464 -38.93 3.73 4.63
CA TYR H 464 -39.77 2.77 3.95
C TYR H 464 -39.01 1.62 3.30
N TYR H 465 -37.70 1.51 3.51
CA TYR H 465 -36.97 0.43 2.87
C TYR H 465 -37.42 -0.94 3.38
N SER H 466 -37.59 -1.07 4.70
CA SER H 466 -38.00 -2.33 5.30
C SER H 466 -39.51 -2.46 5.43
N VAL H 467 -40.27 -1.43 5.08
CA VAL H 467 -41.72 -1.45 5.23
C VAL H 467 -42.39 -1.51 3.86
N SER I 2 -13.16 57.55 26.01
CA SER I 2 -12.20 58.49 25.44
C SER I 2 -10.93 57.77 25.00
N LYS I 3 -10.50 56.79 25.80
CA LYS I 3 -9.31 56.03 25.45
C LYS I 3 -9.49 55.25 24.15
N SER I 4 -10.72 54.86 23.84
CA SER I 4 -10.98 54.16 22.59
C SER I 4 -10.62 55.04 21.40
N LEU I 5 -11.06 56.29 21.42
CA LEU I 5 -10.75 57.21 20.33
C LEU I 5 -9.25 57.48 20.25
N GLN I 6 -8.61 57.64 21.40
CA GLN I 6 -7.16 57.86 21.41
C GLN I 6 -6.45 56.68 20.76
N LEU I 7 -6.84 55.46 21.11
CA LEU I 7 -6.23 54.27 20.53
C LEU I 7 -6.49 54.20 19.03
N ILE I 8 -7.71 54.57 18.60
CA ILE I 8 -8.04 54.53 17.18
C ILE I 8 -7.18 55.49 16.40
N LYS I 9 -7.02 56.72 16.90
CA LYS I 9 -6.19 57.69 16.19
C LYS I 9 -4.71 57.33 16.25
N GLU I 10 -4.27 56.72 17.36
CA GLU I 10 -2.85 56.42 17.51
C GLU I 10 -2.42 55.24 16.65
N HIS I 11 -3.23 54.19 16.57
CA HIS I 11 -2.82 52.95 15.91
C HIS I 11 -3.53 52.72 14.59
N ASP I 12 -4.30 53.69 14.10
CA ASP I 12 -5.05 53.55 12.85
C ASP I 12 -5.94 52.31 12.90
N VAL I 13 -6.87 52.34 13.86
CA VAL I 13 -7.74 51.20 14.10
C VAL I 13 -8.76 51.09 12.97
N LYS I 14 -8.96 49.89 12.46
CA LYS I 14 -9.92 49.63 11.39
C LYS I 14 -11.20 48.98 11.90
N TRP I 15 -11.12 48.16 12.95
CA TRP I 15 -12.27 47.43 13.46
C TRP I 15 -12.37 47.61 14.97
N ILE I 16 -13.60 47.56 15.47
CA ILE I 16 -13.87 47.58 16.90
C ILE I 16 -14.57 46.28 17.25
N ASP I 17 -14.05 45.60 18.27
CA ASP I 17 -14.53 44.28 18.67
C ASP I 17 -15.25 44.44 20.01
N LEU I 18 -16.57 44.57 19.96
CA LEU I 18 -17.37 44.69 21.16
C LEU I 18 -17.61 43.31 21.75
N ARG I 19 -17.16 43.10 22.98
CA ARG I 19 -17.19 41.76 23.57
C ARG I 19 -17.85 41.76 24.93
N PHE I 20 -18.33 40.58 25.30
CA PHE I 20 -18.93 40.33 26.60
C PHE I 20 -18.78 38.85 26.90
N THR I 21 -19.37 38.40 28.00
CA THR I 21 -19.30 36.99 28.40
C THR I 21 -20.69 36.49 28.74
N ASP I 22 -21.04 35.33 28.19
CA ASP I 22 -22.33 34.71 28.47
C ASP I 22 -22.31 34.11 29.87
N THR I 23 -23.47 33.58 30.29
CA THR I 23 -23.55 32.95 31.60
C THR I 23 -22.67 31.70 31.69
N LYS I 24 -22.38 31.07 30.56
CA LYS I 24 -21.52 29.88 30.58
C LYS I 24 -20.06 30.24 30.84
N GLY I 25 -19.63 31.44 30.43
CA GLY I 25 -18.26 31.83 30.63
C GLY I 25 -17.40 31.75 29.38
N LYS I 26 -17.93 32.22 28.26
CA LYS I 26 -17.20 32.21 26.99
C LYS I 26 -17.23 33.60 26.38
N GLN I 27 -16.19 33.91 25.60
CA GLN I 27 -16.13 35.19 24.90
C GLN I 27 -17.24 35.28 23.87
N GLN I 28 -17.86 36.46 23.79
CA GLN I 28 -18.85 36.75 22.75
C GLN I 28 -18.45 38.09 22.14
N HIS I 29 -18.01 38.05 20.89
CA HIS I 29 -17.43 39.20 20.22
C HIS I 29 -18.19 39.51 18.94
N VAL I 30 -18.49 40.79 18.75
CA VAL I 30 -19.15 41.30 17.55
C VAL I 30 -18.29 42.41 16.98
N THR I 31 -17.94 42.29 15.70
CA THR I 31 -16.97 43.19 15.08
C THR I 31 -17.66 44.19 14.18
N MET I 32 -17.27 45.45 14.30
CA MET I 32 -17.87 46.55 13.57
C MET I 32 -16.76 47.44 13.03
N PRO I 33 -17.06 48.28 12.04
CA PRO I 33 -16.03 49.20 11.55
C PRO I 33 -15.68 50.27 12.58
N ALA I 34 -14.43 50.71 12.53
CA ALA I 34 -13.98 51.76 13.44
C ALA I 34 -14.49 53.14 13.05
N ARG I 35 -15.06 53.29 11.86
CA ARG I 35 -15.60 54.57 11.41
C ARG I 35 -16.93 54.90 12.06
N ASP I 36 -17.54 53.95 12.77
CA ASP I 36 -18.83 54.18 13.42
C ASP I 36 -18.69 54.54 14.89
N VAL I 37 -17.47 54.81 15.36
CA VAL I 37 -17.24 55.20 16.74
C VAL I 37 -17.46 56.70 16.87
N ASP I 38 -18.37 57.10 17.75
CA ASP I 38 -18.65 58.50 17.99
C ASP I 38 -19.22 58.62 19.41
N ASP I 39 -19.65 59.84 19.76
CA ASP I 39 -20.28 60.03 21.06
C ASP I 39 -21.59 59.26 21.16
N ASP I 40 -22.33 59.15 20.06
CA ASP I 40 -23.54 58.34 20.06
C ASP I 40 -23.23 56.87 20.26
N PHE I 41 -22.09 56.40 19.72
CA PHE I 41 -21.72 55.01 19.88
C PHE I 41 -21.50 54.66 21.35
N PHE I 42 -20.83 55.55 22.09
CA PHE I 42 -20.62 55.30 23.51
C PHE I 42 -21.87 55.59 24.34
N GLU I 43 -22.75 56.46 23.84
CA GLU I 43 -23.96 56.76 24.58
C GLU I 43 -24.98 55.63 24.49
N TYR I 44 -25.11 55.01 23.32
CA TYR I 44 -26.13 54.00 23.10
C TYR I 44 -25.54 52.63 22.78
N GLY I 45 -24.66 52.53 21.80
CA GLY I 45 -23.98 51.29 21.51
C GLY I 45 -24.78 50.37 20.61
N LYS I 46 -24.10 49.36 20.08
CA LYS I 46 -24.73 48.39 19.20
C LYS I 46 -25.78 47.59 19.94
N MET I 47 -26.80 47.14 19.21
CA MET I 47 -27.88 46.35 19.76
C MET I 47 -27.90 44.99 19.08
N PHE I 48 -27.88 43.93 19.89
CA PHE I 48 -27.85 42.56 19.40
C PHE I 48 -28.96 41.75 20.06
N ASP I 49 -29.27 40.61 19.48
CA ASP I 49 -30.34 39.76 19.98
C ASP I 49 -29.80 38.78 21.03
N GLY I 50 -30.52 38.65 22.14
CA GLY I 50 -30.15 37.74 23.20
C GLY I 50 -30.92 36.45 23.24
N SER I 51 -31.64 36.09 22.17
CA SER I 51 -32.41 34.85 22.17
C SER I 51 -31.49 33.64 22.19
N SER I 52 -30.34 33.72 21.55
CA SER I 52 -29.40 32.61 21.48
C SER I 52 -28.42 32.59 22.64
N ILE I 53 -28.55 33.49 23.60
CA ILE I 53 -27.63 33.55 24.74
C ILE I 53 -28.39 33.29 26.04
N MET I 64 -31.01 43.24 22.71
CA MET I 64 -30.80 44.16 23.81
C MET I 64 -29.55 44.99 23.59
N ILE I 65 -29.49 46.16 24.24
CA ILE I 65 -28.39 47.09 24.06
C ILE I 65 -27.10 46.47 24.57
N LEU I 66 -26.05 46.52 23.77
CA LEU I 66 -24.74 46.01 24.17
C LEU I 66 -23.93 47.10 24.83
N THR I 72 -11.64 50.20 28.78
CA THR I 72 -11.12 48.86 28.61
C THR I 72 -10.62 48.64 27.19
N ALA I 73 -10.56 49.72 26.41
CA ALA I 73 -10.07 49.64 25.04
C ALA I 73 -8.64 49.13 25.02
N VAL I 74 -8.37 48.19 24.11
CA VAL I 74 -7.06 47.54 24.06
C VAL I 74 -6.87 46.95 22.67
N LEU I 75 -5.64 47.01 22.18
CA LEU I 75 -5.34 46.53 20.83
C LEU I 75 -5.33 45.00 20.79
N ASP I 76 -5.26 44.47 19.58
CA ASP I 76 -5.31 43.03 19.32
C ASP I 76 -4.08 42.63 18.52
N PRO I 77 -3.28 41.67 18.99
CA PRO I 77 -2.08 41.25 18.25
C PRO I 77 -2.27 40.07 17.32
N PHE I 78 -3.42 39.40 17.35
CA PHE I 78 -3.65 38.24 16.50
C PHE I 78 -4.23 38.61 15.14
N THR I 79 -5.14 39.58 15.11
CA THR I 79 -5.72 40.03 13.86
C THR I 79 -4.64 40.68 12.98
N GLU I 80 -4.68 40.38 11.69
CA GLU I 80 -3.69 40.95 10.78
C GLU I 80 -3.84 42.47 10.67
N GLU I 81 -5.06 42.95 10.58
CA GLU I 81 -5.15 44.40 10.58
C GLU I 81 -5.59 44.90 11.95
N PRO I 82 -5.13 46.08 12.35
CA PRO I 82 -5.37 46.53 13.73
C PRO I 82 -6.85 46.65 14.05
N THR I 83 -7.23 46.11 15.22
CA THR I 83 -8.57 46.26 15.74
C THR I 83 -8.48 46.50 17.24
N LEU I 84 -9.50 47.16 17.78
CA LEU I 84 -9.52 47.58 19.17
C LEU I 84 -10.60 46.81 19.91
N ILE I 85 -10.20 46.14 20.98
CA ILE I 85 -11.12 45.31 21.76
C ILE I 85 -11.74 46.16 22.85
N ILE I 86 -13.07 46.19 22.90
CA ILE I 86 -13.79 46.93 23.93
C ILE I 86 -14.77 45.98 24.59
N VAL I 87 -14.67 45.84 25.92
CA VAL I 87 -15.58 45.01 26.67
C VAL I 87 -16.75 45.88 27.14
N CYS I 88 -17.94 45.57 26.67
CA CYS I 88 -19.13 46.36 26.95
C CYS I 88 -20.11 45.56 27.80
N ASP I 89 -20.52 46.12 28.93
CA ASP I 89 -21.54 45.48 29.74
C ASP I 89 -22.90 45.56 29.03
N ILE I 90 -23.71 44.53 29.25
CA ILE I 90 -25.01 44.45 28.59
C ILE I 90 -26.01 45.28 29.37
N ILE I 91 -26.75 46.14 28.66
CA ILE I 91 -27.76 47.00 29.26
C ILE I 91 -29.11 46.65 28.66
N GLU I 92 -30.10 46.41 29.51
CA GLU I 92 -31.44 46.13 29.03
C GLU I 92 -32.15 47.42 28.68
N PRO I 93 -32.60 47.61 27.43
CA PRO I 93 -33.24 48.89 27.07
C PRO I 93 -34.58 49.12 27.74
N SER I 94 -35.25 48.06 28.21
CA SER I 94 -36.59 48.22 28.74
C SER I 94 -36.60 49.00 30.05
N THR I 95 -35.75 48.64 30.99
CA THR I 95 -35.72 49.26 32.30
C THR I 95 -34.66 50.36 32.42
N MET I 96 -33.94 50.68 31.35
CA MET I 96 -32.86 51.66 31.37
C MET I 96 -31.89 51.39 32.51
N GLN I 97 -31.51 50.12 32.66
CA GLN I 97 -30.60 49.70 33.72
C GLN I 97 -29.77 48.54 33.22
N GLY I 98 -28.68 48.25 33.95
CA GLY I 98 -27.84 47.14 33.58
C GLY I 98 -28.59 45.82 33.62
N TYR I 99 -28.22 44.92 32.70
CA TYR I 99 -28.93 43.67 32.55
C TYR I 99 -28.74 42.79 33.78
N ASP I 100 -29.79 42.05 34.13
CA ASP I 100 -29.78 41.27 35.37
C ASP I 100 -28.85 40.07 35.29
N ARG I 101 -28.83 39.37 34.15
CA ARG I 101 -28.13 38.10 34.03
C ARG I 101 -26.73 38.23 33.43
N ASP I 102 -26.24 39.44 33.27
CA ASP I 102 -24.91 39.60 32.71
C ASP I 102 -23.86 39.49 33.81
N PRO I 103 -22.85 38.62 33.65
CA PRO I 103 -21.86 38.44 34.72
C PRO I 103 -21.14 39.72 35.12
N ARG I 104 -20.81 40.59 34.16
CA ARG I 104 -20.12 41.84 34.48
C ARG I 104 -20.99 42.74 35.35
N ALA I 105 -22.29 42.79 35.07
CA ALA I 105 -23.20 43.57 35.91
C ALA I 105 -23.24 43.02 37.32
N ILE I 106 -23.23 41.69 37.46
CA ILE I 106 -23.20 41.08 38.79
C ILE I 106 -21.93 41.45 39.53
N ALA I 107 -20.78 41.41 38.84
CA ALA I 107 -19.52 41.77 39.47
C ALA I 107 -19.52 43.23 39.89
N ARG I 108 -20.04 44.12 39.05
CA ARG I 108 -20.12 45.53 39.40
C ARG I 108 -21.03 45.74 40.61
N ARG I 109 -22.16 45.04 40.65
CA ARG I 109 -23.03 45.14 41.81
C ARG I 109 -22.35 44.62 43.06
N ALA I 110 -21.54 43.57 42.94
CA ALA I 110 -20.81 43.06 44.08
C ALA I 110 -19.79 44.09 44.59
N GLU I 111 -19.07 44.73 43.68
CA GLU I 111 -18.13 45.77 44.08
C GLU I 111 -18.84 46.92 44.78
N GLU I 112 -19.98 47.36 44.22
CA GLU I 112 -20.71 48.47 44.82
C GLU I 112 -21.29 48.10 46.17
N TYR I 113 -21.75 46.86 46.32
CA TYR I 113 -22.24 46.39 47.62
C TYR I 113 -21.10 46.34 48.64
N LEU I 114 -19.93 45.89 48.22
CA LEU I 114 -18.78 45.90 49.12
C LEU I 114 -18.44 47.31 49.58
N LYS I 115 -18.47 48.27 48.65
CA LYS I 115 -18.23 49.65 49.04
C LYS I 115 -19.31 50.19 49.96
N SER I 116 -20.57 49.78 49.73
CA SER I 116 -21.67 50.29 50.56
C SER I 116 -21.62 49.71 51.97
N THR I 117 -21.20 48.45 52.12
CA THR I 117 -21.21 47.81 53.43
C THR I 117 -20.24 48.47 54.41
N GLY I 118 -19.25 49.19 53.92
CA GLY I 118 -18.27 49.80 54.79
C GLY I 118 -17.17 48.89 55.26
N ILE I 119 -17.20 47.61 54.85
CA ILE I 119 -16.11 46.70 55.20
C ILE I 119 -14.82 47.14 54.54
N GLY I 120 -14.89 47.58 53.29
CA GLY I 120 -13.72 48.02 52.57
C GLY I 120 -14.10 48.47 51.18
N ASP I 121 -13.07 48.86 50.42
CA ASP I 121 -13.23 49.27 49.04
C ASP I 121 -12.21 48.55 48.18
N THR I 122 -12.60 48.23 46.94
CA THR I 122 -11.71 47.68 45.92
C THR I 122 -11.03 46.40 46.41
N ALA I 123 -11.85 45.37 46.59
CA ALA I 123 -11.33 44.05 46.87
C ALA I 123 -10.44 43.58 45.73
N PHE I 124 -9.27 43.06 46.07
CA PHE I 124 -8.26 42.69 45.09
C PHE I 124 -8.25 41.18 44.90
N PHE I 125 -8.38 40.76 43.65
CA PHE I 125 -8.39 39.34 43.28
C PHE I 125 -7.19 39.06 42.38
N GLY I 126 -6.40 38.06 42.76
CA GLY I 126 -5.36 37.56 41.88
C GLY I 126 -5.53 36.08 41.63
N PRO I 127 -5.93 35.72 40.42
CA PRO I 127 -6.11 34.31 40.11
C PRO I 127 -4.91 33.69 39.41
N GLU I 128 -4.63 32.44 39.74
CA GLU I 128 -3.64 31.62 39.07
C GLU I 128 -4.40 30.44 38.45
N PRO I 129 -4.83 30.57 37.19
CA PRO I 129 -5.40 29.42 36.48
C PRO I 129 -4.36 28.65 35.69
N GLU I 130 -4.30 27.34 35.90
CA GLU I 130 -3.41 26.47 35.15
C GLU I 130 -4.16 25.86 33.98
N PHE I 131 -3.47 25.67 32.86
CA PHE I 131 -4.12 25.19 31.65
C PHE I 131 -3.30 24.06 31.04
N PHE I 132 -3.88 23.41 30.03
CA PHE I 132 -3.24 22.30 29.33
C PHE I 132 -3.05 22.67 27.88
N ILE I 133 -1.90 22.32 27.32
CA ILE I 133 -1.57 22.62 25.92
C ILE I 133 -1.40 21.29 25.20
N PHE I 134 -2.49 20.80 24.61
CA PHE I 134 -2.46 19.57 23.85
C PHE I 134 -2.17 19.87 22.38
N ASP I 135 -1.76 18.83 21.66
CA ASP I 135 -1.52 18.98 20.23
C ASP I 135 -2.78 18.74 19.42
N GLU I 136 -3.45 17.61 19.63
CA GLU I 136 -4.69 17.30 18.94
C GLU I 136 -5.70 16.77 19.95
N VAL I 137 -6.97 16.85 19.58
CA VAL I 137 -8.06 16.38 20.43
C VAL I 137 -9.12 15.74 19.55
N LYS I 138 -9.58 14.56 19.93
CA LYS I 138 -10.61 13.84 19.17
C LYS I 138 -11.62 13.27 20.16
N TYR I 139 -12.79 13.87 20.22
CA TYR I 139 -13.88 13.39 21.06
C TYR I 139 -15.14 13.23 20.23
N LYS I 140 -16.02 12.36 20.72
CA LYS I 140 -17.33 12.13 20.12
C LYS I 140 -18.17 11.35 21.11
N SER I 141 -19.49 11.47 20.98
CA SER I 141 -20.39 10.81 21.91
C SER I 141 -21.76 10.68 21.27
N ASP I 142 -22.19 9.43 21.05
CA ASP I 142 -23.49 9.15 20.45
C ASP I 142 -23.86 7.71 20.77
N ILE I 143 -24.95 7.24 20.18
CA ILE I 143 -25.40 5.88 20.43
C ILE I 143 -24.33 4.86 20.08
N SER I 144 -23.48 5.17 19.10
CA SER I 144 -22.43 4.24 18.70
C SER I 144 -21.30 4.15 19.71
N GLY I 145 -21.16 5.12 20.60
CA GLY I 145 -20.13 5.06 21.60
C GLY I 145 -19.59 6.45 21.94
N SER I 146 -18.54 6.47 22.74
CA SER I 146 -17.88 7.69 23.18
C SER I 146 -16.38 7.54 23.06
N MET I 147 -15.74 8.56 22.49
CA MET I 147 -14.29 8.61 22.31
C MET I 147 -13.76 9.92 22.88
N PHE I 148 -12.67 9.82 23.63
CA PHE I 148 -12.09 10.93 24.38
C PHE I 148 -10.57 10.89 24.25
N LYS I 149 -10.07 10.79 23.02
CA LYS I 149 -8.63 10.68 22.80
C LYS I 149 -7.99 12.05 22.72
N ILE I 150 -6.78 12.18 23.27
CA ILE I 150 -6.00 13.39 23.16
C ILE I 150 -4.60 13.03 22.67
N PHE I 151 -3.96 13.99 22.02
CA PHE I 151 -2.66 13.79 21.41
C PHE I 151 -1.72 14.89 21.87
N SER I 152 -0.56 14.50 22.40
CA SER I 152 0.44 15.46 22.84
C SER I 152 1.81 14.81 22.71
N GLU I 153 2.74 15.51 22.06
CA GLU I 153 4.07 14.95 21.85
C GLU I 153 4.82 14.79 23.17
N GLN I 154 4.64 15.74 24.09
CA GLN I 154 5.33 15.72 25.37
C GLN I 154 4.65 14.85 26.41
N ALA I 155 3.49 14.27 26.10
CA ALA I 155 2.79 13.44 27.07
C ALA I 155 3.61 12.19 27.37
N ALA I 156 3.60 11.81 28.65
CA ALA I 156 4.44 10.69 29.10
C ALA I 156 4.04 9.37 28.47
N TRP I 157 2.82 9.25 27.96
CA TRP I 157 2.36 8.02 27.33
C TRP I 157 2.76 7.90 25.87
N ASN I 158 3.44 8.91 25.32
CA ASN I 158 3.93 8.87 23.95
C ASN I 158 5.41 8.52 23.87
N THR I 159 5.93 7.81 24.88
CA THR I 159 7.35 7.49 24.91
C THR I 159 7.75 6.53 23.81
N ASP I 160 6.79 5.92 23.11
CA ASP I 160 7.08 5.09 21.94
C ASP I 160 6.40 5.56 20.67
N ALA I 161 5.47 6.51 20.76
CA ALA I 161 4.75 6.94 19.57
C ALA I 161 5.70 7.59 18.58
N ASP I 162 5.47 7.33 17.30
CA ASP I 162 6.31 7.90 16.25
C ASP I 162 5.82 9.29 15.88
N PHE I 163 6.76 10.21 15.73
CA PHE I 163 6.47 11.59 15.38
C PHE I 163 7.32 12.03 14.22
N GLU I 164 6.79 12.96 13.43
CA GLU I 164 7.60 13.61 12.41
C GLU I 164 8.76 14.34 13.09
N GLY I 165 9.96 14.18 12.53
CA GLY I 165 11.15 14.73 13.13
C GLY I 165 11.75 13.89 14.24
N GLY I 166 11.11 12.79 14.60
CA GLY I 166 11.68 11.89 15.58
C GLY I 166 11.04 12.03 16.95
N ASN I 167 11.00 10.91 17.68
CA ASN I 167 10.49 10.89 19.05
C ASN I 167 11.66 11.12 19.99
N LYS I 168 12.07 12.39 20.10
CA LYS I 168 13.15 12.74 21.00
C LYS I 168 12.76 12.38 22.43
N GLY I 169 13.50 11.46 23.03
CA GLY I 169 13.05 10.78 24.23
C GLY I 169 12.91 11.67 25.45
N HIS I 170 13.46 12.88 25.41
CA HIS I 170 13.35 13.77 26.55
C HIS I 170 11.92 14.27 26.67
N ARG I 171 11.29 13.99 27.80
CA ARG I 171 9.86 14.17 27.94
C ARG I 171 9.44 14.02 29.40
N PRO I 172 8.54 14.87 29.90
CA PRO I 172 8.20 14.82 31.32
C PRO I 172 7.38 13.59 31.65
N GLY I 173 7.73 12.96 32.77
CA GLY I 173 7.00 11.81 33.25
C GLY I 173 5.70 12.21 33.94
N VAL I 174 4.93 11.18 34.30
CA VAL I 174 3.65 11.42 34.97
C VAL I 174 3.92 12.08 36.31
N LYS I 175 3.21 13.17 36.59
CA LYS I 175 3.35 13.95 37.82
C LYS I 175 4.78 14.43 38.04
N GLY I 176 5.58 14.49 36.99
CA GLY I 176 6.96 14.90 37.12
C GLY I 176 7.33 16.01 36.18
N GLY I 177 6.32 16.70 35.65
CA GLY I 177 6.55 17.81 34.76
C GLY I 177 6.76 19.14 35.43
N TYR I 178 6.83 19.18 36.76
CA TYR I 178 7.01 20.43 37.49
C TYR I 178 8.47 20.83 37.44
N PHE I 179 8.77 21.83 36.63
CA PHE I 179 10.12 22.40 36.51
C PHE I 179 11.16 21.44 35.95
N PRO I 180 10.85 20.71 34.89
CA PRO I 180 11.90 20.32 33.95
C PRO I 180 12.63 21.53 33.38
N VAL I 181 13.89 21.31 33.04
CA VAL I 181 14.72 22.29 32.33
C VAL I 181 14.26 22.24 30.88
N PRO I 182 14.46 23.28 30.06
CA PRO I 182 13.78 23.39 28.75
C PRO I 182 13.71 22.09 27.93
N PRO I 183 14.83 21.43 27.60
CA PRO I 183 14.72 20.35 26.62
C PRO I 183 13.95 19.13 27.11
N VAL I 184 13.36 19.19 28.30
CA VAL I 184 12.39 18.19 28.74
C VAL I 184 10.96 18.71 28.60
N ASP I 185 10.71 19.97 28.95
CA ASP I 185 9.39 20.57 28.78
C ASP I 185 9.38 21.39 27.49
N HIS I 186 8.51 21.01 26.56
CA HIS I 186 8.52 21.53 25.21
C HIS I 186 7.80 22.87 25.06
N ASP I 187 7.23 23.40 26.15
CA ASP I 187 6.33 24.54 26.06
C ASP I 187 6.96 25.83 26.58
N HIS I 188 8.29 25.94 26.57
CA HIS I 188 8.92 27.17 27.03
C HIS I 188 8.64 28.32 26.07
N GLU I 189 8.87 28.11 24.77
CA GLU I 189 8.70 29.18 23.81
C GLU I 189 7.25 29.60 23.69
N ILE I 190 6.32 28.65 23.73
CA ILE I 190 4.92 29.01 23.61
C ILE I 190 4.44 29.74 24.87
N ARG I 191 5.00 29.39 26.04
CA ARG I 191 4.69 30.17 27.24
C ARG I 191 5.23 31.58 27.13
N THR I 192 6.42 31.74 26.56
CA THR I 192 6.97 33.07 26.32
C THR I 192 6.07 33.87 25.38
N ALA I 193 5.55 33.21 24.35
CA ALA I 193 4.64 33.88 23.41
C ALA I 193 3.34 34.30 24.10
N MET I 194 2.79 33.42 24.94
CA MET I 194 1.59 33.79 25.70
C MET I 194 1.87 34.98 26.61
N CYS I 195 3.03 35.01 27.24
CA CYS I 195 3.38 36.14 28.09
C CYS I 195 3.53 37.42 27.29
N ASN I 196 4.11 37.33 26.09
CA ASN I 196 4.18 38.48 25.21
C ASN I 196 2.79 39.00 24.87
N ALA I 197 1.88 38.10 24.51
CA ALA I 197 0.51 38.50 24.19
C ALA I 197 -0.17 39.13 25.39
N LEU I 198 0.05 38.57 26.58
CA LEU I 198 -0.56 39.12 27.79
C LEU I 198 -0.04 40.51 28.09
N GLU I 199 1.27 40.72 27.91
CA GLU I 199 1.84 42.03 28.14
C GLU I 199 1.40 43.04 27.08
N GLU I 200 1.03 42.56 25.89
CA GLU I 200 0.53 43.48 24.87
C GLU I 200 -0.75 44.16 25.31
N MET I 201 -1.59 43.45 26.08
CA MET I 201 -2.85 44.00 26.56
C MET I 201 -2.81 44.39 28.03
N GLY I 202 -1.71 44.95 28.50
CA GLY I 202 -1.68 45.58 29.79
C GLY I 202 -1.74 44.64 30.97
N LEU I 203 -1.59 43.35 30.74
CA LEU I 203 -1.60 42.36 31.82
C LEU I 203 -0.16 42.17 32.30
N LYS I 204 0.17 42.73 33.45
CA LYS I 204 1.53 42.67 33.98
C LYS I 204 1.80 41.25 34.46
N VAL I 205 2.50 40.47 33.64
CA VAL I 205 2.82 39.09 33.98
C VAL I 205 3.88 39.07 35.08
N GLU I 206 3.72 38.16 36.04
CA GLU I 206 4.72 38.02 37.10
C GLU I 206 5.59 36.78 36.95
N VAL I 207 5.07 35.68 36.40
CA VAL I 207 5.87 34.48 36.23
C VAL I 207 5.18 33.59 35.22
N HIS I 208 5.94 32.66 34.63
CA HIS I 208 5.36 31.62 33.79
C HIS I 208 6.25 30.40 33.88
N HIS I 209 5.64 29.21 33.89
CA HIS I 209 6.41 27.99 34.02
C HIS I 209 5.55 26.79 33.65
N HIS I 210 6.19 25.64 33.53
CA HIS I 210 5.49 24.38 33.40
C HIS I 210 4.84 24.02 34.73
N GLU I 211 3.89 23.11 34.68
CA GLU I 211 3.19 22.66 35.88
C GLU I 211 3.40 21.17 36.08
N VAL I 212 2.81 20.65 37.16
CA VAL I 212 3.14 19.31 37.64
C VAL I 212 2.74 18.26 36.61
N ALA I 213 1.55 18.38 36.05
CA ALA I 213 1.01 17.34 35.19
C ALA I 213 1.82 17.22 33.90
N THR I 214 1.77 16.04 33.29
CA THR I 214 2.39 15.80 31.99
C THR I 214 1.43 16.28 30.90
N ALA I 215 1.75 15.95 29.65
CA ALA I 215 0.94 16.31 28.49
C ALA I 215 0.75 17.82 28.36
N GLY I 216 1.69 18.60 28.90
CA GLY I 216 1.69 20.02 28.66
C GLY I 216 0.77 20.84 29.54
N GLN I 217 0.94 20.74 30.85
CA GLN I 217 0.24 21.62 31.78
C GLN I 217 1.16 22.78 32.14
N ASN I 218 0.65 23.99 31.97
CA ASN I 218 1.45 25.19 32.18
C ASN I 218 0.66 26.19 33.02
N GLU I 219 1.41 27.00 33.78
CA GLU I 219 0.82 28.04 34.60
C GLU I 219 1.54 29.35 34.32
N ILE I 220 0.77 30.37 33.98
CA ILE I 220 1.30 31.70 33.72
C ILE I 220 0.63 32.64 34.72
N GLY I 221 1.36 32.98 35.79
CA GLY I 221 0.81 33.83 36.81
C GLY I 221 0.99 35.30 36.49
N VAL I 222 -0.14 36.01 36.42
CA VAL I 222 -0.15 37.44 36.12
C VAL I 222 -0.56 38.19 37.38
N SER I 223 -0.49 39.51 37.30
CA SER I 223 -0.71 40.35 38.48
C SER I 223 -2.18 40.39 38.86
N PHE I 224 -2.43 40.82 40.09
CA PHE I 224 -3.78 40.96 40.59
C PHE I 224 -4.38 42.27 40.12
N ASN I 225 -5.66 42.48 40.42
CA ASN I 225 -6.37 43.71 40.09
C ASN I 225 -7.67 43.71 40.89
N THR I 226 -8.49 44.74 40.65
CA THR I 226 -9.78 44.82 41.31
C THR I 226 -10.73 43.76 40.75
N LEU I 227 -11.92 43.69 41.32
CA LEU I 227 -12.88 42.64 41.01
C LEU I 227 -13.21 42.53 39.52
N VAL I 228 -13.88 43.56 38.99
CA VAL I 228 -14.33 43.52 37.60
C VAL I 228 -13.13 43.60 36.66
N ALA I 229 -12.14 44.42 37.01
CA ALA I 229 -10.95 44.54 36.19
C ALA I 229 -10.22 43.21 36.10
N LYS I 230 -10.10 42.49 37.22
CA LYS I 230 -9.43 41.20 37.16
C LYS I 230 -10.27 40.16 36.43
N ALA I 231 -11.60 40.24 36.53
CA ALA I 231 -12.43 39.33 35.74
C ALA I 231 -12.19 39.52 34.25
N ASP I 232 -12.18 40.78 33.80
CA ASP I 232 -11.86 41.08 32.41
C ASP I 232 -10.47 40.62 32.06
N GLU I 233 -9.53 40.75 33.01
CA GLU I 233 -8.15 40.32 32.76
C GLU I 233 -8.07 38.81 32.60
N VAL I 234 -8.87 38.05 33.37
CA VAL I 234 -8.87 36.60 33.22
C VAL I 234 -9.45 36.21 31.87
N GLN I 235 -10.52 36.88 31.45
CA GLN I 235 -11.06 36.62 30.12
C GLN I 235 -10.02 36.92 29.05
N THR I 236 -9.29 38.02 29.21
CA THR I 236 -8.19 38.35 28.31
C THR I 236 -7.12 37.28 28.32
N LEU I 237 -6.81 36.74 29.50
CA LEU I 237 -5.79 35.71 29.60
C LEU I 237 -6.20 34.46 28.85
N LYS I 238 -7.47 34.04 29.01
CA LYS I 238 -7.96 32.90 28.25
C LYS I 238 -7.91 33.18 26.75
N TYR I 239 -8.33 34.38 26.35
CA TYR I 239 -8.22 34.83 24.96
C TYR I 239 -6.81 34.61 24.42
N CYS I 240 -5.82 35.23 25.06
CA CYS I 240 -4.45 35.20 24.56
C CYS I 240 -3.91 33.78 24.53
N VAL I 241 -4.14 33.03 25.60
CA VAL I 241 -3.61 31.67 25.66
C VAL I 241 -4.19 30.82 24.54
N HIS I 242 -5.51 30.92 24.34
CA HIS I 242 -6.16 30.13 23.30
C HIS I 242 -5.61 30.47 21.92
N ASN I 243 -5.52 31.77 21.61
CA ASN I 243 -5.10 32.14 20.25
C ASN I 243 -3.62 31.84 20.02
N VAL I 244 -2.77 32.07 21.02
CA VAL I 244 -1.37 31.73 20.83
C VAL I 244 -1.21 30.23 20.65
N ALA I 245 -1.99 29.43 21.37
CA ALA I 245 -1.95 27.99 21.14
C ALA I 245 -2.37 27.65 19.71
N ASP I 246 -3.44 28.29 19.23
CA ASP I 246 -3.90 28.04 17.87
C ASP I 246 -2.85 28.46 16.84
N ALA I 247 -2.05 29.47 17.14
CA ALA I 247 -1.09 29.98 16.18
C ALA I 247 -0.04 28.93 15.82
N TYR I 248 0.44 28.18 16.80
CA TYR I 248 1.41 27.12 16.55
C TYR I 248 0.78 25.79 16.18
N GLY I 249 -0.54 25.74 16.05
CA GLY I 249 -1.23 24.50 15.76
C GLY I 249 -1.62 23.71 16.99
N LYS I 250 -1.18 24.13 18.17
CA LYS I 250 -1.56 23.45 19.40
C LYS I 250 -2.93 23.96 19.85
N THR I 251 -3.36 23.54 21.03
CA THR I 251 -4.68 23.90 21.53
C THR I 251 -4.69 23.83 23.05
N VAL I 252 -5.09 24.91 23.68
CA VAL I 252 -5.16 25.00 25.13
C VAL I 252 -6.58 24.72 25.60
N THR I 253 -6.70 23.87 26.61
CA THR I 253 -7.94 23.71 27.34
C THR I 253 -7.75 24.20 28.77
N PHE I 254 -8.84 24.72 29.33
CA PHE I 254 -8.84 25.28 30.67
C PHE I 254 -9.73 24.51 31.62
N MET I 255 -10.26 23.37 31.21
CA MET I 255 -11.10 22.61 32.13
C MET I 255 -10.24 22.01 33.24
N PRO I 256 -10.77 21.88 34.45
CA PRO I 256 -9.93 21.50 35.59
C PRO I 256 -9.24 20.16 35.44
N LYS I 257 -9.88 19.16 34.85
CA LYS I 257 -9.35 17.79 34.83
C LYS I 257 -9.60 17.14 33.48
N PRO I 258 -8.74 17.42 32.50
CA PRO I 258 -8.81 16.67 31.24
C PRO I 258 -8.04 15.36 31.26
N LEU I 259 -7.47 14.98 32.40
CA LEU I 259 -6.66 13.79 32.51
C LEU I 259 -7.00 13.04 33.79
N TYR I 260 -7.10 11.72 33.69
CA TYR I 260 -7.15 10.88 34.87
C TYR I 260 -5.80 10.21 35.07
N GLY I 261 -5.47 9.97 36.34
CA GLY I 261 -4.16 9.42 36.66
C GLY I 261 -3.05 10.44 36.64
N ASP I 262 -3.37 11.72 36.54
CA ASP I 262 -2.37 12.78 36.54
C ASP I 262 -3.01 14.05 37.05
N ASN I 263 -2.17 15.02 37.40
CA ASN I 263 -2.64 16.23 38.06
C ASN I 263 -3.61 16.99 37.17
N GLY I 264 -4.62 17.58 37.80
CA GLY I 264 -5.56 18.44 37.12
C GLY I 264 -5.08 19.87 37.08
N SER I 265 -6.00 20.78 36.79
CA SER I 265 -5.70 22.20 36.72
C SER I 265 -6.64 22.97 37.62
N GLY I 266 -6.10 23.87 38.42
CA GLY I 266 -6.90 24.64 39.35
C GLY I 266 -6.66 26.12 39.18
N MET I 267 -7.67 26.90 39.54
CA MET I 267 -7.63 28.36 39.48
C MET I 267 -7.65 28.86 40.91
N HIS I 268 -6.46 28.98 41.50
CA HIS I 268 -6.37 29.53 42.84
C HIS I 268 -6.71 31.01 42.82
N VAL I 269 -7.39 31.48 43.86
CA VAL I 269 -7.84 32.87 43.93
C VAL I 269 -7.25 33.51 45.18
N HIS I 270 -6.56 34.63 45.00
CA HIS I 270 -5.99 35.42 46.09
C HIS I 270 -6.92 36.60 46.35
N MET I 271 -7.58 36.58 47.51
CA MET I 271 -8.44 37.67 47.93
C MET I 271 -7.68 38.57 48.89
N SER I 272 -7.81 39.88 48.72
CA SER I 272 -7.19 40.85 49.61
C SER I 272 -8.02 42.13 49.55
N ILE I 273 -8.85 42.34 50.56
CA ILE I 273 -9.71 43.52 50.60
C ILE I 273 -8.93 44.70 51.15
N ALA I 274 -9.08 45.84 50.50
CA ALA I 274 -8.46 47.09 50.94
C ALA I 274 -9.52 48.02 51.51
N LYS I 275 -9.07 49.07 52.18
CA LYS I 275 -9.96 50.03 52.82
C LYS I 275 -9.23 51.36 52.96
N ASP I 276 -9.64 52.34 52.15
CA ASP I 276 -9.05 53.68 52.20
C ASP I 276 -7.53 53.64 52.01
N GLY I 277 -7.07 52.76 51.12
CA GLY I 277 -5.67 52.63 50.81
C GLY I 277 -4.90 51.66 51.67
N LYS I 278 -5.44 51.29 52.83
CA LYS I 278 -4.79 50.34 53.71
C LYS I 278 -5.29 48.93 53.43
N ASN I 279 -4.57 47.94 53.95
CA ASN I 279 -4.93 46.54 53.75
C ASN I 279 -5.75 46.06 54.95
N THR I 280 -6.96 45.57 54.67
CA THR I 280 -7.81 45.09 55.75
C THR I 280 -7.31 43.78 56.32
N PHE I 281 -6.74 42.92 55.47
CA PHE I 281 -6.33 41.58 55.88
C PHE I 281 -5.04 41.56 56.68
N ALA I 282 -4.56 42.71 57.14
CA ALA I 282 -3.34 42.77 57.93
C ALA I 282 -3.66 42.81 59.43
N ALA I 287 -1.96 34.08 61.28
CA ALA I 287 -0.61 34.26 60.74
C ALA I 287 -0.46 35.63 60.10
N GLY I 288 -0.65 36.68 60.90
CA GLY I 288 -0.64 38.03 60.41
C GLY I 288 -1.97 38.54 59.91
N LEU I 289 -2.98 37.68 59.84
CA LEU I 289 -4.29 38.07 59.36
C LEU I 289 -5.08 38.72 60.49
N SER I 290 -5.74 39.84 60.17
CA SER I 290 -6.59 40.49 61.14
C SER I 290 -7.82 39.62 61.41
N ASP I 291 -8.67 40.08 62.33
CA ASP I 291 -9.91 39.35 62.59
C ASP I 291 -10.84 39.40 61.40
N THR I 292 -10.81 40.49 60.63
CA THR I 292 -11.67 40.59 59.45
C THR I 292 -11.29 39.55 58.40
N ALA I 293 -10.00 39.30 58.21
CA ALA I 293 -9.58 38.26 57.27
C ALA I 293 -10.04 36.89 57.73
N LEU I 294 -9.98 36.63 59.04
CA LEU I 294 -10.47 35.36 59.56
C LEU I 294 -11.98 35.24 59.38
N TYR I 295 -12.72 36.35 59.53
CA TYR I 295 -14.16 36.30 59.27
C TYR I 295 -14.44 36.06 57.79
N PHE I 296 -13.62 36.64 56.91
CA PHE I 296 -13.74 36.35 55.48
C PHE I 296 -13.53 34.86 55.22
N ILE I 297 -12.50 34.28 55.83
CA ILE I 297 -12.22 32.86 55.65
C ILE I 297 -13.37 32.02 56.21
N GLY I 298 -13.95 32.46 57.33
CA GLY I 298 -15.08 31.75 57.90
C GLY I 298 -16.30 31.81 56.99
N GLY I 299 -16.52 32.95 56.34
CA GLY I 299 -17.60 33.04 55.37
C GLY I 299 -17.36 32.13 54.18
N ILE I 300 -16.10 32.03 53.72
CA ILE I 300 -15.79 31.12 52.63
C ILE I 300 -16.04 29.68 53.05
N ILE I 301 -15.65 29.33 54.27
CA ILE I 301 -15.81 27.97 54.76
C ILE I 301 -17.28 27.62 54.90
N LYS I 302 -18.07 28.53 55.48
CA LYS I 302 -19.47 28.24 55.76
C LYS I 302 -20.26 28.00 54.48
N HIS I 303 -20.04 28.84 53.47
CA HIS I 303 -20.76 28.74 52.19
C HIS I 303 -19.95 28.02 51.13
N GLY I 304 -19.06 27.11 51.52
CA GLY I 304 -18.16 26.50 50.57
C GLY I 304 -18.89 25.70 49.50
N LYS I 305 -19.83 24.86 49.90
CA LYS I 305 -20.57 24.07 48.94
C LYS I 305 -21.46 24.94 48.07
N ALA I 306 -22.08 25.97 48.66
CA ALA I 306 -22.86 26.93 47.88
C ALA I 306 -21.97 27.73 46.93
N LEU I 307 -20.74 28.04 47.37
CA LEU I 307 -19.79 28.68 46.47
C LEU I 307 -19.37 27.76 45.33
N ASN I 308 -19.39 26.45 45.57
CA ASN I 308 -18.98 25.50 44.54
C ASN I 308 -19.90 25.55 43.33
N GLY I 309 -21.09 26.12 43.45
CA GLY I 309 -21.95 26.28 42.29
C GLY I 309 -21.45 27.30 41.30
N PHE I 310 -20.60 28.23 41.74
CA PHE I 310 -20.05 29.28 40.89
C PHE I 310 -18.54 29.14 40.66
N THR I 311 -17.77 28.87 41.72
CA THR I 311 -16.35 28.65 41.54
C THR I 311 -16.05 27.29 40.93
N ASN I 312 -17.00 26.36 40.99
CA ASN I 312 -16.86 25.04 40.37
C ASN I 312 -18.12 24.70 39.59
N PRO I 313 -18.42 25.45 38.52
CA PRO I 313 -19.62 25.20 37.71
C PRO I 313 -19.38 24.19 36.60
N SER I 314 -18.78 23.06 36.95
CA SER I 314 -18.33 22.12 35.95
C SER I 314 -18.36 20.72 36.53
N THR I 315 -18.81 19.76 35.74
CA THR I 315 -18.72 18.38 36.15
C THR I 315 -17.28 17.87 36.09
N ASN I 316 -16.40 18.61 35.41
CA ASN I 316 -14.97 18.35 35.49
C ASN I 316 -14.41 18.73 36.85
N SER I 317 -14.90 19.83 37.44
CA SER I 317 -14.32 20.32 38.69
C SER I 317 -14.33 19.26 39.77
N TYR I 318 -15.34 18.41 39.78
CA TYR I 318 -15.45 17.35 40.77
C TYR I 318 -14.82 16.05 40.31
N LYS I 319 -14.20 16.03 39.12
CA LYS I 319 -13.27 14.96 38.77
C LYS I 319 -11.87 15.27 39.24
N ARG I 320 -11.61 16.50 39.69
CA ARG I 320 -10.33 16.91 40.27
C ARG I 320 -10.35 16.85 41.78
N LEU I 321 -11.49 17.13 42.39
CA LEU I 321 -11.65 17.07 43.84
C LEU I 321 -12.02 15.68 44.30
N PRO I 328 -7.15 19.32 47.15
CA PRO I 328 -7.57 20.53 47.86
C PRO I 328 -9.07 20.56 48.09
N VAL I 329 -9.56 19.71 48.99
CA VAL I 329 -10.98 19.52 49.18
C VAL I 329 -11.37 19.87 50.61
N MET I 330 -10.43 19.72 51.54
CA MET I 330 -10.73 19.95 52.96
C MET I 330 -10.93 21.45 53.20
N LEU I 331 -12.12 21.82 53.64
CA LEU I 331 -12.47 23.24 53.83
C LEU I 331 -11.87 23.74 55.16
N ALA I 332 -10.55 23.85 55.17
CA ALA I 332 -9.80 24.38 56.29
C ALA I 332 -8.75 25.34 55.76
N TYR I 333 -8.17 26.12 56.66
CA TYR I 333 -7.17 27.12 56.29
C TYR I 333 -5.88 26.90 57.08
N SER I 334 -4.76 27.16 56.42
CA SER I 334 -3.46 27.06 57.07
C SER I 334 -2.47 27.92 56.29
N ALA I 335 -1.34 28.21 56.94
CA ALA I 335 -0.32 29.06 56.34
C ALA I 335 0.79 28.27 55.65
N ARG I 336 0.95 26.98 55.97
CA ARG I 336 1.99 26.19 55.36
C ARG I 336 1.45 24.85 54.85
N ASN I 337 0.36 24.38 55.46
CA ASN I 337 -0.16 23.06 55.16
C ASN I 337 -0.63 22.98 53.71
N ARG I 338 -0.31 21.87 53.05
CA ARG I 338 -0.69 21.65 51.66
C ARG I 338 -1.98 20.87 51.50
N SER I 339 -2.63 20.48 52.60
CA SER I 339 -3.86 19.72 52.55
C SER I 339 -5.09 20.58 52.83
N ALA I 340 -4.93 21.89 52.93
CA ALA I 340 -6.03 22.80 53.21
C ALA I 340 -6.45 23.49 51.93
N SER I 341 -7.76 23.57 51.70
CA SER I 341 -8.27 24.23 50.51
C SER I 341 -7.98 25.73 50.50
N ILE I 342 -7.75 26.32 51.68
CA ILE I 342 -7.41 27.73 51.79
C ILE I 342 -6.01 27.84 52.37
N ARG I 343 -5.16 28.63 51.72
CA ARG I 343 -3.79 28.80 52.16
C ARG I 343 -3.46 30.29 52.21
N ILE I 344 -2.56 30.64 53.11
CA ILE I 344 -2.07 32.01 53.26
C ILE I 344 -0.60 32.03 52.83
N PRO I 345 -0.27 32.62 51.69
CA PRO I 345 1.14 32.67 51.28
C PRO I 345 1.96 33.52 52.23
N TYR I 346 3.25 33.20 52.34
CA TYR I 346 4.17 33.93 53.20
C TYR I 346 4.57 35.22 52.52
N VAL I 347 3.69 36.21 52.63
CA VAL I 347 3.97 37.53 52.08
C VAL I 347 5.08 38.19 52.89
N ASN I 348 5.92 38.97 52.23
CA ASN I 348 7.01 39.67 52.89
C ASN I 348 6.63 41.05 53.40
N SER I 349 5.43 41.54 53.07
CA SER I 349 5.05 42.87 53.47
C SER I 349 3.66 42.86 54.10
N PRO I 350 3.45 43.65 55.16
CA PRO I 350 2.11 43.70 55.77
C PRO I 350 1.06 44.35 54.90
N LYS I 351 1.46 45.11 53.88
CA LYS I 351 0.49 45.75 52.99
C LYS I 351 -0.15 44.74 52.04
N ALA I 352 0.58 43.69 51.68
CA ALA I 352 0.12 42.71 50.70
C ALA I 352 -0.35 41.41 51.34
N ARG I 353 -0.98 41.49 52.51
CA ARG I 353 -1.52 40.29 53.12
C ARG I 353 -2.80 39.86 52.42
N ARG I 354 -2.89 38.57 52.09
CA ARG I 354 -4.00 38.06 51.31
C ARG I 354 -4.22 36.59 51.64
N ILE I 355 -5.41 36.10 51.32
CA ILE I 355 -5.73 34.69 51.49
C ILE I 355 -5.83 34.06 50.10
N GLU I 356 -5.61 32.76 50.04
CA GLU I 356 -5.71 32.02 48.79
C GLU I 356 -6.67 30.86 48.95
N ALA I 357 -7.67 30.80 48.08
CA ALA I 357 -8.61 29.70 48.02
C ALA I 357 -8.24 28.82 46.81
N ARG I 358 -8.11 27.52 47.05
CA ARG I 358 -7.56 26.62 46.05
C ARG I 358 -8.59 25.74 45.36
N PHE I 359 -9.83 25.71 45.82
CA PHE I 359 -10.80 24.86 45.14
C PHE I 359 -11.27 25.39 43.79
N PRO I 360 -11.36 26.71 43.55
CA PRO I 360 -11.88 27.16 42.25
C PRO I 360 -11.02 26.68 41.09
N ASP I 361 -11.66 26.49 39.94
CA ASP I 361 -11.05 25.91 38.76
C ASP I 361 -11.19 26.85 37.58
N PRO I 362 -10.29 26.78 36.60
CA PRO I 362 -10.34 27.72 35.47
C PRO I 362 -11.62 27.64 34.66
N SER I 363 -12.33 26.52 34.71
CA SER I 363 -13.60 26.43 34.00
C SER I 363 -14.65 27.36 34.57
N ALA I 364 -14.43 27.88 35.78
CA ALA I 364 -15.38 28.81 36.37
C ALA I 364 -15.40 30.12 35.60
N ASN I 365 -16.58 30.71 35.50
CA ASN I 365 -16.70 32.04 34.94
C ASN I 365 -15.99 33.01 35.89
N PRO I 366 -15.03 33.81 35.41
CA PRO I 366 -14.31 34.70 36.32
C PRO I 366 -15.23 35.64 37.09
N TYR I 367 -16.16 36.29 36.39
CA TYR I 367 -17.05 37.24 37.06
C TYR I 367 -17.86 36.56 38.14
N LEU I 368 -18.54 35.46 37.79
CA LEU I 368 -19.44 34.82 38.74
C LEU I 368 -18.67 34.20 39.90
N ALA I 369 -17.55 33.52 39.62
CA ALA I 369 -16.77 32.91 40.69
C ALA I 369 -16.22 33.97 41.64
N PHE I 370 -15.67 35.05 41.08
CA PHE I 370 -15.13 36.11 41.92
C PHE I 370 -16.21 36.78 42.75
N ALA I 371 -17.36 37.04 42.14
CA ALA I 371 -18.45 37.66 42.88
C ALA I 371 -18.96 36.75 43.99
N ALA I 372 -19.04 35.45 43.71
CA ALA I 372 -19.47 34.50 44.75
C ALA I 372 -18.49 34.48 45.91
N LEU I 373 -17.19 34.42 45.61
CA LEU I 373 -16.20 34.43 46.68
C LEU I 373 -16.29 35.71 47.51
N LEU I 374 -16.39 36.86 46.84
CA LEU I 374 -16.48 38.12 47.56
C LEU I 374 -17.74 38.19 48.40
N MET I 375 -18.86 37.71 47.86
CA MET I 375 -20.12 37.77 48.59
C MET I 375 -20.09 36.88 49.82
N ALA I 376 -19.50 35.68 49.68
CA ALA I 376 -19.36 34.81 50.85
C ALA I 376 -18.47 35.46 51.91
N GLY I 377 -17.37 36.07 51.49
CA GLY I 377 -16.51 36.75 52.44
C GLY I 377 -17.20 37.91 53.13
N LEU I 378 -17.99 38.68 52.37
CA LEU I 378 -18.72 39.80 52.96
C LEU I 378 -19.76 39.31 53.95
N ASP I 379 -20.46 38.22 53.63
CA ASP I 379 -21.41 37.64 54.57
C ASP I 379 -20.71 37.21 55.86
N GLY I 380 -19.59 36.51 55.72
CA GLY I 380 -18.86 36.05 56.90
C GLY I 380 -18.33 37.19 57.74
N ILE I 381 -17.91 38.28 57.09
CA ILE I 381 -17.41 39.44 57.83
C ILE I 381 -18.54 40.16 58.55
N GLN I 382 -19.68 40.35 57.86
CA GLN I 382 -20.80 41.05 58.47
C GLN I 382 -21.37 40.28 59.65
N ASN I 383 -21.49 38.96 59.52
CA ASN I 383 -22.13 38.16 60.56
C ASN I 383 -21.18 37.75 61.68
N LYS I 384 -19.91 38.10 61.59
CA LYS I 384 -18.90 37.75 62.60
C LYS I 384 -18.82 36.23 62.79
N ILE I 385 -18.47 35.55 61.70
CA ILE I 385 -18.38 34.09 61.68
C ILE I 385 -16.93 33.72 61.92
N HIS I 386 -16.64 33.09 63.05
CA HIS I 386 -15.28 32.70 63.37
C HIS I 386 -14.95 31.38 62.66
N PRO I 387 -13.87 31.32 61.87
CA PRO I 387 -13.56 30.08 61.15
C PRO I 387 -13.07 28.97 62.04
N GLY I 388 -12.63 29.28 63.27
CA GLY I 388 -12.04 28.27 64.13
C GLY I 388 -10.54 28.43 64.22
N ASP I 389 -9.81 27.33 64.09
CA ASP I 389 -8.36 27.33 64.15
C ASP I 389 -7.80 26.51 62.99
N ALA I 390 -6.55 26.81 62.64
CA ALA I 390 -5.89 26.17 61.51
C ALA I 390 -5.74 24.67 61.72
N ILE I 406 -14.68 17.44 59.68
CA ILE I 406 -14.52 18.81 59.21
C ILE I 406 -15.18 18.94 57.83
N PRO I 407 -15.68 20.13 57.51
CA PRO I 407 -16.37 20.31 56.22
C PRO I 407 -15.43 20.17 55.05
N GLN I 408 -15.98 19.71 53.93
CA GLN I 408 -15.25 19.59 52.67
C GLN I 408 -16.12 20.16 51.57
N VAL I 409 -15.48 20.55 50.46
CA VAL I 409 -16.20 21.06 49.31
C VAL I 409 -16.96 19.90 48.66
N CYS I 410 -17.87 20.23 47.74
CA CYS I 410 -18.75 19.23 47.16
C CYS I 410 -17.96 18.23 46.32
N GLY I 411 -18.61 17.11 46.01
CA GLY I 411 -17.96 16.04 45.28
C GLY I 411 -18.62 15.72 43.95
N SER I 412 -19.78 16.30 43.70
CA SER I 412 -20.49 16.10 42.44
C SER I 412 -21.33 17.34 42.16
N LEU I 413 -21.42 17.71 40.87
CA LEU I 413 -22.12 18.93 40.52
C LEU I 413 -23.57 18.91 40.97
N LYS I 414 -24.18 17.73 41.06
CA LYS I 414 -25.57 17.64 41.50
C LYS I 414 -25.71 18.18 42.93
N GLU I 415 -24.88 17.69 43.84
CA GLU I 415 -24.97 18.15 45.22
C GLU I 415 -24.55 19.61 45.36
N ALA I 416 -23.62 20.06 44.52
CA ALA I 416 -23.25 21.47 44.54
C ALA I 416 -24.41 22.36 44.14
N LEU I 417 -25.14 21.97 43.10
CA LEU I 417 -26.32 22.73 42.69
C LEU I 417 -27.39 22.70 43.77
N GLU I 418 -27.59 21.54 44.41
CA GLU I 418 -28.53 21.47 45.51
C GLU I 418 -28.16 22.43 46.63
N GLU I 419 -26.87 22.45 46.99
CA GLU I 419 -26.42 23.33 48.07
C GLU I 419 -26.54 24.79 47.67
N LEU I 420 -26.33 25.10 46.38
CA LEU I 420 -26.56 26.47 45.93
C LEU I 420 -28.03 26.85 46.06
N ASP I 421 -28.93 25.94 45.66
CA ASP I 421 -30.35 26.22 45.78
C ASP I 421 -30.74 26.45 47.24
N LYS I 422 -30.11 25.71 48.16
CA LYS I 422 -30.46 25.83 49.57
C LYS I 422 -29.70 26.94 50.29
N GLY I 423 -28.65 27.50 49.71
CA GLY I 423 -27.89 28.52 50.40
C GLY I 423 -27.60 29.78 49.61
N ARG I 424 -28.39 30.02 48.56
CA ARG I 424 -28.28 31.23 47.75
C ARG I 424 -28.51 32.52 48.54
N ALA I 425 -28.90 32.40 49.81
CA ALA I 425 -29.41 33.56 50.54
C ALA I 425 -28.38 34.67 50.65
N PHE I 426 -27.12 34.33 50.91
CA PHE I 426 -26.10 35.36 51.06
C PHE I 426 -25.83 36.08 49.74
N LEU I 427 -25.91 35.37 48.62
CA LEU I 427 -25.77 36.02 47.32
C LEU I 427 -26.90 37.02 47.09
N THR I 428 -28.13 36.63 47.42
CA THR I 428 -29.27 37.53 47.26
C THR I 428 -29.36 38.49 48.43
N LYS I 429 -28.25 39.17 48.73
CA LYS I 429 -28.20 40.20 49.76
C LYS I 429 -27.76 41.49 49.10
N GLY I 430 -28.53 42.56 49.29
CA GLY I 430 -28.25 43.80 48.62
C GLY I 430 -28.54 43.80 47.14
N GLY I 431 -29.11 42.72 46.61
CA GLY I 431 -29.40 42.63 45.20
C GLY I 431 -28.22 42.25 44.32
N VAL I 432 -27.13 41.76 44.90
CA VAL I 432 -25.95 41.41 44.10
C VAL I 432 -26.30 40.33 43.09
N PHE I 433 -26.99 39.29 43.54
CA PHE I 433 -27.50 38.24 42.67
C PHE I 433 -29.01 38.24 42.76
N SER I 434 -29.67 38.29 41.61
CA SER I 434 -31.12 38.18 41.60
C SER I 434 -31.53 36.72 41.76
N ASP I 435 -32.68 36.52 42.41
CA ASP I 435 -33.21 35.18 42.56
C ASP I 435 -33.54 34.58 41.19
N ASP I 436 -34.03 35.40 40.27
CA ASP I 436 -34.34 34.91 38.93
C ASP I 436 -33.07 34.48 38.20
N PHE I 437 -31.99 35.25 38.34
CA PHE I 437 -30.72 34.85 37.73
C PHE I 437 -30.24 33.54 38.30
N ILE I 438 -30.33 33.36 39.62
CA ILE I 438 -29.89 32.12 40.23
C ILE I 438 -30.74 30.96 39.76
N ASP I 439 -32.05 31.18 39.62
CA ASP I 439 -32.93 30.12 39.13
C ASP I 439 -32.59 29.71 37.70
N ALA I 440 -32.38 30.70 36.82
CA ALA I 440 -32.02 30.39 35.44
C ALA I 440 -30.66 29.70 35.36
N TYR I 441 -29.69 30.17 36.15
CA TYR I 441 -28.37 29.54 36.18
C TYR I 441 -28.47 28.11 36.68
N LEU I 442 -29.29 27.88 37.70
CA LEU I 442 -29.48 26.54 38.23
C LEU I 442 -30.13 25.62 37.20
N GLU I 443 -31.13 26.13 36.47
CA GLU I 443 -31.76 25.30 35.44
C GLU I 443 -30.78 24.96 34.33
N LEU I 444 -29.94 25.92 33.94
CA LEU I 444 -28.93 25.65 32.91
C LEU I 444 -27.93 24.61 33.37
N LYS I 445 -27.36 24.81 34.56
CA LYS I 445 -26.39 23.86 35.08
C LYS I 445 -27.03 22.50 35.36
N SER I 446 -28.31 22.47 35.72
CA SER I 446 -28.98 21.21 35.99
C SER I 446 -29.20 20.42 34.72
N GLU I 447 -29.63 21.08 33.64
CA GLU I 447 -29.75 20.36 32.37
C GLU I 447 -28.39 19.89 31.89
N GLU I 448 -27.35 20.68 32.14
CA GLU I 448 -26.00 20.29 31.76
C GLU I 448 -25.57 19.03 32.51
N GLU I 449 -25.71 19.05 33.84
CA GLU I 449 -25.32 17.91 34.66
C GLU I 449 -26.14 16.67 34.32
N ILE I 450 -27.44 16.84 34.08
CA ILE I 450 -28.28 15.73 33.67
C ILE I 450 -27.78 15.14 32.36
N LYS I 451 -27.38 15.99 31.43
CA LYS I 451 -26.83 15.49 30.17
C LYS I 451 -25.59 14.64 30.42
N VAL I 452 -24.68 15.12 31.28
CA VAL I 452 -23.45 14.36 31.53
C VAL I 452 -23.74 13.05 32.24
N ARG I 453 -24.62 13.08 33.25
CA ARG I 453 -24.77 11.95 34.15
C ARG I 453 -25.31 10.70 33.43
N THR I 454 -26.29 10.88 32.54
CA THR I 454 -27.02 9.77 31.97
C THR I 454 -26.39 9.21 30.70
N PHE I 455 -25.09 9.37 30.52
CA PHE I 455 -24.39 8.85 29.35
C PHE I 455 -23.40 7.77 29.77
N VAL I 456 -23.37 6.69 28.98
CA VAL I 456 -22.53 5.55 29.31
C VAL I 456 -21.06 5.96 29.39
N HIS I 457 -20.37 5.43 30.39
CA HIS I 457 -18.95 5.64 30.63
C HIS I 457 -18.16 4.45 30.11
N PRO I 458 -17.08 4.66 29.36
CA PRO I 458 -16.26 3.52 28.93
C PRO I 458 -15.69 2.72 30.09
N LEU I 459 -15.48 3.35 31.25
CA LEU I 459 -15.07 2.60 32.42
C LEU I 459 -16.12 1.58 32.81
N GLU I 460 -17.39 1.85 32.50
CA GLU I 460 -18.41 0.84 32.75
C GLU I 460 -18.26 -0.35 31.82
N TYR I 461 -17.80 -0.13 30.59
CA TYR I 461 -17.46 -1.26 29.74
C TYR I 461 -16.22 -1.98 30.27
N ASP I 462 -15.32 -1.26 30.94
CA ASP I 462 -14.18 -1.91 31.57
C ASP I 462 -14.61 -2.79 32.73
N LEU I 463 -15.58 -2.34 33.51
CA LEU I 463 -15.97 -3.02 34.74
C LEU I 463 -17.06 -4.07 34.51
N TYR I 464 -18.22 -3.65 34.02
CA TYR I 464 -19.45 -4.43 34.08
C TYR I 464 -19.82 -5.11 32.77
N TYR I 465 -18.93 -5.11 31.78
CA TYR I 465 -19.31 -5.67 30.49
C TYR I 465 -19.63 -7.15 30.59
N SER I 466 -18.79 -7.91 31.30
CA SER I 466 -18.99 -9.34 31.42
C SER I 466 -19.91 -9.73 32.56
N VAL I 467 -20.34 -8.77 33.38
CA VAL I 467 -21.20 -9.08 34.52
C VAL I 467 -22.55 -8.42 34.37
N SER J 2 25.10 45.10 39.84
CA SER J 2 25.76 43.79 39.89
C SER J 2 25.87 43.19 38.50
N LYS J 3 26.33 41.95 38.42
CA LYS J 3 26.50 41.31 37.12
C LYS J 3 25.18 41.12 36.42
N SER J 4 24.14 40.71 37.16
CA SER J 4 22.85 40.45 36.53
C SER J 4 22.25 41.72 35.93
N LEU J 5 22.26 42.81 36.70
CA LEU J 5 21.72 44.07 36.20
C LEU J 5 22.55 44.59 35.02
N GLN J 6 23.87 44.47 35.10
CA GLN J 6 24.72 44.93 34.01
C GLN J 6 24.42 44.15 32.74
N LEU J 7 24.29 42.83 32.84
CA LEU J 7 24.00 42.03 31.67
C LEU J 7 22.61 42.34 31.12
N ILE J 8 21.64 42.55 32.00
CA ILE J 8 20.29 42.90 31.56
C ILE J 8 20.29 44.20 30.79
N LYS J 9 21.00 45.21 31.30
CA LYS J 9 21.07 46.49 30.60
C LYS J 9 21.83 46.36 29.29
N GLU J 10 22.88 45.53 29.27
CA GLU J 10 23.72 45.44 28.08
C GLU J 10 23.02 44.71 26.94
N HIS J 11 22.34 43.61 27.24
CA HIS J 11 21.82 42.72 26.20
C HIS J 11 20.32 42.84 25.97
N ASP J 12 19.68 43.86 26.55
CA ASP J 12 18.24 44.05 26.39
C ASP J 12 17.46 42.81 26.84
N VAL J 13 17.82 42.31 28.02
CA VAL J 13 17.21 41.10 28.54
C VAL J 13 15.77 41.36 28.93
N LYS J 14 14.86 40.49 28.48
CA LYS J 14 13.46 40.58 28.85
C LYS J 14 12.97 39.43 29.72
N TRP J 15 13.79 38.41 29.97
CA TRP J 15 13.37 37.29 30.79
C TRP J 15 14.51 36.85 31.69
N ILE J 16 14.15 36.36 32.87
CA ILE J 16 15.10 35.84 33.85
C ILE J 16 14.74 34.39 34.12
N ASP J 17 15.73 33.52 34.02
CA ASP J 17 15.58 32.08 34.12
C ASP J 17 16.27 31.63 35.40
N LEU J 18 15.49 31.44 36.46
CA LEU J 18 16.03 30.97 37.73
C LEU J 18 16.13 29.45 37.68
N ARG J 19 17.35 28.93 37.74
CA ARG J 19 17.60 27.50 37.63
C ARG J 19 18.26 26.99 38.90
N PHE J 20 17.69 25.94 39.47
CA PHE J 20 18.31 25.22 40.57
C PHE J 20 18.41 23.75 40.20
N THR J 21 18.89 22.92 41.12
CA THR J 21 19.07 21.51 40.88
C THR J 21 18.45 20.71 42.01
N ASP J 22 17.59 19.76 41.66
CA ASP J 22 16.97 18.90 42.67
C ASP J 22 17.94 17.82 43.10
N THR J 23 17.54 17.02 44.10
CA THR J 23 18.38 15.94 44.57
C THR J 23 18.58 14.87 43.50
N LYS J 24 17.70 14.81 42.50
CA LYS J 24 17.84 13.86 41.41
C LYS J 24 18.96 14.22 40.44
N GLY J 25 19.40 15.47 40.43
CA GLY J 25 20.41 15.90 39.48
C GLY J 25 19.86 16.48 38.20
N LYS J 26 18.56 16.76 38.13
CA LYS J 26 17.94 17.31 36.94
C LYS J 26 17.59 18.77 37.19
N GLN J 27 18.13 19.65 36.36
CA GLN J 27 17.96 21.08 36.58
C GLN J 27 16.50 21.49 36.43
N GLN J 28 16.10 22.49 37.22
CA GLN J 28 14.75 23.02 37.24
C GLN J 28 14.79 24.51 36.99
N HIS J 29 13.88 25.00 36.16
CA HIS J 29 13.93 26.38 35.70
C HIS J 29 12.57 27.04 35.82
N VAL J 30 12.57 28.29 36.28
CA VAL J 30 11.38 29.12 36.38
C VAL J 30 11.68 30.43 35.65
N THR J 31 10.79 30.84 34.77
CA THR J 31 11.01 32.02 33.94
C THR J 31 10.11 33.15 34.42
N MET J 32 10.68 34.33 34.56
CA MET J 32 9.99 35.51 35.07
C MET J 32 10.39 36.72 34.25
N PRO J 33 9.57 37.77 34.23
CA PRO J 33 9.94 38.97 33.46
C PRO J 33 11.15 39.67 34.06
N ALA J 34 11.96 40.24 33.17
CA ALA J 34 13.19 40.89 33.61
C ALA J 34 12.96 42.26 34.24
N ARG J 35 11.75 42.80 34.16
CA ARG J 35 11.48 44.09 34.77
C ARG J 35 11.44 44.03 36.29
N ASP J 36 11.46 42.83 36.88
CA ASP J 36 11.36 42.66 38.32
C ASP J 36 12.70 42.48 39.00
N VAL J 37 13.81 42.57 38.27
CA VAL J 37 15.12 42.49 38.90
C VAL J 37 15.42 43.82 39.58
N ASP J 38 15.80 43.75 40.85
CA ASP J 38 16.08 44.93 41.67
C ASP J 38 16.70 44.43 42.97
N ASP J 39 16.93 45.36 43.90
CA ASP J 39 17.49 44.97 45.19
C ASP J 39 16.55 44.02 45.93
N ASP J 40 15.24 44.24 45.83
CA ASP J 40 14.29 43.35 46.48
C ASP J 40 14.38 41.93 45.93
N PHE J 41 14.53 41.80 44.61
CA PHE J 41 14.61 40.47 44.01
C PHE J 41 15.86 39.73 44.48
N PHE J 42 16.99 40.40 44.53
CA PHE J 42 18.23 39.76 44.97
C PHE J 42 18.27 39.53 46.47
N GLU J 43 17.51 40.31 47.24
CA GLU J 43 17.55 40.19 48.70
C GLU J 43 16.52 39.22 49.25
N TYR J 44 15.40 39.06 48.57
CA TYR J 44 14.31 38.21 49.07
C TYR J 44 14.06 36.97 48.22
N GLY J 45 14.61 36.89 47.02
CA GLY J 45 14.35 35.72 46.19
C GLY J 45 12.91 35.66 45.71
N LYS J 46 12.49 34.47 45.31
CA LYS J 46 11.14 34.24 44.84
C LYS J 46 10.54 33.03 45.54
N MET J 47 9.30 33.17 46.00
CA MET J 47 8.63 32.09 46.72
C MET J 47 8.11 31.06 45.73
N PHE J 48 8.43 29.79 45.96
CA PHE J 48 7.94 28.71 45.11
C PHE J 48 7.88 27.44 45.95
N ASP J 49 6.80 26.67 45.79
CA ASP J 49 6.66 25.45 46.57
C ASP J 49 7.62 24.38 46.07
N GLY J 50 8.21 23.65 47.01
CA GLY J 50 9.16 22.61 46.70
C GLY J 50 8.69 21.21 46.98
N SER J 51 7.46 21.04 47.47
CA SER J 51 6.94 19.72 47.77
C SER J 51 6.82 18.88 46.50
N SER J 52 6.39 19.50 45.40
CA SER J 52 6.21 18.78 44.15
C SER J 52 7.50 18.30 43.54
N ILE J 53 8.64 18.80 43.99
CA ILE J 53 9.94 18.33 43.51
C ILE J 53 10.30 17.05 44.23
N ALA J 54 10.70 16.04 43.48
CA ALA J 54 11.04 14.75 44.08
C ALA J 54 12.22 14.88 45.02
N GLY J 55 12.10 14.25 46.19
CA GLY J 55 13.12 14.30 47.21
C GLY J 55 12.95 15.40 48.22
N TRP J 56 12.00 16.31 48.03
CA TRP J 56 11.78 17.40 48.97
C TRP J 56 10.38 17.35 49.57
N ASP J 63 7.08 24.87 50.35
CA ASP J 63 7.27 26.30 50.19
C ASP J 63 8.70 26.71 50.50
N MET J 64 9.51 26.87 49.48
CA MET J 64 10.89 27.30 49.57
C MET J 64 11.06 28.67 48.90
N ILE J 65 12.28 29.20 49.00
CA ILE J 65 12.64 30.49 48.42
C ILE J 65 13.81 30.29 47.47
N LEU J 66 13.78 30.97 46.33
CA LEU J 66 14.86 30.94 45.37
C LEU J 66 15.71 32.19 45.57
N MET J 67 17.00 31.99 45.86
CA MET J 67 17.95 33.09 45.98
C MET J 67 18.83 33.10 44.74
N PRO J 68 18.77 34.14 43.91
CA PRO J 68 19.55 34.16 42.68
C PRO J 68 21.02 34.47 42.94
N ASP J 69 21.88 33.48 42.75
CA ASP J 69 23.32 33.69 42.84
C ASP J 69 23.77 34.52 41.65
N ASP J 70 24.06 35.80 41.88
CA ASP J 70 24.39 36.71 40.79
C ASP J 70 25.66 36.29 40.07
N SER J 71 26.57 35.61 40.75
CA SER J 71 27.85 35.26 40.14
C SER J 71 27.69 34.34 38.93
N THR J 72 26.56 33.65 38.79
CA THR J 72 26.34 32.70 37.73
C THR J 72 25.50 33.24 36.59
N ALA J 73 25.18 34.53 36.60
CA ALA J 73 24.30 35.09 35.59
C ALA J 73 24.96 35.05 34.23
N VAL J 74 24.43 34.24 33.32
CA VAL J 74 24.92 34.16 31.95
C VAL J 74 23.73 34.20 31.00
N LEU J 75 23.98 34.62 29.77
CA LEU J 75 22.93 34.73 28.78
C LEU J 75 22.49 33.35 28.30
N ASP J 76 21.30 33.30 27.70
CA ASP J 76 20.75 32.06 27.20
C ASP J 76 20.89 32.03 25.69
N PRO J 77 21.65 31.08 25.12
CA PRO J 77 21.88 31.09 23.67
C PRO J 77 20.83 30.33 22.88
N PHE J 78 19.73 29.96 23.52
CA PHE J 78 18.70 29.15 22.87
C PHE J 78 17.37 29.85 22.73
N THR J 79 16.96 30.64 23.71
CA THR J 79 15.66 31.30 23.65
C THR J 79 15.63 32.35 22.54
N GLU J 80 14.44 32.53 21.96
CA GLU J 80 14.25 33.56 20.95
C GLU J 80 14.43 34.95 21.53
N GLU J 81 13.92 35.18 22.72
CA GLU J 81 14.08 36.47 23.36
C GLU J 81 15.22 36.41 24.37
N PRO J 82 15.98 37.50 24.51
CA PRO J 82 17.12 37.49 25.43
C PRO J 82 16.73 37.17 26.85
N THR J 83 17.20 36.03 27.35
CA THR J 83 16.91 35.55 28.69
C THR J 83 18.22 35.36 29.43
N LEU J 84 18.26 35.80 30.68
CA LEU J 84 19.44 35.71 31.52
C LEU J 84 19.26 34.58 32.51
N ILE J 85 20.17 33.61 32.50
CA ILE J 85 20.08 32.44 33.35
C ILE J 85 20.84 32.72 34.65
N ILE J 86 20.14 32.61 35.77
CA ILE J 86 20.75 32.74 37.09
C ILE J 86 20.56 31.43 37.82
N VAL J 87 21.66 30.83 38.27
CA VAL J 87 21.59 29.60 39.04
C VAL J 87 21.27 29.96 40.48
N CYS J 88 20.17 29.43 40.98
CA CYS J 88 19.65 29.84 42.28
C CYS J 88 19.96 28.81 43.35
N ASP J 89 19.93 29.27 44.59
CA ASP J 89 20.07 28.42 45.77
C ASP J 89 18.73 28.35 46.49
N ILE J 90 18.42 27.19 47.03
CA ILE J 90 17.17 26.99 47.75
C ILE J 90 17.35 27.47 49.18
N ILE J 91 16.33 28.14 49.70
CA ILE J 91 16.36 28.72 51.04
C ILE J 91 15.10 28.32 51.77
N GLU J 92 15.24 27.85 53.00
CA GLU J 92 14.10 27.52 53.83
C GLU J 92 13.49 28.81 54.40
N PRO J 93 12.23 29.10 54.14
CA PRO J 93 11.63 30.34 54.66
C PRO J 93 11.50 30.35 56.17
N SER J 94 11.58 29.20 56.82
CA SER J 94 11.47 29.17 58.28
C SER J 94 12.70 29.78 58.93
N THR J 95 13.90 29.45 58.43
CA THR J 95 15.13 29.90 59.04
C THR J 95 15.99 30.79 58.15
N MET J 96 15.60 30.98 56.88
CA MET J 96 16.37 31.81 55.95
C MET J 96 17.81 31.32 55.81
N GLN J 97 17.99 30.00 55.93
CA GLN J 97 19.28 29.35 55.74
C GLN J 97 19.19 28.42 54.53
N GLY J 98 20.35 28.00 54.05
CA GLY J 98 20.37 27.09 52.92
C GLY J 98 19.68 25.78 53.24
N TYR J 99 19.03 25.21 52.23
CA TYR J 99 18.27 23.99 52.43
C TYR J 99 19.20 22.82 52.75
N ASP J 100 18.68 21.84 53.50
CA ASP J 100 19.48 20.69 53.86
C ASP J 100 19.69 19.76 52.68
N ARG J 101 18.65 19.52 51.89
CA ARG J 101 18.70 18.60 50.77
C ARG J 101 19.05 19.28 49.45
N ASP J 102 19.34 20.57 49.46
CA ASP J 102 19.71 21.26 48.24
C ASP J 102 21.13 20.87 47.84
N PRO J 103 21.32 20.27 46.67
CA PRO J 103 22.69 19.83 46.29
C PRO J 103 23.69 20.96 46.22
N ARG J 104 23.28 22.15 45.76
CA ARG J 104 24.21 23.27 45.72
C ARG J 104 24.62 23.71 47.12
N ALA J 105 23.67 23.70 48.06
CA ALA J 105 24.00 24.00 49.45
C ALA J 105 25.00 23.00 50.01
N ILE J 106 24.82 21.72 49.68
CA ILE J 106 25.74 20.69 50.14
C ILE J 106 27.12 20.90 49.53
N ALA J 107 27.19 21.27 48.25
CA ALA J 107 28.49 21.54 47.64
C ALA J 107 29.17 22.72 48.29
N ARG J 108 28.42 23.79 48.57
CA ARG J 108 28.99 24.95 49.27
C ARG J 108 29.49 24.55 50.65
N ARG J 109 28.72 23.72 51.36
CA ARG J 109 29.16 23.25 52.66
C ARG J 109 30.43 22.43 52.55
N ALA J 110 30.55 21.61 51.51
CA ALA J 110 31.76 20.83 51.30
C ALA J 110 32.96 21.75 51.08
N GLU J 111 32.79 22.80 50.27
CA GLU J 111 33.87 23.74 50.06
C GLU J 111 34.26 24.44 51.37
N GLU J 112 33.26 24.84 52.15
CA GLU J 112 33.54 25.50 53.42
C GLU J 112 34.25 24.57 54.40
N TYR J 113 33.86 23.29 54.42
CA TYR J 113 34.55 22.32 55.27
C TYR J 113 35.98 22.11 54.81
N LEU J 114 36.20 22.07 53.49
CA LEU J 114 37.56 21.99 52.98
C LEU J 114 38.39 23.17 53.45
N LYS J 115 37.84 24.37 53.37
CA LYS J 115 38.56 25.55 53.83
C LYS J 115 38.86 25.46 55.33
N SER J 116 37.86 25.06 56.12
CA SER J 116 38.01 25.06 57.57
C SER J 116 39.00 24.01 58.05
N THR J 117 39.03 22.85 57.39
CA THR J 117 39.89 21.77 57.84
C THR J 117 41.37 22.12 57.73
N GLY J 118 41.72 23.15 56.96
CA GLY J 118 43.09 23.61 56.87
C GLY J 118 43.95 22.88 55.86
N ILE J 119 43.41 21.86 55.18
CA ILE J 119 44.19 21.17 54.16
C ILE J 119 44.45 22.10 52.98
N GLY J 120 43.49 22.95 52.64
CA GLY J 120 43.67 23.91 51.59
C GLY J 120 42.46 24.77 51.35
N ASP J 121 42.27 25.19 50.10
CA ASP J 121 41.07 25.94 49.71
C ASP J 121 40.86 25.76 48.22
N THR J 122 39.63 26.01 47.79
CA THR J 122 39.26 26.02 46.37
C THR J 122 39.73 24.73 45.68
N ALA J 123 39.13 23.62 46.10
CA ALA J 123 39.39 22.34 45.45
C ALA J 123 39.04 22.42 43.98
N PHE J 124 39.94 21.94 43.13
CA PHE J 124 39.77 21.97 41.69
C PHE J 124 39.26 20.63 41.21
N PHE J 125 38.06 20.64 40.63
CA PHE J 125 37.41 19.46 40.07
C PHE J 125 37.21 19.70 38.58
N GLY J 126 37.87 18.90 37.75
CA GLY J 126 37.61 18.93 36.33
C GLY J 126 37.02 17.62 35.86
N PRO J 127 35.73 17.61 35.58
CA PRO J 127 35.11 16.39 35.06
C PRO J 127 35.05 16.37 33.55
N GLU J 128 35.34 15.22 32.97
CA GLU J 128 35.13 14.96 31.56
C GLU J 128 34.01 13.94 31.43
N PRO J 129 32.79 14.37 31.12
CA PRO J 129 31.70 13.43 30.85
C PRO J 129 31.54 13.14 29.37
N GLU J 130 30.98 11.99 29.03
CA GLU J 130 30.71 11.61 27.66
C GLU J 130 29.21 11.43 27.48
N PHE J 131 28.71 11.72 26.28
CA PHE J 131 27.29 11.64 26.01
C PHE J 131 27.07 10.91 24.69
N PHE J 132 25.81 10.60 24.41
CA PHE J 132 25.43 9.91 23.17
C PHE J 132 24.53 10.82 22.36
N ILE J 133 24.73 10.82 21.04
CA ILE J 133 23.89 11.63 20.16
C ILE J 133 23.04 10.72 19.29
N PHE J 134 21.84 10.42 19.75
CA PHE J 134 20.93 9.53 19.05
C PHE J 134 20.02 10.32 18.12
N ASP J 135 19.67 9.70 17.00
CA ASP J 135 18.70 10.33 16.11
C ASP J 135 17.28 10.21 16.63
N GLU J 136 17.00 9.19 17.43
CA GLU J 136 15.65 8.90 17.90
C GLU J 136 15.75 7.83 18.98
N VAL J 137 14.69 7.73 19.78
CA VAL J 137 14.66 6.70 20.83
C VAL J 137 13.21 6.48 21.22
N LYS J 138 12.86 5.21 21.41
CA LYS J 138 11.54 4.81 21.86
C LYS J 138 11.69 3.82 23.00
N TYR J 139 10.79 3.89 23.97
CA TYR J 139 10.83 2.99 25.12
C TYR J 139 9.51 3.05 25.85
N LYS J 140 8.93 1.88 26.13
CA LYS J 140 7.74 1.83 26.96
C LYS J 140 7.72 0.49 27.67
N SER J 141 7.57 0.51 28.99
CA SER J 141 7.54 -0.70 29.80
C SER J 141 6.22 -0.75 30.54
N ASP J 142 5.27 -1.52 30.01
CA ASP J 142 4.00 -1.74 30.69
C ASP J 142 3.74 -3.24 30.83
N ILE J 143 2.56 -3.59 31.32
CA ILE J 143 2.25 -5.01 31.56
C ILE J 143 2.40 -5.82 30.29
N SER J 144 2.02 -5.26 29.15
CA SER J 144 2.07 -5.94 27.87
C SER J 144 3.46 -5.99 27.27
N GLY J 145 4.50 -5.71 28.04
CA GLY J 145 5.86 -5.81 27.55
C GLY J 145 6.62 -4.51 27.73
N SER J 146 7.94 -4.63 27.58
CA SER J 146 8.86 -3.50 27.76
C SER J 146 9.73 -3.40 26.51
N MET J 147 9.37 -2.50 25.62
CA MET J 147 10.11 -2.29 24.39
C MET J 147 11.11 -1.16 24.56
N PHE J 148 12.28 -1.34 23.96
CA PHE J 148 13.37 -0.39 24.03
C PHE J 148 14.13 -0.41 22.71
N LYS J 149 14.28 0.76 22.10
CA LYS J 149 14.94 0.84 20.80
C LYS J 149 15.51 2.23 20.63
N ILE J 150 16.66 2.31 19.97
CA ILE J 150 17.30 3.58 19.66
C ILE J 150 17.65 3.61 18.19
N PHE J 151 17.65 4.81 17.62
CA PHE J 151 17.88 5.01 16.19
C PHE J 151 18.96 6.05 16.02
N SER J 152 19.94 5.73 15.18
CA SER J 152 20.98 6.68 14.83
C SER J 152 21.59 6.26 13.50
N GLU J 153 21.81 7.24 12.63
CA GLU J 153 22.32 6.95 11.29
C GLU J 153 23.72 6.35 11.35
N GLN J 154 24.51 6.73 12.34
CA GLN J 154 25.91 6.33 12.39
C GLN J 154 26.16 5.06 13.18
N ALA J 155 25.12 4.39 13.66
CA ALA J 155 25.30 3.18 14.43
C ALA J 155 25.81 2.04 13.56
N ALA J 156 26.51 1.10 14.18
CA ALA J 156 27.09 -0.01 13.45
C ALA J 156 26.05 -1.01 12.95
N TRP J 157 24.87 -1.03 13.56
CA TRP J 157 23.80 -1.93 13.12
C TRP J 157 22.97 -1.36 12.00
N ASN J 158 23.20 -0.11 11.61
CA ASN J 158 22.46 0.54 10.54
C ASN J 158 23.18 0.44 9.20
N THR J 159 24.10 -0.53 9.06
CA THR J 159 24.95 -0.58 7.88
C THR J 159 24.13 -0.80 6.61
N ASP J 160 23.13 -1.68 6.66
CA ASP J 160 22.34 -2.02 5.49
C ASP J 160 20.92 -1.47 5.57
N ALA J 161 20.66 -0.52 6.45
CA ALA J 161 19.33 0.02 6.64
C ALA J 161 19.05 1.13 5.63
N ASP J 162 17.79 1.22 5.21
CA ASP J 162 17.36 2.29 4.32
C ASP J 162 17.39 3.62 5.06
N PHE J 163 17.85 4.66 4.37
CA PHE J 163 17.90 5.99 4.93
C PHE J 163 17.44 7.01 3.89
N GLU J 164 16.68 7.99 4.33
CA GLU J 164 16.28 9.08 3.44
C GLU J 164 17.49 9.90 3.07
N GLY J 165 17.67 10.14 1.77
CA GLY J 165 18.83 10.84 1.29
C GLY J 165 20.07 9.99 1.10
N GLY J 166 19.99 8.70 1.33
CA GLY J 166 21.10 7.81 1.08
C GLY J 166 21.74 7.31 2.37
N ASN J 167 22.03 6.01 2.41
CA ASN J 167 22.73 5.38 3.53
C ASN J 167 24.20 5.32 3.14
N LYS J 168 24.94 6.38 3.44
CA LYS J 168 26.36 6.39 3.14
C LYS J 168 27.06 5.27 3.91
N GLY J 169 27.97 4.60 3.24
CA GLY J 169 28.58 3.42 3.84
C GLY J 169 29.52 3.69 4.99
N HIS J 170 29.75 4.96 5.34
CA HIS J 170 30.71 5.34 6.35
C HIS J 170 30.00 5.55 7.68
N ARG J 171 30.41 4.76 8.69
CA ARG J 171 29.87 4.87 10.03
C ARG J 171 30.83 4.14 10.96
N PRO J 172 31.03 4.62 12.19
CA PRO J 172 31.95 3.92 13.09
C PRO J 172 31.44 2.53 13.44
N GLY J 173 32.36 1.58 13.52
CA GLY J 173 32.03 0.23 13.91
C GLY J 173 31.83 0.12 15.40
N VAL J 174 31.53 -1.10 15.84
CA VAL J 174 31.33 -1.34 17.27
C VAL J 174 32.66 -1.25 17.99
N LYS J 175 32.72 -0.42 19.03
CA LYS J 175 33.91 -0.20 19.85
C LYS J 175 35.08 0.32 19.04
N GLY J 176 34.81 0.94 17.89
CA GLY J 176 35.86 1.45 17.04
C GLY J 176 35.58 2.84 16.53
N GLY J 177 34.89 3.64 17.34
CA GLY J 177 34.55 4.98 16.94
C GLY J 177 35.45 6.03 17.55
N TYR J 178 36.63 5.63 18.03
CA TYR J 178 37.56 6.58 18.64
C TYR J 178 38.37 7.26 17.56
N PHE J 179 38.02 8.51 17.26
CA PHE J 179 38.67 9.38 16.29
C PHE J 179 38.61 8.90 14.85
N PRO J 180 37.44 8.60 14.29
CA PRO J 180 37.33 8.64 12.83
C PRO J 180 37.49 10.05 12.29
N VAL J 181 37.32 10.21 10.98
CA VAL J 181 37.41 11.50 10.32
C VAL J 181 35.97 11.90 9.98
N PRO J 182 35.67 13.18 9.76
CA PRO J 182 34.28 13.60 9.45
C PRO J 182 33.56 12.70 8.46
N PRO J 183 34.22 12.12 7.44
CA PRO J 183 33.49 11.14 6.61
C PRO J 183 32.92 10.00 7.42
N VAL J 184 33.65 9.52 8.43
CA VAL J 184 33.15 8.49 9.32
C VAL J 184 32.67 9.07 10.65
N ASP J 185 33.12 10.26 11.01
CA ASP J 185 32.66 10.96 12.22
C ASP J 185 31.47 11.82 11.83
N HIS J 186 30.27 11.33 12.09
CA HIS J 186 29.05 12.01 11.65
C HIS J 186 28.73 13.26 12.45
N ASP J 187 29.41 13.50 13.57
CA ASP J 187 28.98 14.50 14.53
C ASP J 187 29.98 15.64 14.70
N HIS J 188 30.76 15.94 13.66
CA HIS J 188 31.71 17.04 13.77
C HIS J 188 30.99 18.38 13.83
N GLU J 189 30.06 18.61 12.90
CA GLU J 189 29.35 19.89 12.87
C GLU J 189 28.52 20.09 14.13
N ILE J 190 27.84 19.04 14.58
CA ILE J 190 27.00 19.18 15.77
C ILE J 190 27.87 19.39 17.01
N ARG J 191 29.03 18.73 17.07
CA ARG J 191 29.93 18.93 18.20
C ARG J 191 30.46 20.36 18.22
N THR J 192 30.78 20.91 17.06
CA THR J 192 31.19 22.31 17.01
C THR J 192 30.06 23.23 17.42
N ALA J 193 28.82 22.86 17.09
CA ALA J 193 27.68 23.65 17.54
C ALA J 193 27.56 23.63 19.06
N MET J 194 27.71 22.45 19.67
CA MET J 194 27.68 22.37 21.13
C MET J 194 28.81 23.18 21.74
N CYS J 195 30.00 23.12 21.15
CA CYS J 195 31.12 23.90 21.66
C CYS J 195 30.84 25.40 21.59
N ASN J 196 30.28 25.86 20.48
CA ASN J 196 29.93 27.27 20.36
C ASN J 196 28.90 27.67 21.41
N ALA J 197 27.88 26.82 21.62
CA ALA J 197 26.89 27.13 22.63
C ALA J 197 27.51 27.17 24.02
N LEU J 198 28.45 26.27 24.29
CA LEU J 198 29.16 26.29 25.56
C LEU J 198 29.93 27.59 25.73
N GLU J 199 30.61 28.03 24.68
CA GLU J 199 31.34 29.29 24.74
C GLU J 199 30.41 30.48 24.94
N GLU J 200 29.18 30.38 24.45
CA GLU J 200 28.23 31.48 24.63
C GLU J 200 27.85 31.71 26.09
N MET J 201 28.04 30.71 26.95
CA MET J 201 27.75 30.86 28.38
C MET J 201 29.01 30.67 29.23
N GLY J 202 30.13 31.17 28.74
CA GLY J 202 31.34 31.26 29.55
C GLY J 202 31.93 29.94 30.01
N LEU J 203 31.95 28.93 29.16
CA LEU J 203 32.59 27.66 29.46
C LEU J 203 33.80 27.51 28.55
N LYS J 204 34.96 27.29 29.15
CA LYS J 204 36.21 27.23 28.38
C LYS J 204 36.45 25.78 27.97
N VAL J 205 36.08 25.46 26.75
CA VAL J 205 36.35 24.15 26.18
C VAL J 205 37.82 24.06 25.81
N GLU J 206 38.43 22.88 25.96
CA GLU J 206 39.69 22.63 25.29
C GLU J 206 39.63 21.52 24.26
N VAL J 207 38.79 20.50 24.44
CA VAL J 207 38.78 19.37 23.52
C VAL J 207 37.35 18.99 23.22
N HIS J 208 37.09 18.60 21.98
CA HIS J 208 35.84 17.93 21.66
C HIS J 208 36.14 16.88 20.60
N HIS J 209 35.67 15.66 20.82
CA HIS J 209 36.01 14.57 19.93
C HIS J 209 35.00 13.45 20.07
N HIS J 210 35.08 12.49 19.15
CA HIS J 210 34.30 11.27 19.22
C HIS J 210 34.85 10.35 20.29
N GLU J 211 34.01 9.44 20.78
CA GLU J 211 34.43 8.46 21.77
C GLU J 211 34.31 7.06 21.19
N VAL J 212 34.74 6.07 21.98
CA VAL J 212 34.90 4.72 21.46
C VAL J 212 33.58 4.14 20.97
N ALA J 213 32.50 4.42 21.69
CA ALA J 213 31.23 3.79 21.37
C ALA J 213 30.69 4.29 20.04
N THR J 214 30.01 3.40 19.32
CA THR J 214 29.33 3.77 18.09
C THR J 214 28.02 4.44 18.45
N ALA J 215 27.16 4.65 17.45
CA ALA J 215 25.87 5.32 17.63
C ALA J 215 26.07 6.72 18.20
N GLY J 216 27.19 7.35 17.88
CA GLY J 216 27.43 8.73 18.27
C GLY J 216 27.66 8.98 19.73
N GLN J 217 28.77 8.49 20.28
CA GLN J 217 29.20 8.87 21.62
C GLN J 217 30.34 9.87 21.49
N ASN J 218 30.16 11.04 22.10
CA ASN J 218 31.11 12.13 21.97
C ASN J 218 31.46 12.67 23.35
N GLU J 219 32.68 13.21 23.44
CA GLU J 219 33.17 13.83 24.65
C GLU J 219 33.54 15.27 24.34
N ILE J 220 33.26 16.16 25.28
CA ILE J 220 33.63 17.58 25.18
C ILE J 220 34.30 17.94 26.50
N GLY J 221 35.62 17.88 26.54
CA GLY J 221 36.38 18.26 27.71
C GLY J 221 36.51 19.76 27.81
N VAL J 222 36.02 20.30 28.92
CA VAL J 222 36.02 21.73 29.22
C VAL J 222 36.91 22.01 30.41
N SER J 223 37.14 23.28 30.71
CA SER J 223 38.14 23.63 31.72
C SER J 223 37.62 23.35 33.13
N PHE J 224 38.57 23.05 34.02
CA PHE J 224 38.25 22.78 35.41
C PHE J 224 37.91 24.07 36.14
N ASN J 225 37.32 23.92 37.32
CA ASN J 225 36.95 25.06 38.15
C ASN J 225 36.74 24.57 39.57
N THR J 226 36.33 25.48 40.45
CA THR J 226 36.05 25.12 41.83
C THR J 226 34.80 24.25 41.90
N LEU J 227 34.59 23.66 43.07
CA LEU J 227 33.61 22.58 43.21
C LEU J 227 32.21 23.01 42.80
N VAL J 228 31.64 23.99 43.51
CA VAL J 228 30.28 24.41 43.20
C VAL J 228 30.20 25.03 41.81
N ALA J 229 31.20 25.86 41.46
CA ALA J 229 31.22 26.45 40.12
C ALA J 229 31.32 25.38 39.05
N LYS J 230 32.10 24.33 39.30
CA LYS J 230 32.22 23.29 38.29
C LYS J 230 30.96 22.45 38.18
N ALA J 231 30.25 22.22 39.29
CA ALA J 231 28.97 21.54 39.19
C ALA J 231 27.97 22.37 38.39
N ASP J 232 27.98 23.70 38.61
CA ASP J 232 27.16 24.58 37.79
C ASP J 232 27.55 24.46 36.33
N GLU J 233 28.85 24.40 36.05
CA GLU J 233 29.32 24.27 34.67
C GLU J 233 28.89 22.95 34.06
N VAL J 234 28.88 21.87 34.84
CA VAL J 234 28.46 20.58 34.34
C VAL J 234 26.98 20.59 33.98
N GLN J 235 26.16 21.17 34.87
CA GLN J 235 24.74 21.28 34.55
C GLN J 235 24.52 22.14 33.31
N THR J 236 25.29 23.23 33.19
CA THR J 236 25.21 24.08 32.01
C THR J 236 25.61 23.32 30.75
N LEU J 237 26.66 22.50 30.84
CA LEU J 237 27.08 21.70 29.69
C LEU J 237 26.00 20.71 29.28
N LYS J 238 25.39 20.05 30.25
CA LYS J 238 24.30 19.13 29.93
C LYS J 238 23.16 19.86 29.23
N TYR J 239 22.76 21.01 29.77
CA TYR J 239 21.69 21.78 29.15
C TYR J 239 22.05 22.22 27.74
N CYS J 240 23.29 22.68 27.55
CA CYS J 240 23.72 23.17 26.24
C CYS J 240 23.69 22.05 25.21
N VAL J 241 24.25 20.89 25.54
CA VAL J 241 24.28 19.81 24.57
C VAL J 241 22.87 19.29 24.29
N HIS J 242 22.04 19.19 25.33
CA HIS J 242 20.67 18.76 25.13
C HIS J 242 19.95 19.67 24.14
N ASN J 243 20.00 20.97 24.38
CA ASN J 243 19.25 21.90 23.54
C ASN J 243 19.87 22.06 22.16
N VAL J 244 21.19 21.88 22.04
CA VAL J 244 21.81 21.93 20.72
C VAL J 244 21.37 20.74 19.87
N ALA J 245 21.37 19.54 20.46
CA ALA J 245 20.88 18.39 19.72
C ALA J 245 19.41 18.54 19.37
N ASP J 246 18.63 19.08 20.30
CA ASP J 246 17.22 19.31 20.01
C ASP J 246 17.05 20.31 18.87
N ALA J 247 17.92 21.31 18.80
CA ALA J 247 17.89 22.25 17.68
C ALA J 247 18.24 21.56 16.38
N TYR J 248 19.07 20.51 16.42
CA TYR J 248 19.46 19.77 15.24
C TYR J 248 18.59 18.57 14.98
N GLY J 249 17.55 18.35 15.77
CA GLY J 249 16.67 17.22 15.59
C GLY J 249 17.12 15.93 16.24
N LYS J 250 18.25 15.93 16.93
CA LYS J 250 18.78 14.76 17.60
C LYS J 250 18.55 14.88 19.11
N THR J 251 19.00 13.87 19.84
CA THR J 251 18.88 13.82 21.29
C THR J 251 20.23 13.50 21.89
N VAL J 252 20.56 14.18 22.99
CA VAL J 252 21.75 13.88 23.78
C VAL J 252 21.33 13.05 24.98
N THR J 253 22.06 11.97 25.22
CA THR J 253 21.76 11.00 26.24
C THR J 253 22.95 10.90 27.19
N PHE J 254 22.70 11.04 28.49
CA PHE J 254 23.76 11.09 29.48
C PHE J 254 23.74 9.91 30.45
N MET J 255 22.85 8.95 30.23
CA MET J 255 22.85 7.77 31.09
C MET J 255 24.11 6.96 30.86
N PRO J 256 24.66 6.36 31.91
CA PRO J 256 26.03 5.81 31.80
C PRO J 256 26.20 4.75 30.73
N LYS J 257 25.23 3.87 30.53
CA LYS J 257 25.38 2.76 29.58
C LYS J 257 24.06 2.59 28.84
N PRO J 258 23.96 3.14 27.63
CA PRO J 258 22.73 2.99 26.84
C PRO J 258 22.77 1.84 25.84
N LEU J 259 23.80 1.00 25.86
CA LEU J 259 23.97 -0.06 24.87
C LEU J 259 24.51 -1.30 25.55
N TYR J 260 24.56 -2.39 24.79
CA TYR J 260 25.31 -3.58 25.18
C TYR J 260 26.38 -3.85 24.15
N GLY J 261 27.50 -4.40 24.60
CA GLY J 261 28.59 -4.68 23.70
C GLY J 261 29.35 -3.47 23.22
N ASP J 262 29.12 -2.31 23.83
CA ASP J 262 29.83 -1.10 23.46
C ASP J 262 30.16 -0.32 24.73
N ASN J 263 30.96 0.72 24.56
CA ASN J 263 31.43 1.49 25.71
C ASN J 263 30.28 2.23 26.38
N GLY J 264 30.45 2.51 27.67
CA GLY J 264 29.49 3.26 28.43
C GLY J 264 30.03 4.65 28.73
N SER J 265 29.12 5.61 28.84
CA SER J 265 29.51 6.99 29.10
C SER J 265 30.06 7.12 30.51
N GLY J 266 31.30 7.57 30.63
CA GLY J 266 31.94 7.77 31.92
C GLY J 266 32.28 9.22 32.14
N MET J 267 32.14 9.66 33.39
CA MET J 267 32.45 11.03 33.78
C MET J 267 33.68 10.98 34.67
N HIS J 268 34.85 11.02 34.06
CA HIS J 268 36.07 11.03 34.86
C HIS J 268 36.16 12.35 35.62
N VAL J 269 36.69 12.31 36.82
CA VAL J 269 36.85 13.50 37.64
C VAL J 269 38.32 13.65 38.00
N HIS J 270 38.96 14.68 37.47
CA HIS J 270 40.29 15.06 37.92
C HIS J 270 40.15 15.94 39.16
N MET J 271 40.89 15.60 40.20
CA MET J 271 40.83 16.29 41.48
C MET J 271 42.21 16.80 41.85
N SER J 272 42.26 18.05 42.30
CA SER J 272 43.49 18.64 42.82
C SER J 272 43.12 19.65 43.89
N ILE J 273 44.10 19.96 44.75
CA ILE J 273 43.89 20.89 45.85
C ILE J 273 45.07 21.86 45.86
N ALA J 274 44.77 23.15 45.99
CA ALA J 274 45.81 24.18 46.04
C ALA J 274 45.61 25.01 47.30
N LYS J 275 46.69 25.21 48.06
CA LYS J 275 46.67 25.99 49.28
C LYS J 275 47.35 27.33 49.00
N ASP J 276 46.58 28.41 49.09
CA ASP J 276 47.08 29.76 48.83
C ASP J 276 47.71 29.87 47.45
N GLY J 277 47.11 29.20 46.47
CA GLY J 277 47.61 29.23 45.11
C GLY J 277 48.73 28.28 44.80
N LYS J 278 49.13 27.44 45.75
CA LYS J 278 50.18 26.44 45.52
C LYS J 278 49.56 25.06 45.59
N ASN J 279 49.80 24.24 44.57
CA ASN J 279 49.24 22.90 44.52
C ASN J 279 49.78 22.05 45.66
N THR J 280 48.88 21.35 46.34
CA THR J 280 49.25 20.48 47.45
C THR J 280 49.44 19.03 47.04
N PHE J 281 49.27 18.72 45.76
CA PHE J 281 49.41 17.36 45.27
C PHE J 281 50.74 17.10 44.61
N ALA J 282 51.70 18.02 44.72
CA ALA J 282 53.00 17.90 44.08
C ALA J 282 54.06 17.63 45.15
N GLY J 283 54.55 16.39 45.18
CA GLY J 283 55.58 16.02 46.13
C GLY J 283 56.70 15.22 45.50
N GLU J 284 56.97 14.04 46.04
CA GLU J 284 57.99 13.16 45.48
C GLU J 284 57.43 11.76 45.23
N LEU J 289 53.82 12.74 42.49
CA LEU J 289 52.74 12.76 43.48
C LEU J 289 53.26 13.16 44.84
N SER J 290 52.35 13.53 45.74
CA SER J 290 52.69 13.97 47.08
C SER J 290 52.03 13.07 48.11
N ASP J 291 52.52 13.16 49.35
CA ASP J 291 51.95 12.38 50.43
C ASP J 291 50.49 12.75 50.68
N THR J 292 50.18 14.05 50.59
CA THR J 292 48.79 14.49 50.74
C THR J 292 47.93 13.93 49.60
N ALA J 293 48.46 13.92 48.38
CA ALA J 293 47.73 13.32 47.26
C ALA J 293 47.55 11.83 47.47
N LEU J 294 48.58 11.16 48.02
CA LEU J 294 48.44 9.73 48.31
C LEU J 294 47.36 9.50 49.36
N TYR J 295 47.29 10.36 50.38
CA TYR J 295 46.24 10.22 51.38
C TYR J 295 44.86 10.46 50.78
N PHE J 296 44.75 11.43 49.87
CA PHE J 296 43.49 11.66 49.17
C PHE J 296 43.07 10.43 48.37
N ILE J 297 44.04 9.82 47.67
CA ILE J 297 43.77 8.60 46.92
C ILE J 297 43.31 7.49 47.84
N GLY J 298 43.97 7.34 48.98
CA GLY J 298 43.59 6.30 49.93
C GLY J 298 42.19 6.53 50.48
N GLY J 299 41.83 7.78 50.73
CA GLY J 299 40.49 8.07 51.19
C GLY J 299 39.44 7.79 50.13
N ILE J 300 39.76 8.07 48.87
CA ILE J 300 38.86 7.71 47.78
C ILE J 300 38.69 6.20 47.71
N ILE J 301 39.81 5.46 47.86
CA ILE J 301 39.77 4.01 47.77
C ILE J 301 38.95 3.41 48.90
N LYS J 302 39.18 3.87 50.12
CA LYS J 302 38.52 3.26 51.29
C LYS J 302 37.02 3.46 51.24
N HIS J 303 36.57 4.65 50.83
CA HIS J 303 35.15 4.96 50.80
C HIS J 303 34.53 4.78 49.41
N GLY J 304 35.25 4.16 48.49
CA GLY J 304 34.74 4.01 47.13
C GLY J 304 33.43 3.26 47.08
N LYS J 305 33.28 2.23 47.92
CA LYS J 305 32.03 1.49 47.97
C LYS J 305 30.87 2.39 48.39
N ALA J 306 31.11 3.27 49.36
CA ALA J 306 30.10 4.25 49.73
C ALA J 306 30.01 5.38 48.71
N LEU J 307 31.12 5.69 48.04
CA LEU J 307 31.11 6.75 47.04
C LEU J 307 30.23 6.37 45.85
N ASN J 308 30.14 5.09 45.52
CA ASN J 308 29.33 4.65 44.39
C ASN J 308 27.86 4.99 44.57
N GLY J 309 27.42 5.26 45.80
CA GLY J 309 26.04 5.64 46.01
C GLY J 309 25.72 7.06 45.60
N PHE J 310 26.74 7.90 45.42
CA PHE J 310 26.56 9.29 44.98
C PHE J 310 27.16 9.57 43.61
N THR J 311 28.35 9.03 43.33
CA THR J 311 28.96 9.21 42.03
C THR J 311 28.36 8.31 40.96
N ASN J 312 27.68 7.23 41.36
CA ASN J 312 27.01 6.32 40.44
C ASN J 312 25.63 6.02 40.96
N PRO J 313 24.71 6.99 40.93
CA PRO J 313 23.41 6.81 41.56
C PRO J 313 22.45 5.96 40.74
N SER J 314 22.54 6.05 39.43
CA SER J 314 21.62 5.32 38.57
C SER J 314 21.88 3.82 38.62
N THR J 315 20.81 3.04 38.48
CA THR J 315 20.97 1.60 38.35
C THR J 315 21.75 1.27 37.09
N ASN J 316 21.44 1.94 35.99
CA ASN J 316 22.11 1.70 34.72
C ASN J 316 23.61 1.89 34.83
N SER J 317 24.06 2.72 35.77
CA SER J 317 25.48 2.90 36.00
C SER J 317 26.19 1.57 36.19
N TYR J 318 25.57 0.66 36.94
CA TYR J 318 26.21 -0.60 37.26
C TYR J 318 26.08 -1.62 36.14
N LYS J 319 25.67 -1.19 34.95
CA LYS J 319 25.87 -1.96 33.74
C LYS J 319 27.12 -1.55 32.99
N ARG J 320 27.81 -0.50 33.45
CA ARG J 320 29.11 -0.12 32.91
C ARG J 320 30.26 -0.49 33.84
N LEU J 321 30.00 -0.59 35.15
CA LEU J 321 31.02 -0.98 36.12
C LEU J 321 31.02 -2.50 36.20
N VAL J 322 31.69 -3.13 35.23
CA VAL J 322 31.74 -4.58 35.14
C VAL J 322 33.14 -5.04 34.75
N PRO J 328 37.38 -0.04 34.52
CA PRO J 328 37.61 0.92 35.59
C PRO J 328 36.95 0.48 36.89
N VAL J 329 37.25 -0.73 37.35
CA VAL J 329 36.57 -1.35 38.48
C VAL J 329 37.48 -1.41 39.70
N MET J 330 38.70 -1.92 39.54
CA MET J 330 39.60 -2.12 40.67
C MET J 330 39.97 -0.78 41.29
N LEU J 331 39.73 -0.64 42.59
CA LEU J 331 39.98 0.61 43.31
C LEU J 331 41.47 0.69 43.65
N ALA J 332 42.26 1.17 42.70
CA ALA J 332 43.69 1.32 42.90
C ALA J 332 44.18 2.46 42.02
N TYR J 333 45.35 2.98 42.36
CA TYR J 333 45.92 4.12 41.67
C TYR J 333 47.17 3.71 40.91
N SER J 334 47.28 4.17 39.67
CA SER J 334 48.43 3.87 38.83
C SER J 334 48.68 5.04 37.90
N ALA J 335 49.50 4.82 36.89
CA ALA J 335 49.82 5.87 35.93
C ALA J 335 50.02 5.30 34.54
N SER J 339 43.26 0.10 33.54
CA SER J 339 43.07 -1.00 34.48
C SER J 339 42.64 -0.49 35.85
N ALA J 340 43.54 0.24 36.51
CA ALA J 340 43.22 0.80 37.81
C ALA J 340 42.19 1.91 37.68
N SER J 341 41.31 2.01 38.68
CA SER J 341 40.26 3.01 38.62
C SER J 341 40.82 4.43 38.64
N ILE J 342 41.85 4.66 39.45
CA ILE J 342 42.45 5.98 39.59
C ILE J 342 43.75 6.01 38.81
N ARG J 343 43.92 7.03 37.98
CA ARG J 343 45.12 7.19 37.18
C ARG J 343 45.77 8.54 37.48
N ILE J 344 47.08 8.60 37.29
CA ILE J 344 47.83 9.84 37.50
C ILE J 344 48.28 10.37 36.15
N PRO J 345 47.61 11.38 35.59
CA PRO J 345 47.92 11.91 34.26
C PRO J 345 49.23 12.71 34.23
N LYS J 351 53.15 20.63 37.56
CA LYS J 351 52.59 21.43 38.64
C LYS J 351 51.16 21.01 38.97
N ALA J 352 50.40 20.63 37.94
CA ALA J 352 49.03 20.19 38.13
C ALA J 352 48.96 18.94 39.01
N ARG J 353 49.50 17.83 38.50
CA ARG J 353 49.65 16.60 39.27
C ARG J 353 48.35 16.18 39.95
N ARG J 354 47.24 16.32 39.23
CA ARG J 354 45.95 15.95 39.79
C ARG J 354 45.74 14.43 39.67
N ILE J 355 44.78 13.93 40.44
CA ILE J 355 44.38 12.54 40.36
C ILE J 355 43.15 12.45 39.47
N GLU J 356 42.83 11.24 39.01
CA GLU J 356 41.71 11.05 38.11
C GLU J 356 40.90 9.85 38.58
N ALA J 357 39.73 10.11 39.18
CA ALA J 357 38.78 9.06 39.54
C ALA J 357 37.92 8.78 38.31
N ARG J 358 38.05 7.58 37.75
CA ARG J 358 37.42 7.25 36.49
C ARG J 358 36.09 6.52 36.64
N PHE J 359 35.69 6.15 37.84
CA PHE J 359 34.43 5.43 38.01
C PHE J 359 33.17 6.29 37.89
N PRO J 360 33.14 7.56 38.32
CA PRO J 360 31.90 8.33 38.20
C PRO J 360 31.44 8.46 36.76
N ASP J 361 30.13 8.60 36.59
CA ASP J 361 29.49 8.63 35.29
C ASP J 361 28.45 9.75 35.26
N PRO J 362 28.03 10.19 34.07
CA PRO J 362 27.25 11.44 33.98
C PRO J 362 25.94 11.44 34.73
N SER J 363 25.39 10.27 35.06
CA SER J 363 24.11 10.25 35.77
C SER J 363 24.21 10.79 37.18
N ALA J 364 25.42 11.00 37.70
CA ALA J 364 25.59 11.51 39.04
C ALA J 364 25.17 12.97 39.14
N ASN J 365 24.66 13.35 40.30
CA ASN J 365 24.42 14.75 40.60
C ASN J 365 25.77 15.42 40.76
N PRO J 366 26.10 16.42 39.93
CA PRO J 366 27.47 16.99 40.01
C PRO J 366 27.80 17.54 41.38
N TYR J 367 26.85 18.23 42.02
CA TYR J 367 27.11 18.75 43.36
C TYR J 367 27.36 17.62 44.35
N LEU J 368 26.45 16.64 44.39
CA LEU J 368 26.58 15.54 45.33
C LEU J 368 27.81 14.70 45.02
N ALA J 369 28.07 14.42 43.75
CA ALA J 369 29.21 13.59 43.39
C ALA J 369 30.51 14.27 43.78
N PHE J 370 30.65 15.56 43.45
CA PHE J 370 31.87 16.28 43.80
C PHE J 370 32.04 16.39 45.31
N ALA J 371 30.95 16.66 46.03
CA ALA J 371 31.06 16.76 47.48
C ALA J 371 31.43 15.42 48.11
N ALA J 372 30.85 14.33 47.62
CA ALA J 372 31.20 13.01 48.14
C ALA J 372 32.65 12.68 47.87
N LEU J 373 33.13 12.95 46.67
CA LEU J 373 34.55 12.73 46.36
C LEU J 373 35.43 13.57 47.28
N LEU J 374 35.06 14.84 47.47
CA LEU J 374 35.86 15.72 48.29
C LEU J 374 35.94 15.23 49.73
N MET J 375 34.81 14.79 50.29
CA MET J 375 34.83 14.30 51.67
C MET J 375 35.55 12.97 51.80
N ALA J 376 35.46 12.09 50.79
CA ALA J 376 36.25 10.87 50.85
C ALA J 376 37.73 11.19 50.88
N GLY J 377 38.16 12.11 50.01
CA GLY J 377 39.56 12.50 50.01
C GLY J 377 39.99 13.19 51.29
N LEU J 378 39.12 14.05 51.83
CA LEU J 378 39.43 14.73 53.08
C LEU J 378 39.53 13.75 54.23
N ASP J 379 38.64 12.75 54.29
CA ASP J 379 38.74 11.74 55.32
C ASP J 379 40.05 10.96 55.20
N GLY J 380 40.43 10.61 53.97
CA GLY J 380 41.71 9.94 53.78
C GLY J 380 42.88 10.79 54.24
N ILE J 381 42.83 12.09 53.95
CA ILE J 381 43.92 12.98 54.35
C ILE J 381 43.98 13.11 55.86
N GLN J 382 42.82 13.30 56.50
CA GLN J 382 42.79 13.55 57.94
C GLN J 382 43.13 12.30 58.72
N ASN J 383 42.80 11.12 58.21
CA ASN J 383 43.16 9.88 58.88
C ASN J 383 44.48 9.30 58.36
N LYS J 384 45.14 9.97 57.43
CA LYS J 384 46.43 9.54 56.89
C LYS J 384 46.36 8.11 56.36
N ILE J 385 45.29 7.83 55.62
CA ILE J 385 45.05 6.49 55.09
C ILE J 385 45.94 6.33 53.86
N HIS J 386 47.09 5.69 54.03
CA HIS J 386 47.97 5.45 52.90
C HIS J 386 47.37 4.38 52.00
N PRO J 387 47.21 4.63 50.70
CA PRO J 387 46.62 3.62 49.82
C PRO J 387 47.48 2.38 49.67
N GLY J 388 48.79 2.52 49.76
CA GLY J 388 49.68 1.39 49.53
C GLY J 388 50.46 1.53 48.25
N ASP J 389 50.74 0.40 47.60
CA ASP J 389 51.52 0.41 46.37
C ASP J 389 50.67 0.85 45.19
N ALA J 390 51.34 1.28 44.13
CA ALA J 390 50.68 1.71 42.90
C ALA J 390 50.68 0.54 41.91
N ALA J 391 49.50 0.12 41.49
CA ALA J 391 49.37 -1.00 40.57
C ALA J 391 49.93 -0.64 39.19
N LYS J 404 44.90 -11.13 42.89
CA LYS J 404 43.54 -11.66 42.94
C LYS J 404 42.69 -10.85 43.91
N GLU J 405 43.24 -10.54 45.07
CA GLU J 405 42.54 -9.78 46.11
C GLU J 405 42.83 -8.30 45.88
N ILE J 406 41.87 -7.59 45.31
CA ILE J 406 41.97 -6.16 45.09
C ILE J 406 40.61 -5.53 45.33
N PRO J 407 40.50 -4.45 46.09
CA PRO J 407 39.20 -3.82 46.31
C PRO J 407 38.59 -3.33 45.01
N GLN J 408 37.27 -3.39 44.94
CA GLN J 408 36.55 -3.03 43.72
C GLN J 408 35.29 -2.25 44.07
N VAL J 409 34.80 -1.50 43.09
CA VAL J 409 33.58 -0.71 43.25
C VAL J 409 32.38 -1.64 43.32
N CYS J 410 31.23 -1.10 43.71
CA CYS J 410 30.02 -1.89 43.86
C CYS J 410 29.55 -2.45 42.52
N GLY J 411 28.90 -3.61 42.58
CA GLY J 411 28.37 -4.26 41.40
C GLY J 411 26.88 -4.08 41.17
N SER J 412 26.17 -3.42 42.08
CA SER J 412 24.75 -3.18 41.90
C SER J 412 24.36 -1.97 42.74
N LEU J 413 23.25 -1.34 42.36
CA LEU J 413 22.82 -0.13 43.06
C LEU J 413 22.39 -0.44 44.49
N LYS J 414 21.79 -1.61 44.72
CA LYS J 414 21.40 -1.97 46.08
C LYS J 414 22.63 -2.08 46.98
N GLU J 415 23.70 -2.68 46.48
CA GLU J 415 24.92 -2.79 47.28
C GLU J 415 25.51 -1.42 47.56
N ALA J 416 25.50 -0.53 46.58
CA ALA J 416 26.02 0.82 46.79
C ALA J 416 25.18 1.59 47.82
N LEU J 417 23.85 1.44 47.75
CA LEU J 417 22.99 2.08 48.74
C LEU J 417 23.27 1.53 50.13
N GLU J 418 23.47 0.22 50.24
CA GLU J 418 23.82 -0.37 51.53
C GLU J 418 25.13 0.18 52.06
N GLU J 419 26.14 0.26 51.20
CA GLU J 419 27.45 0.77 51.61
C GLU J 419 27.35 2.23 52.04
N LEU J 420 26.56 3.02 51.32
CA LEU J 420 26.36 4.41 51.71
C LEU J 420 25.63 4.51 53.04
N ASP J 421 24.65 3.63 53.27
CA ASP J 421 23.94 3.63 54.54
C ASP J 421 24.86 3.31 55.70
N LYS J 422 25.70 2.30 55.54
CA LYS J 422 26.59 1.87 56.62
C LYS J 422 27.96 2.53 56.59
N GLY J 423 28.20 3.42 55.64
CA GLY J 423 29.45 4.14 55.58
C GLY J 423 29.26 5.63 55.43
N ARG J 424 28.21 6.16 56.05
CA ARG J 424 27.87 7.57 55.93
C ARG J 424 28.54 8.44 56.99
N ALA J 425 29.42 7.86 57.82
CA ALA J 425 30.05 8.65 58.87
C ALA J 425 30.87 9.80 58.29
N PHE J 426 31.66 9.53 57.25
CA PHE J 426 32.55 10.56 56.73
C PHE J 426 31.78 11.66 56.01
N LEU J 427 30.66 11.32 55.37
CA LEU J 427 29.87 12.35 54.71
C LEU J 427 29.22 13.28 55.73
N THR J 428 28.69 12.72 56.82
CA THR J 428 28.10 13.55 57.86
C THR J 428 29.14 14.27 58.70
N LYS J 429 30.40 13.81 58.66
CA LYS J 429 31.47 14.51 59.35
C LYS J 429 31.56 15.94 58.82
N GLY J 430 31.58 16.91 59.74
CA GLY J 430 31.53 18.30 59.36
C GLY J 430 30.14 18.83 59.12
N GLY J 431 29.12 17.99 59.22
CA GLY J 431 27.74 18.43 59.08
C GLY J 431 27.38 18.95 57.70
N VAL J 432 27.88 18.31 56.65
CA VAL J 432 27.55 18.69 55.28
C VAL J 432 26.41 17.82 54.78
N PHE J 433 26.63 16.51 54.72
CA PHE J 433 25.58 15.57 54.37
C PHE J 433 24.87 15.18 55.66
N SER J 434 23.78 15.87 55.96
CA SER J 434 23.01 15.54 57.15
C SER J 434 22.37 14.17 56.99
N ASP J 435 22.17 13.49 58.12
CA ASP J 435 21.57 12.17 58.08
C ASP J 435 20.15 12.22 57.50
N ASP J 436 19.46 13.33 57.66
CA ASP J 436 18.13 13.48 57.07
C ASP J 436 18.20 13.41 55.55
N PHE J 437 19.12 14.19 54.96
CA PHE J 437 19.27 14.16 53.51
C PHE J 437 19.75 12.80 53.03
N ILE J 438 20.67 12.20 53.78
CA ILE J 438 21.17 10.88 53.39
C ILE J 438 20.03 9.87 53.37
N ASP J 439 19.18 9.89 54.40
CA ASP J 439 18.07 8.95 54.46
C ASP J 439 17.08 9.20 53.34
N ALA J 440 16.76 10.46 53.06
CA ALA J 440 15.83 10.76 51.97
C ALA J 440 16.40 10.32 50.62
N TYR J 441 17.68 10.57 50.40
CA TYR J 441 18.33 10.16 49.16
C TYR J 441 18.33 8.64 49.02
N LEU J 442 18.60 7.94 50.12
CA LEU J 442 18.56 6.47 50.09
C LEU J 442 17.16 5.97 49.78
N GLU J 443 16.14 6.62 50.34
CA GLU J 443 14.76 6.22 50.04
C GLU J 443 14.45 6.42 48.57
N LEU J 444 14.86 7.56 48.00
CA LEU J 444 14.60 7.84 46.59
C LEU J 444 15.31 6.82 45.69
N LYS J 445 16.60 6.63 45.91
CA LYS J 445 17.35 5.69 45.08
C LYS J 445 16.87 4.26 45.29
N SER J 446 16.40 3.93 46.49
CA SER J 446 15.85 2.60 46.71
C SER J 446 14.54 2.42 45.95
N GLU J 447 13.72 3.47 45.86
CA GLU J 447 12.53 3.40 45.02
C GLU J 447 12.93 3.12 43.57
N GLU J 448 13.95 3.82 43.08
CA GLU J 448 14.39 3.59 41.70
C GLU J 448 14.91 2.17 41.51
N GLU J 449 15.73 1.69 42.45
CA GLU J 449 16.31 0.36 42.34
C GLU J 449 15.24 -0.72 42.41
N ILE J 450 14.24 -0.53 43.27
CA ILE J 450 13.14 -1.50 43.34
C ILE J 450 12.34 -1.48 42.05
N LYS J 451 12.12 -0.29 41.48
CA LYS J 451 11.39 -0.22 40.23
C LYS J 451 12.11 -0.98 39.12
N VAL J 452 13.43 -0.80 39.01
CA VAL J 452 14.17 -1.47 37.95
C VAL J 452 14.28 -2.98 38.23
N ARG J 453 14.52 -3.34 39.49
CA ARG J 453 14.85 -4.72 39.85
C ARG J 453 13.63 -5.65 39.82
N THR J 454 12.42 -5.11 39.88
CA THR J 454 11.21 -5.93 39.91
C THR J 454 10.52 -6.03 38.56
N PHE J 455 11.16 -5.57 37.49
CA PHE J 455 10.62 -5.66 36.15
C PHE J 455 11.39 -6.70 35.34
N VAL J 456 10.65 -7.54 34.61
CA VAL J 456 11.26 -8.63 33.88
C VAL J 456 12.00 -8.09 32.67
N HIS J 457 13.25 -8.53 32.48
CA HIS J 457 14.12 -8.19 31.38
C HIS J 457 13.71 -8.97 30.13
N PRO J 458 13.88 -8.39 28.93
CA PRO J 458 13.70 -9.19 27.71
C PRO J 458 14.70 -10.34 27.58
N LEU J 459 15.93 -10.15 28.04
CA LEU J 459 16.87 -11.27 28.08
C LEU J 459 16.36 -12.40 28.94
N GLU J 460 15.44 -12.10 29.86
CA GLU J 460 14.84 -13.14 30.68
C GLU J 460 14.02 -14.08 29.80
N TYR J 461 13.30 -13.52 28.83
CA TYR J 461 12.68 -14.33 27.79
C TYR J 461 13.72 -15.03 26.95
N ASP J 462 14.80 -14.32 26.60
CA ASP J 462 15.83 -14.92 25.76
C ASP J 462 16.38 -16.20 26.37
N LEU J 463 16.47 -16.28 27.70
CA LEU J 463 17.06 -17.42 28.37
C LEU J 463 16.02 -18.40 28.93
N TYR J 464 15.12 -17.93 29.78
CA TYR J 464 14.28 -18.79 30.58
C TYR J 464 12.88 -19.00 30.02
N TYR J 465 12.60 -18.53 28.81
CA TYR J 465 11.25 -18.68 28.27
C TYR J 465 10.86 -20.15 28.12
N SER J 466 11.77 -20.96 27.60
CA SER J 466 11.46 -22.34 27.26
C SER J 466 11.83 -23.32 28.37
N VAL J 467 11.99 -22.84 29.60
CA VAL J 467 12.24 -23.72 30.73
C VAL J 467 11.15 -23.55 31.77
N SER K 2 48.48 31.79 -30.50
CA SER K 2 47.79 30.66 -29.89
C SER K 2 46.41 31.06 -29.40
N LYS K 3 45.38 30.37 -29.89
CA LYS K 3 44.02 30.67 -29.46
C LYS K 3 43.78 30.21 -28.02
N SER K 4 44.42 29.12 -27.60
CA SER K 4 44.13 28.55 -26.29
C SER K 4 44.51 29.50 -25.17
N LEU K 5 45.75 30.00 -25.18
CA LEU K 5 46.18 30.89 -24.11
C LEU K 5 45.41 32.20 -24.14
N GLN K 6 45.08 32.69 -25.34
CA GLN K 6 44.29 33.91 -25.44
C GLN K 6 42.92 33.73 -24.80
N LEU K 7 42.26 32.61 -25.08
CA LEU K 7 40.97 32.34 -24.46
C LEU K 7 41.09 32.18 -22.96
N ILE K 8 42.15 31.50 -22.51
CA ILE K 8 42.37 31.29 -21.08
C ILE K 8 42.51 32.62 -20.36
N LYS K 9 43.29 33.54 -20.94
CA LYS K 9 43.44 34.86 -20.33
C LYS K 9 42.13 35.63 -20.37
N GLU K 10 41.40 35.55 -21.49
CA GLU K 10 40.21 36.38 -21.65
C GLU K 10 39.09 35.96 -20.69
N HIS K 11 38.82 34.65 -20.60
CA HIS K 11 37.71 34.16 -19.80
C HIS K 11 38.15 33.66 -18.43
N ASP K 12 39.41 33.86 -18.06
CA ASP K 12 40.00 33.35 -16.82
C ASP K 12 39.50 31.95 -16.49
N VAL K 13 39.64 31.05 -17.46
CA VAL K 13 39.17 29.69 -17.29
C VAL K 13 40.01 28.97 -16.24
N LYS K 14 39.43 27.93 -15.66
CA LYS K 14 40.08 27.17 -14.60
C LYS K 14 40.43 25.74 -14.99
N TRP K 15 39.87 25.22 -16.08
CA TRP K 15 40.11 23.84 -16.47
C TRP K 15 40.29 23.77 -17.98
N ILE K 16 41.14 22.85 -18.41
CA ILE K 16 41.33 22.54 -19.82
C ILE K 16 40.87 21.11 -20.04
N ASP K 17 39.90 20.94 -20.93
CA ASP K 17 39.29 19.65 -21.21
C ASP K 17 39.82 19.19 -22.56
N LEU K 18 40.81 18.30 -22.53
CA LEU K 18 41.33 17.71 -23.75
C LEU K 18 40.35 16.67 -24.26
N ARG K 19 40.19 16.60 -25.58
CA ARG K 19 39.24 15.68 -26.19
C ARG K 19 39.88 15.04 -27.42
N PHE K 20 39.36 13.88 -27.77
CA PHE K 20 39.76 13.17 -28.99
C PHE K 20 38.64 12.21 -29.35
N THR K 21 38.89 11.35 -30.33
CA THR K 21 37.87 10.40 -30.78
C THR K 21 38.51 9.04 -31.00
N ASP K 22 37.80 8.00 -30.58
CA ASP K 22 38.28 6.63 -30.74
C ASP K 22 37.69 6.01 -32.01
N THR K 23 37.91 4.71 -32.19
CA THR K 23 37.48 4.06 -33.42
C THR K 23 35.96 4.04 -33.54
N LYS K 24 35.26 3.81 -32.43
CA LYS K 24 33.81 3.72 -32.49
C LYS K 24 33.13 5.06 -32.78
N GLY K 25 33.88 6.15 -32.76
CA GLY K 25 33.32 7.47 -32.98
C GLY K 25 32.95 8.22 -31.74
N LYS K 26 32.91 7.56 -30.58
CA LYS K 26 32.59 8.24 -29.34
C LYS K 26 33.74 9.17 -28.96
N GLN K 27 33.39 10.41 -28.64
CA GLN K 27 34.40 11.35 -28.17
C GLN K 27 34.89 10.94 -26.79
N GLN K 28 36.10 11.34 -26.47
CA GLN K 28 36.72 11.03 -25.19
C GLN K 28 37.36 12.30 -24.63
N HIS K 29 37.26 12.47 -23.31
CA HIS K 29 37.68 13.72 -22.69
C HIS K 29 38.45 13.43 -21.41
N VAL K 30 39.39 14.32 -21.11
CA VAL K 30 40.19 14.24 -19.89
C VAL K 30 40.54 15.67 -19.48
N THR K 31 40.40 15.98 -18.20
CA THR K 31 40.50 17.35 -17.72
C THR K 31 41.78 17.55 -16.92
N MET K 32 42.41 18.69 -17.13
CA MET K 32 43.61 19.11 -16.41
C MET K 32 43.43 20.56 -15.97
N PRO K 33 44.21 21.02 -15.00
CA PRO K 33 44.10 22.43 -14.59
C PRO K 33 44.55 23.35 -15.69
N ALA K 34 43.91 24.53 -15.76
CA ALA K 34 44.24 25.50 -16.79
C ALA K 34 45.62 26.10 -16.61
N ARG K 35 46.18 26.04 -15.40
CA ARG K 35 47.50 26.59 -15.15
C ARG K 35 48.62 25.75 -15.74
N ASP K 36 48.31 24.57 -16.27
CA ASP K 36 49.32 23.69 -16.84
C ASP K 36 49.62 23.98 -18.30
N VAL K 37 48.98 24.98 -18.90
CA VAL K 37 49.21 25.31 -20.30
C VAL K 37 50.46 26.17 -20.41
N ASP K 38 51.33 25.82 -21.36
CA ASP K 38 52.52 26.60 -21.68
C ASP K 38 53.02 26.13 -23.03
N ASP K 39 54.23 26.56 -23.40
CA ASP K 39 54.82 26.07 -24.63
C ASP K 39 55.10 24.58 -24.57
N ASP K 40 55.43 24.06 -23.39
CA ASP K 40 55.66 22.63 -23.25
C ASP K 40 54.38 21.84 -23.50
N PHE K 41 53.24 22.35 -23.04
CA PHE K 41 51.98 21.65 -23.21
C PHE K 41 51.64 21.44 -24.68
N PHE K 42 52.07 22.35 -25.55
CA PHE K 42 51.85 22.20 -26.98
C PHE K 42 53.02 21.54 -27.69
N GLU K 43 54.21 21.59 -27.11
CA GLU K 43 55.36 20.93 -27.73
C GLU K 43 55.31 19.42 -27.53
N TYR K 44 54.84 18.98 -26.37
CA TYR K 44 54.87 17.55 -26.03
C TYR K 44 53.51 16.97 -25.68
N GLY K 45 52.44 17.77 -25.74
CA GLY K 45 51.11 17.27 -25.47
C GLY K 45 50.96 16.78 -24.04
N LYS K 46 50.19 15.71 -23.87
CA LYS K 46 50.02 15.08 -22.58
C LYS K 46 50.00 13.57 -22.76
N MET K 47 50.80 12.87 -21.96
CA MET K 47 50.82 11.41 -22.03
C MET K 47 49.53 10.83 -21.45
N PHE K 48 49.10 9.71 -22.00
CA PHE K 48 47.87 9.05 -21.56
C PHE K 48 47.95 7.58 -21.92
N ASP K 49 47.05 6.80 -21.32
CA ASP K 49 47.01 5.35 -21.52
C ASP K 49 45.98 5.02 -22.59
N GLY K 50 46.44 4.40 -23.68
CA GLY K 50 45.58 4.03 -24.79
C GLY K 50 45.14 2.60 -24.82
N SER K 51 45.62 1.77 -23.89
CA SER K 51 45.23 0.35 -23.89
C SER K 51 43.75 0.19 -23.57
N SER K 52 43.25 0.94 -22.59
CA SER K 52 41.88 0.76 -22.12
C SER K 52 40.82 1.23 -23.11
N ILE K 53 41.22 1.91 -24.18
CA ILE K 53 40.28 2.43 -25.17
C ILE K 53 40.09 1.38 -26.26
N ALA K 54 38.84 1.12 -26.62
CA ALA K 54 38.51 0.05 -27.55
C ALA K 54 39.10 0.31 -28.93
N GLY K 55 39.64 -0.75 -29.53
CA GLY K 55 40.21 -0.68 -30.86
C GLY K 55 41.68 -0.35 -30.92
N TRP K 56 42.30 0.01 -29.81
CA TRP K 56 43.71 0.38 -29.81
C TRP K 56 44.54 -0.61 -28.98
N ASP K 63 50.49 3.58 -23.94
CA ASP K 63 51.13 4.86 -23.64
C ASP K 63 51.29 5.69 -24.90
N MET K 64 50.37 6.63 -25.11
CA MET K 64 50.36 7.45 -26.31
C MET K 64 50.14 8.90 -25.89
N ILE K 65 50.15 9.83 -26.84
CA ILE K 65 50.21 11.26 -26.52
C ILE K 65 48.99 11.95 -27.11
N LEU K 66 48.31 12.74 -26.29
CA LEU K 66 47.31 13.68 -26.77
C LEU K 66 48.02 14.98 -27.12
N MET K 67 48.19 15.24 -28.40
CA MET K 67 48.77 16.50 -28.85
C MET K 67 47.63 17.47 -29.12
N PRO K 68 47.45 18.51 -28.32
CA PRO K 68 46.28 19.37 -28.49
C PRO K 68 46.34 20.13 -29.79
N ASP K 69 45.18 20.35 -30.39
CA ASP K 69 45.07 21.17 -31.58
C ASP K 69 44.75 22.59 -31.15
N ASP K 70 45.64 23.52 -31.49
CA ASP K 70 45.48 24.90 -31.06
C ASP K 70 44.22 25.51 -31.65
N SER K 71 43.94 25.23 -32.92
CA SER K 71 42.86 25.89 -33.64
C SER K 71 41.47 25.46 -33.18
N THR K 72 41.35 24.42 -32.35
CA THR K 72 40.04 23.94 -31.93
C THR K 72 39.67 24.37 -30.51
N ALA K 73 40.44 25.27 -29.91
CA ALA K 73 40.13 25.71 -28.56
C ALA K 73 38.80 26.44 -28.53
N VAL K 74 37.95 26.07 -27.59
CA VAL K 74 36.60 26.62 -27.50
C VAL K 74 36.09 26.47 -26.08
N LEU K 75 35.36 27.47 -25.60
CA LEU K 75 34.83 27.44 -24.25
C LEU K 75 33.74 26.37 -24.12
N ASP K 76 33.48 25.99 -22.88
CA ASP K 76 32.48 24.95 -22.57
C ASP K 76 31.32 25.58 -21.84
N PRO K 77 30.10 25.51 -22.37
CA PRO K 77 28.94 26.14 -21.72
C PRO K 77 28.23 25.28 -20.69
N PHE K 78 28.71 24.07 -20.40
CA PHE K 78 28.01 23.17 -19.49
C PHE K 78 28.72 22.98 -18.15
N THR K 79 30.01 23.24 -18.07
CA THR K 79 30.72 23.10 -16.80
C THR K 79 30.49 24.32 -15.93
N GLU K 80 30.33 24.08 -14.62
CA GLU K 80 30.09 25.17 -13.69
C GLU K 80 31.26 26.13 -13.65
N GLU K 81 32.48 25.60 -13.54
CA GLU K 81 33.66 26.43 -13.64
C GLU K 81 33.96 26.72 -15.11
N PRO K 82 34.54 27.89 -15.41
CA PRO K 82 34.90 28.18 -16.81
C PRO K 82 35.95 27.21 -17.31
N THR K 83 35.56 26.42 -18.31
CA THR K 83 36.39 25.37 -18.87
C THR K 83 36.62 25.61 -20.35
N LEU K 84 37.80 25.26 -20.84
CA LEU K 84 38.16 25.43 -22.24
C LEU K 84 38.36 24.06 -22.87
N ILE K 85 37.61 23.77 -23.93
CA ILE K 85 37.67 22.49 -24.60
C ILE K 85 38.71 22.58 -25.72
N ILE K 86 39.61 21.60 -25.77
CA ILE K 86 40.61 21.52 -26.83
C ILE K 86 40.58 20.13 -27.42
N VAL K 87 40.23 20.03 -28.70
CA VAL K 87 40.29 18.75 -29.40
C VAL K 87 41.75 18.44 -29.72
N CYS K 88 42.14 17.19 -29.55
CA CYS K 88 43.54 16.80 -29.68
C CYS K 88 43.70 15.66 -30.66
N ASP K 89 44.83 15.67 -31.36
CA ASP K 89 45.23 14.53 -32.15
C ASP K 89 45.94 13.52 -31.27
N ILE K 90 46.13 12.32 -31.78
CA ILE K 90 46.75 11.23 -31.04
C ILE K 90 48.05 10.86 -31.73
N ILE K 91 49.13 10.76 -30.95
CA ILE K 91 50.47 10.57 -31.48
C ILE K 91 51.10 9.36 -30.80
N GLU K 92 51.66 8.46 -31.60
CA GLU K 92 52.39 7.33 -31.06
C GLU K 92 53.80 7.77 -30.66
N PRO K 93 54.19 7.62 -29.40
CA PRO K 93 55.50 8.13 -28.98
C PRO K 93 56.68 7.51 -29.72
N SER K 94 56.54 6.29 -30.23
CA SER K 94 57.65 5.65 -30.92
C SER K 94 58.02 6.42 -32.18
N THR K 95 57.03 6.89 -32.93
CA THR K 95 57.26 7.54 -34.22
C THR K 95 57.09 9.05 -34.18
N MET K 96 56.47 9.59 -33.13
CA MET K 96 56.18 11.03 -33.04
C MET K 96 55.34 11.51 -34.21
N GLN K 97 54.47 10.66 -34.73
CA GLN K 97 53.57 11.00 -35.81
C GLN K 97 52.16 10.62 -35.41
N GLY K 98 51.19 11.04 -36.21
CA GLY K 98 49.80 10.71 -35.92
C GLY K 98 49.59 9.21 -35.87
N TYR K 99 48.82 8.78 -34.88
CA TYR K 99 48.57 7.35 -34.69
C TYR K 99 47.88 6.78 -35.92
N ASP K 100 48.27 5.55 -36.28
CA ASP K 100 47.74 4.94 -37.50
C ASP K 100 46.25 4.71 -37.44
N ARG K 101 45.71 4.45 -36.24
CA ARG K 101 44.30 4.18 -36.06
C ARG K 101 43.52 5.36 -35.52
N ASP K 102 44.14 6.53 -35.43
CA ASP K 102 43.44 7.70 -34.94
C ASP K 102 42.52 8.25 -36.02
N PRO K 103 41.20 8.31 -35.79
CA PRO K 103 40.31 8.81 -36.85
C PRO K 103 40.63 10.23 -37.30
N ARG K 104 41.03 11.10 -36.38
CA ARG K 104 41.43 12.45 -36.78
C ARG K 104 42.65 12.41 -37.68
N ALA K 105 43.61 11.55 -37.36
CA ALA K 105 44.79 11.40 -38.21
C ALA K 105 44.41 10.90 -39.59
N ILE K 106 43.45 9.97 -39.64
CA ILE K 106 42.99 9.44 -40.93
C ILE K 106 42.32 10.54 -41.75
N ALA K 107 41.50 11.37 -41.10
CA ALA K 107 40.86 12.47 -41.81
C ALA K 107 41.88 13.47 -42.33
N ARG K 108 42.89 13.78 -41.53
CA ARG K 108 43.95 14.70 -41.98
C ARG K 108 44.71 14.11 -43.15
N ARG K 109 45.00 12.81 -43.11
CA ARG K 109 45.68 12.16 -44.23
C ARG K 109 44.81 12.19 -45.48
N ALA K 110 43.49 12.03 -45.32
CA ALA K 110 42.59 12.12 -46.46
C ALA K 110 42.62 13.51 -47.07
N GLU K 111 42.61 14.54 -46.24
CA GLU K 111 42.72 15.91 -46.76
C GLU K 111 44.05 16.11 -47.49
N GLU K 112 45.14 15.60 -46.92
CA GLU K 112 46.44 15.73 -47.56
C GLU K 112 46.47 15.02 -48.90
N TYR K 113 45.86 13.83 -48.99
CA TYR K 113 45.81 13.12 -50.26
C TYR K 113 44.97 13.89 -51.28
N LEU K 114 43.86 14.49 -50.83
CA LEU K 114 43.05 15.28 -51.74
C LEU K 114 43.84 16.44 -52.30
N LYS K 115 44.66 17.09 -51.46
CA LYS K 115 45.53 18.14 -51.98
C LYS K 115 46.60 17.57 -52.91
N SER K 116 47.12 16.38 -52.59
CA SER K 116 48.21 15.81 -53.38
C SER K 116 47.76 15.46 -54.78
N THR K 117 46.55 14.91 -54.93
CA THR K 117 46.08 14.52 -56.25
C THR K 117 45.80 15.71 -57.15
N GLY K 118 45.57 16.89 -56.59
CA GLY K 118 45.27 18.06 -57.39
C GLY K 118 43.84 18.18 -57.84
N ILE K 119 42.96 17.25 -57.43
CA ILE K 119 41.55 17.35 -57.80
C ILE K 119 40.92 18.60 -57.19
N GLY K 120 41.47 19.07 -56.08
CA GLY K 120 40.97 20.29 -55.47
C GLY K 120 41.76 20.59 -54.21
N ASP K 121 41.50 21.78 -53.67
CA ASP K 121 42.07 22.22 -52.41
C ASP K 121 40.96 22.20 -51.37
N THR K 122 41.02 21.22 -50.46
CA THR K 122 40.03 21.01 -49.40
C THR K 122 38.68 20.60 -49.97
N ALA K 123 37.93 19.80 -49.21
CA ALA K 123 36.60 19.37 -49.58
C ALA K 123 35.63 19.81 -48.51
N PHE K 124 34.52 20.43 -48.91
CA PHE K 124 33.52 20.94 -47.99
C PHE K 124 32.50 19.86 -47.71
N PHE K 125 32.33 19.52 -46.42
CA PHE K 125 31.38 18.52 -45.99
C PHE K 125 30.38 19.18 -45.05
N GLY K 126 29.09 19.01 -45.31
CA GLY K 126 28.09 19.35 -44.33
C GLY K 126 27.11 18.24 -44.09
N PRO K 127 27.16 17.62 -42.94
CA PRO K 127 26.17 16.58 -42.61
C PRO K 127 25.04 17.12 -41.76
N GLU K 128 23.82 16.68 -42.04
CA GLU K 128 22.71 16.91 -41.14
C GLU K 128 22.35 15.59 -40.47
N PRO K 129 22.64 15.43 -39.18
CA PRO K 129 22.14 14.26 -38.45
C PRO K 129 20.87 14.58 -37.68
N GLU K 130 20.01 13.58 -37.52
CA GLU K 130 18.78 13.71 -36.77
C GLU K 130 18.88 12.93 -35.47
N PHE K 131 18.19 13.39 -34.44
CA PHE K 131 18.24 12.74 -33.14
C PHE K 131 16.85 12.60 -32.56
N PHE K 132 16.75 11.86 -31.46
CA PHE K 132 15.50 11.62 -30.76
C PHE K 132 15.60 12.17 -29.35
N ILE K 133 14.59 12.91 -28.92
CA ILE K 133 14.58 13.45 -27.57
C ILE K 133 13.55 12.73 -26.73
N PHE K 134 13.96 11.68 -26.05
CA PHE K 134 13.08 10.92 -25.18
C PHE K 134 13.12 11.48 -23.77
N ASP K 135 12.13 11.09 -22.96
CA ASP K 135 12.14 11.42 -21.54
C ASP K 135 12.96 10.40 -20.75
N GLU K 136 12.69 9.12 -20.94
CA GLU K 136 13.44 8.06 -20.28
C GLU K 136 13.60 6.89 -21.24
N VAL K 137 14.61 6.07 -20.99
CA VAL K 137 14.83 4.87 -21.77
C VAL K 137 15.28 3.77 -20.82
N LYS K 138 14.55 2.65 -20.80
CA LYS K 138 14.88 1.51 -19.95
C LYS K 138 15.11 0.31 -20.87
N TYR K 139 16.38 -0.04 -21.08
CA TYR K 139 16.74 -1.16 -21.93
C TYR K 139 17.60 -2.14 -21.16
N LYS K 140 17.40 -3.42 -21.41
CA LYS K 140 18.23 -4.47 -20.83
C LYS K 140 17.97 -5.76 -21.59
N SER K 141 19.03 -6.49 -21.87
CA SER K 141 18.94 -7.76 -22.61
C SER K 141 19.86 -8.76 -21.92
N ASP K 142 19.28 -9.60 -21.08
CA ASP K 142 20.04 -10.67 -20.44
C ASP K 142 19.36 -12.01 -20.69
N ILE K 143 19.83 -13.06 -20.03
CA ILE K 143 19.33 -14.41 -20.29
C ILE K 143 17.82 -14.47 -20.09
N SER K 144 17.32 -13.82 -19.05
CA SER K 144 15.89 -13.89 -18.77
C SER K 144 15.06 -13.24 -19.87
N GLY K 145 15.61 -12.28 -20.59
CA GLY K 145 14.87 -11.66 -21.67
C GLY K 145 15.41 -10.28 -22.01
N SER K 146 14.71 -9.62 -22.93
CA SER K 146 15.14 -8.34 -23.47
C SER K 146 14.01 -7.31 -23.35
N MET K 147 14.38 -6.04 -23.46
CA MET K 147 13.45 -4.92 -23.34
C MET K 147 14.18 -3.65 -23.73
N PHE K 148 13.47 -2.73 -24.41
CA PHE K 148 14.06 -1.42 -24.69
C PHE K 148 13.03 -0.30 -24.53
N LYS K 149 12.18 -0.41 -23.51
CA LYS K 149 11.04 0.49 -23.37
C LYS K 149 11.45 1.95 -23.41
N ILE K 150 10.66 2.75 -24.12
CA ILE K 150 10.93 4.17 -24.34
C ILE K 150 9.80 4.97 -23.71
N PHE K 151 10.15 6.01 -22.96
CA PHE K 151 9.18 6.89 -22.32
C PHE K 151 9.36 8.28 -22.89
N SER K 152 8.29 8.83 -23.46
CA SER K 152 8.30 10.18 -24.00
C SER K 152 6.91 10.77 -23.83
N GLU K 153 6.85 12.03 -23.41
CA GLU K 153 5.55 12.66 -23.18
C GLU K 153 4.85 12.96 -24.50
N GLN K 154 5.59 13.31 -25.53
CA GLN K 154 5.03 13.66 -26.82
C GLN K 154 4.95 12.49 -27.78
N ALA K 155 5.22 11.29 -27.31
CA ALA K 155 5.14 10.11 -28.17
C ALA K 155 3.70 9.87 -28.59
N ALA K 156 3.54 9.28 -29.77
CA ALA K 156 2.20 9.02 -30.30
C ALA K 156 1.44 8.05 -29.41
N TRP K 157 2.11 7.01 -28.91
CA TRP K 157 1.44 5.97 -28.15
C TRP K 157 1.07 6.40 -26.74
N ASN K 158 1.47 7.59 -26.31
CA ASN K 158 1.21 8.06 -24.96
C ASN K 158 -0.08 8.83 -24.82
N THR K 159 -1.08 8.53 -25.66
CA THR K 159 -2.31 9.30 -25.64
C THR K 159 -3.17 9.06 -24.41
N ASP K 160 -2.87 8.05 -23.61
CA ASP K 160 -3.60 7.78 -22.38
C ASP K 160 -2.81 8.07 -21.12
N ALA K 161 -1.53 7.71 -21.10
CA ALA K 161 -0.74 7.71 -19.88
C ALA K 161 -0.88 9.01 -19.12
N ASP K 162 -1.43 8.93 -17.92
CA ASP K 162 -1.57 10.10 -17.07
C ASP K 162 -0.18 10.66 -16.75
N PHE K 163 -0.06 11.98 -16.81
CA PHE K 163 1.19 12.66 -16.57
C PHE K 163 1.02 13.64 -15.44
N GLU K 164 2.01 13.68 -14.55
CA GLU K 164 2.01 14.67 -13.48
C GLU K 164 2.00 16.07 -14.09
N GLY K 165 1.12 16.92 -13.58
CA GLY K 165 0.92 18.24 -14.14
C GLY K 165 -0.03 18.29 -15.32
N GLY K 166 -0.60 17.16 -15.73
CA GLY K 166 -1.58 17.19 -16.78
C GLY K 166 -1.14 16.41 -18.01
N ASN K 167 -2.11 15.87 -18.73
CA ASN K 167 -1.91 15.19 -20.00
C ASN K 167 -2.73 15.94 -21.04
N LYS K 168 -2.13 16.97 -21.64
CA LYS K 168 -2.76 17.65 -22.75
C LYS K 168 -2.84 16.71 -23.94
N GLY K 169 -3.88 16.85 -24.74
CA GLY K 169 -4.08 15.91 -25.82
C GLY K 169 -3.27 16.18 -27.07
N HIS K 170 -2.44 17.22 -27.07
CA HIS K 170 -1.67 17.59 -28.25
C HIS K 170 -0.36 16.81 -28.28
N ARG K 171 -0.15 16.01 -29.34
CA ARG K 171 1.07 15.28 -29.54
C ARG K 171 1.09 14.77 -30.97
N PRO K 172 2.25 14.72 -31.62
CA PRO K 172 2.29 14.29 -33.02
C PRO K 172 1.91 12.83 -33.18
N GLY K 173 1.34 12.51 -34.34
CA GLY K 173 1.06 11.14 -34.69
C GLY K 173 2.27 10.44 -35.28
N VAL K 174 2.09 9.17 -35.61
CA VAL K 174 3.16 8.40 -36.21
C VAL K 174 3.48 8.96 -37.59
N LYS K 175 4.76 9.21 -37.85
CA LYS K 175 5.22 9.81 -39.09
C LYS K 175 4.58 11.17 -39.35
N GLY K 176 4.09 11.83 -38.31
CA GLY K 176 3.39 13.08 -38.47
C GLY K 176 3.86 14.17 -37.53
N GLY K 177 5.16 14.15 -37.21
CA GLY K 177 5.73 15.19 -36.38
C GLY K 177 6.49 16.22 -37.19
N TYR K 178 6.26 16.26 -38.49
CA TYR K 178 6.98 17.17 -39.38
C TYR K 178 6.35 18.55 -39.29
N PHE K 179 6.94 19.41 -38.47
CA PHE K 179 6.57 20.81 -38.25
C PHE K 179 5.18 21.03 -37.66
N PRO K 180 4.77 20.33 -36.60
CA PRO K 180 3.72 20.88 -35.76
C PRO K 180 4.11 22.23 -35.18
N VAL K 181 3.09 23.04 -34.91
CA VAL K 181 3.24 24.26 -34.12
C VAL K 181 3.53 23.80 -32.70
N PRO K 182 4.24 24.57 -31.87
CA PRO K 182 4.73 24.04 -30.59
C PRO K 182 3.65 23.65 -29.60
N PRO K 183 2.35 23.90 -29.85
CA PRO K 183 1.36 23.14 -29.09
C PRO K 183 1.47 21.64 -29.27
N VAL K 184 1.85 21.18 -30.47
CA VAL K 184 1.98 19.75 -30.74
C VAL K 184 3.46 19.40 -30.79
N ASP K 185 4.29 20.36 -31.12
CA ASP K 185 5.75 20.19 -31.11
C ASP K 185 6.23 20.54 -29.72
N HIS K 186 6.46 19.53 -28.89
CA HIS K 186 6.79 19.76 -27.48
C HIS K 186 8.22 20.24 -27.28
N ASP K 187 9.06 20.25 -28.31
CA ASP K 187 10.50 20.42 -28.16
C ASP K 187 11.01 21.74 -28.72
N HIS K 188 10.15 22.76 -28.78
CA HIS K 188 10.59 24.04 -29.34
C HIS K 188 11.64 24.70 -28.46
N GLU K 189 11.35 24.83 -27.16
CA GLU K 189 12.27 25.53 -26.26
C GLU K 189 13.56 24.73 -26.08
N ILE K 190 13.46 23.40 -26.06
CA ILE K 190 14.67 22.58 -25.90
C ILE K 190 15.54 22.68 -27.15
N ARG K 191 14.92 22.75 -28.34
CA ARG K 191 15.70 22.94 -29.55
C ARG K 191 16.35 24.32 -29.56
N THR K 192 15.64 25.34 -29.08
CA THR K 192 16.24 26.67 -28.96
C THR K 192 17.45 26.64 -28.04
N ALA K 193 17.33 25.94 -26.91
CA ALA K 193 18.45 25.86 -25.97
C ALA K 193 19.63 25.09 -26.58
N MET K 194 19.34 24.01 -27.32
CA MET K 194 20.41 23.29 -28.00
C MET K 194 21.12 24.20 -29.01
N CYS K 195 20.36 25.01 -29.74
CA CYS K 195 20.97 25.93 -30.68
C CYS K 195 21.79 27.00 -29.96
N ASN K 196 21.31 27.45 -28.80
CA ASN K 196 22.09 28.40 -28.00
C ASN K 196 23.43 27.80 -27.61
N ALA K 197 23.42 26.57 -27.09
CA ALA K 197 24.66 25.91 -26.72
C ALA K 197 25.55 25.68 -27.93
N LEU K 198 24.96 25.36 -29.08
CA LEU K 198 25.74 25.19 -30.30
C LEU K 198 26.43 26.49 -30.68
N GLU K 199 25.71 27.60 -30.60
CA GLU K 199 26.30 28.89 -30.95
C GLU K 199 27.39 29.29 -29.96
N GLU K 200 27.22 28.95 -28.68
CA GLU K 200 28.25 29.27 -27.70
C GLU K 200 29.55 28.54 -28.02
N MET K 201 29.46 27.29 -28.48
CA MET K 201 30.64 26.50 -28.80
C MET K 201 31.19 26.81 -30.18
N GLY K 202 30.82 27.94 -30.77
CA GLY K 202 31.39 28.38 -32.02
C GLY K 202 30.72 27.86 -33.27
N LEU K 203 29.75 26.96 -33.14
CA LEU K 203 29.05 26.46 -34.30
C LEU K 203 28.15 27.54 -34.88
N LYS K 204 27.94 27.47 -36.20
CA LYS K 204 27.05 28.37 -36.90
C LYS K 204 25.77 27.62 -37.22
N VAL K 205 24.77 27.76 -36.36
CA VAL K 205 23.51 27.06 -36.54
C VAL K 205 22.81 27.61 -37.78
N GLU K 206 22.37 26.70 -38.66
CA GLU K 206 21.66 27.10 -39.87
C GLU K 206 20.16 27.03 -39.72
N VAL K 207 19.63 25.95 -39.14
CA VAL K 207 18.19 25.79 -38.95
C VAL K 207 17.96 24.73 -37.90
N HIS K 208 16.79 24.76 -37.28
CA HIS K 208 16.41 23.72 -36.32
C HIS K 208 14.91 23.52 -36.37
N HIS K 209 14.49 22.27 -36.35
CA HIS K 209 13.07 21.95 -36.47
C HIS K 209 12.81 20.54 -35.97
N HIS K 210 11.53 20.19 -35.91
CA HIS K 210 11.10 18.83 -35.65
C HIS K 210 11.28 17.99 -36.90
N GLU K 211 11.27 16.68 -36.73
CA GLU K 211 11.46 15.77 -37.84
C GLU K 211 10.24 14.88 -38.02
N VAL K 212 10.39 13.89 -38.92
CA VAL K 212 9.24 13.10 -39.35
C VAL K 212 8.67 12.29 -38.20
N ALA K 213 9.54 11.61 -37.44
CA ALA K 213 9.08 10.63 -36.49
C ALA K 213 8.42 11.28 -35.28
N THR K 214 7.58 10.51 -34.61
CA THR K 214 6.99 10.93 -33.34
C THR K 214 8.01 10.71 -32.23
N ALA K 215 7.56 10.80 -30.98
CA ALA K 215 8.37 10.59 -29.78
C ALA K 215 9.48 11.63 -29.62
N GLY K 216 9.51 12.64 -30.48
CA GLY K 216 10.51 13.68 -30.36
C GLY K 216 11.74 13.50 -31.21
N GLN K 217 11.56 13.27 -32.51
CA GLN K 217 12.67 13.29 -33.45
C GLN K 217 12.87 14.71 -33.92
N ASN K 218 14.05 15.26 -33.67
CA ASN K 218 14.39 16.62 -34.03
C ASN K 218 15.62 16.62 -34.93
N GLU K 219 15.83 17.76 -35.58
CA GLU K 219 17.03 17.97 -36.38
C GLU K 219 17.49 19.40 -36.20
N ILE K 220 18.80 19.59 -36.17
CA ILE K 220 19.42 20.91 -36.08
C ILE K 220 20.55 20.90 -37.10
N GLY K 221 20.35 21.55 -38.24
CA GLY K 221 21.36 21.62 -39.27
C GLY K 221 22.25 22.82 -39.04
N VAL K 222 23.56 22.59 -39.08
CA VAL K 222 24.56 23.62 -38.85
C VAL K 222 25.35 23.85 -40.13
N SER K 223 26.21 24.87 -40.13
CA SER K 223 26.87 25.31 -41.35
C SER K 223 27.91 24.28 -41.80
N PHE K 224 28.57 24.59 -42.91
CA PHE K 224 29.57 23.72 -43.51
C PHE K 224 30.95 24.01 -42.92
N ASN K 225 31.92 23.22 -43.34
CA ASN K 225 33.32 23.41 -43.01
C ASN K 225 34.12 22.38 -43.82
N THR K 226 35.44 22.44 -43.68
CA THR K 226 36.28 21.42 -44.28
C THR K 226 36.11 20.09 -43.55
N LEU K 227 36.81 19.07 -44.03
CA LEU K 227 36.54 17.70 -43.58
C LEU K 227 36.80 17.55 -42.07
N VAL K 228 38.05 17.77 -41.65
CA VAL K 228 38.40 17.58 -40.25
C VAL K 228 37.62 18.52 -39.35
N ALA K 229 37.52 19.79 -39.76
CA ALA K 229 36.77 20.76 -38.97
C ALA K 229 35.32 20.36 -38.86
N LYS K 230 34.74 19.78 -39.93
CA LYS K 230 33.35 19.39 -39.85
C LYS K 230 33.15 18.17 -38.98
N ALA K 231 34.10 17.23 -38.97
CA ALA K 231 34.01 16.13 -38.02
C ALA K 231 34.04 16.65 -36.59
N ASP K 232 34.92 17.61 -36.32
CA ASP K 232 34.96 18.23 -35.00
C ASP K 232 33.63 18.90 -34.68
N GLU K 233 33.04 19.59 -35.65
CA GLU K 233 31.78 20.27 -35.43
C GLU K 233 30.66 19.28 -35.18
N VAL K 234 30.69 18.13 -35.84
CA VAL K 234 29.68 17.09 -35.61
C VAL K 234 29.79 16.55 -34.19
N GLN K 235 31.03 16.27 -33.74
CA GLN K 235 31.21 15.81 -32.37
C GLN K 235 30.75 16.86 -31.38
N THR K 236 31.05 18.13 -31.65
CA THR K 236 30.59 19.21 -30.78
C THR K 236 29.07 19.28 -30.75
N LEU K 237 28.43 19.09 -31.90
CA LEU K 237 26.98 19.09 -31.96
C LEU K 237 26.39 17.96 -31.12
N LYS K 238 26.97 16.77 -31.23
CA LYS K 238 26.52 15.65 -30.41
C LYS K 238 26.65 15.98 -28.93
N TYR K 239 27.81 16.50 -28.53
CA TYR K 239 28.04 16.82 -27.13
C TYR K 239 27.05 17.87 -26.64
N CYS K 240 26.84 18.92 -27.43
CA CYS K 240 25.96 20.01 -27.03
C CYS K 240 24.52 19.54 -26.87
N VAL K 241 24.01 18.80 -27.87
CA VAL K 241 22.61 18.37 -27.77
C VAL K 241 22.45 17.39 -26.62
N HIS K 242 23.42 16.50 -26.41
CA HIS K 242 23.34 15.56 -25.30
C HIS K 242 23.26 16.28 -23.98
N ASN K 243 24.15 17.27 -23.75
CA ASN K 243 24.15 17.94 -22.46
C ASN K 243 22.94 18.86 -22.29
N VAL K 244 22.44 19.46 -23.37
CA VAL K 244 21.26 20.30 -23.22
C VAL K 244 20.05 19.45 -22.87
N ALA K 245 19.90 18.29 -23.50
CA ALA K 245 18.83 17.39 -23.12
C ALA K 245 18.99 16.92 -21.68
N ASP K 246 20.22 16.57 -21.29
CA ASP K 246 20.45 16.10 -19.92
C ASP K 246 20.11 17.18 -18.90
N ALA K 247 20.51 18.42 -19.16
CA ALA K 247 20.22 19.50 -18.22
C ALA K 247 18.73 19.78 -18.13
N TYR K 248 17.98 19.50 -19.20
CA TYR K 248 16.54 19.69 -19.20
C TYR K 248 15.78 18.53 -18.60
N GLY K 249 16.45 17.45 -18.25
CA GLY K 249 15.77 16.27 -17.76
C GLY K 249 15.33 15.29 -18.81
N LYS K 250 15.95 15.31 -19.98
CA LYS K 250 15.62 14.41 -21.08
C LYS K 250 16.89 13.73 -21.58
N THR K 251 16.72 12.83 -22.53
CA THR K 251 17.82 12.08 -23.12
C THR K 251 17.75 12.18 -24.63
N VAL K 252 18.91 12.24 -25.28
CA VAL K 252 18.99 12.37 -26.73
C VAL K 252 19.71 11.17 -27.30
N THR K 253 19.11 10.56 -28.31
CA THR K 253 19.63 9.36 -28.96
C THR K 253 20.00 9.70 -30.40
N PHE K 254 21.19 9.29 -30.81
CA PHE K 254 21.62 9.42 -32.20
C PHE K 254 21.60 8.08 -32.93
N MET K 255 20.84 7.11 -32.42
CA MET K 255 20.73 5.83 -33.09
C MET K 255 20.06 6.01 -34.45
N PRO K 256 20.49 5.27 -35.46
CA PRO K 256 19.85 5.39 -36.78
C PRO K 256 18.37 5.08 -36.76
N LYS K 257 17.93 4.13 -35.94
CA LYS K 257 16.50 3.86 -35.81
C LYS K 257 16.19 3.23 -34.46
N PRO K 258 15.73 4.01 -33.49
CA PRO K 258 15.29 3.45 -32.20
C PRO K 258 13.83 3.03 -32.14
N LEU K 259 13.12 3.03 -33.27
CA LEU K 259 11.70 2.71 -33.30
C LEU K 259 11.44 1.71 -34.42
N TYR K 260 10.19 1.32 -34.58
CA TYR K 260 9.76 0.53 -35.73
C TYR K 260 8.75 1.31 -36.54
N GLY K 261 8.77 1.08 -37.86
CA GLY K 261 7.84 1.73 -38.76
C GLY K 261 8.19 3.18 -39.00
N ASP K 262 8.25 3.95 -37.92
CA ASP K 262 8.58 5.36 -38.03
C ASP K 262 9.99 5.53 -38.59
N ASN K 263 10.17 6.53 -39.45
CA ASN K 263 11.46 6.78 -40.06
C ASN K 263 12.50 7.07 -38.98
N GLY K 264 13.68 6.49 -39.14
CA GLY K 264 14.73 6.64 -38.16
C GLY K 264 15.51 7.91 -38.35
N SER K 265 16.74 7.91 -37.85
CA SER K 265 17.63 9.06 -37.89
C SER K 265 18.70 8.83 -38.95
N GLY K 266 18.84 9.78 -39.87
CA GLY K 266 19.83 9.69 -40.91
C GLY K 266 20.72 10.93 -40.91
N MET K 267 21.91 10.76 -41.47
CA MET K 267 22.90 11.83 -41.57
C MET K 267 23.13 12.10 -43.05
N HIS K 268 22.40 13.06 -43.59
CA HIS K 268 22.55 13.41 -44.99
C HIS K 268 23.77 14.30 -45.16
N VAL K 269 24.75 13.85 -45.93
CA VAL K 269 26.03 14.53 -46.03
C VAL K 269 26.11 15.22 -47.39
N HIS K 270 26.05 16.55 -47.38
CA HIS K 270 26.34 17.34 -48.56
C HIS K 270 27.84 17.42 -48.76
N MET K 271 28.26 17.36 -50.02
CA MET K 271 29.66 17.22 -50.39
C MET K 271 29.99 18.18 -51.51
N SER K 272 31.13 18.85 -51.38
CA SER K 272 31.62 19.74 -52.42
C SER K 272 33.13 19.67 -52.43
N ILE K 273 33.73 20.05 -53.56
CA ILE K 273 35.17 20.14 -53.70
C ILE K 273 35.51 21.49 -54.32
N ALA K 274 36.47 22.19 -53.74
CA ALA K 274 36.96 23.46 -54.24
C ALA K 274 38.39 23.29 -54.72
N LYS K 275 38.70 23.83 -55.90
CA LYS K 275 40.04 23.79 -56.47
C LYS K 275 40.48 25.22 -56.73
N ASP K 276 41.44 25.70 -55.93
CA ASP K 276 42.01 27.04 -56.09
C ASP K 276 40.91 28.11 -56.05
N GLY K 277 40.03 28.01 -55.07
CA GLY K 277 39.03 29.02 -54.82
C GLY K 277 37.75 28.88 -55.59
N LYS K 278 37.66 27.94 -56.53
CA LYS K 278 36.48 27.75 -57.36
C LYS K 278 35.88 26.37 -57.09
N ASN K 279 34.58 26.26 -57.34
CA ASN K 279 33.85 25.01 -57.11
C ASN K 279 33.96 24.12 -58.34
N THR K 280 34.42 22.89 -58.14
CA THR K 280 34.55 21.93 -59.22
C THR K 280 33.28 21.13 -59.45
N PHE K 281 32.24 21.36 -58.67
CA PHE K 281 30.97 20.65 -58.82
C PHE K 281 29.95 21.44 -59.64
N ALA K 282 30.35 22.56 -60.22
CA ALA K 282 29.50 23.37 -61.07
C ALA K 282 30.00 23.32 -62.51
N GLY K 283 29.06 23.27 -63.45
CA GLY K 283 29.43 23.21 -64.86
C GLY K 283 28.24 22.93 -65.74
N GLU K 284 28.51 22.37 -66.90
CA GLU K 284 27.48 22.02 -67.88
C GLU K 284 27.17 20.53 -67.74
N GLY K 285 26.02 20.22 -67.15
CA GLY K 285 25.64 18.84 -66.94
C GLY K 285 24.26 18.76 -66.32
N TYR K 286 23.92 17.56 -65.84
CA TYR K 286 22.63 17.35 -65.21
C TYR K 286 22.52 18.17 -63.94
N ALA K 287 21.52 19.03 -63.86
CA ALA K 287 21.29 19.90 -62.71
C ALA K 287 22.53 20.73 -62.38
N GLY K 288 23.23 21.17 -63.41
CA GLY K 288 24.42 21.99 -63.23
C GLY K 288 25.58 21.29 -62.55
N LEU K 289 25.86 20.05 -62.94
CA LEU K 289 26.96 19.28 -62.39
C LEU K 289 28.05 19.13 -63.43
N SER K 290 29.29 19.46 -63.03
CA SER K 290 30.42 19.31 -63.93
C SER K 290 30.81 17.84 -64.05
N ASP K 291 31.84 17.57 -64.87
CA ASP K 291 32.30 16.21 -65.05
C ASP K 291 32.86 15.65 -63.75
N THR K 292 33.53 16.49 -62.96
CA THR K 292 34.10 16.02 -61.70
C THR K 292 33.00 15.58 -60.74
N ALA K 293 31.90 16.32 -60.68
CA ALA K 293 30.79 15.91 -59.82
C ALA K 293 30.19 14.58 -60.26
N LEU K 294 30.02 14.40 -61.58
CA LEU K 294 29.52 13.13 -62.08
C LEU K 294 30.46 11.99 -61.72
N TYR K 295 31.76 12.20 -61.87
CA TYR K 295 32.72 11.16 -61.54
C TYR K 295 32.72 10.87 -60.04
N PHE K 296 32.52 11.90 -59.22
CA PHE K 296 32.43 11.71 -57.77
C PHE K 296 31.22 10.85 -57.42
N ILE K 297 30.07 11.16 -58.01
CA ILE K 297 28.87 10.38 -57.73
C ILE K 297 29.04 8.95 -58.24
N GLY K 298 29.72 8.79 -59.38
CA GLY K 298 29.97 7.46 -59.89
C GLY K 298 30.89 6.65 -59.00
N GLY K 299 31.90 7.30 -58.44
CA GLY K 299 32.76 6.62 -57.49
C GLY K 299 32.02 6.23 -56.21
N ILE K 300 31.14 7.11 -55.73
CA ILE K 300 30.34 6.77 -54.56
C ILE K 300 29.43 5.58 -54.87
N ILE K 301 28.80 5.58 -56.05
CA ILE K 301 27.92 4.49 -56.44
C ILE K 301 28.68 3.18 -56.56
N LYS K 302 29.88 3.24 -57.16
CA LYS K 302 30.64 2.01 -57.37
C LYS K 302 31.06 1.39 -56.03
N HIS K 303 31.47 2.20 -55.08
CA HIS K 303 31.97 1.71 -53.80
C HIS K 303 30.98 1.93 -52.66
N GLY K 304 29.68 1.98 -52.98
CA GLY K 304 28.70 2.20 -51.93
C GLY K 304 28.68 1.08 -50.91
N LYS K 305 28.73 -0.17 -51.37
CA LYS K 305 28.77 -1.30 -50.44
C LYS K 305 30.03 -1.25 -49.59
N ALA K 306 31.18 -0.95 -50.21
CA ALA K 306 32.41 -0.82 -49.45
C ALA K 306 32.32 0.33 -48.45
N LEU K 307 31.75 1.47 -48.88
CA LEU K 307 31.62 2.61 -47.98
C LEU K 307 30.66 2.34 -46.84
N ASN K 308 29.75 1.38 -47.00
CA ASN K 308 28.79 1.09 -45.94
C ASN K 308 29.46 0.61 -44.67
N GLY K 309 30.68 0.10 -44.75
CA GLY K 309 31.41 -0.29 -43.56
C GLY K 309 31.74 0.88 -42.64
N PHE K 310 31.82 2.09 -43.19
CA PHE K 310 32.12 3.29 -42.43
C PHE K 310 30.93 4.23 -42.27
N THR K 311 30.15 4.42 -43.32
CA THR K 311 29.00 5.31 -43.23
C THR K 311 27.86 4.69 -42.46
N ASN K 312 27.79 3.36 -42.41
CA ASN K 312 26.77 2.64 -41.65
C ASN K 312 27.43 1.54 -40.84
N PRO K 313 28.27 1.91 -39.85
CA PRO K 313 29.04 0.92 -39.09
C PRO K 313 28.31 0.41 -37.86
N SER K 314 27.06 0.00 -38.02
CA SER K 314 26.27 -0.43 -36.88
C SER K 314 25.16 -1.35 -37.35
N THR K 315 24.84 -2.34 -36.51
CA THR K 315 23.73 -3.22 -36.83
C THR K 315 22.41 -2.47 -36.84
N ASN K 316 22.32 -1.37 -36.08
CA ASN K 316 21.10 -0.58 -36.07
C ASN K 316 20.94 0.25 -37.32
N SER K 317 22.01 0.41 -38.11
CA SER K 317 21.91 1.23 -39.30
C SER K 317 21.01 0.58 -40.35
N TYR K 318 20.96 -0.75 -40.38
CA TYR K 318 20.20 -1.46 -41.40
C TYR K 318 18.79 -1.80 -40.95
N LYS K 319 18.40 -1.41 -39.75
CA LYS K 319 16.99 -1.34 -39.41
C LYS K 319 16.35 -0.06 -39.93
N ARG K 320 17.15 0.85 -40.49
CA ARG K 320 16.68 2.07 -41.13
C ARG K 320 16.74 1.99 -42.64
N LEU K 321 17.80 1.42 -43.19
CA LEU K 321 17.91 1.24 -44.64
C LEU K 321 16.90 0.22 -45.14
N ALA K 332 21.77 5.77 -57.09
CA ALA K 332 20.98 6.67 -57.92
C ALA K 332 21.11 8.11 -57.44
N TYR K 333 21.17 9.04 -58.39
CA TYR K 333 21.24 10.46 -58.09
C TYR K 333 20.18 11.20 -58.87
N SER K 334 19.53 12.16 -58.24
CA SER K 334 18.43 12.88 -58.85
C SER K 334 18.26 14.22 -58.17
N ALA K 335 17.19 14.93 -58.52
CA ALA K 335 16.83 16.18 -57.86
C ALA K 335 15.41 16.20 -57.31
N ARG K 336 14.58 15.22 -57.67
CA ARG K 336 13.24 15.12 -57.10
C ARG K 336 12.97 13.69 -56.66
N ASN K 337 13.64 12.73 -57.29
CA ASN K 337 13.34 11.32 -57.07
C ASN K 337 13.77 10.90 -55.67
N ARG K 338 12.79 10.59 -54.81
CA ARG K 338 13.08 10.10 -53.47
C ARG K 338 13.68 8.71 -53.49
N SER K 339 13.55 7.98 -54.60
CA SER K 339 14.17 6.66 -54.70
C SER K 339 15.69 6.76 -54.69
N ALA K 340 16.24 7.87 -55.17
CA ALA K 340 17.68 8.02 -55.26
C ALA K 340 18.30 8.16 -53.89
N SER K 341 19.35 7.36 -53.63
CA SER K 341 20.11 7.50 -52.39
C SER K 341 21.00 8.73 -52.39
N ILE K 342 21.16 9.39 -53.53
CA ILE K 342 21.98 10.58 -53.67
C ILE K 342 21.13 11.68 -54.26
N ARG K 343 21.23 12.88 -53.70
CA ARG K 343 20.47 14.03 -54.16
C ARG K 343 21.42 15.14 -54.61
N ILE K 344 21.02 15.85 -55.66
CA ILE K 344 21.70 17.06 -56.09
C ILE K 344 20.84 18.24 -55.67
N PRO K 345 21.08 18.82 -54.49
CA PRO K 345 20.15 19.81 -53.95
C PRO K 345 20.08 21.07 -54.79
N TYR K 346 18.92 21.70 -54.77
CA TYR K 346 18.73 22.96 -55.49
C TYR K 346 19.52 24.07 -54.80
N VAL K 347 20.32 24.79 -55.58
CA VAL K 347 21.14 25.88 -55.08
C VAL K 347 20.95 27.09 -56.00
N ASN K 348 21.42 28.24 -55.52
CA ASN K 348 21.28 29.50 -56.25
C ASN K 348 22.53 29.93 -56.98
N SER K 349 23.70 29.45 -56.57
CA SER K 349 24.96 29.88 -57.16
C SER K 349 25.80 28.67 -57.55
N PRO K 350 26.63 28.81 -58.58
CA PRO K 350 27.53 27.70 -58.94
C PRO K 350 28.47 27.30 -57.82
N LYS K 351 28.93 28.26 -57.00
CA LYS K 351 29.85 27.92 -55.93
C LYS K 351 29.19 27.08 -54.84
N ALA K 352 27.87 27.17 -54.69
CA ALA K 352 27.14 26.38 -53.69
C ALA K 352 26.69 25.04 -54.24
N ARG K 353 26.92 24.75 -55.51
CA ARG K 353 26.53 23.47 -56.08
C ARG K 353 27.27 22.34 -55.38
N ARG K 354 26.52 21.29 -55.03
CA ARG K 354 27.08 20.20 -54.23
C ARG K 354 26.24 18.96 -54.47
N ILE K 355 26.77 17.81 -54.06
CA ILE K 355 26.03 16.56 -54.09
C ILE K 355 25.63 16.23 -52.66
N GLU K 356 24.81 15.20 -52.49
CA GLU K 356 24.35 14.82 -51.16
C GLU K 356 24.19 13.30 -51.10
N ALA K 357 24.96 12.66 -50.22
CA ALA K 357 24.78 11.25 -49.92
C ALA K 357 23.81 11.11 -48.77
N ARG K 358 22.70 10.41 -49.00
CA ARG K 358 21.62 10.35 -48.02
C ARG K 358 21.63 9.09 -47.17
N PHE K 359 22.41 8.08 -47.52
CA PHE K 359 22.39 6.84 -46.75
C PHE K 359 23.15 6.91 -45.41
N PRO K 360 24.24 7.67 -45.27
CA PRO K 360 24.98 7.62 -43.99
C PRO K 360 24.11 8.03 -42.81
N ASP K 361 24.39 7.43 -41.66
CA ASP K 361 23.63 7.61 -40.45
C ASP K 361 24.42 8.36 -39.37
N PRO K 362 23.74 8.94 -38.38
CA PRO K 362 24.46 9.68 -37.33
C PRO K 362 25.38 8.81 -36.49
N SER K 363 25.18 7.50 -36.46
CA SER K 363 26.05 6.64 -35.65
C SER K 363 27.43 6.46 -36.27
N ALA K 364 27.64 6.92 -37.50
CA ALA K 364 28.92 6.74 -38.16
C ALA K 364 30.00 7.58 -37.51
N ASN K 365 31.21 7.03 -37.48
CA ASN K 365 32.38 7.78 -37.03
C ASN K 365 32.65 8.90 -38.03
N PRO K 366 32.44 10.17 -37.67
CA PRO K 366 32.51 11.24 -38.69
C PRO K 366 33.82 11.28 -39.44
N TYR K 367 34.95 11.11 -38.74
CA TYR K 367 36.25 11.16 -39.41
C TYR K 367 36.39 10.02 -40.40
N LEU K 368 36.14 8.79 -39.96
CA LEU K 368 36.26 7.64 -40.85
C LEU K 368 35.26 7.71 -41.98
N ALA K 369 34.02 8.11 -41.69
CA ALA K 369 33.00 8.18 -42.73
C ALA K 369 33.38 9.20 -43.79
N PHE K 370 33.75 10.40 -43.37
CA PHE K 370 34.13 11.44 -44.34
C PHE K 370 35.35 11.04 -45.14
N ALA K 371 36.35 10.47 -44.48
CA ALA K 371 37.56 10.06 -45.20
C ALA K 371 37.25 8.97 -46.22
N ALA K 372 36.43 7.98 -45.84
CA ALA K 372 36.07 6.92 -46.77
C ALA K 372 35.28 7.45 -47.94
N LEU K 373 34.30 8.32 -47.68
CA LEU K 373 33.51 8.89 -48.77
C LEU K 373 34.38 9.70 -49.72
N LEU K 374 35.29 10.50 -49.18
CA LEU K 374 36.21 11.27 -50.02
C LEU K 374 37.11 10.35 -50.83
N MET K 375 37.59 9.26 -50.23
CA MET K 375 38.45 8.34 -50.97
C MET K 375 37.69 7.70 -52.13
N ALA K 376 36.45 7.27 -51.88
CA ALA K 376 35.67 6.68 -52.96
C ALA K 376 35.41 7.69 -54.07
N GLY K 377 35.07 8.93 -53.71
CA GLY K 377 34.83 9.94 -54.73
C GLY K 377 36.07 10.28 -55.52
N LEU K 378 37.22 10.36 -54.84
CA LEU K 378 38.47 10.62 -55.54
C LEU K 378 38.84 9.47 -56.46
N ASP K 379 38.56 8.23 -56.04
CA ASP K 379 38.76 7.09 -56.92
C ASP K 379 37.89 7.20 -58.16
N GLY K 380 36.62 7.58 -57.97
CA GLY K 380 35.73 7.76 -59.10
C GLY K 380 36.19 8.85 -60.05
N ILE K 381 36.70 9.95 -59.51
CA ILE K 381 37.19 11.03 -60.35
C ILE K 381 38.45 10.59 -61.10
N GLN K 382 39.38 9.91 -60.41
CA GLN K 382 40.61 9.48 -61.03
C GLN K 382 40.35 8.49 -62.15
N ASN K 383 39.47 7.52 -61.92
CA ASN K 383 39.18 6.50 -62.92
C ASN K 383 38.20 6.98 -63.98
N LYS K 384 37.60 8.15 -63.81
CA LYS K 384 36.60 8.70 -64.73
C LYS K 384 35.45 7.71 -64.92
N ILE K 385 34.74 7.45 -63.82
CA ILE K 385 33.65 6.49 -63.80
C ILE K 385 32.33 7.26 -63.82
N HIS K 386 31.53 7.03 -64.86
CA HIS K 386 30.27 7.73 -65.04
C HIS K 386 29.15 6.99 -64.33
N PRO K 387 28.30 7.68 -63.57
CA PRO K 387 27.20 7.02 -62.86
C PRO K 387 25.95 6.77 -63.71
N GLY K 388 26.04 6.91 -65.03
CA GLY K 388 24.87 6.76 -65.86
C GLY K 388 23.95 7.95 -65.72
N ASP K 389 22.76 7.81 -66.31
CA ASP K 389 21.78 8.87 -66.25
C ASP K 389 21.13 8.93 -64.87
N ALA K 390 20.44 10.03 -64.61
CA ALA K 390 19.84 10.26 -63.30
C ALA K 390 18.61 9.36 -63.13
N ALA K 391 17.93 9.54 -62.01
CA ALA K 391 16.73 8.78 -61.71
C ALA K 391 15.48 9.66 -61.76
N ILE K 406 19.31 -1.16 -60.56
CA ILE K 406 19.82 -0.11 -59.70
C ILE K 406 20.49 -0.71 -58.47
N PRO K 407 21.82 -0.77 -58.47
CA PRO K 407 22.54 -1.22 -57.28
C PRO K 407 22.26 -0.28 -56.11
N GLN K 408 22.17 -0.86 -54.92
CA GLN K 408 21.80 -0.11 -53.73
C GLN K 408 22.73 -0.51 -52.59
N VAL K 409 22.45 0.01 -51.39
CA VAL K 409 23.27 -0.26 -50.23
C VAL K 409 23.18 -1.73 -49.86
N CYS K 410 24.11 -2.16 -49.00
CA CYS K 410 24.13 -3.53 -48.52
C CYS K 410 22.97 -3.77 -47.57
N GLY K 411 22.73 -5.05 -47.28
CA GLY K 411 21.59 -5.43 -46.48
C GLY K 411 21.83 -5.55 -44.99
N SER K 412 22.95 -6.17 -44.61
CA SER K 412 23.25 -6.42 -43.21
C SER K 412 24.67 -6.01 -42.90
N LEU K 413 24.94 -5.79 -41.62
CA LEU K 413 26.26 -5.34 -41.19
C LEU K 413 27.33 -6.37 -41.54
N LYS K 414 27.01 -7.65 -41.44
CA LYS K 414 27.94 -8.68 -41.88
C LYS K 414 28.25 -8.53 -43.36
N GLU K 415 27.22 -8.28 -44.17
CA GLU K 415 27.42 -8.05 -45.60
C GLU K 415 28.27 -6.81 -45.83
N ALA K 416 28.03 -5.75 -45.07
CA ALA K 416 28.82 -4.53 -45.23
C ALA K 416 30.29 -4.78 -44.93
N LEU K 417 30.56 -5.48 -43.82
CA LEU K 417 31.95 -5.75 -43.46
C LEU K 417 32.62 -6.68 -44.46
N GLU K 418 31.89 -7.66 -44.98
CA GLU K 418 32.47 -8.53 -46.01
C GLU K 418 32.81 -7.73 -47.27
N GLU K 419 31.90 -6.87 -47.69
CA GLU K 419 32.16 -6.04 -48.88
C GLU K 419 33.35 -5.12 -48.65
N LEU K 420 33.45 -4.53 -47.45
CA LEU K 420 34.58 -3.67 -47.15
C LEU K 420 35.88 -4.46 -47.14
N ASP K 421 35.86 -5.68 -46.57
CA ASP K 421 37.06 -6.49 -46.52
C ASP K 421 37.54 -6.88 -47.92
N LYS K 422 36.62 -7.30 -48.78
CA LYS K 422 36.98 -7.71 -50.13
C LYS K 422 36.88 -6.58 -51.15
N GLY K 423 36.47 -5.39 -50.73
CA GLY K 423 36.39 -4.26 -51.63
C GLY K 423 37.21 -3.08 -51.17
N ARG K 424 38.22 -3.35 -50.34
CA ARG K 424 39.12 -2.31 -49.84
C ARG K 424 40.30 -2.21 -50.80
N ALA K 425 40.22 -1.27 -51.72
CA ALA K 425 41.38 -0.91 -52.52
C ALA K 425 41.61 0.59 -52.56
N PHE K 426 40.55 1.38 -52.64
CA PHE K 426 40.70 2.82 -52.77
C PHE K 426 41.10 3.49 -51.46
N LEU K 427 40.63 2.96 -50.33
CA LEU K 427 41.08 3.48 -49.04
C LEU K 427 42.57 3.23 -48.83
N THR K 428 43.03 2.01 -49.15
CA THR K 428 44.45 1.71 -49.00
C THR K 428 45.29 2.50 -49.99
N LYS K 429 44.80 2.67 -51.21
CA LYS K 429 45.52 3.46 -52.21
C LYS K 429 45.63 4.90 -51.74
N GLY K 430 46.83 5.47 -51.88
CA GLY K 430 47.11 6.81 -51.40
C GLY K 430 47.64 6.88 -49.99
N GLY K 431 47.70 5.76 -49.28
CA GLY K 431 48.23 5.76 -47.92
C GLY K 431 47.42 6.58 -46.94
N VAL K 432 46.10 6.46 -47.00
CA VAL K 432 45.23 7.18 -46.07
C VAL K 432 44.73 6.22 -45.00
N PHE K 433 44.06 5.15 -45.42
CA PHE K 433 43.64 4.08 -44.53
C PHE K 433 44.68 2.96 -44.61
N SER K 434 45.25 2.60 -43.47
CA SER K 434 46.21 1.51 -43.46
C SER K 434 45.49 0.17 -43.43
N ASP K 435 46.13 -0.84 -43.99
CA ASP K 435 45.54 -2.18 -44.00
C ASP K 435 45.36 -2.70 -42.58
N ASP K 436 46.35 -2.47 -41.71
CA ASP K 436 46.25 -2.93 -40.33
C ASP K 436 45.09 -2.26 -39.60
N PHE K 437 44.91 -0.96 -39.79
CA PHE K 437 43.81 -0.28 -39.14
C PHE K 437 42.48 -0.84 -39.59
N ILE K 438 42.32 -1.05 -40.89
CA ILE K 438 41.04 -1.52 -41.41
C ILE K 438 40.79 -2.95 -40.93
N ASP K 439 41.83 -3.77 -40.85
CA ASP K 439 41.66 -5.12 -40.32
C ASP K 439 41.21 -5.09 -38.87
N ALA K 440 41.84 -4.23 -38.05
CA ALA K 440 41.45 -4.15 -36.64
C ALA K 440 40.03 -3.62 -36.48
N TYR K 441 39.68 -2.59 -37.26
CA TYR K 441 38.33 -2.03 -37.19
C TYR K 441 37.29 -3.04 -37.66
N LEU K 442 37.61 -3.81 -38.69
CA LEU K 442 36.73 -4.88 -39.14
C LEU K 442 36.57 -5.92 -38.05
N GLU K 443 37.64 -6.27 -37.35
CA GLU K 443 37.53 -7.23 -36.26
C GLU K 443 36.61 -6.72 -35.16
N LEU K 444 36.76 -5.44 -34.79
CA LEU K 444 35.93 -4.85 -33.75
C LEU K 444 34.46 -4.86 -34.16
N LYS K 445 34.16 -4.35 -35.36
CA LYS K 445 32.78 -4.31 -35.82
C LYS K 445 32.22 -5.72 -36.02
N SER K 446 33.05 -6.66 -36.43
CA SER K 446 32.58 -8.03 -36.63
C SER K 446 32.22 -8.69 -35.31
N GLU K 447 33.05 -8.52 -34.28
CA GLU K 447 32.70 -9.10 -32.99
C GLU K 447 31.43 -8.46 -32.43
N GLU K 448 31.27 -7.15 -32.61
CA GLU K 448 30.04 -6.49 -32.17
C GLU K 448 28.82 -6.99 -32.93
N GLU K 449 28.94 -7.17 -34.24
CA GLU K 449 27.83 -7.68 -35.03
C GLU K 449 27.50 -9.12 -34.66
N ILE K 450 28.52 -9.92 -34.36
CA ILE K 450 28.28 -11.28 -33.87
C ILE K 450 27.54 -11.25 -32.55
N LYS K 451 27.91 -10.31 -31.67
CA LYS K 451 27.23 -10.18 -30.39
C LYS K 451 25.74 -9.88 -30.60
N VAL K 452 25.42 -8.98 -31.53
CA VAL K 452 24.02 -8.66 -31.75
C VAL K 452 23.29 -9.82 -32.43
N ARG K 453 23.90 -10.42 -33.44
CA ARG K 453 23.21 -11.35 -34.32
C ARG K 453 22.82 -12.66 -33.64
N THR K 454 23.46 -13.01 -32.52
CA THR K 454 23.23 -14.28 -31.87
C THR K 454 22.32 -14.18 -30.64
N PHE K 455 21.62 -13.06 -30.49
CA PHE K 455 20.69 -12.88 -29.39
C PHE K 455 19.26 -13.02 -29.87
N VAL K 456 18.44 -13.70 -29.07
CA VAL K 456 17.04 -13.91 -29.42
C VAL K 456 16.31 -12.57 -29.44
N HIS K 457 15.52 -12.36 -30.48
CA HIS K 457 14.66 -11.21 -30.76
C HIS K 457 13.25 -11.49 -30.25
N PRO K 458 12.61 -10.55 -29.54
CA PRO K 458 11.23 -10.78 -29.11
C PRO K 458 10.27 -11.02 -30.26
N LEU K 459 10.60 -10.58 -31.48
CA LEU K 459 9.80 -10.96 -32.64
C LEU K 459 9.83 -12.46 -32.87
N GLU K 460 10.96 -13.10 -32.57
CA GLU K 460 11.02 -14.55 -32.67
C GLU K 460 10.06 -15.21 -31.69
N TYR K 461 9.89 -14.62 -30.51
CA TYR K 461 8.86 -15.08 -29.60
C TYR K 461 7.47 -14.83 -30.16
N ASP K 462 7.28 -13.66 -30.79
CA ASP K 462 5.96 -13.32 -31.32
C ASP K 462 5.55 -14.26 -32.44
N LEU K 463 6.50 -14.76 -33.21
CA LEU K 463 6.17 -15.55 -34.40
C LEU K 463 6.36 -17.04 -34.22
N TYR K 464 7.25 -17.50 -33.33
CA TYR K 464 7.64 -18.89 -33.28
C TYR K 464 7.36 -19.59 -31.97
N TYR K 465 6.75 -18.92 -31.00
CA TYR K 465 6.57 -19.52 -29.68
C TYR K 465 5.70 -20.76 -29.75
N SER K 466 4.52 -20.63 -30.36
CA SER K 466 3.61 -21.77 -30.52
C SER K 466 3.93 -22.48 -31.84
N VAL K 467 5.08 -23.15 -31.84
CA VAL K 467 5.51 -23.92 -33.01
C VAL K 467 5.47 -25.40 -32.69
N SER L 2 55.41 31.36 13.35
CA SER L 2 55.16 30.03 12.83
C SER L 2 54.06 30.04 11.77
N LYS L 3 54.07 29.03 10.90
CA LYS L 3 53.07 28.97 9.84
C LYS L 3 51.67 28.82 10.40
N SER L 4 51.50 27.97 11.42
CA SER L 4 50.18 27.75 12.00
C SER L 4 49.64 29.03 12.61
N LEU L 5 50.47 29.75 13.38
CA LEU L 5 50.04 30.99 14.00
C LEU L 5 49.71 32.04 12.95
N GLN L 6 50.50 32.11 11.88
CA GLN L 6 50.22 33.06 10.81
C GLN L 6 48.89 32.76 10.16
N LEU L 7 48.61 31.50 9.86
CA LEU L 7 47.33 31.14 9.27
C LEU L 7 46.18 31.47 10.22
N ILE L 8 46.36 31.18 11.52
CA ILE L 8 45.32 31.47 12.49
C ILE L 8 45.02 32.96 12.53
N LYS L 9 46.07 33.78 12.56
CA LYS L 9 45.88 35.23 12.63
C LYS L 9 45.21 35.75 11.36
N GLU L 10 45.65 35.29 10.20
CA GLU L 10 45.12 35.83 8.95
C GLU L 10 43.68 35.41 8.72
N HIS L 11 43.39 34.12 8.88
CA HIS L 11 42.07 33.60 8.53
C HIS L 11 41.08 33.62 9.68
N ASP L 12 41.48 34.08 10.86
CA ASP L 12 40.60 34.18 12.02
C ASP L 12 39.93 32.85 12.34
N VAL L 13 40.72 31.77 12.28
CA VAL L 13 40.19 30.45 12.53
C VAL L 13 39.80 30.32 14.00
N LYS L 14 38.85 29.43 14.27
CA LYS L 14 38.35 29.22 15.61
C LYS L 14 38.66 27.83 16.16
N TRP L 15 39.04 26.88 15.31
CA TRP L 15 39.31 25.52 15.75
C TRP L 15 40.59 25.02 15.11
N ILE L 16 41.34 24.24 15.88
CA ILE L 16 42.52 23.53 15.39
C ILE L 16 42.22 22.05 15.46
N ASP L 17 42.40 21.36 14.35
CA ASP L 17 42.04 19.95 14.20
C ASP L 17 43.34 19.17 14.03
N LEU L 18 43.77 18.49 15.09
CA LEU L 18 45.00 17.71 15.09
C LEU L 18 44.70 16.33 14.54
N ARG L 19 45.42 15.93 13.50
CA ARG L 19 45.20 14.65 12.84
C ARG L 19 46.48 13.82 12.85
N PHE L 20 46.30 12.51 12.94
CA PHE L 20 47.38 11.56 12.82
C PHE L 20 46.83 10.32 12.10
N THR L 21 47.64 9.27 12.02
CA THR L 21 47.25 8.06 11.34
C THR L 21 47.49 6.85 12.24
N ASP L 22 46.55 5.92 12.23
CA ASP L 22 46.70 4.70 13.00
C ASP L 22 47.36 3.63 12.12
N THR L 23 47.49 2.41 12.63
CA THR L 23 48.17 1.36 11.88
C THR L 23 47.38 0.95 10.65
N LYS L 24 46.06 0.95 10.74
CA LYS L 24 45.23 0.51 9.62
C LYS L 24 45.21 1.50 8.47
N GLY L 25 45.75 2.70 8.65
CA GLY L 25 45.80 3.68 7.59
C GLY L 25 44.67 4.68 7.60
N LYS L 26 43.88 4.74 8.65
CA LYS L 26 42.77 5.68 8.76
C LYS L 26 43.21 6.90 9.54
N GLN L 27 42.90 8.08 9.02
CA GLN L 27 43.22 9.31 9.74
C GLN L 27 42.36 9.42 10.99
N GLN L 28 42.85 10.17 11.97
CA GLN L 28 42.19 10.30 13.26
C GLN L 28 42.42 11.71 13.78
N HIS L 29 41.35 12.38 14.21
CA HIS L 29 41.40 13.81 14.47
C HIS L 29 40.80 14.15 15.82
N VAL L 30 41.33 15.23 16.40
CA VAL L 30 40.89 15.79 17.68
C VAL L 30 40.82 17.30 17.53
N THR L 31 39.72 17.91 17.97
CA THR L 31 39.49 19.33 17.75
C THR L 31 39.62 20.11 19.05
N MET L 32 40.29 21.26 18.98
CA MET L 32 40.48 22.14 20.12
C MET L 32 40.24 23.57 19.68
N PRO L 33 39.98 24.47 20.61
CA PRO L 33 39.83 25.89 20.23
C PRO L 33 41.14 26.48 19.74
N ALA L 34 41.02 27.45 18.85
CA ALA L 34 42.20 28.11 18.31
C ALA L 34 42.83 29.04 19.35
N ARG L 35 42.03 29.59 20.26
CA ARG L 35 42.58 30.47 21.28
C ARG L 35 43.53 29.75 22.22
N ASP L 36 43.50 28.42 22.25
CA ASP L 36 44.38 27.62 23.09
C ASP L 36 45.66 27.22 22.39
N VAL L 37 46.08 27.97 21.36
CA VAL L 37 47.34 27.73 20.67
C VAL L 37 48.34 28.79 21.11
N ASP L 38 49.58 28.40 21.24
CA ASP L 38 50.67 29.29 21.64
C ASP L 38 51.98 28.54 21.40
N ASP L 39 53.09 29.13 21.84
CA ASP L 39 54.37 28.43 21.76
C ASP L 39 54.34 27.14 22.58
N ASP L 40 53.76 27.21 23.78
CA ASP L 40 53.72 26.04 24.66
C ASP L 40 52.98 24.87 24.00
N PHE L 41 51.98 25.16 23.17
CA PHE L 41 51.26 24.10 22.47
C PHE L 41 52.19 23.31 21.57
N PHE L 42 53.06 24.01 20.83
CA PHE L 42 54.04 23.33 19.98
C PHE L 42 55.18 22.73 20.78
N GLU L 43 55.49 23.26 21.95
CA GLU L 43 56.57 22.67 22.75
C GLU L 43 56.15 21.35 23.40
N TYR L 44 54.95 21.29 23.98
CA TYR L 44 54.54 20.14 24.76
C TYR L 44 53.48 19.28 24.10
N GLY L 45 52.85 19.74 23.01
CA GLY L 45 51.83 18.93 22.38
C GLY L 45 50.56 18.87 23.20
N LYS L 46 49.85 17.74 23.09
CA LYS L 46 48.62 17.53 23.83
C LYS L 46 48.54 16.08 24.27
N MET L 47 48.31 15.86 25.57
CA MET L 47 48.12 14.51 26.08
C MET L 47 46.83 13.92 25.53
N PHE L 48 46.86 12.63 25.20
CA PHE L 48 45.66 11.94 24.75
C PHE L 48 45.82 10.45 24.99
N ASP L 49 44.69 9.74 24.92
CA ASP L 49 44.63 8.33 25.26
C ASP L 49 44.88 7.49 24.01
N GLY L 50 45.93 6.68 24.05
CA GLY L 50 46.27 5.82 22.93
C GLY L 50 45.96 4.35 23.18
N SER L 51 45.12 4.07 24.18
CA SER L 51 44.84 2.68 24.52
C SER L 51 43.90 2.03 23.50
N SER L 52 42.89 2.77 23.04
CA SER L 52 41.87 2.21 22.16
C SER L 52 42.23 2.35 20.69
N ILE L 53 43.49 2.60 20.37
CA ILE L 53 43.95 2.59 18.98
C ILE L 53 45.08 1.59 18.74
N ALA L 54 45.77 1.13 19.79
CA ALA L 54 46.94 0.27 19.69
C ALA L 54 48.12 0.94 19.01
N GLY L 55 48.13 2.26 18.97
CA GLY L 55 49.19 3.01 18.31
C GLY L 55 48.68 3.96 17.25
N SER L 62 47.32 3.72 27.76
CA SER L 62 48.60 4.39 27.92
C SER L 62 48.54 5.80 27.32
N ASP L 63 49.05 6.76 28.10
CA ASP L 63 49.05 8.15 27.66
C ASP L 63 50.07 8.38 26.55
N MET L 64 49.73 9.29 25.64
CA MET L 64 50.60 9.63 24.52
C MET L 64 50.51 11.12 24.27
N ILE L 65 51.45 11.64 23.49
CA ILE L 65 51.54 13.08 23.22
C ILE L 65 51.33 13.31 21.74
N LEU L 66 50.43 14.24 21.41
CA LEU L 66 50.25 14.72 20.04
C LEU L 66 51.11 15.95 19.87
N MET L 67 52.20 15.83 19.11
CA MET L 67 53.04 16.98 18.82
C MET L 67 52.73 17.47 17.42
N PRO L 68 52.18 18.67 17.26
CA PRO L 68 51.80 19.14 15.92
C PRO L 68 53.02 19.34 15.03
N ASP L 69 52.83 19.07 13.75
CA ASP L 69 53.82 19.37 12.73
C ASP L 69 53.42 20.69 12.09
N ASP L 70 54.14 21.76 12.44
CA ASP L 70 53.75 23.09 11.99
C ASP L 70 53.80 23.22 10.47
N SER L 71 54.66 22.47 9.81
CA SER L 71 54.80 22.56 8.36
C SER L 71 53.59 22.02 7.62
N THR L 72 52.69 21.31 8.29
CA THR L 72 51.54 20.69 7.65
C THR L 72 50.24 21.44 7.94
N ALA L 73 50.30 22.63 8.51
CA ALA L 73 49.10 23.38 8.81
C ALA L 73 48.37 23.76 7.53
N VAL L 74 47.05 23.54 7.52
CA VAL L 74 46.22 23.86 6.36
C VAL L 74 44.81 24.12 6.84
N LEU L 75 44.02 24.78 6.00
CA LEU L 75 42.65 25.13 6.34
C LEU L 75 41.69 24.01 5.96
N ASP L 76 40.50 24.07 6.52
CA ASP L 76 39.46 23.09 6.27
C ASP L 76 38.30 23.74 5.54
N PRO L 77 38.03 23.39 4.29
CA PRO L 77 36.88 23.96 3.57
C PRO L 77 35.56 23.23 3.78
N PHE L 78 35.54 22.16 4.56
CA PHE L 78 34.33 21.36 4.74
C PHE L 78 33.53 21.76 5.98
N THR L 79 33.99 22.75 6.75
CA THR L 79 33.35 23.11 8.01
C THR L 79 32.77 24.52 7.93
N GLU L 80 31.65 24.72 8.62
CA GLU L 80 31.06 26.05 8.70
C GLU L 80 31.98 27.02 9.43
N GLU L 81 32.57 26.58 10.53
CA GLU L 81 33.55 27.41 11.23
C GLU L 81 34.92 27.24 10.60
N PRO L 82 35.75 28.28 10.63
CA PRO L 82 37.11 28.17 10.10
C PRO L 82 37.95 27.23 10.94
N THR L 83 38.43 26.15 10.32
CA THR L 83 39.18 25.12 11.01
C THR L 83 40.54 24.95 10.35
N LEU L 84 41.59 24.85 11.18
CA LEU L 84 42.95 24.68 10.70
C LEU L 84 43.41 23.26 11.02
N ILE L 85 43.74 22.51 9.97
CA ILE L 85 44.14 21.11 10.12
C ILE L 85 45.65 21.04 10.30
N ILE L 86 46.10 20.32 11.33
CA ILE L 86 47.52 20.13 11.59
C ILE L 86 47.77 18.64 11.76
N VAL L 87 48.62 18.08 10.91
CA VAL L 87 49.01 16.68 11.05
C VAL L 87 50.00 16.57 12.20
N CYS L 88 49.77 15.61 13.09
CA CYS L 88 50.55 15.49 14.32
C CYS L 88 51.39 14.22 14.31
N ASP L 89 52.48 14.25 15.06
CA ASP L 89 53.27 13.07 15.36
C ASP L 89 52.90 12.56 16.75
N ILE L 90 53.03 11.26 16.93
CA ILE L 90 52.74 10.60 18.20
C ILE L 90 54.05 10.38 18.93
N ILE L 91 54.10 10.84 20.19
CA ILE L 91 55.31 10.78 21.00
C ILE L 91 55.01 10.02 22.28
N GLU L 92 55.86 9.06 22.59
CA GLU L 92 55.77 8.36 23.86
C GLU L 92 56.26 9.28 24.97
N PRO L 93 55.45 9.51 26.02
CA PRO L 93 55.90 10.40 27.10
C PRO L 93 57.13 9.88 27.83
N SER L 94 57.37 8.57 27.83
CA SER L 94 58.51 8.01 28.54
C SER L 94 59.82 8.28 27.83
N THR L 95 59.86 8.20 26.50
CA THR L 95 61.08 8.40 25.75
C THR L 95 61.18 9.76 25.09
N MET L 96 60.06 10.47 24.93
CA MET L 96 60.03 11.81 24.32
C MET L 96 60.50 11.76 22.86
N GLN L 97 60.76 10.57 22.34
CA GLN L 97 61.10 10.37 20.94
C GLN L 97 59.84 9.98 20.18
N GLY L 98 60.00 9.79 18.86
CA GLY L 98 58.86 9.35 18.07
C GLY L 98 58.40 7.97 18.49
N TYR L 99 57.08 7.76 18.45
CA TYR L 99 56.50 6.49 18.85
C TYR L 99 56.94 5.37 17.92
N ASP L 100 57.07 4.17 18.49
CA ASP L 100 57.54 3.04 17.72
C ASP L 100 56.55 2.63 16.62
N ARG L 101 55.26 2.67 16.92
CA ARG L 101 54.23 2.23 15.98
C ARG L 101 53.53 3.38 15.28
N ASP L 102 54.09 4.58 15.34
CA ASP L 102 53.50 5.71 14.62
C ASP L 102 53.88 5.63 13.15
N PRO L 103 52.91 5.47 12.24
CA PRO L 103 53.27 5.35 10.82
C PRO L 103 54.02 6.56 10.28
N ARG L 104 53.64 7.77 10.70
CA ARG L 104 54.37 8.95 10.26
C ARG L 104 55.80 8.93 10.78
N ALA L 105 56.00 8.47 12.01
CA ALA L 105 57.36 8.31 12.53
C ALA L 105 58.12 7.29 11.71
N ILE L 106 57.47 6.24 11.26
CA ILE L 106 58.13 5.23 10.43
C ILE L 106 58.56 5.84 9.09
N ALA L 107 57.69 6.66 8.50
CA ALA L 107 58.05 7.32 7.24
C ALA L 107 59.20 8.29 7.43
N ARG L 108 59.18 9.05 8.54
CA ARG L 108 60.28 9.96 8.83
C ARG L 108 61.58 9.18 9.02
N ARG L 109 61.52 8.05 9.71
CA ARG L 109 62.71 7.22 9.87
C ARG L 109 63.18 6.67 8.54
N ALA L 110 62.25 6.36 7.63
CA ALA L 110 62.65 5.91 6.30
C ALA L 110 63.38 7.01 5.56
N GLU L 111 62.89 8.25 5.65
CA GLU L 111 63.60 9.37 5.03
C GLU L 111 65.00 9.54 5.64
N GLU L 112 65.09 9.44 6.97
CA GLU L 112 66.39 9.59 7.63
C GLU L 112 67.34 8.48 7.20
N TYR L 113 66.84 7.25 7.08
CA TYR L 113 67.69 6.15 6.62
C TYR L 113 68.14 6.36 5.18
N LEU L 114 67.25 6.87 4.33
CA LEU L 114 67.65 7.18 2.96
C LEU L 114 68.78 8.19 2.95
N LYS L 115 68.69 9.23 3.78
CA LYS L 115 69.79 10.18 3.89
C LYS L 115 71.06 9.52 4.41
N SER L 116 70.92 8.63 5.40
CA SER L 116 72.09 8.00 6.02
C SER L 116 72.85 7.12 5.03
N THR L 117 72.13 6.37 4.20
CA THR L 117 72.80 5.44 3.28
C THR L 117 73.72 6.15 2.31
N GLY L 118 73.47 7.43 2.03
CA GLY L 118 74.22 8.15 1.04
C GLY L 118 73.77 7.90 -0.38
N ILE L 119 72.74 7.08 -0.59
CA ILE L 119 72.20 6.87 -1.93
C ILE L 119 71.59 8.16 -2.46
N GLY L 120 70.97 8.93 -1.59
CA GLY L 120 70.38 10.18 -2.00
C GLY L 120 69.63 10.82 -0.85
N ASP L 121 68.80 11.79 -1.21
CA ASP L 121 67.97 12.49 -0.24
C ASP L 121 66.69 12.94 -0.93
N THR L 122 65.65 13.14 -0.13
CA THR L 122 64.33 13.58 -0.62
C THR L 122 63.85 12.68 -1.76
N ALA L 123 63.60 11.42 -1.42
CA ALA L 123 62.98 10.50 -2.37
C ALA L 123 61.60 11.00 -2.73
N PHE L 124 61.25 10.86 -4.01
CA PHE L 124 60.01 11.39 -4.56
C PHE L 124 59.03 10.26 -4.86
N PHE L 125 57.81 10.40 -4.35
CA PHE L 125 56.75 9.42 -4.52
C PHE L 125 55.53 10.10 -5.12
N GLY L 126 54.99 9.53 -6.19
CA GLY L 126 53.72 9.98 -6.71
C GLY L 126 52.74 8.83 -6.89
N PRO L 127 51.71 8.77 -6.07
CA PRO L 127 50.71 7.73 -6.23
C PRO L 127 49.49 8.20 -7.00
N GLU L 128 48.75 7.24 -7.56
CA GLU L 128 47.54 7.50 -8.33
C GLU L 128 46.41 6.64 -7.81
N PRO L 129 45.88 6.96 -6.63
CA PRO L 129 44.81 6.15 -6.04
C PRO L 129 43.47 6.41 -6.71
N GLU L 130 43.01 5.45 -7.49
CA GLU L 130 41.66 5.52 -8.04
C GLU L 130 40.65 5.18 -6.95
N PHE L 131 39.42 5.64 -7.14
CA PHE L 131 38.36 5.39 -6.17
C PHE L 131 37.06 5.17 -6.91
N PHE L 132 36.01 4.86 -6.16
CA PHE L 132 34.68 4.67 -6.70
C PHE L 132 33.71 5.67 -6.08
N ILE L 133 32.74 6.12 -6.86
CA ILE L 133 31.71 7.03 -6.36
C ILE L 133 30.38 6.30 -6.48
N PHE L 134 29.78 5.98 -5.35
CA PHE L 134 28.51 5.28 -5.29
C PHE L 134 27.43 6.20 -4.72
N ASP L 135 26.22 6.11 -5.27
CA ASP L 135 25.12 6.88 -4.73
C ASP L 135 24.62 6.32 -3.40
N GLU L 136 24.79 5.03 -3.18
CA GLU L 136 24.16 4.31 -2.08
C GLU L 136 24.80 2.95 -1.91
N VAL L 137 25.21 2.60 -0.68
CA VAL L 137 25.87 1.33 -0.40
C VAL L 137 25.25 0.70 0.82
N LYS L 138 24.90 -0.58 0.73
CA LYS L 138 24.30 -1.31 1.83
C LYS L 138 24.98 -2.66 1.98
N TYR L 139 25.41 -2.98 3.19
CA TYR L 139 26.07 -4.25 3.45
C TYR L 139 25.78 -4.67 4.89
N LYS L 140 25.79 -5.98 5.11
CA LYS L 140 25.62 -6.53 6.45
C LYS L 140 26.08 -7.98 6.45
N SER L 141 26.39 -8.49 7.63
CA SER L 141 26.82 -9.87 7.77
C SER L 141 26.52 -10.34 9.18
N ASP L 142 25.74 -11.41 9.30
CA ASP L 142 25.47 -12.03 10.59
C ASP L 142 25.02 -13.46 10.35
N ILE L 143 24.57 -14.12 11.41
CA ILE L 143 24.19 -15.53 11.32
C ILE L 143 23.07 -15.71 10.30
N SER L 144 22.12 -14.77 10.26
CA SER L 144 21.01 -14.88 9.34
C SER L 144 21.45 -14.81 7.88
N GLY L 145 22.63 -14.29 7.62
CA GLY L 145 23.12 -14.21 6.25
C GLY L 145 24.04 -13.02 6.07
N SER L 146 24.65 -12.98 4.90
CA SER L 146 25.52 -11.87 4.51
C SER L 146 24.99 -11.26 3.23
N MET L 147 24.77 -9.95 3.25
CA MET L 147 24.21 -9.22 2.13
C MET L 147 25.14 -8.09 1.76
N PHE L 148 25.19 -7.79 0.46
CA PHE L 148 25.99 -6.68 -0.05
C PHE L 148 25.42 -6.21 -1.37
N LYS L 149 25.25 -4.89 -1.49
CA LYS L 149 24.72 -4.28 -2.71
C LYS L 149 25.20 -2.85 -2.76
N ILE L 150 25.44 -2.36 -3.98
CA ILE L 150 25.91 -1.00 -4.20
C ILE L 150 25.03 -0.35 -5.25
N PHE L 151 24.50 0.82 -4.93
CA PHE L 151 23.56 1.54 -5.79
C PHE L 151 24.28 2.71 -6.44
N SER L 152 24.12 2.86 -7.75
CA SER L 152 24.68 4.01 -8.45
C SER L 152 23.85 4.23 -9.71
N GLU L 153 23.56 5.51 -9.98
CA GLU L 153 22.75 5.84 -11.15
C GLU L 153 23.48 5.48 -12.45
N GLN L 154 24.80 5.64 -12.47
CA GLN L 154 25.59 5.37 -13.65
C GLN L 154 26.02 3.91 -13.78
N ALA L 155 25.47 3.04 -12.93
CA ALA L 155 25.85 1.64 -12.97
C ALA L 155 25.45 0.99 -14.28
N ALA L 156 26.26 0.04 -14.73
CA ALA L 156 25.94 -0.69 -15.95
C ALA L 156 24.70 -1.55 -15.79
N TRP L 157 24.42 -2.01 -14.57
CA TRP L 157 23.26 -2.85 -14.31
C TRP L 157 22.00 -2.03 -14.04
N ASN L 158 22.12 -0.71 -13.91
CA ASN L 158 20.98 0.15 -13.61
C ASN L 158 20.28 0.63 -14.87
N THR L 159 20.38 -0.11 -15.98
CA THR L 159 19.80 0.34 -17.22
C THR L 159 18.28 0.29 -17.23
N ASP L 160 17.66 -0.32 -16.22
CA ASP L 160 16.21 -0.32 -16.10
C ASP L 160 15.69 0.38 -14.85
N ALA L 161 16.53 0.62 -13.85
CA ALA L 161 16.04 1.06 -12.56
C ALA L 161 15.30 2.38 -12.67
N ASP L 162 14.20 2.51 -11.92
CA ASP L 162 13.51 3.78 -11.83
C ASP L 162 14.32 4.74 -10.99
N PHE L 163 14.37 5.99 -11.43
CA PHE L 163 15.13 7.03 -10.74
C PHE L 163 14.27 8.26 -10.54
N GLU L 164 14.52 8.96 -9.42
CA GLU L 164 13.83 10.21 -9.13
C GLU L 164 14.42 11.29 -10.02
N GLY L 165 13.99 11.28 -11.28
CA GLY L 165 14.55 12.17 -12.27
C GLY L 165 14.66 11.51 -13.63
N GLY L 166 14.28 10.24 -13.70
CA GLY L 166 14.23 9.56 -14.97
C GLY L 166 15.44 8.68 -15.21
N ASN L 167 15.25 7.64 -16.01
CA ASN L 167 16.32 6.71 -16.36
C ASN L 167 16.84 7.09 -17.74
N LYS L 168 17.72 8.09 -17.76
CA LYS L 168 18.44 8.40 -18.99
C LYS L 168 19.36 7.23 -19.35
N GLY L 169 19.42 6.90 -20.63
CA GLY L 169 20.08 5.68 -21.05
C GLY L 169 21.58 5.74 -21.17
N HIS L 170 22.19 6.87 -20.83
CA HIS L 170 23.63 7.05 -20.99
C HIS L 170 24.33 6.64 -19.69
N ARG L 171 25.13 5.58 -19.77
CA ARG L 171 25.91 5.12 -18.62
C ARG L 171 27.02 4.23 -19.13
N PRO L 172 28.24 4.34 -18.60
CA PRO L 172 29.34 3.50 -19.08
C PRO L 172 29.06 2.02 -18.83
N GLY L 173 29.47 1.20 -19.78
CA GLY L 173 29.31 -0.24 -19.65
C GLY L 173 30.39 -0.86 -18.80
N VAL L 174 30.34 -2.19 -18.70
CA VAL L 174 31.32 -2.91 -17.91
C VAL L 174 32.68 -2.84 -18.60
N LYS L 175 33.69 -2.36 -17.86
CA LYS L 175 35.03 -2.14 -18.39
C LYS L 175 35.01 -1.19 -19.59
N GLY L 176 34.08 -0.25 -19.58
CA GLY L 176 33.94 0.67 -20.70
C GLY L 176 33.71 2.10 -20.27
N GLY L 177 34.23 2.46 -19.10
CA GLY L 177 34.11 3.81 -18.58
C GLY L 177 35.31 4.70 -18.80
N TYR L 178 36.27 4.28 -19.61
CA TYR L 178 37.49 5.06 -19.81
C TYR L 178 37.21 6.18 -20.80
N PHE L 179 37.01 7.38 -20.28
CA PHE L 179 36.81 8.63 -21.01
C PHE L 179 35.59 8.67 -21.92
N PRO L 180 34.39 8.30 -21.46
CA PRO L 180 33.20 8.89 -22.08
C PRO L 180 33.20 10.41 -21.91
N VAL L 181 32.41 11.05 -22.75
CA VAL L 181 32.17 12.49 -22.70
C VAL L 181 31.29 12.70 -21.47
N PRO L 182 31.10 13.92 -20.95
CA PRO L 182 30.24 14.11 -19.77
C PRO L 182 28.82 13.56 -19.91
N PRO L 183 28.17 13.58 -21.08
CA PRO L 183 26.78 13.09 -21.08
C PRO L 183 26.67 11.58 -20.86
N VAL L 184 27.80 10.88 -20.76
CA VAL L 184 27.86 9.46 -20.43
C VAL L 184 28.68 9.33 -19.14
N ASP L 185 29.59 10.27 -18.92
CA ASP L 185 30.41 10.32 -17.72
C ASP L 185 29.64 11.13 -16.69
N HIS L 186 28.94 10.44 -15.80
CA HIS L 186 28.04 11.09 -14.85
C HIS L 186 28.77 11.89 -13.77
N ASP L 187 30.09 11.78 -13.68
CA ASP L 187 30.80 12.29 -12.52
C ASP L 187 31.82 13.35 -12.86
N HIS L 188 31.45 14.32 -13.71
CA HIS L 188 32.40 15.38 -14.05
C HIS L 188 32.36 16.53 -13.06
N GLU L 189 31.15 16.99 -12.71
CA GLU L 189 31.05 18.10 -11.77
C GLU L 189 31.55 17.70 -10.39
N ILE L 190 31.28 16.47 -9.96
CA ILE L 190 31.76 16.03 -8.66
C ILE L 190 33.27 15.89 -8.65
N ARG L 191 33.85 15.43 -9.77
CA ARG L 191 35.31 15.39 -9.86
C ARG L 191 35.90 16.79 -9.83
N THR L 192 35.25 17.74 -10.50
CA THR L 192 35.70 19.12 -10.45
C THR L 192 35.64 19.67 -9.03
N ALA L 193 34.57 19.35 -8.31
CA ALA L 193 34.46 19.80 -6.92
C ALA L 193 35.55 19.20 -6.05
N MET L 194 35.84 17.90 -6.24
CA MET L 194 36.94 17.29 -5.51
C MET L 194 38.26 17.97 -5.83
N CYS L 195 38.48 18.31 -7.10
CA CYS L 195 39.70 19.00 -7.48
C CYS L 195 39.78 20.38 -6.84
N ASN L 196 38.65 21.08 -6.77
CA ASN L 196 38.63 22.38 -6.11
C ASN L 196 39.00 22.24 -4.63
N ALA L 197 38.43 21.23 -3.96
CA ALA L 197 38.75 21.01 -2.55
C ALA L 197 40.22 20.66 -2.39
N LEU L 198 40.77 19.88 -3.32
CA LEU L 198 42.19 19.56 -3.26
C LEU L 198 43.05 20.81 -3.42
N GLU L 199 42.68 21.69 -4.34
CA GLU L 199 43.40 22.95 -4.48
C GLU L 199 43.28 23.82 -3.23
N GLU L 200 42.17 23.67 -2.50
CA GLU L 200 41.99 24.43 -1.28
C GLU L 200 42.82 23.90 -0.12
N MET L 201 43.37 22.70 -0.23
CA MET L 201 44.24 22.14 0.81
C MET L 201 45.70 22.12 0.38
N GLY L 202 46.07 22.89 -0.64
CA GLY L 202 47.45 23.00 -1.04
C GLY L 202 47.94 21.95 -2.00
N LEU L 203 47.13 20.95 -2.34
CA LEU L 203 47.54 19.96 -3.31
C LEU L 203 47.51 20.55 -4.72
N LYS L 204 48.36 20.02 -5.59
CA LYS L 204 48.47 20.48 -6.97
C LYS L 204 47.95 19.37 -7.87
N VAL L 205 46.65 19.44 -8.21
CA VAL L 205 46.04 18.45 -9.08
C VAL L 205 46.64 18.57 -10.46
N GLU L 206 46.90 17.42 -11.10
CA GLU L 206 47.47 17.40 -12.44
C GLU L 206 46.48 16.95 -13.49
N VAL L 207 45.56 16.06 -13.14
CA VAL L 207 44.61 15.52 -14.10
C VAL L 207 43.49 14.86 -13.31
N HIS L 208 42.30 14.80 -13.90
CA HIS L 208 41.18 14.13 -13.25
C HIS L 208 40.24 13.63 -14.32
N HIS L 209 39.76 12.39 -14.15
CA HIS L 209 38.95 11.77 -15.19
C HIS L 209 38.25 10.55 -14.63
N HIS L 210 37.37 9.99 -15.45
CA HIS L 210 36.76 8.70 -15.16
C HIS L 210 37.79 7.59 -15.37
N GLU L 211 37.48 6.42 -14.84
CA GLU L 211 38.36 5.28 -14.99
C GLU L 211 37.63 4.15 -15.70
N VAL L 212 38.32 3.02 -15.85
CA VAL L 212 37.85 1.96 -16.74
C VAL L 212 36.52 1.41 -16.27
N ALA L 213 36.40 1.13 -14.98
CA ALA L 213 35.23 0.41 -14.48
C ALA L 213 33.98 1.30 -14.51
N THR L 214 32.83 0.66 -14.54
CA THR L 214 31.55 1.35 -14.45
C THR L 214 31.26 1.66 -12.99
N ALA L 215 30.04 2.07 -12.70
CA ALA L 215 29.56 2.41 -11.36
C ALA L 215 30.32 3.59 -10.75
N GLY L 216 31.15 4.28 -11.53
CA GLY L 216 31.77 5.50 -11.07
C GLY L 216 33.16 5.38 -10.52
N GLN L 217 34.06 4.71 -11.23
CA GLN L 217 35.47 4.72 -10.85
C GLN L 217 36.13 5.95 -11.44
N ASN L 218 36.76 6.75 -10.59
CA ASN L 218 37.38 7.99 -11.00
C ASN L 218 38.82 8.03 -10.49
N GLU L 219 39.64 8.85 -11.14
CA GLU L 219 41.01 9.05 -10.73
C GLU L 219 41.35 10.54 -10.80
N ILE L 220 41.95 11.05 -9.73
CA ILE L 220 42.41 12.43 -9.65
C ILE L 220 43.88 12.38 -9.28
N GLY L 221 44.75 12.55 -10.27
CA GLY L 221 46.17 12.55 -10.00
C GLY L 221 46.63 13.82 -9.32
N VAL L 222 47.68 13.70 -8.52
CA VAL L 222 48.24 14.82 -7.79
C VAL L 222 49.75 14.82 -7.98
N SER L 223 50.35 16.00 -7.81
CA SER L 223 51.77 16.18 -8.09
C SER L 223 52.62 15.41 -7.09
N PHE L 224 53.87 15.18 -7.48
CA PHE L 224 54.80 14.41 -6.67
C PHE L 224 55.22 15.19 -5.44
N ASN L 225 55.82 14.47 -4.49
CA ASN L 225 56.36 15.09 -3.28
C ASN L 225 57.28 14.08 -2.60
N THR L 226 57.89 14.51 -1.50
CA THR L 226 58.75 13.63 -0.70
C THR L 226 57.90 12.57 -0.02
N LEU L 227 58.56 11.67 0.71
CA LEU L 227 57.87 10.51 1.27
C LEU L 227 56.78 10.93 2.25
N VAL L 228 57.16 11.56 3.36
CA VAL L 228 56.19 11.90 4.39
C VAL L 228 55.20 12.92 3.87
N ALA L 229 55.68 13.90 3.10
CA ALA L 229 54.79 14.91 2.54
C ALA L 229 53.77 14.27 1.62
N LYS L 230 54.20 13.30 0.80
CA LYS L 230 53.25 12.66 -0.09
C LYS L 230 52.28 11.77 0.66
N ALA L 231 52.72 11.12 1.74
CA ALA L 231 51.78 10.37 2.55
C ALA L 231 50.72 11.29 3.14
N ASP L 232 51.13 12.45 3.64
CA ASP L 232 50.17 13.43 4.12
C ASP L 232 49.22 13.87 3.01
N GLU L 233 49.76 14.06 1.81
CA GLU L 233 48.92 14.49 0.68
C GLU L 233 47.94 13.41 0.29
N VAL L 234 48.34 12.13 0.37
CA VAL L 234 47.43 11.04 0.08
C VAL L 234 46.29 11.00 1.09
N GLN L 235 46.63 11.12 2.36
CA GLN L 235 45.58 11.15 3.38
C GLN L 235 44.64 12.34 3.16
N THR L 236 45.20 13.50 2.83
CA THR L 236 44.39 14.68 2.58
C THR L 236 43.49 14.49 1.36
N LEU L 237 44.02 13.84 0.32
CA LEU L 237 43.22 13.57 -0.87
C LEU L 237 42.06 12.64 -0.56
N LYS L 238 42.32 11.60 0.23
CA LYS L 238 41.24 10.71 0.65
C LYS L 238 40.19 11.47 1.43
N TYR L 239 40.62 12.32 2.36
CA TYR L 239 39.68 13.13 3.12
C TYR L 239 38.86 14.02 2.21
N CYS L 240 39.51 14.67 1.25
CA CYS L 240 38.83 15.62 0.37
C CYS L 240 37.78 14.91 -0.48
N VAL L 241 38.15 13.79 -1.09
CA VAL L 241 37.20 13.10 -1.95
C VAL L 241 36.04 12.54 -1.14
N HIS L 242 36.34 11.97 0.05
CA HIS L 242 35.28 11.47 0.90
C HIS L 242 34.29 12.57 1.24
N ASN L 243 34.78 13.73 1.66
CA ASN L 243 33.88 14.76 2.15
C ASN L 243 33.15 15.45 1.01
N VAL L 244 33.80 15.63 -0.14
CA VAL L 244 33.11 16.22 -1.28
C VAL L 244 31.97 15.31 -1.73
N ALA L 245 32.22 14.00 -1.79
CA ALA L 245 31.14 13.09 -2.15
C ALA L 245 30.02 13.11 -1.11
N ASP L 246 30.39 13.15 0.18
CA ASP L 246 29.36 13.18 1.22
C ASP L 246 28.55 14.47 1.16
N ALA L 247 29.15 15.56 0.68
CA ALA L 247 28.41 16.81 0.53
C ALA L 247 27.44 16.74 -0.64
N TYR L 248 27.74 15.91 -1.65
CA TYR L 248 26.90 15.77 -2.82
C TYR L 248 25.86 14.66 -2.68
N GLY L 249 25.79 14.02 -1.52
CA GLY L 249 24.89 12.91 -1.34
C GLY L 249 25.43 11.57 -1.79
N LYS L 250 26.71 11.48 -2.13
CA LYS L 250 27.32 10.25 -2.61
C LYS L 250 28.40 9.81 -1.63
N THR L 251 29.06 8.70 -1.96
CA THR L 251 30.10 8.12 -1.14
C THR L 251 31.30 7.76 -2.01
N VAL L 252 32.49 7.87 -1.43
CA VAL L 252 33.72 7.43 -2.07
C VAL L 252 34.15 6.11 -1.43
N THR L 253 34.49 5.16 -2.28
CA THR L 253 34.98 3.85 -1.89
C THR L 253 36.43 3.72 -2.31
N PHE L 254 37.30 3.39 -1.36
CA PHE L 254 38.72 3.27 -1.63
C PHE L 254 39.23 1.85 -1.52
N MET L 255 38.39 0.91 -1.10
CA MET L 255 38.81 -0.48 -1.04
C MET L 255 39.17 -0.97 -2.43
N PRO L 256 40.22 -1.79 -2.57
CA PRO L 256 40.82 -2.01 -3.90
C PRO L 256 39.87 -2.56 -4.93
N LYS L 257 38.98 -3.49 -4.57
CA LYS L 257 38.07 -4.10 -5.52
C LYS L 257 36.68 -4.15 -4.92
N PRO L 258 35.86 -3.13 -5.18
CA PRO L 258 34.48 -3.12 -4.69
C PRO L 258 33.45 -3.72 -5.63
N LEU L 259 33.88 -4.34 -6.72
CA LEU L 259 32.99 -4.91 -7.72
C LEU L 259 33.51 -6.28 -8.12
N TYR L 260 32.78 -6.96 -8.99
CA TYR L 260 33.26 -8.17 -9.63
C TYR L 260 33.02 -8.07 -11.13
N GLY L 261 33.98 -8.53 -11.92
CA GLY L 261 33.90 -8.43 -13.35
C GLY L 261 34.29 -7.08 -13.91
N ASP L 262 34.68 -6.14 -13.08
CA ASP L 262 35.10 -4.82 -13.53
C ASP L 262 36.37 -4.42 -12.81
N ASN L 263 37.12 -3.53 -13.44
CA ASN L 263 38.42 -3.13 -12.91
C ASN L 263 38.29 -2.57 -11.50
N GLY L 264 39.23 -2.94 -10.63
CA GLY L 264 39.28 -2.43 -9.28
C GLY L 264 39.99 -1.09 -9.21
N SER L 265 40.23 -0.64 -8.00
CA SER L 265 40.94 0.60 -7.74
C SER L 265 42.37 0.27 -7.32
N GLY L 266 43.33 0.76 -8.07
CA GLY L 266 44.73 0.54 -7.76
C GLY L 266 45.44 1.85 -7.54
N MET L 267 46.53 1.80 -6.78
CA MET L 267 47.32 2.98 -6.46
C MET L 267 48.71 2.74 -7.02
N HIS L 268 48.92 3.14 -8.27
CA HIS L 268 50.25 3.12 -8.85
C HIS L 268 51.14 4.08 -8.08
N VAL L 269 52.40 3.70 -7.88
CA VAL L 269 53.36 4.53 -7.17
C VAL L 269 54.55 4.74 -8.09
N HIS L 270 54.80 5.99 -8.46
CA HIS L 270 55.98 6.39 -9.21
C HIS L 270 57.07 6.78 -8.22
N MET L 271 58.21 6.10 -8.29
CA MET L 271 59.31 6.31 -7.38
C MET L 271 60.50 6.91 -8.09
N SER L 272 61.13 7.89 -7.45
CA SER L 272 62.39 8.46 -7.88
C SER L 272 63.21 8.81 -6.65
N ILE L 273 64.51 8.99 -6.84
CA ILE L 273 65.42 9.34 -5.74
C ILE L 273 66.33 10.47 -6.21
N ALA L 274 66.37 11.54 -5.44
CA ALA L 274 67.19 12.70 -5.75
C ALA L 274 68.50 12.66 -4.97
N LYS L 275 69.50 13.36 -5.50
CA LYS L 275 70.81 13.45 -4.85
C LYS L 275 71.41 14.80 -5.20
N ASP L 276 71.37 15.73 -4.23
CA ASP L 276 71.92 17.07 -4.40
C ASP L 276 71.30 17.78 -5.60
N GLY L 277 70.00 17.58 -5.81
CA GLY L 277 69.29 18.20 -6.90
C GLY L 277 69.34 17.44 -8.22
N LYS L 278 70.10 16.36 -8.29
CA LYS L 278 70.18 15.54 -9.49
C LYS L 278 69.40 14.26 -9.28
N ASN L 279 68.88 13.71 -10.38
CA ASN L 279 68.08 12.49 -10.34
C ASN L 279 69.01 11.28 -10.48
N THR L 280 68.92 10.36 -9.52
CA THR L 280 69.79 9.19 -9.52
C THR L 280 69.32 8.08 -10.44
N PHE L 281 68.07 8.12 -10.91
CA PHE L 281 67.55 7.07 -11.77
C PHE L 281 67.88 7.30 -13.24
N ALA L 282 68.36 8.49 -13.60
CA ALA L 282 68.66 8.80 -14.99
C ALA L 282 70.02 8.24 -15.36
N GLY L 283 70.06 7.40 -16.38
CA GLY L 283 71.31 6.81 -16.84
C GLY L 283 71.21 6.42 -18.29
N GLU L 284 71.97 5.38 -18.66
CA GLU L 284 72.00 4.90 -20.04
C GLU L 284 71.63 3.43 -20.14
N GLY L 285 71.01 2.86 -19.11
CA GLY L 285 70.53 1.49 -19.15
C GLY L 285 69.27 1.37 -19.96
N TYR L 286 68.45 0.37 -19.61
CA TYR L 286 67.18 0.20 -20.30
C TYR L 286 66.25 1.37 -20.02
N ALA L 287 65.67 1.92 -21.08
CA ALA L 287 64.78 3.08 -20.98
C ALA L 287 65.46 4.24 -20.26
N GLY L 288 66.77 4.37 -20.44
CA GLY L 288 67.50 5.44 -19.79
C GLY L 288 67.50 5.36 -18.29
N LEU L 289 67.66 4.17 -17.73
CA LEU L 289 67.68 3.96 -16.29
C LEU L 289 69.11 3.77 -15.83
N SER L 290 69.53 4.55 -14.84
CA SER L 290 70.84 4.34 -14.25
C SER L 290 70.84 3.04 -13.46
N ASP L 291 72.05 2.50 -13.25
CA ASP L 291 72.16 1.22 -12.55
C ASP L 291 71.59 1.29 -11.14
N THR L 292 71.57 2.49 -10.55
CA THR L 292 70.86 2.67 -9.29
C THR L 292 69.38 2.36 -9.45
N ALA L 293 68.77 2.84 -10.54
CA ALA L 293 67.37 2.53 -10.79
C ALA L 293 67.16 1.04 -11.02
N LEU L 294 68.08 0.39 -11.74
CA LEU L 294 67.96 -1.03 -11.98
C LEU L 294 68.05 -1.83 -10.67
N TYR L 295 68.95 -1.43 -9.79
CA TYR L 295 69.06 -2.11 -8.51
C TYR L 295 67.85 -1.83 -7.63
N PHE L 296 67.27 -0.63 -7.74
CA PHE L 296 66.00 -0.36 -7.06
C PHE L 296 64.90 -1.29 -7.57
N ILE L 297 64.84 -1.49 -8.88
CA ILE L 297 63.86 -2.40 -9.45
C ILE L 297 64.08 -3.81 -8.93
N GLY L 298 65.34 -4.25 -8.90
CA GLY L 298 65.63 -5.58 -8.39
C GLY L 298 65.25 -5.75 -6.94
N GLY L 299 65.47 -4.71 -6.13
CA GLY L 299 65.07 -4.77 -4.73
C GLY L 299 63.58 -4.83 -4.56
N ILE L 300 62.84 -4.06 -5.37
CA ILE L 300 61.38 -4.13 -5.30
C ILE L 300 60.89 -5.49 -5.73
N ILE L 301 61.54 -6.07 -6.74
CA ILE L 301 61.10 -7.37 -7.25
C ILE L 301 61.36 -8.46 -6.23
N LYS L 302 62.55 -8.47 -5.63
CA LYS L 302 62.91 -9.55 -4.71
C LYS L 302 62.02 -9.55 -3.48
N HIS L 303 61.65 -8.36 -2.98
CA HIS L 303 60.85 -8.23 -1.79
C HIS L 303 59.38 -7.93 -2.11
N GLY L 304 58.95 -8.16 -3.34
CA GLY L 304 57.57 -7.84 -3.71
C GLY L 304 56.56 -8.63 -2.89
N LYS L 305 56.82 -9.91 -2.67
CA LYS L 305 55.91 -10.71 -1.85
C LYS L 305 55.87 -10.18 -0.42
N ALA L 306 57.03 -9.83 0.13
CA ALA L 306 57.04 -9.20 1.45
C ALA L 306 56.37 -7.83 1.41
N LEU L 307 56.59 -7.07 0.34
CA LEU L 307 55.97 -5.75 0.23
C LEU L 307 54.47 -5.83 0.22
N ASN L 308 53.90 -6.91 -0.32
CA ASN L 308 52.45 -7.03 -0.36
C ASN L 308 51.82 -6.97 1.02
N GLY L 309 52.58 -7.26 2.08
CA GLY L 309 52.03 -7.16 3.42
C GLY L 309 51.66 -5.74 3.78
N PHE L 310 52.43 -4.76 3.30
CA PHE L 310 52.23 -3.36 3.65
C PHE L 310 51.54 -2.57 2.55
N THR L 311 51.92 -2.78 1.29
CA THR L 311 51.30 -2.05 0.19
C THR L 311 49.98 -2.68 -0.24
N ASN L 312 49.69 -3.90 0.19
CA ASN L 312 48.41 -4.56 -0.08
C ASN L 312 47.90 -5.18 1.22
N PRO L 313 47.56 -4.34 2.21
CA PRO L 313 47.17 -4.90 3.50
C PRO L 313 45.79 -5.50 3.49
N SER L 314 44.91 -5.03 2.63
CA SER L 314 43.55 -5.55 2.56
C SER L 314 43.55 -7.00 2.12
N THR L 315 42.69 -7.80 2.73
CA THR L 315 42.39 -9.10 2.14
C THR L 315 41.62 -8.95 0.84
N ASN L 316 41.06 -7.76 0.60
CA ASN L 316 40.36 -7.49 -0.65
C ASN L 316 41.33 -7.14 -1.77
N SER L 317 42.52 -6.64 -1.43
CA SER L 317 43.46 -6.26 -2.47
C SER L 317 43.80 -7.42 -3.38
N TYR L 318 43.79 -8.63 -2.83
CA TYR L 318 44.12 -9.82 -3.60
C TYR L 318 42.92 -10.38 -4.34
N LYS L 319 41.75 -9.76 -4.18
CA LYS L 319 40.68 -9.91 -5.16
C LYS L 319 40.93 -9.05 -6.39
N ARG L 320 41.85 -8.10 -6.29
CA ARG L 320 42.25 -7.28 -7.43
C ARG L 320 43.49 -7.84 -8.11
N LEU L 321 44.42 -8.40 -7.35
CA LEU L 321 45.62 -9.02 -7.90
C LEU L 321 45.32 -10.48 -8.25
N VAL L 322 44.58 -10.66 -9.33
CA VAL L 322 44.23 -11.99 -9.80
C VAL L 322 44.68 -12.20 -11.25
N PRO L 328 47.87 -6.73 -12.84
CA PRO L 328 49.25 -6.33 -12.54
C PRO L 328 49.89 -7.21 -11.48
N VAL L 329 50.12 -8.48 -11.81
CA VAL L 329 50.67 -9.42 -10.84
C VAL L 329 52.08 -9.85 -11.16
N MET L 330 52.54 -9.71 -12.40
CA MET L 330 53.92 -10.05 -12.73
C MET L 330 54.88 -9.14 -11.97
N LEU L 331 55.85 -9.74 -11.31
CA LEU L 331 56.89 -8.96 -10.61
C LEU L 331 58.12 -8.83 -11.50
N ALA L 332 57.91 -8.23 -12.67
CA ALA L 332 58.97 -7.92 -13.62
C ALA L 332 58.87 -6.44 -13.97
N TYR L 333 59.78 -5.98 -14.82
CA TYR L 333 59.82 -4.57 -15.20
C TYR L 333 59.96 -4.44 -16.71
N SER L 334 59.31 -3.42 -17.26
CA SER L 334 59.37 -3.11 -18.68
C SER L 334 58.65 -1.78 -18.90
N ALA L 335 59.00 -1.12 -20.00
CA ALA L 335 58.32 0.09 -20.41
C ALA L 335 57.23 -0.16 -21.45
N ARG L 336 57.20 -1.33 -22.05
CA ARG L 336 56.22 -1.67 -23.07
C ARG L 336 55.34 -2.85 -22.69
N ASN L 337 55.95 -3.95 -22.23
CA ASN L 337 55.18 -5.15 -21.90
C ASN L 337 54.32 -4.87 -20.68
N ARG L 338 53.02 -4.70 -20.89
CA ARG L 338 52.11 -4.29 -19.82
C ARG L 338 51.80 -5.41 -18.84
N SER L 339 52.25 -6.63 -19.10
CA SER L 339 52.05 -7.71 -18.14
C SER L 339 52.73 -7.40 -16.82
N ALA L 340 53.94 -6.83 -16.88
CA ALA L 340 54.71 -6.54 -15.68
C ALA L 340 54.00 -5.49 -14.84
N SER L 341 54.04 -5.67 -13.52
CA SER L 341 53.46 -4.72 -12.58
C SER L 341 54.40 -3.60 -12.20
N ILE L 342 55.64 -3.62 -12.70
CA ILE L 342 56.59 -2.53 -12.51
C ILE L 342 56.85 -1.92 -13.88
N ARG L 343 56.53 -0.65 -14.05
CA ARG L 343 56.63 0.02 -15.33
C ARG L 343 57.61 1.19 -15.24
N ILE L 344 58.28 1.46 -16.35
CA ILE L 344 59.16 2.62 -16.47
C ILE L 344 58.43 3.65 -17.31
N PRO L 345 57.71 4.59 -16.69
CA PRO L 345 56.88 5.51 -17.48
C PRO L 345 57.73 6.35 -18.41
N TYR L 346 57.16 6.63 -19.59
CA TYR L 346 57.83 7.49 -20.55
C TYR L 346 57.86 8.92 -20.03
N VAL L 347 59.03 9.55 -20.11
CA VAL L 347 59.22 10.92 -19.67
C VAL L 347 59.97 11.68 -20.75
N ASN L 348 59.80 13.00 -20.73
CA ASN L 348 60.40 13.88 -21.73
C ASN L 348 61.74 14.44 -21.31
N SER L 349 62.24 14.08 -20.13
CA SER L 349 63.50 14.61 -19.63
C SER L 349 64.04 13.67 -18.58
N PRO L 350 65.36 13.48 -18.52
CA PRO L 350 65.94 12.63 -17.46
C PRO L 350 65.70 13.17 -16.07
N LYS L 351 65.39 14.46 -15.92
CA LYS L 351 65.05 15.00 -14.61
C LYS L 351 63.82 14.32 -14.03
N ALA L 352 62.91 13.86 -14.87
CA ALA L 352 61.69 13.20 -14.43
C ALA L 352 61.76 11.69 -14.53
N ARG L 353 62.95 11.12 -14.72
CA ARG L 353 63.08 9.68 -14.80
C ARG L 353 62.65 9.04 -13.49
N ARG L 354 61.92 7.92 -13.59
CA ARG L 354 61.33 7.29 -12.43
C ARG L 354 60.90 5.88 -12.81
N ILE L 355 60.62 5.08 -11.79
CA ILE L 355 60.00 3.77 -11.98
C ILE L 355 58.57 3.84 -11.49
N GLU L 356 57.77 2.84 -11.84
CA GLU L 356 56.38 2.81 -11.41
C GLU L 356 56.01 1.38 -11.00
N ALA L 357 55.52 1.22 -9.78
CA ALA L 357 54.99 -0.04 -9.29
C ALA L 357 53.48 0.05 -9.26
N ARG L 358 52.81 -0.92 -9.90
CA ARG L 358 51.37 -0.85 -10.08
C ARG L 358 50.58 -1.79 -9.19
N PHE L 359 51.24 -2.65 -8.43
CA PHE L 359 50.48 -3.53 -7.54
C PHE L 359 49.90 -2.84 -6.30
N PRO L 360 50.52 -1.81 -5.71
CA PRO L 360 49.91 -1.20 -4.53
C PRO L 360 48.52 -0.67 -4.79
N ASP L 361 47.68 -0.71 -3.76
CA ASP L 361 46.27 -0.36 -3.83
C ASP L 361 45.93 0.69 -2.79
N PRO L 362 44.89 1.49 -3.03
CA PRO L 362 44.61 2.63 -2.13
C PRO L 362 44.28 2.24 -0.71
N SER L 363 43.92 0.98 -0.45
CA SER L 363 43.65 0.57 0.92
C SER L 363 44.91 0.52 1.78
N ALA L 364 46.07 0.67 1.17
CA ALA L 364 47.33 0.64 1.92
C ALA L 364 47.50 1.90 2.75
N ASN L 365 48.19 1.76 3.86
CA ASN L 365 48.62 2.91 4.65
C ASN L 365 49.68 3.66 3.86
N PRO L 366 49.50 4.95 3.59
CA PRO L 366 50.51 5.66 2.77
C PRO L 366 51.90 5.63 3.37
N TYR L 367 52.01 5.93 4.67
CA TYR L 367 53.33 5.94 5.30
C TYR L 367 53.97 4.56 5.25
N LEU L 368 53.25 3.54 5.70
CA LEU L 368 53.82 2.19 5.75
C LEU L 368 54.15 1.67 4.37
N ALA L 369 53.24 1.85 3.41
CA ALA L 369 53.49 1.34 2.06
C ALA L 369 54.67 2.05 1.41
N PHE L 370 54.72 3.39 1.53
CA PHE L 370 55.82 4.12 0.92
C PHE L 370 57.15 3.76 1.57
N ALA L 371 57.16 3.62 2.90
CA ALA L 371 58.39 3.22 3.58
C ALA L 371 58.82 1.83 3.16
N ALA L 372 57.87 0.91 3.02
CA ALA L 372 58.22 -0.45 2.60
C ALA L 372 58.83 -0.44 1.20
N LEU L 373 58.21 0.30 0.27
CA LEU L 373 58.76 0.37 -1.08
C LEU L 373 60.15 0.98 -1.07
N LEU L 374 60.33 2.06 -0.30
CA LEU L 374 61.64 2.71 -0.25
C LEU L 374 62.70 1.79 0.34
N MET L 375 62.35 1.05 1.39
CA MET L 375 63.33 0.16 2.00
C MET L 375 63.66 -1.00 1.09
N ALA L 376 62.68 -1.51 0.33
CA ALA L 376 62.98 -2.55 -0.65
C ALA L 376 63.93 -2.03 -1.72
N GLY L 377 63.67 -0.84 -2.24
CA GLY L 377 64.57 -0.26 -3.23
C GLY L 377 65.96 -0.03 -2.68
N LEU L 378 66.05 0.46 -1.43
CA LEU L 378 67.34 0.70 -0.82
C LEU L 378 68.10 -0.59 -0.60
N ASP L 379 67.41 -1.65 -0.18
CA ASP L 379 68.07 -2.95 -0.02
C ASP L 379 68.58 -3.45 -1.37
N GLY L 380 67.79 -3.28 -2.42
CA GLY L 380 68.24 -3.69 -3.74
C GLY L 380 69.46 -2.91 -4.19
N ILE L 381 69.49 -1.60 -3.93
CA ILE L 381 70.63 -0.78 -4.30
C ILE L 381 71.87 -1.20 -3.53
N GLN L 382 71.73 -1.41 -2.22
CA GLN L 382 72.88 -1.76 -1.39
C GLN L 382 73.42 -3.14 -1.75
N ASN L 383 72.55 -4.11 -2.00
CA ASN L 383 72.98 -5.44 -2.35
C ASN L 383 73.22 -5.62 -3.85
N LYS L 384 73.05 -4.57 -4.64
CA LYS L 384 73.29 -4.59 -6.08
C LYS L 384 72.50 -5.71 -6.76
N ILE L 385 71.22 -5.80 -6.40
CA ILE L 385 70.35 -6.82 -6.95
C ILE L 385 70.00 -6.45 -8.39
N HIS L 386 70.41 -7.28 -9.34
CA HIS L 386 70.11 -7.03 -10.75
C HIS L 386 68.83 -7.76 -11.14
N PRO L 387 67.81 -7.07 -11.64
CA PRO L 387 66.55 -7.74 -11.95
C PRO L 387 66.62 -8.63 -13.17
N GLY L 388 67.44 -8.28 -14.17
CA GLY L 388 67.50 -9.06 -15.39
C GLY L 388 67.05 -8.29 -16.61
N ASP L 389 65.91 -8.67 -17.18
CA ASP L 389 65.38 -7.98 -18.35
C ASP L 389 63.88 -7.71 -18.21
N ILE L 406 58.56 -16.68 -13.66
CA ILE L 406 58.74 -15.30 -13.24
C ILE L 406 57.99 -15.04 -11.93
N PRO L 407 58.57 -14.21 -11.05
CA PRO L 407 57.96 -13.98 -9.75
C PRO L 407 56.59 -13.32 -9.87
N GLN L 408 55.72 -13.64 -8.92
CA GLN L 408 54.39 -13.07 -8.85
C GLN L 408 54.12 -12.57 -7.44
N VAL L 409 53.18 -11.64 -7.32
CA VAL L 409 52.78 -11.14 -6.01
C VAL L 409 51.96 -12.21 -5.30
N CYS L 410 51.72 -12.03 -4.01
CA CYS L 410 51.00 -13.03 -3.23
C CYS L 410 49.55 -13.14 -3.70
N GLY L 411 49.00 -14.34 -3.56
CA GLY L 411 47.66 -14.61 -4.02
C GLY L 411 46.58 -14.37 -2.97
N SER L 412 47.00 -14.29 -1.70
CA SER L 412 46.05 -14.08 -0.62
C SER L 412 46.76 -13.36 0.51
N LEU L 413 45.97 -12.69 1.36
CA LEU L 413 46.55 -11.90 2.43
C LEU L 413 47.32 -12.77 3.42
N LYS L 414 46.86 -14.00 3.63
CA LYS L 414 47.57 -14.90 4.53
C LYS L 414 48.99 -15.18 4.02
N GLU L 415 49.12 -15.45 2.72
CA GLU L 415 50.44 -15.67 2.14
C GLU L 415 51.29 -14.41 2.22
N ALA L 416 50.69 -13.24 2.02
CA ALA L 416 51.44 -12.00 2.12
C ALA L 416 51.97 -11.79 3.53
N LEU L 417 51.14 -12.05 4.54
CA LEU L 417 51.60 -11.90 5.92
C LEU L 417 52.68 -12.92 6.25
N GLU L 418 52.54 -14.16 5.76
CA GLU L 418 53.58 -15.15 5.98
C GLU L 418 54.90 -14.72 5.36
N GLU L 419 54.85 -14.20 4.13
CA GLU L 419 56.08 -13.76 3.47
C GLU L 419 56.68 -12.56 4.17
N LEU L 420 55.84 -11.65 4.67
CA LEU L 420 56.35 -10.50 5.42
C LEU L 420 57.02 -10.96 6.70
N ASP L 421 56.43 -11.92 7.40
CA ASP L 421 57.04 -12.44 8.62
C ASP L 421 58.38 -13.10 8.32
N LYS L 422 58.45 -13.88 7.24
CA LYS L 422 59.69 -14.57 6.90
C LYS L 422 60.77 -13.58 6.48
N GLY L 423 60.41 -12.58 5.68
CA GLY L 423 61.38 -11.72 5.04
C GLY L 423 61.33 -10.25 5.43
N ARG L 424 61.16 -9.97 6.70
CA ARG L 424 61.19 -8.60 7.20
C ARG L 424 62.60 -8.06 7.36
N ALA L 425 63.61 -8.76 6.82
CA ALA L 425 64.99 -8.38 7.06
C ALA L 425 65.31 -7.00 6.51
N PHE L 426 64.84 -6.70 5.31
CA PHE L 426 65.15 -5.40 4.71
C PHE L 426 64.42 -4.27 5.43
N LEU L 427 63.21 -4.52 5.93
CA LEU L 427 62.47 -3.46 6.61
C LEU L 427 63.16 -3.02 7.90
N THR L 428 63.69 -3.97 8.66
CA THR L 428 64.32 -3.64 9.94
C THR L 428 65.69 -2.98 9.77
N LYS L 429 66.24 -2.95 8.57
CA LYS L 429 67.55 -2.34 8.35
C LYS L 429 67.52 -0.87 8.76
N GLY L 430 68.51 -0.46 9.55
CA GLY L 430 68.58 0.90 10.02
C GLY L 430 67.60 1.24 11.11
N GLY L 431 66.87 0.27 11.64
CA GLY L 431 65.92 0.54 12.70
C GLY L 431 64.69 1.30 12.26
N VAL L 432 64.35 1.25 10.97
CA VAL L 432 63.16 1.95 10.49
C VAL L 432 61.90 1.25 10.97
N PHE L 433 61.72 0.00 10.54
CA PHE L 433 60.61 -0.82 11.01
C PHE L 433 61.09 -1.67 12.17
N SER L 434 60.59 -1.40 13.36
CA SER L 434 60.95 -2.22 14.51
C SER L 434 60.25 -3.56 14.44
N ASP L 435 60.85 -4.56 15.08
CA ASP L 435 60.25 -5.89 15.09
C ASP L 435 58.94 -5.89 15.85
N ASP L 436 58.83 -5.10 16.92
CA ASP L 436 57.59 -5.05 17.69
C ASP L 436 56.45 -4.51 16.86
N PHE L 437 56.69 -3.43 16.12
CA PHE L 437 55.64 -2.88 15.27
C PHE L 437 55.25 -3.86 14.18
N ILE L 438 56.23 -4.54 13.59
CA ILE L 438 55.93 -5.51 12.55
C ILE L 438 55.06 -6.64 13.10
N ASP L 439 55.38 -7.12 14.30
CA ASP L 439 54.59 -8.18 14.91
C ASP L 439 53.18 -7.70 15.24
N ALA L 440 53.04 -6.46 15.74
CA ALA L 440 51.71 -5.95 16.04
C ALA L 440 50.86 -5.79 14.78
N TYR L 441 51.47 -5.26 13.71
CA TYR L 441 50.77 -5.13 12.44
C TYR L 441 50.39 -6.50 11.88
N LEU L 442 51.30 -7.48 11.99
CA LEU L 442 51.00 -8.82 11.52
C LEU L 442 49.84 -9.42 12.29
N GLU L 443 49.82 -9.24 13.61
CA GLU L 443 48.73 -9.78 14.41
C GLU L 443 47.40 -9.14 14.04
N LEU L 444 47.39 -7.81 13.89
CA LEU L 444 46.15 -7.11 13.55
C LEU L 444 45.62 -7.55 12.19
N LYS L 445 46.50 -7.58 11.18
CA LYS L 445 46.08 -8.01 9.85
C LYS L 445 45.67 -9.47 9.85
N SER L 446 46.30 -10.31 10.66
CA SER L 446 45.88 -11.71 10.74
C SER L 446 44.50 -11.84 11.34
N GLU L 447 44.19 -11.04 12.36
CA GLU L 447 42.84 -11.07 12.91
C GLU L 447 41.82 -10.67 11.86
N GLU L 448 42.10 -9.61 11.09
CA GLU L 448 41.19 -9.23 10.02
C GLU L 448 41.06 -10.33 8.98
N GLU L 449 42.18 -10.96 8.62
CA GLU L 449 42.16 -11.99 7.60
C GLU L 449 41.36 -13.20 8.03
N ILE L 450 41.51 -13.64 9.28
CA ILE L 450 40.75 -14.79 9.73
C ILE L 450 39.28 -14.42 9.90
N LYS L 451 38.99 -13.15 10.21
CA LYS L 451 37.59 -12.73 10.26
C LYS L 451 36.94 -12.84 8.89
N VAL L 452 37.63 -12.38 7.84
CA VAL L 452 37.05 -12.43 6.51
C VAL L 452 36.99 -13.86 5.99
N ARG L 453 38.07 -14.62 6.16
CA ARG L 453 38.18 -15.92 5.51
C ARG L 453 37.14 -16.91 6.02
N THR L 454 36.90 -16.94 7.32
CA THR L 454 36.07 -17.97 7.92
C THR L 454 34.57 -17.63 7.89
N PHE L 455 34.15 -16.75 6.98
CA PHE L 455 32.74 -16.42 6.81
C PHE L 455 32.25 -17.00 5.49
N VAL L 456 30.98 -17.39 5.48
CA VAL L 456 30.38 -17.98 4.29
C VAL L 456 30.27 -16.94 3.19
N HIS L 457 30.60 -17.35 1.97
CA HIS L 457 30.49 -16.54 0.76
C HIS L 457 29.24 -16.93 0.00
N PRO L 458 28.44 -15.98 -0.48
CA PRO L 458 27.25 -16.37 -1.26
C PRO L 458 27.57 -17.20 -2.49
N LEU L 459 28.76 -17.05 -3.06
CA LEU L 459 29.14 -17.92 -4.16
C LEU L 459 29.25 -19.37 -3.71
N GLU L 460 29.55 -19.59 -2.43
CA GLU L 460 29.50 -20.96 -1.91
C GLU L 460 28.07 -21.50 -1.93
N TYR L 461 27.08 -20.62 -1.75
CA TYR L 461 25.69 -21.06 -1.95
C TYR L 461 25.41 -21.32 -3.41
N ASP L 462 25.96 -20.49 -4.30
CA ASP L 462 25.79 -20.73 -5.73
C ASP L 462 26.36 -22.08 -6.13
N LEU L 463 27.44 -22.51 -5.49
CA LEU L 463 28.17 -23.69 -5.92
C LEU L 463 27.75 -24.97 -5.19
N TYR L 464 27.41 -24.90 -3.90
CA TYR L 464 27.32 -26.09 -3.08
C TYR L 464 25.97 -26.34 -2.43
N TYR L 465 24.98 -25.46 -2.61
CA TYR L 465 23.73 -25.64 -1.89
C TYR L 465 23.10 -26.99 -2.19
N SER L 466 23.22 -27.45 -3.43
CA SER L 466 22.72 -28.76 -3.83
C SER L 466 23.93 -29.66 -4.08
N VAL L 467 24.40 -30.30 -3.01
CA VAL L 467 25.51 -31.25 -3.11
C VAL L 467 25.02 -32.65 -2.81
#